data_5M5P
#
_entry.id   5M5P
#
_cell.length_a   185.970
_cell.length_b   196.870
_cell.length_c   191.030
_cell.angle_alpha   90.000
_cell.angle_beta   90.000
_cell.angle_gamma   90.000
#
_symmetry.space_group_name_H-M   'P 21 21 2'
#
loop_
_entity.id
_entity.type
_entity.pdbx_description
1 polymer 'Pre-mRNA-splicing helicase BRR2'
2 polymer 'Pre-mRNA-splicing factor 8'
#
loop_
_entity_poly.entity_id
_entity_poly.type
_entity_poly.pdbx_seq_one_letter_code
_entity_poly.pdbx_strand_id
1 'polypeptide(L)'
;GAEFKLSDSKTSNIESVPIYSIDEFFLQRKLRSELGYKDTSVIQDLSEKILNDIETLEHNPVALEQKLVDLLKFENISLA
EFILKNRSTIFWGIRLAKSTENEIPNLIEKMVAKGLNDLVEQYKFRETTHSKRELDSGDDQPQSSEAKRTKFSNPAIPPV
IDLEKIKFDESSKLMTVTKVSLPEGSFKRVKPQYDEIHIPAPSKPVIDYELKEITSLPDWCQEAFPSSETTSLNPIQSKV
FHAAFEGDSNMLICAPTGSGKTNIALLTVLKALSHHYNPKTKKLNLSAFKIVYIAPLKALVQEQVREFQRRLAFLGIKVA
ELTGDSRLSRKQIDETQVLVSTPEKWDITTRNSNNLAIVELVRLLIIDEIHLLHDDRGPVLESIVARTFWASKYGQEYPR
IIGLSATLPNYEDVGRFLRVPKEGLFYFDSSFRPCPLSQQFCGIKERNSLKKLKAMNDACYEKVLESINEGNQIIVFVHS
RKETSRTATWLKNKFAEENITHKLTKNDAGSKQILKTEAANVLDPSLRKLIESGIGTHHAGLTRSDRSLSEDLFADGLLQ
VLVCTATLAWGVNLPAHTVIIKGTDVYSPEKGSWEQLSPQDVLQMLGRAGRPRYDTFGEGIIITDQSNVQYYLSVLNQQL
PIESQFVSKLVDNLNAEVVAGNIKCRNDAVNWLAYTYLYVRMLASPMLYKVPDISSDGQLKKFRESLVHSALCILKEQEL
VLYDAENDVIEATDLGNIASSFYINHASMDVYNRELDEHTTQIDLFRIFSMSEEFKYVSVRYEEKRELKQLLEKAPIPIR
EDIDDPLAKVNVLLQSYFSQLKFEGFALNSDIVFIHQNAGRLLRAMFEICLKRGWGHPTRMLLNLCKSATTKMWPTNCPL
RQFKTCPVEVIKRLEASTVPWGDYLQLETPAEVGRAIRSEKYGKQVYDLLKRFPKMSVTCNAQPITRSVMRFNIEIIADW
IWDMNVHGSLEPFLLMLEDTDGDSILYYDVLFITPDIVGHEFTLSFTYELKQHNQNNLPPNFFLTLISENWWHSEFEIPV
SFNGFKLPKKFPPPTPLLENISISTSELGNDDFSEVFEFKTFNKIQSQVFESLYNSNDSVFVGSGKGTGKTAMAELALLN
HWRQNKGRAVYINPSGEKIDFLLSDWNKRFSHLAGGKIINKLGNDPSLNLKLLAKSHVLLATPVQFELLSRRWRQRKNIQ
SLELMIYDDAHEISQGVYGAVYETLISRMIFIATQLEKKIRFVCLSNCLANARDFGEWAGMTKSNIYNFSPSERIEPLEI
NIQSFKDVEHISFNFSMLQMAFEASAAAAGNRNSSSVFLPSRKDCMEVASAFMKFSKAIEWDMLNVEEEQIVPYIEKLTD
GHLRAPLKHGVGILYKGMASNDERIVKRLYEYGAVSVLLISKDCSAFACKTDEVIILGTNLYDGAEHKYMPYTINELLEM
VGLASGNDSMAGKVLILTSHNMKAYYKKFLIEPLPTESYLQYIIHDTLNNEIANSIIQSKQDCVDWFTYSYFYRRIHVNP
SYYGVRDTSPHGISVFLSNLVETCLNDLVESSFIEIDDTEAEVTAEVNGGDDEATEIISTLSNGLIASHYGVSFFTIQSF
VSSLSNTSTLKNMLYVLSTAVEFESVPLRKGDRALLVKLSKRLPLRFPEHTSSGSVSFKVFLLLQAYFSRLELPVDFQND
LKDILEKVVPLINVVVDILSANGYLNATTAMDLAQMLIQGVWDVDNPLRQIPHFNNKILEKCKEINVETVYDIMALEDEE
RDEILTLTDSQLAQVAAFVNNYPNVELTYSLNNSDSLISGVKQKITIQLTRDVEPENLQVTSEKYPFDKLESWWLVLGEV
SKKELYAIKKVTLNKETQQYELEFDTPTSGKHNLTIWCVCDSYLDADKELSFEINVK
;
A,C
2 'polypeptide(L)'
;GAMSSKNEWRKSAIANTLLYLRLKNIYVSADDFVEEQNVYVLPKNLLKKFIEISDVKIQVAAFIYGMSAKDHPKVKEIKT
VVLVPQLGHVGSVQISNIPDIGDLPDTEGLELLGWIHTQTEELKFMAASEVATHSKLFADKKRDCIDISIFSTPGSVSLS
AYNLTDEGYQWGEENKDIMNVLSEGFEPTFSTHAQLLLSDRITGNFIIPSGNVWNYTFMGTAFNQEGDYNFKYGIPLEFY
NEMHRPVHFLQFSELAGDEELEAEQIDVFS
;
B,D
#
# COMPACT_ATOMS: atom_id res chain seq x y z
N LYS A 5 -49.05 -18.49 -15.31
CA LYS A 5 -47.65 -18.50 -14.88
C LYS A 5 -47.55 -18.21 -13.39
N LEU A 6 -47.32 -19.26 -12.61
CA LEU A 6 -47.29 -19.15 -11.15
C LEU A 6 -45.93 -18.68 -10.65
N SER A 7 -45.95 -17.76 -9.69
CA SER A 7 -44.74 -17.22 -9.08
C SER A 7 -45.10 -16.40 -7.84
N ASP A 8 -44.15 -16.28 -6.91
CA ASP A 8 -44.37 -15.53 -5.68
C ASP A 8 -44.44 -14.02 -5.94
N SER A 9 -43.88 -13.60 -7.06
CA SER A 9 -43.83 -12.17 -7.41
C SER A 9 -44.04 -11.95 -8.91
N LYS A 10 -44.27 -10.69 -9.27
CA LYS A 10 -44.53 -10.32 -10.65
C LYS A 10 -43.31 -10.46 -11.56
N THR A 11 -43.49 -11.15 -12.68
CA THR A 11 -42.48 -11.22 -13.72
C THR A 11 -42.93 -10.37 -14.90
N SER A 12 -42.04 -10.17 -15.88
CA SER A 12 -42.37 -9.35 -17.04
C SER A 12 -43.41 -10.02 -17.95
N ASN A 13 -43.44 -11.35 -17.94
CA ASN A 13 -44.42 -12.10 -18.73
C ASN A 13 -45.81 -12.04 -18.10
N ILE A 14 -45.86 -12.11 -16.78
CA ILE A 14 -47.13 -11.99 -16.05
C ILE A 14 -47.65 -10.56 -16.17
N GLU A 15 -46.72 -9.61 -16.10
CA GLU A 15 -47.05 -8.19 -16.11
C GLU A 15 -47.71 -7.73 -17.41
N SER A 16 -47.07 -8.02 -18.54
CA SER A 16 -47.57 -7.58 -19.84
C SER A 16 -48.62 -8.56 -20.37
N VAL A 17 -49.68 -8.01 -20.95
CA VAL A 17 -50.77 -8.83 -21.48
C VAL A 17 -51.10 -8.45 -22.94
N PRO A 18 -51.21 -9.45 -23.83
CA PRO A 18 -51.61 -9.20 -25.22
C PRO A 18 -53.13 -9.12 -25.37
N ILE A 19 -53.62 -8.37 -26.36
CA ILE A 19 -55.05 -8.14 -26.54
C ILE A 19 -55.84 -9.45 -26.70
N TYR A 20 -55.31 -10.39 -27.47
CA TYR A 20 -56.05 -11.60 -27.80
C TYR A 20 -56.34 -12.47 -26.58
N SER A 21 -55.53 -12.32 -25.52
CA SER A 21 -55.74 -13.10 -24.31
C SER A 21 -56.68 -12.37 -23.33
N ILE A 22 -56.97 -11.11 -23.63
CA ILE A 22 -57.88 -10.32 -22.81
C ILE A 22 -59.31 -10.54 -23.29
N ASP A 23 -59.92 -11.61 -22.81
CA ASP A 23 -61.29 -11.95 -23.19
C ASP A 23 -62.32 -11.12 -22.43
N GLU A 24 -63.59 -11.37 -22.72
CA GLU A 24 -64.71 -10.57 -22.20
C GLU A 24 -64.91 -10.67 -20.68
N PHE A 25 -64.12 -11.51 -20.01
CA PHE A 25 -64.26 -11.71 -18.56
C PHE A 25 -62.91 -11.65 -17.84
N PHE A 26 -61.88 -11.16 -18.53
CA PHE A 26 -60.53 -11.16 -18.01
C PHE A 26 -60.34 -10.35 -16.72
N LEU A 27 -60.73 -9.08 -16.77
CA LEU A 27 -60.49 -8.16 -15.65
C LEU A 27 -61.10 -8.62 -14.34
N GLN A 28 -62.36 -9.05 -14.36
CA GLN A 28 -63.03 -9.49 -13.14
C GLN A 28 -62.38 -10.75 -12.59
N ARG A 29 -62.02 -11.69 -13.46
CA ARG A 29 -61.29 -12.88 -13.04
C ARG A 29 -60.01 -12.46 -12.32
N LYS A 30 -59.20 -11.64 -12.99
CA LYS A 30 -57.92 -11.24 -12.44
C LYS A 30 -58.07 -10.47 -11.11
N LEU A 31 -58.99 -9.51 -11.08
CA LEU A 31 -59.24 -8.75 -9.86
C LEU A 31 -59.69 -9.64 -8.72
N ARG A 32 -60.70 -10.46 -9.01
CA ARG A 32 -61.29 -11.35 -8.02
C ARG A 32 -60.27 -12.36 -7.48
N SER A 33 -59.47 -12.93 -8.38
CA SER A 33 -58.47 -13.92 -7.99
C SER A 33 -57.29 -13.28 -7.25
N GLU A 34 -56.85 -12.11 -7.72
CA GLU A 34 -55.70 -11.43 -7.13
C GLU A 34 -56.03 -10.83 -5.76
N LEU A 35 -57.20 -10.22 -5.65
CA LEU A 35 -57.59 -9.55 -4.41
C LEU A 35 -58.11 -10.51 -3.35
N GLY A 36 -58.98 -11.44 -3.75
CA GLY A 36 -59.53 -12.43 -2.84
C GLY A 36 -60.95 -12.14 -2.38
N TYR A 37 -61.75 -11.60 -3.30
CA TYR A 37 -63.17 -11.33 -3.04
C TYR A 37 -64.09 -12.41 -3.64
N LYS A 38 -64.26 -13.52 -2.94
CA LYS A 38 -65.07 -14.63 -3.41
C LYS A 38 -66.41 -14.19 -4.00
N ASP A 39 -66.98 -13.12 -3.44
CA ASP A 39 -68.27 -12.60 -3.89
C ASP A 39 -68.19 -11.94 -5.26
N THR A 40 -69.16 -12.24 -6.11
CA THR A 40 -69.22 -11.72 -7.48
C THR A 40 -69.44 -10.19 -7.54
N SER A 41 -70.47 -9.72 -6.86
CA SER A 41 -70.93 -8.33 -6.98
C SER A 41 -69.86 -7.30 -6.61
N VAL A 42 -69.07 -7.62 -5.59
CA VAL A 42 -68.00 -6.73 -5.12
C VAL A 42 -67.06 -6.38 -6.27
N ILE A 43 -66.58 -7.42 -6.95
CA ILE A 43 -65.63 -7.24 -8.04
C ILE A 43 -66.36 -6.70 -9.25
N GLN A 44 -67.62 -7.11 -9.43
CA GLN A 44 -68.43 -6.58 -10.52
C GLN A 44 -68.51 -5.05 -10.48
N ASP A 45 -68.77 -4.49 -9.31
CA ASP A 45 -68.81 -3.04 -9.16
C ASP A 45 -67.41 -2.42 -9.24
N LEU A 46 -66.47 -3.04 -8.51
CA LEU A 46 -65.09 -2.57 -8.48
C LEU A 46 -64.48 -2.42 -9.88
N SER A 47 -64.62 -3.45 -10.71
CA SER A 47 -64.06 -3.43 -12.06
C SER A 47 -64.65 -2.30 -12.91
N GLU A 48 -65.96 -2.14 -12.83
CA GLU A 48 -66.64 -1.04 -13.51
C GLU A 48 -66.03 0.29 -13.09
N LYS A 49 -65.90 0.50 -11.78
CA LYS A 49 -65.28 1.72 -11.28
C LYS A 49 -63.86 1.90 -11.83
N ILE A 50 -63.06 0.85 -11.79
CA ILE A 50 -61.69 0.91 -12.31
C ILE A 50 -61.65 1.31 -13.78
N LEU A 51 -62.43 0.61 -14.61
CA LEU A 51 -62.46 0.90 -16.03
C LEU A 51 -62.98 2.33 -16.30
N ASN A 52 -63.95 2.76 -15.51
CA ASN A 52 -64.45 4.13 -15.61
C ASN A 52 -63.36 5.16 -15.28
N ASP A 53 -62.60 4.89 -14.23
CA ASP A 53 -61.47 5.74 -13.86
C ASP A 53 -60.42 5.76 -14.96
N ILE A 54 -60.15 4.61 -15.56
CA ILE A 54 -59.26 4.56 -16.72
C ILE A 54 -59.82 5.43 -17.84
N GLU A 55 -61.09 5.22 -18.16
CA GLU A 55 -61.73 5.92 -19.27
C GLU A 55 -61.69 7.44 -19.12
N THR A 56 -62.36 7.95 -18.08
CA THR A 56 -62.58 9.39 -17.97
C THR A 56 -61.35 10.19 -17.51
N LEU A 57 -60.30 9.50 -17.07
CA LEU A 57 -59.09 10.18 -16.63
C LEU A 57 -58.20 10.64 -17.79
N GLU A 58 -58.37 11.90 -18.18
CA GLU A 58 -57.56 12.52 -19.23
C GLU A 58 -56.33 13.19 -18.60
N HIS A 59 -55.62 12.45 -17.75
CA HIS A 59 -54.45 12.99 -17.05
C HIS A 59 -53.19 12.17 -17.35
N ASN A 60 -52.91 11.19 -16.50
CA ASN A 60 -51.69 10.40 -16.65
C ASN A 60 -51.71 9.11 -15.83
N PRO A 61 -50.77 8.19 -16.10
CA PRO A 61 -50.66 6.93 -15.34
C PRO A 61 -50.47 7.14 -13.83
N VAL A 62 -49.94 8.29 -13.44
CA VAL A 62 -49.71 8.59 -12.03
C VAL A 62 -51.05 8.80 -11.31
N ALA A 63 -51.91 9.62 -11.90
CA ALA A 63 -53.22 9.87 -11.34
C ALA A 63 -54.04 8.57 -11.31
N LEU A 64 -53.94 7.79 -12.38
CA LEU A 64 -54.59 6.49 -12.41
C LEU A 64 -54.00 5.58 -11.34
N GLU A 65 -52.69 5.67 -11.15
CA GLU A 65 -52.03 4.87 -10.12
C GLU A 65 -52.60 5.23 -8.75
N GLN A 66 -52.70 6.53 -8.47
CA GLN A 66 -53.34 7.00 -7.25
C GLN A 66 -54.78 6.47 -7.10
N LYS A 67 -55.58 6.68 -8.14
CA LYS A 67 -56.98 6.25 -8.12
C LYS A 67 -57.10 4.73 -7.96
N LEU A 68 -56.15 3.99 -8.52
CA LEU A 68 -56.15 2.53 -8.42
C LEU A 68 -55.71 2.13 -7.02
N VAL A 69 -54.76 2.88 -6.46
CA VAL A 69 -54.35 2.69 -5.07
C VAL A 69 -55.55 2.89 -4.17
N ASP A 70 -56.36 3.91 -4.47
CA ASP A 70 -57.59 4.14 -3.72
C ASP A 70 -58.59 2.99 -3.90
N LEU A 71 -58.91 2.66 -5.14
CA LEU A 71 -59.91 1.61 -5.42
C LEU A 71 -59.49 0.21 -4.95
N LEU A 72 -58.21 -0.12 -5.13
CA LEU A 72 -57.71 -1.44 -4.75
C LEU A 72 -57.18 -1.44 -3.32
N LYS A 73 -57.58 -0.42 -2.56
CA LYS A 73 -57.37 -0.38 -1.12
C LYS A 73 -55.91 -0.51 -0.71
N PHE A 74 -55.03 0.20 -1.41
CA PHE A 74 -53.68 0.47 -0.92
C PHE A 74 -52.83 -0.79 -0.77
N GLU A 75 -53.35 -1.93 -1.24
CA GLU A 75 -52.61 -3.19 -1.22
C GLU A 75 -52.84 -3.94 -2.52
N ASN A 76 -52.09 -5.03 -2.71
CA ASN A 76 -52.07 -5.75 -3.97
C ASN A 76 -51.66 -4.81 -5.11
N ILE A 77 -50.57 -4.09 -4.88
CA ILE A 77 -50.10 -3.06 -5.80
C ILE A 77 -49.69 -3.66 -7.15
N SER A 78 -49.23 -4.91 -7.16
CA SER A 78 -48.85 -5.57 -8.40
C SER A 78 -50.05 -5.66 -9.36
N LEU A 79 -51.25 -5.74 -8.79
CA LEU A 79 -52.48 -5.73 -9.56
C LEU A 79 -52.65 -4.37 -10.23
N ALA A 80 -52.49 -3.31 -9.42
CA ALA A 80 -52.52 -1.95 -9.94
C ALA A 80 -51.49 -1.81 -11.06
N GLU A 81 -50.31 -2.39 -10.85
CA GLU A 81 -49.26 -2.35 -11.86
C GLU A 81 -49.63 -3.14 -13.12
N PHE A 82 -50.35 -4.26 -12.93
CA PHE A 82 -50.90 -4.99 -14.06
C PHE A 82 -51.84 -4.06 -14.84
N ILE A 83 -52.69 -3.37 -14.11
CA ILE A 83 -53.62 -2.42 -14.74
C ILE A 83 -52.87 -1.25 -15.40
N LEU A 84 -51.81 -0.77 -14.76
CA LEU A 84 -51.04 0.35 -15.31
C LEU A 84 -50.32 -0.02 -16.60
N LYS A 85 -49.55 -1.10 -16.58
CA LYS A 85 -48.79 -1.51 -17.76
C LYS A 85 -49.71 -1.83 -18.93
N ASN A 86 -50.91 -2.31 -18.62
CA ASN A 86 -51.88 -2.68 -19.64
C ASN A 86 -53.15 -1.84 -19.51
N ARG A 87 -52.98 -0.54 -19.27
CA ARG A 87 -54.11 0.38 -19.14
C ARG A 87 -55.00 0.34 -20.39
N SER A 88 -54.51 0.91 -21.48
CA SER A 88 -55.26 0.98 -22.73
C SER A 88 -55.53 -0.41 -23.31
N THR A 89 -54.55 -1.29 -23.16
CA THR A 89 -54.63 -2.64 -23.69
C THR A 89 -55.84 -3.39 -23.12
N ILE A 90 -55.91 -3.44 -21.79
CA ILE A 90 -57.06 -4.05 -21.11
C ILE A 90 -58.32 -3.24 -21.35
N PHE A 91 -58.21 -1.91 -21.16
CA PHE A 91 -59.36 -1.02 -21.27
C PHE A 91 -60.12 -1.18 -22.59
N TRP A 92 -59.37 -1.30 -23.70
CA TRP A 92 -59.96 -1.51 -25.01
C TRP A 92 -60.12 -3.00 -25.32
N GLY A 93 -59.21 -3.81 -24.80
CA GLY A 93 -59.25 -5.24 -24.99
C GLY A 93 -60.55 -5.85 -24.49
N ILE A 94 -61.02 -5.37 -23.35
CA ILE A 94 -62.28 -5.86 -22.78
C ILE A 94 -63.47 -5.40 -23.63
N ARG A 95 -63.30 -4.29 -24.35
CA ARG A 95 -64.36 -3.72 -25.18
C ARG A 95 -64.48 -4.43 -26.52
N LEU A 96 -63.36 -4.65 -27.18
CA LEU A 96 -63.35 -5.27 -28.51
C LEU A 96 -64.00 -6.66 -28.50
N ALA A 97 -63.97 -7.33 -27.35
CA ALA A 97 -64.43 -8.71 -27.26
C ALA A 97 -65.95 -8.81 -27.09
N LYS A 98 -66.62 -7.68 -26.94
CA LYS A 98 -68.05 -7.67 -26.65
C LYS A 98 -68.93 -7.81 -27.90
N SER A 99 -68.52 -7.21 -29.02
CA SER A 99 -69.26 -7.32 -30.26
C SER A 99 -68.49 -6.74 -31.45
N THR A 100 -68.77 -7.28 -32.65
CA THR A 100 -68.14 -6.79 -33.88
C THR A 100 -68.70 -5.43 -34.28
N GLU A 101 -70.00 -5.25 -34.03
CA GLU A 101 -70.68 -3.98 -34.31
C GLU A 101 -70.08 -2.87 -33.45
N ASN A 102 -69.54 -3.26 -32.31
CA ASN A 102 -68.78 -2.36 -31.45
C ASN A 102 -67.33 -2.27 -31.93
N GLU A 103 -66.81 -3.40 -32.41
CA GLU A 103 -65.43 -3.51 -32.86
C GLU A 103 -65.13 -2.53 -34.00
N ILE A 104 -65.99 -2.54 -35.03
CA ILE A 104 -65.75 -1.73 -36.22
C ILE A 104 -65.54 -0.25 -35.86
N PRO A 105 -66.37 0.32 -34.99
CA PRO A 105 -66.07 1.66 -34.46
C PRO A 105 -64.81 1.70 -33.57
N ASN A 106 -64.67 0.73 -32.69
CA ASN A 106 -63.62 0.76 -31.66
C ASN A 106 -62.19 0.76 -32.22
N LEU A 107 -61.99 0.12 -33.37
CA LEU A 107 -60.67 0.13 -34.01
C LEU A 107 -60.34 1.54 -34.50
N ILE A 108 -61.30 2.20 -35.12
CA ILE A 108 -61.14 3.57 -35.58
C ILE A 108 -60.91 4.49 -34.39
N GLU A 109 -61.80 4.38 -33.41
CA GLU A 109 -61.71 5.19 -32.19
C GLU A 109 -60.37 4.98 -31.48
N LYS A 110 -59.90 3.74 -31.46
CA LYS A 110 -58.63 3.42 -30.82
C LYS A 110 -57.45 3.94 -31.64
N MET A 111 -57.53 3.83 -32.95
CA MET A 111 -56.50 4.37 -33.84
C MET A 111 -56.38 5.90 -33.74
N VAL A 112 -57.52 6.59 -33.81
CA VAL A 112 -57.52 8.05 -33.71
C VAL A 112 -56.98 8.50 -32.34
N ALA A 113 -57.20 7.67 -31.33
CA ALA A 113 -56.76 7.97 -29.98
C ALA A 113 -55.30 7.55 -29.75
N LYS A 114 -54.54 7.41 -30.83
CA LYS A 114 -53.12 7.06 -30.77
C LYS A 114 -52.91 5.67 -30.17
N GLY A 115 -53.90 4.80 -30.31
CA GLY A 115 -53.78 3.45 -29.80
C GLY A 115 -53.23 2.52 -30.87
N LEU A 116 -52.84 3.10 -32.00
CA LEU A 116 -52.43 2.33 -33.18
C LEU A 116 -51.32 1.33 -32.85
N ASN A 117 -50.42 1.69 -31.93
CA ASN A 117 -49.36 0.79 -31.51
C ASN A 117 -49.91 -0.53 -30.95
N ASP A 118 -50.92 -0.42 -30.09
CA ASP A 118 -51.52 -1.61 -29.49
C ASP A 118 -52.23 -2.43 -30.56
N LEU A 119 -52.81 -1.76 -31.55
CA LEU A 119 -53.48 -2.45 -32.65
C LEU A 119 -52.50 -3.14 -33.59
N VAL A 120 -51.39 -2.49 -33.93
CA VAL A 120 -50.35 -3.14 -34.72
C VAL A 120 -49.80 -4.30 -33.92
N GLU A 121 -49.64 -4.10 -32.60
CA GLU A 121 -49.20 -5.18 -31.73
C GLU A 121 -50.22 -6.31 -31.75
N GLN A 122 -51.50 -5.96 -31.78
CA GLN A 122 -52.57 -6.95 -31.88
C GLN A 122 -52.46 -7.72 -33.19
N TYR A 123 -52.24 -6.99 -34.28
CA TYR A 123 -52.10 -7.60 -35.60
C TYR A 123 -50.81 -8.40 -35.70
N LYS A 124 -49.84 -8.07 -34.84
CA LYS A 124 -48.53 -8.74 -34.84
C LYS A 124 -48.54 -10.10 -34.15
N PHE A 125 -49.62 -10.43 -33.47
CA PHE A 125 -49.69 -11.66 -32.68
C PHE A 125 -50.29 -12.80 -33.50
N ASN A 154 -70.58 -33.86 -24.95
CA ASN A 154 -70.05 -33.97 -23.59
C ASN A 154 -71.14 -33.99 -22.54
N PRO A 155 -72.04 -34.99 -22.60
CA PRO A 155 -73.04 -35.09 -21.53
C PRO A 155 -72.51 -35.86 -20.33
N ALA A 156 -71.79 -35.16 -19.44
CA ALA A 156 -71.23 -35.80 -18.25
C ALA A 156 -72.01 -35.48 -16.98
N ILE A 157 -72.34 -36.52 -16.24
CA ILE A 157 -72.91 -36.41 -14.89
C ILE A 157 -71.98 -37.19 -13.95
N PRO A 158 -71.36 -36.52 -12.96
CA PRO A 158 -70.42 -37.22 -12.08
C PRO A 158 -71.04 -37.79 -10.79
N PRO A 159 -71.20 -39.13 -10.70
CA PRO A 159 -71.68 -39.77 -9.48
C PRO A 159 -70.55 -40.07 -8.48
N VAL A 160 -70.72 -39.66 -7.23
CA VAL A 160 -69.72 -39.87 -6.20
C VAL A 160 -69.93 -41.25 -5.58
N ILE A 161 -68.83 -41.97 -5.37
CA ILE A 161 -68.91 -43.31 -4.78
C ILE A 161 -67.98 -43.45 -3.58
N ASP A 162 -68.37 -44.31 -2.66
CA ASP A 162 -67.54 -44.66 -1.51
C ASP A 162 -66.74 -45.92 -1.78
N LEU A 163 -65.43 -45.79 -1.89
CA LEU A 163 -64.57 -46.95 -2.18
C LEU A 163 -64.61 -47.95 -1.02
N GLU A 164 -64.92 -47.45 0.18
CA GLU A 164 -65.00 -48.30 1.37
C GLU A 164 -66.18 -49.27 1.27
N LYS A 165 -67.27 -48.81 0.67
CA LYS A 165 -68.48 -49.62 0.54
C LYS A 165 -68.27 -50.77 -0.44
N ILE A 166 -67.43 -50.55 -1.45
CA ILE A 166 -67.23 -51.56 -2.48
C ILE A 166 -66.31 -52.68 -1.99
N LYS A 167 -65.22 -52.34 -1.31
CA LYS A 167 -64.30 -53.36 -0.82
C LYS A 167 -65.00 -54.26 0.19
N PHE A 168 -64.54 -55.50 0.30
CA PHE A 168 -65.16 -56.51 1.14
C PHE A 168 -65.00 -56.26 2.63
N ASP A 169 -66.14 -56.19 3.32
CA ASP A 169 -66.21 -55.87 4.74
C ASP A 169 -65.99 -57.10 5.64
N GLU A 170 -65.96 -58.28 5.03
CA GLU A 170 -65.89 -59.53 5.79
C GLU A 170 -64.47 -59.81 6.31
N SER A 171 -63.55 -58.90 6.04
CA SER A 171 -62.18 -58.99 6.54
C SER A 171 -61.45 -60.22 5.99
N SER A 172 -60.89 -61.05 6.88
CA SER A 172 -60.04 -62.16 6.48
C SER A 172 -60.80 -63.33 5.86
N LYS A 173 -62.07 -63.44 6.21
CA LYS A 173 -62.93 -64.53 5.76
C LYS A 173 -63.76 -64.18 4.52
N LEU A 174 -63.25 -64.52 3.34
CA LEU A 174 -63.96 -64.26 2.09
C LEU A 174 -64.92 -65.42 1.76
N MET A 175 -65.47 -66.01 2.81
CA MET A 175 -66.40 -67.12 2.69
C MET A 175 -67.76 -66.62 2.20
N THR A 176 -68.03 -66.75 0.89
CA THR A 176 -69.29 -66.28 0.33
C THR A 176 -70.42 -67.30 0.51
N VAL A 177 -70.09 -68.45 1.11
CA VAL A 177 -71.07 -69.52 1.31
C VAL A 177 -70.72 -70.28 2.59
N THR A 178 -71.56 -70.14 3.60
CA THR A 178 -71.36 -70.82 4.87
C THR A 178 -71.56 -72.33 4.71
N LYS A 179 -72.37 -72.73 3.73
CA LYS A 179 -72.63 -74.15 3.52
C LYS A 179 -71.40 -74.80 2.90
N VAL A 180 -70.72 -75.64 3.69
CA VAL A 180 -69.60 -76.45 3.20
C VAL A 180 -70.03 -77.89 3.02
N SER A 181 -69.35 -78.59 2.11
CA SER A 181 -69.67 -79.98 1.81
C SER A 181 -68.42 -80.83 1.98
N LEU A 182 -68.54 -81.90 2.76
CA LEU A 182 -67.42 -82.82 2.98
C LEU A 182 -67.69 -84.11 2.22
N PRO A 183 -66.61 -84.83 1.88
CA PRO A 183 -66.82 -86.14 1.24
C PRO A 183 -67.16 -87.18 2.29
N GLU A 184 -67.92 -88.20 1.91
CA GLU A 184 -68.28 -89.26 2.85
C GLU A 184 -67.02 -90.01 3.26
N GLY A 185 -67.03 -90.52 4.49
CA GLY A 185 -65.85 -91.13 5.08
C GLY A 185 -65.21 -90.21 6.11
N SER A 186 -65.54 -88.92 6.00
CA SER A 186 -65.08 -87.93 6.98
C SER A 186 -65.85 -88.10 8.28
N PHE A 187 -65.27 -87.65 9.39
CA PHE A 187 -65.97 -87.75 10.67
C PHE A 187 -65.41 -86.83 11.75
N LYS A 188 -66.25 -86.54 12.74
CA LYS A 188 -65.91 -85.65 13.85
C LYS A 188 -65.75 -86.45 15.14
N ARG A 189 -64.58 -86.34 15.78
CA ARG A 189 -64.36 -86.96 17.07
C ARG A 189 -64.10 -85.88 18.12
N VAL A 190 -64.97 -85.85 19.12
CA VAL A 190 -64.92 -84.85 20.19
C VAL A 190 -63.92 -85.21 21.28
N LYS A 191 -63.06 -84.26 21.65
CA LYS A 191 -62.11 -84.49 22.74
C LYS A 191 -62.07 -83.31 23.72
N PRO A 192 -61.67 -83.57 24.98
CA PRO A 192 -61.79 -82.63 26.10
C PRO A 192 -61.37 -81.20 25.78
N GLN A 193 -60.24 -81.03 25.11
CA GLN A 193 -59.73 -79.69 24.82
C GLN A 193 -59.98 -79.27 23.38
N TYR A 194 -60.58 -80.15 22.58
CA TYR A 194 -60.75 -79.85 21.16
C TYR A 194 -61.59 -80.84 20.36
N ASP A 195 -62.09 -80.38 19.21
CA ASP A 195 -62.82 -81.23 18.27
C ASP A 195 -61.92 -81.63 17.10
N GLU A 196 -61.77 -82.93 16.86
CA GLU A 196 -61.01 -83.42 15.71
C GLU A 196 -61.92 -83.78 14.54
N ILE A 197 -61.98 -82.90 13.54
CA ILE A 197 -62.79 -83.15 12.35
C ILE A 197 -61.90 -83.60 11.21
N HIS A 198 -61.99 -84.88 10.84
CA HIS A 198 -61.03 -85.47 9.91
C HIS A 198 -61.66 -86.03 8.64
N ILE A 199 -60.88 -85.96 7.56
CA ILE A 199 -61.30 -86.41 6.24
C ILE A 199 -60.26 -87.41 5.73
N PRO A 200 -60.73 -88.57 5.22
CA PRO A 200 -59.80 -89.60 4.74
C PRO A 200 -59.09 -89.20 3.44
N ALA A 201 -58.01 -89.90 3.11
CA ALA A 201 -57.29 -89.64 1.87
C ALA A 201 -58.16 -90.02 0.66
N PRO A 202 -58.02 -89.28 -0.44
CA PRO A 202 -58.85 -89.53 -1.64
C PRO A 202 -58.46 -90.79 -2.40
N SER A 203 -59.43 -91.38 -3.11
CA SER A 203 -59.20 -92.58 -3.90
C SER A 203 -58.40 -92.26 -5.17
N LYS A 204 -57.64 -93.24 -5.65
CA LYS A 204 -56.88 -93.06 -6.89
C LYS A 204 -57.83 -92.92 -8.09
N PRO A 205 -57.51 -92.01 -9.03
CA PRO A 205 -58.35 -91.78 -10.21
C PRO A 205 -58.16 -92.80 -11.34
N VAL A 206 -59.18 -92.95 -12.18
CA VAL A 206 -59.10 -93.84 -13.35
C VAL A 206 -59.07 -93.07 -14.67
N ILE A 207 -57.88 -92.61 -15.07
CA ILE A 207 -57.72 -91.83 -16.30
C ILE A 207 -57.94 -92.72 -17.52
N ASP A 208 -58.53 -92.16 -18.58
CA ASP A 208 -58.77 -92.90 -19.82
C ASP A 208 -57.77 -92.52 -20.91
N TYR A 209 -56.58 -92.09 -20.48
CA TYR A 209 -55.51 -91.71 -21.38
C TYR A 209 -54.21 -92.38 -20.94
N GLU A 210 -53.39 -92.76 -21.91
CA GLU A 210 -52.07 -93.32 -21.64
C GLU A 210 -51.03 -92.22 -21.52
N LEU A 211 -50.20 -92.32 -20.48
CA LEU A 211 -49.22 -91.30 -20.18
C LEU A 211 -48.10 -91.28 -21.21
N LYS A 212 -47.56 -90.09 -21.48
CA LYS A 212 -46.44 -89.97 -22.40
C LYS A 212 -45.18 -90.47 -21.72
N GLU A 213 -44.48 -91.39 -22.38
CA GLU A 213 -43.22 -91.92 -21.86
C GLU A 213 -42.13 -90.90 -22.15
N ILE A 214 -41.11 -90.86 -21.30
CA ILE A 214 -40.03 -89.89 -21.43
C ILE A 214 -39.40 -89.95 -22.83
N THR A 215 -39.43 -91.14 -23.44
CA THR A 215 -38.79 -91.33 -24.73
C THR A 215 -39.75 -91.06 -25.90
N SER A 216 -41.03 -90.92 -25.59
CA SER A 216 -42.04 -90.64 -26.61
C SER A 216 -41.95 -89.19 -27.10
N LEU A 217 -41.12 -88.39 -26.43
CA LEU A 217 -41.01 -86.98 -26.74
C LEU A 217 -40.08 -86.72 -27.93
N PRO A 218 -40.17 -85.52 -28.52
CA PRO A 218 -39.24 -85.12 -29.59
C PRO A 218 -37.78 -85.22 -29.15
N ASP A 219 -36.86 -85.23 -30.11
CA ASP A 219 -35.46 -85.43 -29.84
C ASP A 219 -34.80 -84.30 -29.05
N TRP A 220 -35.02 -83.06 -29.49
CA TRP A 220 -34.27 -81.91 -28.98
C TRP A 220 -34.50 -81.58 -27.51
N CYS A 221 -35.40 -82.30 -26.84
CA CYS A 221 -35.79 -81.97 -25.46
C CYS A 221 -35.62 -83.12 -24.46
N GLN A 222 -34.97 -84.21 -24.87
CA GLN A 222 -34.88 -85.39 -24.03
C GLN A 222 -34.22 -85.12 -22.67
N GLU A 223 -33.27 -84.18 -22.64
CA GLU A 223 -32.60 -83.83 -21.39
C GLU A 223 -33.36 -82.79 -20.57
N ALA A 224 -34.52 -82.36 -21.07
CA ALA A 224 -35.38 -81.46 -20.31
C ALA A 224 -36.10 -82.22 -19.19
N PHE A 225 -35.93 -83.54 -19.19
CA PHE A 225 -36.56 -84.42 -18.20
C PHE A 225 -35.53 -85.44 -17.74
N PRO A 226 -35.16 -85.42 -16.45
CA PRO A 226 -34.07 -86.29 -15.97
C PRO A 226 -34.34 -87.77 -16.12
N SER A 227 -33.28 -88.57 -16.02
CA SER A 227 -33.37 -90.04 -16.05
C SER A 227 -34.28 -90.55 -14.93
N SER A 228 -35.53 -90.09 -14.92
CA SER A 228 -36.40 -90.20 -13.76
C SER A 228 -36.59 -91.61 -13.20
N GLU A 229 -37.14 -91.67 -11.99
CA GLU A 229 -37.42 -92.92 -11.30
C GLU A 229 -38.56 -93.68 -11.97
N THR A 230 -39.37 -92.95 -12.74
CA THR A 230 -40.54 -93.51 -13.40
C THR A 230 -40.48 -93.30 -14.91
N THR A 231 -39.72 -92.29 -15.33
CA THR A 231 -39.55 -91.97 -16.74
C THR A 231 -40.86 -91.79 -17.49
N SER A 232 -41.81 -91.10 -16.86
CA SER A 232 -43.09 -90.81 -17.51
C SER A 232 -43.81 -89.65 -16.85
N LEU A 233 -44.59 -88.91 -17.64
CA LEU A 233 -45.39 -87.81 -17.12
C LEU A 233 -46.57 -88.36 -16.33
N ASN A 234 -46.94 -87.69 -15.24
CA ASN A 234 -48.09 -88.10 -14.45
C ASN A 234 -49.39 -87.66 -15.13
N PRO A 235 -50.55 -88.16 -14.65
CA PRO A 235 -51.85 -87.87 -15.29
C PRO A 235 -52.10 -86.38 -15.54
N ILE A 236 -51.90 -85.54 -14.53
CA ILE A 236 -52.08 -84.10 -14.67
C ILE A 236 -51.20 -83.59 -15.81
N GLN A 237 -49.92 -83.95 -15.76
CA GLN A 237 -48.97 -83.51 -16.77
C GLN A 237 -49.23 -84.15 -18.13
N SER A 238 -49.98 -85.24 -18.16
CA SER A 238 -50.24 -85.96 -19.40
C SER A 238 -51.47 -85.40 -20.14
N LYS A 239 -52.55 -85.16 -19.41
CA LYS A 239 -53.76 -84.63 -20.04
C LYS A 239 -53.51 -83.26 -20.68
N VAL A 240 -52.76 -82.42 -19.99
CA VAL A 240 -52.49 -81.07 -20.47
C VAL A 240 -51.50 -81.05 -21.62
N PHE A 241 -50.78 -82.16 -21.82
CA PHE A 241 -49.68 -82.23 -22.77
C PHE A 241 -49.99 -81.69 -24.16
N HIS A 242 -51.15 -82.04 -24.70
CA HIS A 242 -51.53 -81.62 -26.05
C HIS A 242 -51.38 -80.13 -26.26
N ALA A 243 -52.22 -79.35 -25.55
CA ALA A 243 -52.21 -77.90 -25.70
C ALA A 243 -50.97 -77.30 -25.04
N ALA A 244 -50.41 -78.01 -24.07
CA ALA A 244 -49.27 -77.49 -23.32
C ALA A 244 -47.97 -77.63 -24.10
N PHE A 245 -47.92 -78.58 -25.03
CA PHE A 245 -46.71 -78.81 -25.82
C PHE A 245 -46.91 -78.71 -27.33
N GLU A 246 -47.92 -79.39 -27.87
CA GLU A 246 -48.14 -79.40 -29.31
C GLU A 246 -48.92 -78.18 -29.80
N GLY A 247 -49.84 -77.68 -28.96
CA GLY A 247 -50.57 -76.47 -29.26
C GLY A 247 -49.93 -75.26 -28.60
N ASP A 248 -50.37 -74.07 -28.98
CA ASP A 248 -49.85 -72.83 -28.42
C ASP A 248 -50.97 -71.96 -27.84
N SER A 249 -52.00 -72.60 -27.31
CA SER A 249 -53.14 -71.88 -26.77
C SER A 249 -52.83 -71.35 -25.38
N ASN A 250 -53.44 -70.21 -25.04
CA ASN A 250 -53.37 -69.70 -23.67
C ASN A 250 -54.14 -70.68 -22.79
N MET A 251 -53.77 -70.77 -21.51
CA MET A 251 -54.44 -71.73 -20.65
C MET A 251 -54.35 -71.46 -19.15
N LEU A 252 -55.22 -72.16 -18.43
CA LEU A 252 -55.28 -72.10 -16.98
C LEU A 252 -55.37 -73.51 -16.42
N ILE A 253 -54.32 -73.93 -15.72
CA ILE A 253 -54.30 -75.25 -15.13
C ILE A 253 -54.48 -75.14 -13.62
N CYS A 254 -55.66 -75.56 -13.16
CA CYS A 254 -55.96 -75.61 -11.73
C CYS A 254 -55.79 -77.04 -11.23
N ALA A 255 -54.80 -77.24 -10.37
CA ALA A 255 -54.46 -78.57 -9.90
C ALA A 255 -54.12 -78.56 -8.40
N PRO A 256 -54.35 -79.69 -7.72
CA PRO A 256 -54.14 -79.79 -6.27
C PRO A 256 -52.71 -79.54 -5.80
N THR A 257 -52.55 -79.64 -4.48
CA THR A 257 -51.27 -79.47 -3.80
C THR A 257 -50.13 -80.28 -4.42
N GLY A 258 -49.15 -79.58 -4.97
CA GLY A 258 -47.92 -80.22 -5.45
C GLY A 258 -48.12 -81.02 -6.72
N SER A 259 -48.36 -80.33 -7.83
CA SER A 259 -48.67 -80.98 -9.10
C SER A 259 -47.47 -81.04 -10.02
N GLY A 260 -46.28 -80.75 -9.50
CA GLY A 260 -45.07 -80.78 -10.30
C GLY A 260 -45.07 -79.69 -11.35
N LYS A 261 -45.32 -78.46 -10.91
CA LYS A 261 -45.46 -77.32 -11.81
C LYS A 261 -44.27 -77.16 -12.75
N THR A 262 -43.09 -77.54 -12.28
CA THR A 262 -41.86 -77.37 -13.05
C THR A 262 -41.96 -77.97 -14.45
N ASN A 263 -42.32 -79.24 -14.51
CA ASN A 263 -42.45 -79.94 -15.80
C ASN A 263 -43.54 -79.32 -16.66
N ILE A 264 -44.68 -79.03 -16.05
CA ILE A 264 -45.82 -78.42 -16.73
C ILE A 264 -45.36 -77.13 -17.41
N ALA A 265 -44.56 -76.35 -16.68
CA ALA A 265 -43.97 -75.15 -17.24
C ALA A 265 -43.00 -75.50 -18.36
N LEU A 266 -42.12 -76.46 -18.10
CA LEU A 266 -41.07 -76.82 -19.05
C LEU A 266 -41.63 -77.25 -20.41
N LEU A 267 -42.74 -77.98 -20.41
CA LEU A 267 -43.41 -78.35 -21.66
C LEU A 267 -43.69 -77.11 -22.52
N THR A 268 -44.35 -76.13 -21.92
CA THR A 268 -44.73 -74.91 -22.59
C THR A 268 -43.50 -74.11 -23.01
N VAL A 269 -42.51 -74.06 -22.11
CA VAL A 269 -41.24 -73.44 -22.43
C VAL A 269 -40.66 -74.06 -23.70
N LEU A 270 -40.64 -75.39 -23.74
CA LEU A 270 -40.10 -76.11 -24.87
C LEU A 270 -40.91 -75.84 -26.14
N LYS A 271 -42.24 -75.75 -26.00
CA LYS A 271 -43.06 -75.33 -27.13
C LYS A 271 -42.70 -73.94 -27.63
N ALA A 272 -42.55 -72.99 -26.73
CA ALA A 272 -42.20 -71.63 -27.12
C ALA A 272 -40.89 -71.60 -27.88
N LEU A 273 -39.96 -72.45 -27.47
CA LEU A 273 -38.64 -72.56 -28.10
C LEU A 273 -38.71 -73.04 -29.55
N SER A 274 -39.83 -73.64 -29.94
CA SER A 274 -39.96 -74.25 -31.27
C SER A 274 -39.75 -73.28 -32.43
N HIS A 275 -40.63 -72.29 -32.55
CA HIS A 275 -40.62 -71.37 -33.70
C HIS A 275 -39.52 -70.31 -33.61
N HIS A 276 -38.34 -70.73 -33.18
CA HIS A 276 -37.12 -69.93 -33.26
C HIS A 276 -35.93 -70.84 -33.55
N TYR A 277 -36.12 -72.14 -33.34
CA TYR A 277 -35.16 -73.17 -33.73
C TYR A 277 -35.09 -73.25 -35.25
N ASN A 278 -33.91 -73.06 -35.81
CA ASN A 278 -33.73 -73.06 -37.26
C ASN A 278 -34.03 -74.45 -37.85
N PRO A 279 -34.62 -74.50 -39.06
CA PRO A 279 -35.06 -75.76 -39.68
C PRO A 279 -34.00 -76.86 -39.72
N LYS A 280 -32.92 -76.65 -40.47
CA LYS A 280 -31.89 -77.68 -40.63
C LYS A 280 -30.79 -77.50 -39.60
N THR A 281 -30.53 -76.26 -39.22
CA THR A 281 -29.50 -75.96 -38.23
C THR A 281 -29.89 -76.54 -36.88
N LYS A 282 -28.97 -77.28 -36.29
CA LYS A 282 -29.20 -77.94 -35.01
C LYS A 282 -28.91 -76.99 -33.86
N LYS A 283 -29.10 -75.71 -34.11
CA LYS A 283 -28.85 -74.68 -33.12
C LYS A 283 -30.06 -73.76 -33.01
N LEU A 284 -30.11 -73.02 -31.91
CA LEU A 284 -31.31 -72.30 -31.50
C LEU A 284 -31.11 -70.80 -31.39
N ASN A 285 -31.94 -70.03 -32.09
CA ASN A 285 -31.85 -68.58 -32.01
C ASN A 285 -32.18 -68.10 -30.61
N LEU A 286 -31.16 -67.67 -29.87
CA LEU A 286 -31.36 -67.11 -28.54
C LEU A 286 -31.44 -65.59 -28.63
N SER A 287 -32.06 -65.12 -29.71
CA SER A 287 -32.24 -63.69 -29.97
C SER A 287 -33.66 -63.52 -30.48
N ALA A 288 -34.28 -62.38 -30.14
CA ALA A 288 -35.66 -62.12 -30.52
C ALA A 288 -36.55 -63.20 -29.90
N PHE A 289 -36.27 -63.49 -28.63
CA PHE A 289 -36.99 -64.53 -27.89
C PHE A 289 -36.71 -64.51 -26.39
N LYS A 290 -37.76 -64.21 -25.62
CA LYS A 290 -37.67 -64.15 -24.16
C LYS A 290 -38.84 -64.90 -23.52
N ILE A 291 -38.66 -65.37 -22.28
CA ILE A 291 -39.76 -65.95 -21.52
C ILE A 291 -39.71 -65.47 -20.07
N VAL A 292 -40.88 -65.42 -19.43
CA VAL A 292 -41.00 -64.88 -18.09
C VAL A 292 -41.82 -65.78 -17.17
N TYR A 293 -41.39 -65.87 -15.92
CA TYR A 293 -42.05 -66.69 -14.91
C TYR A 293 -42.33 -65.85 -13.66
N ILE A 294 -43.61 -65.72 -13.31
CA ILE A 294 -44.03 -64.93 -12.17
C ILE A 294 -44.40 -65.84 -11.00
N ALA A 295 -43.72 -65.64 -9.87
CA ALA A 295 -43.97 -66.43 -8.67
C ALA A 295 -44.16 -65.52 -7.46
N PRO A 296 -44.99 -65.96 -6.49
CA PRO A 296 -45.34 -65.12 -5.33
C PRO A 296 -44.17 -64.52 -4.57
N LEU A 297 -43.29 -65.35 -4.01
CA LEU A 297 -42.21 -64.87 -3.16
C LEU A 297 -40.83 -65.07 -3.81
N LYS A 298 -39.90 -64.22 -3.42
CA LYS A 298 -38.54 -64.23 -3.94
C LYS A 298 -37.83 -65.57 -3.72
N ALA A 299 -38.15 -66.23 -2.61
CA ALA A 299 -37.58 -67.52 -2.28
C ALA A 299 -37.90 -68.55 -3.38
N LEU A 300 -39.19 -68.71 -3.65
CA LEU A 300 -39.64 -69.64 -4.69
C LEU A 300 -39.06 -69.25 -6.04
N VAL A 301 -39.01 -67.94 -6.30
CA VAL A 301 -38.38 -67.42 -7.50
C VAL A 301 -36.97 -67.98 -7.62
N GLN A 302 -36.16 -67.81 -6.59
CA GLN A 302 -34.80 -68.34 -6.58
C GLN A 302 -34.79 -69.86 -6.77
N GLU A 303 -35.68 -70.55 -6.07
CA GLU A 303 -35.81 -72.00 -6.21
C GLU A 303 -36.07 -72.40 -7.67
N GLN A 304 -36.92 -71.64 -8.35
CA GLN A 304 -37.26 -71.96 -9.74
C GLN A 304 -36.14 -71.56 -10.69
N VAL A 305 -35.45 -70.46 -10.40
CA VAL A 305 -34.27 -70.09 -11.16
C VAL A 305 -33.27 -71.25 -11.11
N ARG A 306 -33.04 -71.76 -9.91
CA ARG A 306 -32.19 -72.94 -9.73
C ARG A 306 -32.74 -74.12 -10.53
N GLU A 307 -34.03 -74.40 -10.37
CA GLU A 307 -34.63 -75.55 -11.04
C GLU A 307 -34.79 -75.36 -12.55
N PHE A 308 -34.63 -74.13 -13.04
CA PHE A 308 -34.69 -73.87 -14.48
C PHE A 308 -33.31 -73.55 -15.08
N GLN A 309 -32.32 -73.30 -14.24
CA GLN A 309 -30.95 -73.07 -14.74
C GLN A 309 -30.31 -74.34 -15.30
N ARG A 310 -29.91 -75.23 -14.40
CA ARG A 310 -29.20 -76.46 -14.78
C ARG A 310 -30.09 -77.38 -15.60
N ARG A 311 -31.39 -77.26 -15.40
CA ARG A 311 -32.37 -78.10 -16.08
C ARG A 311 -32.41 -77.84 -17.58
N LEU A 312 -32.18 -76.58 -17.97
CA LEU A 312 -32.22 -76.18 -19.38
C LEU A 312 -30.87 -75.71 -19.89
N ALA A 313 -29.80 -76.06 -19.17
CA ALA A 313 -28.45 -75.68 -19.56
C ALA A 313 -28.04 -76.26 -20.91
N PHE A 314 -28.49 -77.48 -21.19
CA PHE A 314 -28.09 -78.18 -22.40
C PHE A 314 -28.47 -77.45 -23.68
N LEU A 315 -29.49 -76.60 -23.60
CA LEU A 315 -29.94 -75.82 -24.75
C LEU A 315 -29.04 -74.59 -24.96
N GLY A 316 -28.22 -74.28 -23.96
CA GLY A 316 -27.37 -73.11 -24.02
C GLY A 316 -28.07 -71.86 -23.53
N ILE A 317 -29.32 -72.03 -23.11
CA ILE A 317 -30.13 -70.92 -22.62
C ILE A 317 -29.68 -70.47 -21.24
N LYS A 318 -29.63 -69.16 -21.03
CA LYS A 318 -29.28 -68.59 -19.74
C LYS A 318 -30.55 -68.16 -19.01
N VAL A 319 -30.61 -68.43 -17.72
CA VAL A 319 -31.76 -68.07 -16.91
C VAL A 319 -31.36 -66.97 -15.94
N ALA A 320 -32.35 -66.29 -15.37
CA ALA A 320 -32.04 -65.25 -14.39
C ALA A 320 -33.20 -64.91 -13.46
N GLU A 321 -32.83 -64.57 -12.23
CA GLU A 321 -33.72 -63.90 -11.31
C GLU A 321 -33.70 -62.44 -11.70
N LEU A 322 -34.86 -61.88 -12.04
CA LEU A 322 -34.90 -60.50 -12.49
C LEU A 322 -34.50 -59.59 -11.36
N THR A 323 -33.29 -59.06 -11.44
CA THR A 323 -32.81 -58.12 -10.44
C THR A 323 -33.65 -56.86 -10.52
N GLY A 324 -34.85 -56.94 -9.94
CA GLY A 324 -35.77 -55.83 -9.90
C GLY A 324 -35.39 -54.86 -8.80
N ASP A 325 -34.37 -55.23 -8.04
CA ASP A 325 -33.85 -54.39 -6.96
C ASP A 325 -32.71 -53.51 -7.49
N SER A 326 -32.72 -53.31 -8.81
CA SER A 326 -31.75 -52.43 -9.47
C SER A 326 -32.32 -52.01 -10.82
N ARG A 327 -32.43 -50.70 -11.03
CA ARG A 327 -33.01 -50.17 -12.26
C ARG A 327 -31.90 -49.94 -13.26
N LEU A 328 -30.67 -49.99 -12.78
CA LEU A 328 -29.49 -49.92 -13.63
C LEU A 328 -29.18 -51.31 -14.20
N SER A 329 -29.49 -52.34 -13.43
CA SER A 329 -29.27 -53.73 -13.84
C SER A 329 -30.43 -54.27 -14.67
N ARG A 330 -30.94 -53.44 -15.59
CA ARG A 330 -32.01 -53.85 -16.49
C ARG A 330 -31.55 -53.62 -17.93
N LYS A 331 -30.34 -53.10 -18.07
CA LYS A 331 -29.70 -52.89 -19.36
C LYS A 331 -28.89 -54.12 -19.74
N GLN A 332 -28.21 -54.69 -18.74
CA GLN A 332 -27.35 -55.85 -18.93
C GLN A 332 -28.14 -57.16 -18.82
N ILE A 333 -29.38 -57.07 -18.37
CA ILE A 333 -30.24 -58.24 -18.20
C ILE A 333 -30.58 -58.90 -19.53
N ASP A 334 -30.36 -58.18 -20.64
CA ASP A 334 -30.78 -58.63 -21.96
C ASP A 334 -30.09 -59.90 -22.46
N GLU A 335 -28.96 -60.27 -21.86
CA GLU A 335 -28.23 -61.47 -22.30
C GLU A 335 -28.93 -62.76 -21.87
N THR A 336 -29.88 -62.65 -20.96
CA THR A 336 -30.62 -63.81 -20.46
C THR A 336 -32.00 -63.92 -21.11
N GLN A 337 -32.44 -65.16 -21.34
CA GLN A 337 -33.71 -65.41 -22.04
C GLN A 337 -34.83 -65.75 -21.08
N VAL A 338 -34.49 -66.45 -20.00
CA VAL A 338 -35.48 -66.90 -19.02
C VAL A 338 -35.46 -66.03 -17.76
N LEU A 339 -36.50 -65.22 -17.60
CA LEU A 339 -36.64 -64.37 -16.42
C LEU A 339 -37.63 -64.96 -15.42
N VAL A 340 -37.20 -65.10 -14.18
CA VAL A 340 -38.09 -65.50 -13.09
C VAL A 340 -38.13 -64.37 -12.09
N SER A 341 -39.34 -63.95 -11.68
CA SER A 341 -39.43 -62.81 -10.78
C SER A 341 -40.75 -62.70 -10.03
N THR A 342 -40.83 -61.69 -9.18
CA THR A 342 -42.04 -61.40 -8.42
C THR A 342 -43.00 -60.54 -9.24
N PRO A 343 -44.27 -60.50 -8.85
CA PRO A 343 -45.25 -59.68 -9.57
C PRO A 343 -44.89 -58.20 -9.56
N GLU A 344 -44.38 -57.73 -8.42
CA GLU A 344 -44.09 -56.31 -8.25
C GLU A 344 -42.91 -55.85 -9.10
N LYS A 345 -41.80 -56.60 -9.04
CA LYS A 345 -40.64 -56.28 -9.87
C LYS A 345 -41.03 -56.22 -11.34
N TRP A 346 -41.83 -57.20 -11.75
CA TRP A 346 -42.27 -57.28 -13.13
C TRP A 346 -43.20 -56.12 -13.45
N ASP A 347 -44.08 -55.80 -12.52
CA ASP A 347 -45.03 -54.70 -12.73
C ASP A 347 -44.26 -53.39 -12.91
N ILE A 348 -43.32 -53.11 -12.01
CA ILE A 348 -42.46 -51.93 -12.12
C ILE A 348 -41.71 -51.96 -13.43
N THR A 349 -41.16 -53.12 -13.78
CA THR A 349 -40.38 -53.26 -15.00
C THR A 349 -41.22 -52.93 -16.24
N THR A 350 -42.40 -53.52 -16.33
CA THR A 350 -43.25 -53.33 -17.50
C THR A 350 -43.87 -51.93 -17.53
N ARG A 351 -44.16 -51.39 -16.35
CA ARG A 351 -44.78 -50.06 -16.25
C ARG A 351 -43.85 -48.94 -16.71
N ASN A 352 -42.58 -49.01 -16.32
CA ASN A 352 -41.59 -48.00 -16.70
C ASN A 352 -41.26 -48.07 -18.20
N SER A 353 -41.48 -46.96 -18.89
CA SER A 353 -41.43 -46.91 -20.35
C SER A 353 -40.07 -47.33 -20.92
N ASN A 354 -38.99 -47.05 -20.19
CA ASN A 354 -37.64 -47.33 -20.68
C ASN A 354 -37.43 -48.80 -21.02
N ASN A 355 -38.27 -49.67 -20.48
CA ASN A 355 -38.14 -51.11 -20.68
C ASN A 355 -39.08 -51.62 -21.78
N LEU A 356 -39.87 -50.71 -22.35
CA LEU A 356 -40.77 -51.05 -23.46
C LEU A 356 -40.00 -51.60 -24.66
N ALA A 357 -38.70 -51.31 -24.71
CA ALA A 357 -37.86 -51.77 -25.81
C ALA A 357 -37.80 -53.30 -25.92
N ILE A 358 -37.82 -53.98 -24.79
CA ILE A 358 -37.65 -55.44 -24.76
C ILE A 358 -38.91 -56.21 -24.38
N VAL A 359 -40.04 -55.52 -24.23
CA VAL A 359 -41.30 -56.19 -23.93
C VAL A 359 -41.82 -57.01 -25.10
N GLU A 360 -41.66 -56.48 -26.31
CA GLU A 360 -42.10 -57.16 -27.53
C GLU A 360 -41.46 -58.54 -27.67
N LEU A 361 -40.27 -58.69 -27.11
CA LEU A 361 -39.50 -59.93 -27.25
C LEU A 361 -40.12 -61.12 -26.53
N VAL A 362 -40.89 -60.86 -25.47
CA VAL A 362 -41.47 -61.92 -24.68
C VAL A 362 -42.61 -62.60 -25.42
N ARG A 363 -42.64 -63.93 -25.38
CA ARG A 363 -43.70 -64.69 -26.05
C ARG A 363 -44.27 -65.80 -25.18
N LEU A 364 -43.84 -65.87 -23.92
CA LEU A 364 -44.39 -66.85 -23.00
C LEU A 364 -44.43 -66.28 -21.59
N LEU A 365 -45.63 -66.29 -21.01
CA LEU A 365 -45.85 -65.81 -19.64
C LEU A 365 -46.55 -66.88 -18.80
N ILE A 366 -45.82 -67.36 -17.80
CA ILE A 366 -46.35 -68.31 -16.84
C ILE A 366 -46.56 -67.63 -15.50
N ILE A 367 -47.81 -67.58 -15.06
CA ILE A 367 -48.12 -66.99 -13.76
C ILE A 367 -48.36 -68.13 -12.78
N ASP A 368 -47.49 -68.22 -11.78
CA ASP A 368 -47.57 -69.26 -10.77
C ASP A 368 -48.40 -68.75 -9.58
N GLU A 369 -49.33 -69.57 -9.13
CA GLU A 369 -50.18 -69.24 -7.99
C GLU A 369 -51.08 -68.04 -8.34
N ILE A 370 -51.82 -68.16 -9.43
CA ILE A 370 -52.73 -67.10 -9.86
C ILE A 370 -53.81 -66.86 -8.81
N HIS A 371 -54.13 -67.89 -8.04
CA HIS A 371 -55.20 -67.81 -7.05
C HIS A 371 -54.95 -66.71 -6.00
N LEU A 372 -53.81 -66.03 -6.10
CA LEU A 372 -53.55 -64.83 -5.31
C LEU A 372 -54.48 -63.68 -5.69
N LEU A 373 -55.21 -63.82 -6.80
CA LEU A 373 -56.19 -62.80 -7.17
C LEU A 373 -57.11 -62.42 -6.01
N HIS A 374 -57.37 -63.38 -5.12
CA HIS A 374 -58.21 -63.11 -3.95
C HIS A 374 -57.42 -62.40 -2.86
N ASP A 375 -56.09 -62.48 -2.95
CA ASP A 375 -55.20 -61.88 -1.96
C ASP A 375 -54.90 -60.42 -2.32
N ASP A 376 -54.35 -59.69 -1.36
CA ASP A 376 -54.02 -58.28 -1.52
C ASP A 376 -53.12 -57.99 -2.72
N ARG A 377 -52.39 -58.99 -3.19
CA ARG A 377 -51.49 -58.83 -4.34
C ARG A 377 -52.23 -58.89 -5.68
N GLY A 378 -53.43 -59.45 -5.68
CA GLY A 378 -54.21 -59.67 -6.89
C GLY A 378 -54.22 -58.52 -7.88
N PRO A 379 -54.53 -57.30 -7.40
CA PRO A 379 -54.59 -56.11 -8.26
C PRO A 379 -53.36 -55.94 -9.15
N VAL A 380 -52.20 -56.40 -8.67
CA VAL A 380 -50.97 -56.30 -9.44
C VAL A 380 -51.00 -57.25 -10.64
N LEU A 381 -51.36 -58.51 -10.37
CA LEU A 381 -51.43 -59.51 -11.41
C LEU A 381 -52.47 -59.07 -12.43
N GLU A 382 -53.58 -58.58 -11.89
CA GLU A 382 -54.67 -58.05 -12.69
C GLU A 382 -54.17 -56.89 -13.56
N SER A 383 -53.39 -56.00 -12.95
CA SER A 383 -52.80 -54.88 -13.68
C SER A 383 -51.91 -55.36 -14.81
N ILE A 384 -51.08 -56.36 -14.53
CA ILE A 384 -50.19 -56.92 -15.55
C ILE A 384 -50.99 -57.52 -16.71
N VAL A 385 -51.90 -58.44 -16.40
CA VAL A 385 -52.69 -59.08 -17.45
C VAL A 385 -53.45 -58.02 -18.22
N ALA A 386 -53.97 -57.02 -17.51
CA ALA A 386 -54.64 -55.91 -18.15
C ALA A 386 -53.68 -55.20 -19.10
N ARG A 387 -52.45 -54.96 -18.62
CA ARG A 387 -51.42 -54.29 -19.41
C ARG A 387 -51.16 -55.03 -20.71
N THR A 388 -51.03 -56.35 -20.61
CA THR A 388 -50.78 -57.17 -21.79
C THR A 388 -51.85 -56.97 -22.87
N PHE A 389 -53.11 -57.16 -22.50
CA PHE A 389 -54.21 -57.13 -23.46
C PHE A 389 -54.72 -55.71 -23.74
N TRP A 390 -54.03 -54.70 -23.22
CA TRP A 390 -54.46 -53.32 -23.37
C TRP A 390 -53.67 -52.60 -24.45
N ALA A 391 -52.43 -52.22 -24.14
CA ALA A 391 -51.60 -51.49 -25.09
C ALA A 391 -50.84 -52.44 -26.00
N SER A 392 -51.57 -53.30 -26.72
CA SER A 392 -50.96 -54.13 -27.74
C SER A 392 -50.65 -53.23 -28.93
N LYS A 393 -51.65 -52.45 -29.33
CA LYS A 393 -51.50 -51.44 -30.36
C LYS A 393 -51.00 -52.06 -31.67
N TYR A 394 -49.73 -51.79 -32.00
CA TYR A 394 -49.09 -52.28 -33.21
C TYR A 394 -48.77 -53.77 -33.14
N GLY A 395 -48.60 -54.28 -31.92
CA GLY A 395 -48.12 -55.63 -31.70
C GLY A 395 -48.95 -56.71 -32.37
N GLN A 396 -50.26 -56.71 -32.07
CA GLN A 396 -51.22 -57.65 -32.66
C GLN A 396 -51.00 -59.11 -32.22
N GLU A 397 -49.90 -59.37 -31.51
CA GLU A 397 -49.66 -60.69 -30.94
C GLU A 397 -49.58 -60.63 -29.42
N TYR A 398 -50.37 -61.47 -28.76
CA TYR A 398 -50.37 -61.55 -27.30
C TYR A 398 -49.55 -62.78 -26.90
N PRO A 399 -48.58 -62.61 -25.98
CA PRO A 399 -47.76 -63.75 -25.56
C PRO A 399 -48.57 -64.94 -25.05
N ARG A 400 -47.92 -66.10 -24.94
CA ARG A 400 -48.57 -67.29 -24.41
C ARG A 400 -48.96 -67.07 -22.95
N ILE A 401 -50.26 -66.89 -22.70
CA ILE A 401 -50.75 -66.64 -21.36
C ILE A 401 -51.08 -67.96 -20.67
N ILE A 402 -50.25 -68.34 -19.69
CA ILE A 402 -50.47 -69.60 -18.97
C ILE A 402 -50.48 -69.38 -17.47
N GLY A 403 -51.57 -69.84 -16.84
CA GLY A 403 -51.74 -69.69 -15.40
C GLY A 403 -51.76 -71.02 -14.67
N LEU A 404 -50.97 -71.10 -13.60
CA LEU A 404 -50.97 -72.26 -12.73
C LEU A 404 -51.71 -71.91 -11.44
N SER A 405 -52.69 -72.73 -11.08
CA SER A 405 -53.54 -72.42 -9.93
C SER A 405 -53.78 -73.61 -9.02
N ALA A 406 -54.31 -73.31 -7.84
CA ALA A 406 -54.82 -74.33 -6.94
C ALA A 406 -56.28 -74.58 -7.30
N THR A 407 -56.82 -75.70 -6.84
CA THR A 407 -58.20 -76.03 -7.18
C THR A 407 -59.16 -75.26 -6.29
N LEU A 408 -59.76 -74.22 -6.86
CA LEU A 408 -60.76 -73.41 -6.16
C LEU A 408 -61.85 -72.99 -7.13
N PRO A 409 -63.07 -72.75 -6.62
CA PRO A 409 -64.16 -72.31 -7.50
C PRO A 409 -63.87 -70.95 -8.13
N ASN A 410 -64.60 -70.64 -9.22
CA ASN A 410 -64.42 -69.43 -10.03
C ASN A 410 -63.25 -69.58 -11.00
N TYR A 411 -62.80 -70.82 -11.20
CA TYR A 411 -61.81 -71.11 -12.23
C TYR A 411 -62.40 -70.75 -13.58
N GLU A 412 -63.72 -70.79 -13.66
CA GLU A 412 -64.47 -70.42 -14.84
C GLU A 412 -64.11 -69.00 -15.31
N ASP A 413 -64.25 -68.05 -14.40
CA ASP A 413 -64.04 -66.63 -14.69
C ASP A 413 -62.57 -66.30 -14.98
N VAL A 414 -61.66 -66.96 -14.28
CA VAL A 414 -60.22 -66.78 -14.51
C VAL A 414 -59.91 -67.11 -15.96
N GLY A 415 -60.71 -68.01 -16.53
CA GLY A 415 -60.57 -68.38 -17.93
C GLY A 415 -60.87 -67.21 -18.83
N ARG A 416 -62.03 -66.57 -18.62
CA ARG A 416 -62.40 -65.41 -19.41
C ARG A 416 -61.47 -64.24 -19.13
N PHE A 417 -60.88 -64.22 -17.92
CA PHE A 417 -59.91 -63.20 -17.58
C PHE A 417 -58.60 -63.40 -18.36
N LEU A 418 -58.07 -64.61 -18.33
CA LEU A 418 -56.79 -64.92 -18.99
C LEU A 418 -56.94 -65.33 -20.45
N ARG A 419 -58.16 -65.19 -20.99
CA ARG A 419 -58.43 -65.56 -22.39
C ARG A 419 -58.12 -67.04 -22.63
N VAL A 420 -58.70 -67.91 -21.80
CA VAL A 420 -58.48 -69.34 -21.90
C VAL A 420 -59.69 -70.09 -22.47
N PRO A 421 -59.51 -70.76 -23.62
CA PRO A 421 -60.59 -71.60 -24.15
C PRO A 421 -60.67 -72.94 -23.43
N LYS A 422 -61.76 -73.68 -23.65
CA LYS A 422 -61.92 -74.99 -23.03
C LYS A 422 -60.81 -75.97 -23.44
N GLU A 423 -60.22 -75.73 -24.61
CA GLU A 423 -59.14 -76.58 -25.10
C GLU A 423 -57.90 -76.48 -24.21
N GLY A 424 -57.88 -75.47 -23.34
CA GLY A 424 -56.77 -75.26 -22.43
C GLY A 424 -57.22 -75.19 -20.97
N LEU A 425 -58.52 -75.04 -20.75
CA LEU A 425 -59.04 -74.95 -19.40
C LEU A 425 -59.12 -76.33 -18.76
N PHE A 426 -58.31 -76.55 -17.72
CA PHE A 426 -58.26 -77.83 -17.02
C PHE A 426 -58.52 -77.70 -15.52
N TYR A 427 -59.08 -78.75 -14.93
CA TYR A 427 -59.50 -78.73 -13.54
C TYR A 427 -59.36 -80.13 -12.91
N PHE A 428 -58.48 -80.23 -11.91
CA PHE A 428 -58.22 -81.50 -11.23
C PHE A 428 -58.58 -81.41 -9.75
N ASP A 429 -59.10 -82.51 -9.19
CA ASP A 429 -59.46 -82.55 -7.77
C ASP A 429 -58.38 -83.28 -6.98
N SER A 430 -58.62 -83.43 -5.69
CA SER A 430 -57.64 -84.02 -4.77
C SER A 430 -57.20 -85.42 -5.17
N SER A 431 -58.01 -86.09 -5.99
CA SER A 431 -57.71 -87.46 -6.40
C SER A 431 -56.41 -87.56 -7.21
N PHE A 432 -56.16 -86.57 -8.05
CA PHE A 432 -54.99 -86.59 -8.93
C PHE A 432 -53.72 -86.07 -8.26
N ARG A 433 -53.75 -85.94 -6.93
CA ARG A 433 -52.55 -85.60 -6.19
C ARG A 433 -51.55 -86.74 -6.35
N PRO A 434 -50.26 -86.40 -6.56
CA PRO A 434 -49.25 -87.47 -6.71
C PRO A 434 -49.15 -88.33 -5.46
N CYS A 435 -49.55 -87.73 -4.33
CA CYS A 435 -49.58 -88.43 -3.05
C CYS A 435 -50.81 -87.98 -2.27
N PRO A 436 -51.87 -88.80 -2.24
CA PRO A 436 -53.11 -88.47 -1.54
C PRO A 436 -52.89 -87.91 -0.13
N LEU A 437 -53.54 -86.80 0.17
CA LEU A 437 -53.33 -86.12 1.45
C LEU A 437 -54.59 -86.21 2.31
N SER A 438 -54.44 -86.78 3.49
CA SER A 438 -55.51 -86.90 4.46
C SER A 438 -55.61 -85.63 5.31
N GLN A 439 -56.82 -85.29 5.77
CA GLN A 439 -57.01 -84.05 6.51
C GLN A 439 -57.50 -84.31 7.93
N GLN A 440 -57.01 -83.50 8.87
CA GLN A 440 -57.50 -83.54 10.24
C GLN A 440 -57.49 -82.14 10.85
N PHE A 441 -58.66 -81.65 11.23
CA PHE A 441 -58.80 -80.31 11.80
C PHE A 441 -59.00 -80.36 13.32
N CYS A 442 -58.02 -79.82 14.03
CA CYS A 442 -58.08 -79.69 15.49
C CYS A 442 -58.70 -78.35 15.88
N GLY A 443 -59.89 -78.42 16.47
CA GLY A 443 -60.62 -77.23 16.89
C GLY A 443 -60.59 -77.02 18.40
N ILE A 444 -59.72 -76.12 18.85
CA ILE A 444 -59.53 -75.83 20.26
C ILE A 444 -60.71 -75.01 20.82
N LYS A 445 -61.11 -75.30 22.06
CA LYS A 445 -62.31 -74.73 22.66
C LYS A 445 -62.07 -73.79 23.83
N GLU A 446 -60.79 -73.55 24.15
CA GLU A 446 -60.41 -72.77 25.32
C GLU A 446 -60.86 -71.30 25.33
N ARG A 447 -61.12 -70.80 26.54
CA ARG A 447 -61.47 -69.41 26.77
C ARG A 447 -60.25 -68.68 27.36
N ASN A 448 -59.35 -69.45 27.95
CA ASN A 448 -58.18 -68.90 28.62
C ASN A 448 -57.05 -68.59 27.66
N SER A 449 -56.16 -67.68 28.06
CA SER A 449 -55.05 -67.27 27.22
C SER A 449 -53.96 -68.32 27.22
N LEU A 450 -53.32 -68.52 28.36
CA LEU A 450 -52.20 -69.44 28.47
C LEU A 450 -52.63 -70.90 28.25
N LYS A 451 -53.83 -71.24 28.68
CA LYS A 451 -54.29 -72.63 28.57
C LYS A 451 -54.40 -73.06 27.11
N LYS A 452 -54.47 -72.09 26.20
CA LYS A 452 -54.46 -72.40 24.78
C LYS A 452 -53.06 -72.80 24.33
N LEU A 453 -52.05 -72.32 25.05
CA LEU A 453 -50.68 -72.70 24.74
C LEU A 453 -50.51 -74.21 24.95
N LYS A 454 -51.11 -74.71 26.02
CA LYS A 454 -51.08 -76.14 26.32
C LYS A 454 -52.10 -76.89 25.48
N ALA A 455 -53.13 -76.19 25.01
CA ALA A 455 -54.11 -76.78 24.12
C ALA A 455 -53.44 -77.15 22.82
N MET A 456 -52.68 -76.20 22.28
CA MET A 456 -51.92 -76.41 21.05
C MET A 456 -50.82 -77.44 21.30
N ASN A 457 -50.09 -77.27 22.40
CA ASN A 457 -48.97 -78.14 22.73
C ASN A 457 -49.38 -79.58 22.97
N ASP A 458 -50.51 -79.78 23.65
CA ASP A 458 -50.98 -81.14 23.94
C ASP A 458 -51.53 -81.77 22.66
N ALA A 459 -52.27 -80.98 21.88
CA ALA A 459 -52.81 -81.45 20.62
C ALA A 459 -51.68 -81.73 19.64
N CYS A 460 -50.63 -80.91 19.70
CA CYS A 460 -49.44 -81.13 18.90
C CYS A 460 -48.78 -82.44 19.28
N TYR A 461 -48.37 -82.55 20.55
CA TYR A 461 -47.74 -83.76 21.06
C TYR A 461 -48.56 -85.00 20.74
N GLU A 462 -49.87 -84.88 20.83
CA GLU A 462 -50.78 -85.95 20.46
C GLU A 462 -50.50 -86.42 19.03
N LYS A 463 -50.25 -85.46 18.14
CA LYS A 463 -50.09 -85.77 16.72
C LYS A 463 -48.63 -86.03 16.37
N VAL A 464 -47.72 -85.43 17.12
CA VAL A 464 -46.30 -85.70 16.93
C VAL A 464 -46.05 -87.16 17.28
N LEU A 465 -46.56 -87.58 18.44
CA LEU A 465 -46.37 -88.95 18.91
C LEU A 465 -47.21 -89.93 18.08
N GLU A 466 -48.41 -89.51 17.70
CA GLU A 466 -49.27 -90.34 16.86
C GLU A 466 -48.55 -90.75 15.58
N SER A 467 -48.06 -89.76 14.84
CA SER A 467 -47.39 -90.02 13.57
C SER A 467 -46.08 -90.79 13.73
N ILE A 468 -45.21 -90.30 14.60
CA ILE A 468 -43.91 -90.93 14.84
C ILE A 468 -44.08 -92.38 15.28
N ASN A 469 -45.11 -92.64 16.08
CA ASN A 469 -45.36 -93.99 16.57
C ASN A 469 -45.81 -94.92 15.44
N GLU A 470 -46.11 -94.35 14.28
CA GLU A 470 -46.51 -95.13 13.12
C GLU A 470 -45.34 -95.31 12.15
N GLY A 471 -44.13 -94.97 12.60
CA GLY A 471 -42.92 -95.34 11.90
C GLY A 471 -42.47 -94.40 10.80
N ASN A 472 -42.94 -93.15 10.83
CA ASN A 472 -42.57 -92.17 9.81
C ASN A 472 -42.23 -90.80 10.38
N GLN A 473 -41.68 -89.94 9.53
CA GLN A 473 -41.22 -88.61 9.92
C GLN A 473 -42.34 -87.57 9.84
N ILE A 474 -42.13 -86.44 10.50
CA ILE A 474 -43.11 -85.36 10.48
C ILE A 474 -42.47 -83.97 10.38
N ILE A 475 -43.26 -83.01 9.91
CA ILE A 475 -42.81 -81.63 9.81
C ILE A 475 -43.84 -80.70 10.46
N VAL A 476 -43.36 -79.65 11.12
CA VAL A 476 -44.22 -78.76 11.89
C VAL A 476 -43.95 -77.28 11.60
N PHE A 477 -45.02 -76.54 11.32
CA PHE A 477 -44.92 -75.11 11.03
C PHE A 477 -45.37 -74.27 12.23
N VAL A 478 -44.63 -73.21 12.52
CA VAL A 478 -44.91 -72.32 13.64
C VAL A 478 -45.35 -70.93 13.15
N HIS A 479 -46.00 -70.18 14.03
CA HIS A 479 -46.58 -68.89 13.67
C HIS A 479 -45.57 -67.74 13.68
N SER A 480 -44.39 -67.98 14.24
CA SER A 480 -43.40 -66.90 14.43
C SER A 480 -41.98 -67.35 14.14
N ARG A 481 -41.01 -66.63 14.70
CA ARG A 481 -39.59 -66.89 14.46
C ARG A 481 -39.03 -67.86 15.49
N LYS A 482 -38.55 -67.33 16.61
CA LYS A 482 -37.92 -68.12 17.66
C LYS A 482 -38.82 -69.25 18.16
N GLU A 483 -40.12 -69.11 17.92
CA GLU A 483 -41.12 -70.08 18.35
C GLU A 483 -40.75 -71.51 17.98
N THR A 484 -40.01 -71.67 16.88
CA THR A 484 -39.60 -72.99 16.42
C THR A 484 -38.69 -73.67 17.44
N SER A 485 -37.91 -72.88 18.15
CA SER A 485 -36.98 -73.41 19.15
C SER A 485 -37.66 -73.52 20.52
N ARG A 486 -38.65 -72.67 20.75
CA ARG A 486 -39.43 -72.74 21.98
C ARG A 486 -40.35 -73.95 21.94
N THR A 487 -40.86 -74.26 20.76
CA THR A 487 -41.67 -75.46 20.56
C THR A 487 -40.81 -76.71 20.62
N ALA A 488 -39.60 -76.61 20.07
CA ALA A 488 -38.65 -77.72 20.08
C ALA A 488 -38.27 -78.12 21.49
N THR A 489 -38.05 -77.12 22.35
CA THR A 489 -37.69 -77.36 23.74
C THR A 489 -38.80 -78.08 24.48
N TRP A 490 -40.03 -77.61 24.28
CA TRP A 490 -41.19 -78.18 24.95
C TRP A 490 -41.36 -79.65 24.60
N LEU A 491 -41.20 -79.95 23.31
CA LEU A 491 -41.35 -81.31 22.81
C LEU A 491 -40.23 -82.22 23.29
N LYS A 492 -39.01 -81.69 23.30
CA LYS A 492 -37.85 -82.45 23.74
C LYS A 492 -38.02 -82.86 25.20
N ASN A 493 -38.47 -81.91 26.01
CA ASN A 493 -38.69 -82.16 27.43
C ASN A 493 -39.90 -83.05 27.69
N LYS A 494 -40.90 -82.95 26.84
CA LYS A 494 -42.12 -83.74 27.00
C LYS A 494 -41.85 -85.23 26.78
N PHE A 495 -40.87 -85.53 25.92
CA PHE A 495 -40.49 -86.92 25.64
C PHE A 495 -39.49 -87.43 26.68
N ALA A 496 -38.56 -86.57 27.08
CA ALA A 496 -37.61 -86.93 28.13
C ALA A 496 -38.37 -87.30 29.39
N GLU A 497 -39.51 -86.64 29.58
CA GLU A 497 -40.44 -86.96 30.67
C GLU A 497 -40.94 -88.40 30.56
N GLU A 498 -41.03 -88.91 29.34
CA GLU A 498 -41.63 -90.23 29.08
C GLU A 498 -40.79 -91.14 28.18
N ASN A 499 -41.06 -91.09 26.88
CA ASN A 499 -40.56 -92.10 25.95
C ASN A 499 -39.11 -91.92 25.51
N ILE A 500 -38.83 -90.83 24.79
CA ILE A 500 -37.53 -90.58 24.17
C ILE A 500 -36.93 -91.86 23.56
N THR A 501 -37.81 -92.67 22.95
CA THR A 501 -37.38 -93.92 22.31
C THR A 501 -37.71 -93.91 20.82
N HIS A 502 -38.91 -93.46 20.49
CA HIS A 502 -39.34 -93.42 19.09
C HIS A 502 -38.58 -92.38 18.27
N LYS A 503 -38.14 -91.32 18.95
CA LYS A 503 -37.40 -90.25 18.29
C LYS A 503 -35.90 -90.43 18.45
N LEU A 504 -35.51 -91.37 19.30
CA LEU A 504 -34.10 -91.67 19.53
C LEU A 504 -33.47 -92.23 18.25
N THR A 505 -34.00 -93.33 17.76
CA THR A 505 -33.43 -94.00 16.60
C THR A 505 -34.29 -95.10 15.99
N LYS A 506 -33.95 -95.47 14.75
CA LYS A 506 -34.56 -96.62 14.07
C LYS A 506 -33.60 -97.81 14.15
N ASN A 507 -32.35 -97.54 14.51
CA ASN A 507 -31.37 -98.58 14.75
C ASN A 507 -30.16 -98.00 15.46
N ASP A 508 -30.05 -98.24 16.75
CA ASP A 508 -29.01 -97.63 17.58
C ASP A 508 -27.59 -97.97 17.06
N ALA A 509 -27.48 -99.06 16.31
CA ALA A 509 -26.18 -99.52 15.82
C ALA A 509 -25.77 -98.87 14.48
N GLY A 510 -26.75 -98.33 13.75
CA GLY A 510 -26.48 -97.76 12.44
C GLY A 510 -27.20 -96.45 12.17
N SER A 511 -27.65 -95.79 13.22
CA SER A 511 -28.35 -94.52 13.09
C SER A 511 -27.95 -93.58 14.23
N LYS A 512 -28.02 -94.06 15.47
CA LYS A 512 -27.59 -93.24 16.60
C LYS A 512 -26.09 -92.99 16.49
N GLN A 513 -25.40 -93.81 15.69
CA GLN A 513 -23.99 -93.60 15.40
C GLN A 513 -23.78 -92.21 14.81
N ILE A 514 -24.36 -91.98 13.64
CA ILE A 514 -24.23 -90.71 12.94
C ILE A 514 -24.83 -89.61 13.80
N LEU A 515 -25.98 -89.90 14.42
CA LEU A 515 -26.65 -88.97 15.33
C LEU A 515 -25.67 -88.53 16.40
N LYS A 516 -24.89 -89.48 16.90
CA LYS A 516 -23.88 -89.21 17.91
C LYS A 516 -22.54 -88.80 17.29
N THR A 517 -22.28 -89.29 16.07
CA THR A 517 -21.03 -88.97 15.37
C THR A 517 -21.11 -87.69 14.51
N GLU A 518 -21.47 -87.84 13.24
CA GLU A 518 -21.44 -86.71 12.32
C GLU A 518 -22.68 -85.84 12.43
N ALA A 519 -23.83 -86.48 12.64
CA ALA A 519 -25.06 -85.73 12.81
C ALA A 519 -25.06 -85.07 14.18
N ALA A 520 -24.14 -85.49 15.05
CA ALA A 520 -23.95 -84.81 16.32
C ALA A 520 -23.34 -83.49 15.95
N ASN A 521 -23.63 -82.46 16.73
CA ASN A 521 -23.41 -81.12 16.26
C ASN A 521 -22.00 -80.54 16.34
N VAL A 522 -21.60 -79.95 15.23
CA VAL A 522 -20.41 -79.09 15.15
C VAL A 522 -20.86 -77.62 15.22
N LEU A 523 -22.07 -77.36 14.71
CA LEU A 523 -22.65 -76.01 14.67
C LEU A 523 -22.72 -75.42 16.08
N ASP A 524 -22.92 -74.11 16.19
CA ASP A 524 -22.70 -73.40 17.46
C ASP A 524 -23.94 -73.09 18.32
N PRO A 525 -25.09 -72.75 17.71
CA PRO A 525 -26.29 -72.50 18.52
C PRO A 525 -26.71 -73.66 19.45
N SER A 526 -27.76 -73.42 20.22
CA SER A 526 -28.27 -74.39 21.20
C SER A 526 -28.62 -75.74 20.58
N LEU A 527 -28.80 -75.77 19.26
CA LEU A 527 -29.05 -76.99 18.51
C LEU A 527 -28.12 -78.14 18.92
N ARG A 528 -26.97 -77.79 19.53
CA ARG A 528 -26.04 -78.77 20.08
C ARG A 528 -26.73 -79.83 20.92
N LYS A 529 -27.75 -79.40 21.66
CA LYS A 529 -28.47 -80.30 22.56
C LYS A 529 -29.70 -80.87 21.88
N LEU A 530 -30.46 -79.97 21.24
CA LEU A 530 -31.69 -80.34 20.53
C LEU A 530 -31.49 -81.46 19.50
N ILE A 531 -30.53 -81.27 18.60
CA ILE A 531 -30.29 -82.21 17.50
C ILE A 531 -30.03 -83.63 17.97
N GLU A 532 -29.59 -83.79 19.22
CA GLU A 532 -29.22 -85.09 19.73
C GLU A 532 -30.45 -85.85 20.22
N SER A 533 -31.61 -85.20 20.19
CA SER A 533 -32.85 -85.85 20.60
C SER A 533 -33.68 -86.28 19.38
N GLY A 534 -33.13 -86.09 18.19
CA GLY A 534 -33.79 -86.53 16.97
C GLY A 534 -34.80 -85.52 16.44
N ILE A 535 -34.60 -84.25 16.76
CA ILE A 535 -35.51 -83.19 16.32
C ILE A 535 -34.78 -82.18 15.45
N GLY A 536 -35.53 -81.43 14.65
CA GLY A 536 -34.97 -80.43 13.75
C GLY A 536 -35.58 -79.05 13.92
N THR A 537 -34.78 -78.03 13.60
CA THR A 537 -35.22 -76.65 13.68
C THR A 537 -34.72 -75.84 12.49
N HIS A 538 -35.60 -75.61 11.51
CA HIS A 538 -35.23 -74.81 10.34
C HIS A 538 -35.72 -73.37 10.52
N HIS A 539 -34.99 -72.61 11.32
CA HIS A 539 -35.32 -71.21 11.59
C HIS A 539 -34.72 -70.26 10.55
N ALA A 540 -35.56 -69.40 9.99
CA ALA A 540 -35.08 -68.37 9.07
C ALA A 540 -34.26 -67.35 9.85
N GLY A 541 -32.99 -67.65 10.05
CA GLY A 541 -32.11 -66.82 10.84
C GLY A 541 -30.87 -67.57 11.30
N LEU A 542 -30.89 -68.89 11.18
CA LEU A 542 -29.71 -69.70 11.46
C LEU A 542 -28.68 -69.50 10.36
N THR A 543 -27.43 -69.83 10.67
CA THR A 543 -26.35 -69.76 9.69
C THR A 543 -26.66 -70.71 8.54
N ARG A 544 -26.30 -70.32 7.32
CA ARG A 544 -26.58 -71.12 6.14
C ARG A 544 -26.06 -72.55 6.30
N SER A 545 -24.83 -72.67 6.78
CA SER A 545 -24.19 -73.97 6.99
C SER A 545 -24.98 -74.81 7.99
N ASP A 546 -25.43 -74.17 9.07
CA ASP A 546 -26.25 -74.84 10.07
C ASP A 546 -27.52 -75.38 9.43
N ARG A 547 -28.18 -74.52 8.66
CA ARG A 547 -29.41 -74.88 7.97
C ARG A 547 -29.19 -76.06 7.03
N SER A 548 -28.13 -75.99 6.24
CA SER A 548 -27.76 -77.08 5.33
C SER A 548 -27.56 -78.38 6.09
N LEU A 549 -26.60 -78.37 7.01
CA LEU A 549 -26.29 -79.57 7.80
C LEU A 549 -27.49 -79.99 8.62
N SER A 550 -28.41 -79.06 8.91
CA SER A 550 -29.60 -79.37 9.69
C SER A 550 -30.64 -80.11 8.86
N GLU A 551 -30.99 -79.55 7.69
CA GLU A 551 -32.01 -80.15 6.84
C GLU A 551 -31.50 -81.46 6.23
N ASP A 552 -30.19 -81.54 6.01
CA ASP A 552 -29.60 -82.78 5.54
C ASP A 552 -29.82 -83.94 6.51
N LEU A 553 -30.07 -83.63 7.78
CA LEU A 553 -30.31 -84.65 8.79
C LEU A 553 -31.74 -85.19 8.72
N PHE A 554 -32.69 -84.30 8.45
CA PHE A 554 -34.08 -84.70 8.30
C PHE A 554 -34.23 -85.45 6.98
N ALA A 555 -33.53 -84.99 5.95
CA ALA A 555 -33.57 -85.65 4.65
C ALA A 555 -33.09 -87.10 4.74
N ASP A 556 -32.02 -87.35 5.48
CA ASP A 556 -31.41 -88.68 5.55
C ASP A 556 -32.09 -89.60 6.55
N GLY A 557 -33.20 -89.17 7.13
CA GLY A 557 -34.02 -90.02 7.96
C GLY A 557 -33.60 -90.10 9.43
N LEU A 558 -32.64 -89.27 9.82
CA LEU A 558 -32.15 -89.28 11.20
C LEU A 558 -33.17 -88.60 12.13
N LEU A 559 -33.46 -87.33 11.86
CA LEU A 559 -34.42 -86.59 12.68
C LEU A 559 -35.84 -87.03 12.36
N GLN A 560 -36.61 -87.29 13.41
CA GLN A 560 -37.97 -87.81 13.26
C GLN A 560 -39.02 -86.70 13.17
N VAL A 561 -38.61 -85.49 13.50
CA VAL A 561 -39.51 -84.34 13.47
C VAL A 561 -38.73 -83.07 13.13
N LEU A 562 -39.24 -82.34 12.14
CA LEU A 562 -38.64 -81.06 11.77
C LEU A 562 -39.60 -79.90 12.04
N VAL A 563 -39.23 -79.02 12.96
CA VAL A 563 -39.98 -77.81 13.21
C VAL A 563 -39.36 -76.67 12.41
N CYS A 564 -40.18 -75.85 11.78
CA CYS A 564 -39.65 -74.79 10.92
C CYS A 564 -40.55 -73.57 10.77
N THR A 565 -39.95 -72.51 10.26
CA THR A 565 -40.66 -71.29 9.90
C THR A 565 -41.38 -71.50 8.57
N ALA A 566 -42.23 -70.55 8.21
CA ALA A 566 -43.00 -70.64 6.97
C ALA A 566 -42.08 -70.75 5.75
N THR A 567 -40.91 -70.13 5.84
CA THR A 567 -39.99 -70.01 4.72
C THR A 567 -39.66 -71.33 4.05
N LEU A 568 -39.68 -72.42 4.82
CA LEU A 568 -39.35 -73.73 4.27
C LEU A 568 -40.38 -74.18 3.24
N ALA A 569 -41.60 -73.68 3.35
CA ALA A 569 -42.65 -74.07 2.42
C ALA A 569 -42.40 -73.42 1.06
N TRP A 570 -41.64 -72.34 1.05
CA TRP A 570 -41.41 -71.55 -0.15
C TRP A 570 -40.08 -71.88 -0.81
N GLY A 571 -39.07 -72.17 0.01
CA GLY A 571 -37.73 -72.40 -0.48
C GLY A 571 -37.38 -73.86 -0.74
N VAL A 572 -36.60 -74.43 0.16
CA VAL A 572 -36.09 -75.78 0.01
C VAL A 572 -37.19 -76.82 -0.09
N ASN A 573 -37.05 -77.72 -1.08
CA ASN A 573 -37.98 -78.83 -1.25
C ASN A 573 -37.61 -80.01 -0.36
N LEU A 574 -38.16 -80.04 0.85
CA LEU A 574 -37.89 -81.10 1.81
C LEU A 574 -39.20 -81.75 2.28
N PRO A 575 -39.65 -82.79 1.55
CA PRO A 575 -40.93 -83.41 1.89
C PRO A 575 -40.92 -84.19 3.20
N ALA A 576 -42.10 -84.41 3.75
CA ALA A 576 -42.29 -85.25 4.93
C ALA A 576 -43.62 -85.98 4.83
N HIS A 577 -43.76 -87.08 5.56
CA HIS A 577 -45.00 -87.87 5.52
C HIS A 577 -46.18 -87.09 6.08
N THR A 578 -46.03 -86.61 7.32
CA THR A 578 -47.09 -85.85 7.97
C THR A 578 -46.65 -84.41 8.25
N VAL A 579 -47.56 -83.46 7.96
CA VAL A 579 -47.30 -82.05 8.23
C VAL A 579 -48.29 -81.54 9.27
N ILE A 580 -47.80 -80.77 10.22
CA ILE A 580 -48.64 -80.20 11.28
C ILE A 580 -48.48 -78.68 11.34
N ILE A 581 -49.61 -77.99 11.38
CA ILE A 581 -49.62 -76.52 11.48
C ILE A 581 -50.02 -76.04 12.89
N LYS A 582 -49.06 -75.45 13.59
CA LYS A 582 -49.34 -74.85 14.91
C LYS A 582 -49.43 -73.33 14.78
N GLY A 583 -50.36 -72.74 15.54
CA GLY A 583 -50.48 -71.31 15.62
C GLY A 583 -51.55 -70.73 14.71
N THR A 584 -51.22 -70.61 13.42
CA THR A 584 -52.13 -70.11 12.39
C THR A 584 -52.44 -68.62 12.55
N ASP A 585 -52.75 -68.18 13.76
CA ASP A 585 -52.97 -66.77 14.02
C ASP A 585 -51.63 -66.03 14.00
N VAL A 586 -51.40 -65.24 12.96
CA VAL A 586 -50.11 -64.59 12.74
C VAL A 586 -50.22 -63.07 12.76
N TYR A 587 -49.10 -62.41 13.05
CA TYR A 587 -49.07 -60.96 13.14
C TYR A 587 -48.71 -60.31 11.81
N SER A 588 -49.40 -59.21 11.50
CA SER A 588 -49.19 -58.48 10.24
C SER A 588 -49.00 -56.99 10.51
N PRO A 589 -47.74 -56.50 10.48
CA PRO A 589 -47.45 -55.08 10.71
C PRO A 589 -48.25 -54.11 9.84
N GLU A 590 -48.60 -54.53 8.63
CA GLU A 590 -49.38 -53.69 7.72
C GLU A 590 -50.69 -53.25 8.36
N LYS A 591 -51.30 -54.15 9.15
CA LYS A 591 -52.57 -53.87 9.80
C LYS A 591 -52.38 -53.61 11.29
N GLY A 592 -51.13 -53.71 11.75
CA GLY A 592 -50.81 -53.41 13.13
C GLY A 592 -51.50 -54.36 14.10
N SER A 593 -51.89 -55.52 13.61
CA SER A 593 -52.62 -56.48 14.42
C SER A 593 -52.39 -57.91 13.93
N TRP A 594 -53.26 -58.82 14.35
CA TRP A 594 -53.14 -60.23 13.99
C TRP A 594 -54.24 -60.65 13.02
N GLU A 595 -53.92 -61.62 12.17
CA GLU A 595 -54.89 -62.22 11.26
C GLU A 595 -54.58 -63.70 11.07
N GLN A 596 -55.57 -64.45 10.60
CA GLN A 596 -55.39 -65.88 10.37
C GLN A 596 -54.43 -66.11 9.21
N LEU A 597 -53.72 -67.23 9.27
CA LEU A 597 -52.74 -67.58 8.25
C LEU A 597 -53.40 -67.57 6.87
N SER A 598 -52.74 -66.97 5.89
CA SER A 598 -53.32 -66.83 4.57
C SER A 598 -53.46 -68.19 3.89
N PRO A 599 -54.48 -68.36 3.02
CA PRO A 599 -54.69 -69.62 2.31
C PRO A 599 -53.47 -70.11 1.54
N GLN A 600 -52.79 -69.20 0.85
CA GLN A 600 -51.64 -69.56 0.03
C GLN A 600 -50.53 -70.18 0.88
N ASP A 601 -50.31 -69.62 2.07
CA ASP A 601 -49.29 -70.14 2.97
C ASP A 601 -49.67 -71.55 3.43
N VAL A 602 -50.95 -71.76 3.75
CA VAL A 602 -51.43 -73.07 4.14
C VAL A 602 -51.20 -74.08 3.02
N LEU A 603 -51.66 -73.73 1.83
CA LEU A 603 -51.51 -74.61 0.67
C LEU A 603 -50.04 -74.92 0.41
N GLN A 604 -49.22 -73.88 0.46
CA GLN A 604 -47.79 -74.00 0.21
C GLN A 604 -47.15 -74.91 1.26
N MET A 605 -47.55 -74.73 2.52
CA MET A 605 -47.07 -75.58 3.61
C MET A 605 -47.47 -77.03 3.37
N LEU A 606 -48.73 -77.23 2.99
CA LEU A 606 -49.21 -78.58 2.68
C LEU A 606 -48.54 -79.07 1.40
N GLY A 607 -47.99 -78.14 0.61
CA GLY A 607 -47.17 -78.49 -0.53
C GLY A 607 -45.98 -79.37 -0.19
N ARG A 608 -45.69 -79.53 1.10
CA ARG A 608 -44.58 -80.37 1.55
C ARG A 608 -45.09 -81.66 2.21
N ALA A 609 -46.37 -81.96 2.00
CA ALA A 609 -46.98 -83.15 2.60
C ALA A 609 -46.78 -84.39 1.75
N GLY A 610 -46.30 -85.46 2.37
CA GLY A 610 -46.18 -86.75 1.71
C GLY A 610 -44.89 -86.94 0.93
N ARG A 611 -44.65 -88.19 0.52
CA ARG A 611 -43.51 -88.55 -0.32
C ARG A 611 -43.99 -89.50 -1.41
N PRO A 612 -44.18 -88.99 -2.65
CA PRO A 612 -44.75 -89.75 -3.76
C PRO A 612 -44.18 -91.16 -3.98
N ARG A 613 -42.87 -91.28 -4.11
CA ARG A 613 -42.26 -92.57 -4.45
C ARG A 613 -42.22 -93.52 -3.25
N TYR A 614 -42.16 -92.96 -2.05
CA TYR A 614 -41.90 -93.75 -0.85
C TYR A 614 -43.20 -94.06 -0.10
N ASP A 615 -44.10 -93.09 -0.07
CA ASP A 615 -45.34 -93.22 0.69
C ASP A 615 -46.54 -93.48 -0.22
N THR A 616 -47.49 -94.26 0.29
CA THR A 616 -48.73 -94.55 -0.41
C THR A 616 -49.74 -93.43 -0.15
N PHE A 617 -49.57 -92.76 0.98
CA PHE A 617 -50.41 -91.61 1.35
C PHE A 617 -49.65 -90.67 2.27
N GLY A 618 -50.03 -89.39 2.24
CA GLY A 618 -49.44 -88.38 3.10
C GLY A 618 -50.50 -87.90 4.06
N GLU A 619 -50.19 -86.90 4.87
CA GLU A 619 -51.17 -86.40 5.83
C GLU A 619 -50.90 -84.98 6.29
N GLY A 620 -51.97 -84.20 6.40
CA GLY A 620 -51.91 -82.83 6.87
C GLY A 620 -52.78 -82.64 8.09
N ILE A 621 -52.24 -81.97 9.09
CA ILE A 621 -52.95 -81.74 10.35
C ILE A 621 -52.82 -80.27 10.76
N ILE A 622 -53.93 -79.68 11.18
CA ILE A 622 -53.97 -78.27 11.53
C ILE A 622 -54.42 -78.06 12.97
N ILE A 623 -53.75 -77.13 13.65
CA ILE A 623 -54.11 -76.71 14.99
C ILE A 623 -54.60 -75.28 14.93
N THR A 624 -55.89 -75.07 15.19
CA THR A 624 -56.48 -73.74 15.12
C THR A 624 -57.65 -73.61 16.09
N ASP A 625 -58.16 -72.39 16.23
CA ASP A 625 -59.27 -72.14 17.13
C ASP A 625 -60.60 -72.52 16.48
N GLN A 626 -61.58 -72.87 17.31
CA GLN A 626 -62.88 -73.29 16.80
C GLN A 626 -63.61 -72.16 16.09
N SER A 627 -63.10 -70.94 16.22
CA SER A 627 -63.68 -69.80 15.50
C SER A 627 -63.28 -69.87 14.03
N ASN A 628 -62.16 -70.51 13.75
CA ASN A 628 -61.65 -70.66 12.39
C ASN A 628 -62.27 -71.85 11.64
N VAL A 629 -62.33 -73.00 12.32
CA VAL A 629 -62.84 -74.27 11.77
C VAL A 629 -63.12 -74.31 10.26
N GLN A 630 -64.24 -73.72 9.86
CA GLN A 630 -64.74 -73.88 8.49
C GLN A 630 -63.88 -73.17 7.45
N TYR A 631 -63.22 -72.10 7.86
CA TYR A 631 -62.44 -71.29 6.93
C TYR A 631 -61.30 -72.11 6.29
N TYR A 632 -60.45 -72.69 7.13
CA TYR A 632 -59.34 -73.48 6.63
C TYR A 632 -59.84 -74.71 5.89
N LEU A 633 -61.04 -75.17 6.25
CA LEU A 633 -61.69 -76.24 5.51
C LEU A 633 -62.11 -75.76 4.13
N SER A 634 -62.64 -74.54 4.07
CA SER A 634 -63.12 -73.97 2.83
C SER A 634 -61.93 -73.76 1.91
N VAL A 635 -60.78 -73.46 2.51
CA VAL A 635 -59.53 -73.40 1.76
C VAL A 635 -59.13 -74.78 1.23
N LEU A 636 -59.19 -75.80 2.09
CA LEU A 636 -58.67 -77.13 1.75
C LEU A 636 -59.73 -78.10 1.23
N ASN A 637 -60.79 -77.58 0.64
CA ASN A 637 -61.79 -78.45 0.02
C ASN A 637 -62.64 -77.73 -1.03
N GLN A 638 -62.02 -76.80 -1.74
CA GLN A 638 -62.62 -76.20 -2.94
C GLN A 638 -63.90 -75.43 -2.64
N GLN A 639 -63.83 -74.49 -1.70
CA GLN A 639 -64.98 -73.65 -1.36
C GLN A 639 -64.61 -72.15 -1.38
N LEU A 640 -63.36 -71.84 -1.04
CA LEU A 640 -62.93 -70.45 -1.00
C LEU A 640 -63.03 -69.83 -2.40
N PRO A 641 -63.83 -68.75 -2.54
CA PRO A 641 -63.97 -68.11 -3.86
C PRO A 641 -62.83 -67.15 -4.18
N ILE A 642 -62.56 -66.98 -5.47
CA ILE A 642 -61.55 -66.04 -5.93
C ILE A 642 -62.23 -64.73 -6.34
N GLU A 643 -62.23 -63.76 -5.44
CA GLU A 643 -62.83 -62.45 -5.70
C GLU A 643 -61.74 -61.41 -5.94
N SER A 644 -62.07 -60.35 -6.66
CA SER A 644 -61.07 -59.33 -7.00
C SER A 644 -60.93 -58.29 -5.88
N GLN A 645 -59.69 -57.90 -5.61
CA GLN A 645 -59.39 -56.85 -4.64
C GLN A 645 -58.91 -55.58 -5.35
N PHE A 646 -59.10 -55.55 -6.66
CA PHE A 646 -58.55 -54.49 -7.51
C PHE A 646 -58.90 -53.10 -7.00
N VAL A 647 -60.17 -52.92 -6.65
CA VAL A 647 -60.70 -51.63 -6.18
C VAL A 647 -59.74 -50.98 -5.18
N SER A 648 -59.31 -51.78 -4.21
CA SER A 648 -58.43 -51.32 -3.14
C SER A 648 -57.28 -50.44 -3.63
N LYS A 649 -56.72 -50.76 -4.79
CA LYS A 649 -55.58 -50.01 -5.33
C LYS A 649 -55.89 -49.46 -6.72
N LEU A 650 -57.17 -49.47 -7.09
CA LEU A 650 -57.59 -49.05 -8.42
C LEU A 650 -57.02 -47.69 -8.78
N VAL A 651 -57.08 -46.76 -7.83
CA VAL A 651 -56.55 -45.42 -8.01
C VAL A 651 -55.08 -45.43 -8.39
N ASP A 652 -54.32 -46.41 -7.87
CA ASP A 652 -52.89 -46.45 -8.11
C ASP A 652 -52.60 -47.00 -9.51
N ASN A 653 -53.27 -48.09 -9.85
CA ASN A 653 -53.07 -48.73 -11.15
C ASN A 653 -53.58 -47.85 -12.29
N LEU A 654 -54.61 -47.06 -12.00
CA LEU A 654 -55.14 -46.13 -13.00
C LEU A 654 -54.11 -45.05 -13.29
N ASN A 655 -53.57 -44.47 -12.21
CA ASN A 655 -52.53 -43.45 -12.33
C ASN A 655 -51.39 -43.91 -13.22
N ALA A 656 -50.92 -45.13 -12.98
CA ALA A 656 -49.82 -45.70 -13.74
C ALA A 656 -50.10 -45.70 -15.24
N GLU A 657 -51.32 -46.09 -15.61
CA GLU A 657 -51.70 -46.15 -17.01
C GLU A 657 -51.82 -44.77 -17.65
N VAL A 658 -52.32 -43.80 -16.87
CA VAL A 658 -52.44 -42.43 -17.35
C VAL A 658 -51.05 -41.87 -17.63
N VAL A 659 -50.08 -42.20 -16.78
CA VAL A 659 -48.70 -41.81 -16.95
C VAL A 659 -48.13 -42.35 -18.26
N ALA A 660 -48.50 -43.58 -18.59
CA ALA A 660 -48.00 -44.23 -19.79
C ALA A 660 -48.55 -43.60 -21.07
N GLY A 661 -49.52 -42.72 -20.91
CA GLY A 661 -50.14 -42.05 -22.05
C GLY A 661 -51.18 -42.95 -22.71
N ASN A 662 -51.55 -44.02 -22.01
CA ASN A 662 -52.54 -44.96 -22.52
C ASN A 662 -53.97 -44.53 -22.19
N ILE A 663 -54.09 -43.47 -21.38
CA ILE A 663 -55.39 -42.92 -21.01
C ILE A 663 -55.39 -41.40 -21.11
N LYS A 664 -56.29 -40.87 -21.94
CA LYS A 664 -56.42 -39.43 -22.13
C LYS A 664 -57.86 -38.96 -21.94
N CYS A 665 -58.79 -39.92 -21.91
CA CYS A 665 -60.18 -39.64 -21.59
C CYS A 665 -60.76 -40.81 -20.81
N ARG A 666 -61.97 -40.63 -20.32
CA ARG A 666 -62.62 -41.64 -19.47
C ARG A 666 -62.79 -42.99 -20.19
N ASN A 667 -63.22 -42.94 -21.45
CA ASN A 667 -63.52 -44.17 -22.19
C ASN A 667 -62.29 -45.05 -22.39
N ASP A 668 -61.11 -44.44 -22.32
CA ASP A 668 -59.87 -45.20 -22.38
C ASP A 668 -59.76 -46.10 -21.16
N ALA A 669 -60.04 -45.52 -19.99
CA ALA A 669 -60.05 -46.27 -18.74
C ALA A 669 -61.19 -47.26 -18.74
N VAL A 670 -62.35 -46.84 -19.23
CA VAL A 670 -63.51 -47.72 -19.37
C VAL A 670 -63.11 -48.97 -20.15
N ASN A 671 -62.45 -48.79 -21.28
CA ASN A 671 -61.99 -49.91 -22.09
C ASN A 671 -60.85 -50.67 -21.40
N TRP A 672 -60.00 -49.93 -20.69
CA TRP A 672 -58.90 -50.55 -19.94
C TRP A 672 -59.42 -51.53 -18.89
N LEU A 673 -60.47 -51.14 -18.18
CA LEU A 673 -61.05 -51.99 -17.13
C LEU A 673 -61.61 -53.31 -17.65
N ALA A 674 -61.92 -53.37 -18.94
CA ALA A 674 -62.54 -54.55 -19.53
C ALA A 674 -61.63 -55.78 -19.50
N TYR A 675 -60.33 -55.55 -19.26
CA TYR A 675 -59.35 -56.62 -19.27
C TYR A 675 -58.97 -57.04 -17.84
N THR A 676 -59.81 -56.68 -16.89
CA THR A 676 -59.56 -57.00 -15.48
C THR A 676 -60.43 -58.15 -15.00
N TYR A 677 -59.96 -58.85 -13.96
CA TYR A 677 -60.70 -59.95 -13.36
C TYR A 677 -61.94 -59.43 -12.64
N LEU A 678 -61.78 -58.26 -12.02
CA LEU A 678 -62.87 -57.54 -11.36
C LEU A 678 -64.09 -57.45 -12.27
N TYR A 679 -63.85 -56.96 -13.48
CA TYR A 679 -64.89 -56.79 -14.49
C TYR A 679 -65.68 -58.08 -14.71
N VAL A 680 -64.96 -59.15 -15.03
CA VAL A 680 -65.58 -60.45 -15.28
C VAL A 680 -66.35 -60.93 -14.05
N ARG A 681 -65.75 -60.77 -12.87
CA ARG A 681 -66.41 -61.24 -11.65
C ARG A 681 -67.62 -60.37 -11.32
N MET A 682 -67.59 -59.11 -11.70
CA MET A 682 -68.76 -58.25 -11.53
C MET A 682 -69.86 -58.69 -12.48
N LEU A 683 -69.49 -58.97 -13.72
CA LEU A 683 -70.44 -59.52 -14.69
C LEU A 683 -71.06 -60.82 -14.19
N ALA A 684 -70.20 -61.73 -13.72
CA ALA A 684 -70.66 -63.03 -13.26
C ALA A 684 -71.50 -62.90 -11.99
N SER A 685 -71.10 -61.98 -11.12
CA SER A 685 -71.75 -61.82 -9.83
C SER A 685 -71.82 -60.35 -9.40
N PRO A 686 -72.89 -59.64 -9.82
CA PRO A 686 -73.04 -58.24 -9.45
C PRO A 686 -73.49 -58.03 -8.00
N MET A 687 -74.11 -59.04 -7.41
CA MET A 687 -74.66 -58.92 -6.06
C MET A 687 -73.58 -58.96 -4.97
N LEU A 688 -72.39 -59.44 -5.33
CA LEU A 688 -71.30 -59.56 -4.35
C LEU A 688 -70.35 -58.37 -4.45
N TYR A 689 -70.32 -57.74 -5.62
CA TYR A 689 -69.47 -56.57 -5.83
C TYR A 689 -70.30 -55.30 -5.71
N LYS A 690 -71.59 -55.47 -5.40
CA LYS A 690 -72.50 -54.36 -5.13
C LYS A 690 -72.70 -53.42 -6.30
N VAL A 691 -72.94 -53.97 -7.49
CA VAL A 691 -73.29 -53.15 -8.63
C VAL A 691 -74.79 -52.89 -8.55
N PRO A 692 -75.20 -51.60 -8.62
CA PRO A 692 -76.64 -51.34 -8.51
C PRO A 692 -77.44 -51.85 -9.71
N ASP A 693 -77.02 -51.47 -10.91
CA ASP A 693 -77.81 -51.72 -12.10
C ASP A 693 -77.03 -52.38 -13.24
N ILE A 694 -77.15 -53.71 -13.33
CA ILE A 694 -76.59 -54.45 -14.45
C ILE A 694 -77.73 -54.68 -15.45
N SER A 695 -78.95 -54.50 -14.97
CA SER A 695 -80.16 -54.58 -15.78
C SER A 695 -80.11 -53.68 -17.01
N SER A 696 -79.78 -52.41 -16.80
CA SER A 696 -79.65 -51.46 -17.89
C SER A 696 -78.30 -51.58 -18.61
N ASP A 697 -77.24 -51.74 -17.84
CA ASP A 697 -75.89 -51.61 -18.38
C ASP A 697 -75.24 -52.92 -18.87
N GLY A 698 -75.84 -54.05 -18.52
CA GLY A 698 -75.32 -55.40 -18.81
C GLY A 698 -73.86 -55.63 -19.22
N GLN A 699 -73.26 -54.70 -19.95
CA GLN A 699 -71.83 -54.71 -20.23
C GLN A 699 -71.03 -53.96 -19.16
N LEU A 700 -71.73 -53.27 -18.27
CA LEU A 700 -71.10 -52.50 -17.19
C LEU A 700 -70.27 -51.34 -17.74
N LYS A 701 -70.83 -50.63 -18.71
CA LYS A 701 -70.21 -49.44 -19.29
C LYS A 701 -70.39 -48.24 -18.37
N LYS A 702 -71.64 -47.94 -18.03
CA LYS A 702 -71.98 -46.79 -17.18
C LYS A 702 -71.26 -46.86 -15.84
N PHE A 703 -71.28 -48.06 -15.26
CA PHE A 703 -70.62 -48.32 -13.98
C PHE A 703 -69.14 -48.03 -14.09
N ARG A 704 -68.52 -48.57 -15.13
CA ARG A 704 -67.10 -48.33 -15.39
C ARG A 704 -66.81 -46.83 -15.54
N GLU A 705 -67.65 -46.13 -16.30
CA GLU A 705 -67.49 -44.68 -16.43
C GLU A 705 -67.52 -44.00 -15.06
N SER A 706 -68.52 -44.34 -14.26
CA SER A 706 -68.67 -43.77 -12.93
C SER A 706 -67.44 -44.03 -12.06
N LEU A 707 -67.03 -45.29 -12.00
CA LEU A 707 -65.87 -45.68 -11.20
C LEU A 707 -64.60 -44.97 -11.67
N VAL A 708 -64.39 -44.99 -12.98
CA VAL A 708 -63.24 -44.32 -13.59
C VAL A 708 -63.20 -42.86 -13.18
N HIS A 709 -64.30 -42.14 -13.39
CA HIS A 709 -64.35 -40.74 -12.99
C HIS A 709 -64.09 -40.60 -11.49
N SER A 710 -64.72 -41.47 -10.72
CA SER A 710 -64.62 -41.43 -9.26
C SER A 710 -63.17 -41.57 -8.77
N ALA A 711 -62.39 -42.44 -9.38
CA ALA A 711 -60.97 -42.52 -9.05
C ALA A 711 -60.19 -41.33 -9.63
N LEU A 712 -60.48 -41.04 -10.89
CA LEU A 712 -59.76 -40.02 -11.64
C LEU A 712 -59.83 -38.65 -10.96
N CYS A 713 -60.99 -38.31 -10.40
CA CYS A 713 -61.14 -37.03 -9.71
C CYS A 713 -60.41 -37.02 -8.37
N ILE A 714 -60.23 -38.20 -7.76
CA ILE A 714 -59.39 -38.29 -6.58
C ILE A 714 -57.96 -37.99 -6.99
N LEU A 715 -57.51 -38.62 -8.08
CA LEU A 715 -56.20 -38.31 -8.63
C LEU A 715 -56.11 -36.83 -9.02
N LYS A 716 -57.22 -36.26 -9.48
CA LYS A 716 -57.27 -34.83 -9.79
C LYS A 716 -57.02 -33.99 -8.54
N GLU A 717 -57.83 -34.22 -7.51
CA GLU A 717 -57.78 -33.38 -6.31
C GLU A 717 -56.48 -33.55 -5.53
N GLN A 718 -55.78 -34.66 -5.75
CA GLN A 718 -54.52 -34.92 -5.06
C GLN A 718 -53.31 -34.47 -5.90
N GLU A 719 -53.58 -33.80 -7.01
CA GLU A 719 -52.54 -33.23 -7.85
C GLU A 719 -51.60 -34.29 -8.42
N LEU A 720 -52.14 -35.49 -8.66
CA LEU A 720 -51.39 -36.54 -9.34
C LEU A 720 -51.51 -36.34 -10.84
N VAL A 721 -52.75 -36.17 -11.29
CA VAL A 721 -53.03 -35.90 -12.70
C VAL A 721 -53.87 -34.63 -12.81
N LEU A 722 -53.89 -34.05 -14.01
CA LEU A 722 -54.72 -32.89 -14.30
C LEU A 722 -55.87 -33.35 -15.16
N TYR A 723 -57.09 -33.03 -14.75
CA TYR A 723 -58.29 -33.61 -15.34
C TYR A 723 -59.36 -32.56 -15.56
N ASP A 724 -59.83 -32.43 -16.80
CA ASP A 724 -60.96 -31.56 -17.09
C ASP A 724 -62.22 -32.42 -17.03
N ALA A 725 -62.92 -32.35 -15.91
CA ALA A 725 -64.08 -33.18 -15.65
C ALA A 725 -65.13 -33.11 -16.76
N GLU A 726 -65.45 -31.89 -17.18
CA GLU A 726 -66.52 -31.67 -18.14
C GLU A 726 -66.10 -32.09 -19.55
N ASN A 727 -65.04 -31.49 -20.06
CA ASN A 727 -64.60 -31.67 -21.44
C ASN A 727 -63.82 -32.96 -21.72
N ASP A 728 -63.53 -33.72 -20.68
CA ASP A 728 -62.86 -35.02 -20.81
C ASP A 728 -61.46 -34.94 -21.43
N VAL A 729 -60.50 -34.51 -20.62
CA VAL A 729 -59.10 -34.57 -21.02
C VAL A 729 -58.25 -34.76 -19.76
N ILE A 730 -57.27 -35.66 -19.86
CA ILE A 730 -56.43 -36.06 -18.75
C ILE A 730 -54.96 -35.85 -19.10
N GLU A 731 -54.19 -35.28 -18.16
CA GLU A 731 -52.76 -35.07 -18.36
C GLU A 731 -51.99 -35.36 -17.08
N ALA A 732 -51.14 -36.38 -17.11
CA ALA A 732 -50.34 -36.75 -15.95
C ALA A 732 -49.34 -35.65 -15.62
N THR A 733 -49.01 -35.51 -14.33
CA THR A 733 -48.04 -34.52 -13.88
C THR A 733 -46.79 -35.20 -13.30
N ASP A 734 -45.83 -34.39 -12.89
CA ASP A 734 -44.59 -34.89 -12.29
C ASP A 734 -44.88 -35.87 -11.16
N LEU A 735 -45.79 -35.47 -10.27
CA LEU A 735 -46.12 -36.26 -9.10
C LEU A 735 -46.68 -37.62 -9.51
N GLY A 736 -47.49 -37.64 -10.56
CA GLY A 736 -48.04 -38.89 -11.07
C GLY A 736 -46.94 -39.79 -11.60
N ASN A 737 -46.01 -39.21 -12.35
CA ASN A 737 -44.88 -39.95 -12.88
C ASN A 737 -44.06 -40.55 -11.75
N ILE A 738 -43.73 -39.73 -10.76
CA ILE A 738 -43.00 -40.20 -9.60
C ILE A 738 -43.81 -41.27 -8.86
N ALA A 739 -45.12 -41.08 -8.78
CA ALA A 739 -45.99 -42.02 -8.08
C ALA A 739 -45.98 -43.38 -8.76
N SER A 740 -46.13 -43.38 -10.08
CA SER A 740 -46.20 -44.63 -10.83
C SER A 740 -44.84 -45.31 -11.00
N SER A 741 -43.81 -44.51 -11.30
CA SER A 741 -42.51 -45.06 -11.67
C SER A 741 -41.69 -45.54 -10.47
N PHE A 742 -42.02 -45.04 -9.28
CA PHE A 742 -41.33 -45.44 -8.05
C PHE A 742 -42.24 -46.33 -7.19
N TYR A 743 -43.39 -46.71 -7.74
CA TYR A 743 -44.29 -47.66 -7.11
C TYR A 743 -44.72 -47.23 -5.71
N ILE A 744 -45.26 -46.02 -5.62
CA ILE A 744 -45.68 -45.45 -4.35
C ILE A 744 -47.20 -45.32 -4.29
N ASN A 745 -47.77 -45.55 -3.11
CA ASN A 745 -49.19 -45.39 -2.91
C ASN A 745 -49.59 -43.91 -2.95
N HIS A 746 -50.68 -43.61 -3.65
CA HIS A 746 -51.12 -42.24 -3.89
C HIS A 746 -51.20 -41.39 -2.61
N ALA A 747 -51.68 -42.00 -1.54
CA ALA A 747 -51.88 -41.31 -0.28
C ALA A 747 -50.56 -40.76 0.25
N SER A 748 -49.54 -41.61 0.28
CA SER A 748 -48.22 -41.22 0.72
C SER A 748 -47.71 -40.06 -0.13
N MET A 749 -47.88 -40.19 -1.45
CA MET A 749 -47.46 -39.16 -2.39
C MET A 749 -48.16 -37.84 -2.08
N ASP A 750 -49.47 -37.92 -1.77
CA ASP A 750 -50.22 -36.74 -1.36
C ASP A 750 -49.62 -36.13 -0.10
N VAL A 751 -49.40 -36.97 0.90
CA VAL A 751 -48.79 -36.54 2.16
C VAL A 751 -47.46 -35.82 1.89
N TYR A 752 -46.60 -36.44 1.08
CA TYR A 752 -45.32 -35.84 0.76
C TYR A 752 -45.52 -34.50 0.03
N ASN A 753 -46.43 -34.48 -0.93
CA ASN A 753 -46.71 -33.25 -1.67
C ASN A 753 -47.15 -32.12 -0.76
N ARG A 754 -48.05 -32.43 0.17
CA ARG A 754 -48.67 -31.40 1.00
C ARG A 754 -47.84 -31.00 2.24
N GLU A 755 -47.17 -31.97 2.86
CA GLU A 755 -46.44 -31.73 4.10
C GLU A 755 -45.05 -31.13 3.87
N LEU A 756 -44.47 -31.46 2.72
CA LEU A 756 -43.07 -31.15 2.45
C LEU A 756 -42.86 -29.70 2.02
N ASP A 757 -42.25 -28.91 2.91
CA ASP A 757 -41.91 -27.53 2.61
C ASP A 757 -40.56 -27.42 1.92
N GLU A 758 -40.29 -26.26 1.34
CA GLU A 758 -38.97 -25.95 0.80
C GLU A 758 -37.99 -25.62 1.93
N HIS A 759 -38.55 -25.25 3.08
CA HIS A 759 -37.75 -24.89 4.24
C HIS A 759 -37.49 -26.09 5.16
N THR A 760 -37.98 -27.26 4.76
CA THR A 760 -37.89 -28.46 5.57
C THR A 760 -36.46 -28.84 5.93
N THR A 761 -36.24 -29.10 7.22
CA THR A 761 -34.94 -29.52 7.72
C THR A 761 -35.01 -30.97 8.19
N GLN A 762 -33.86 -31.54 8.49
CA GLN A 762 -33.72 -32.95 8.88
C GLN A 762 -34.81 -33.46 9.81
N ILE A 763 -35.11 -32.70 10.86
CA ILE A 763 -35.99 -33.17 11.92
C ILE A 763 -37.43 -33.40 11.44
N ASP A 764 -37.90 -32.56 10.53
CA ASP A 764 -39.26 -32.67 10.01
C ASP A 764 -39.40 -33.85 9.04
N LEU A 765 -38.32 -34.13 8.31
CA LEU A 765 -38.35 -35.16 7.27
C LEU A 765 -38.73 -36.53 7.82
N PHE A 766 -38.25 -36.85 9.02
CA PHE A 766 -38.59 -38.12 9.65
C PHE A 766 -40.08 -38.19 9.95
N ARG A 767 -40.64 -37.08 10.43
CA ARG A 767 -42.07 -37.02 10.71
C ARG A 767 -42.85 -37.16 9.41
N ILE A 768 -42.41 -36.44 8.37
CA ILE A 768 -43.04 -36.55 7.06
C ILE A 768 -43.00 -38.01 6.59
N PHE A 769 -41.86 -38.66 6.79
CA PHE A 769 -41.73 -40.07 6.47
C PHE A 769 -42.73 -40.91 7.24
N SER A 770 -42.80 -40.70 8.55
CA SER A 770 -43.68 -41.48 9.41
C SER A 770 -45.15 -41.41 9.01
N MET A 771 -45.59 -40.26 8.52
CA MET A 771 -47.01 -40.05 8.22
C MET A 771 -47.48 -40.83 6.98
N SER A 772 -46.59 -41.59 6.37
CA SER A 772 -46.89 -42.31 5.14
C SER A 772 -48.03 -43.31 5.30
N GLU A 773 -48.72 -43.57 4.19
CA GLU A 773 -49.81 -44.55 4.14
C GLU A 773 -49.33 -45.93 4.57
N GLU A 774 -48.04 -46.20 4.39
CA GLU A 774 -47.49 -47.51 4.70
C GLU A 774 -47.49 -47.76 6.21
N PHE A 775 -47.50 -46.69 6.99
CA PHE A 775 -47.50 -46.78 8.45
C PHE A 775 -48.85 -46.35 9.02
N LYS A 776 -49.90 -46.56 8.24
CA LYS A 776 -51.25 -46.14 8.58
C LYS A 776 -51.72 -46.71 9.92
N TYR A 777 -51.49 -47.99 10.13
CA TYR A 777 -52.03 -48.71 11.29
C TYR A 777 -50.99 -49.06 12.35
N VAL A 778 -49.88 -48.33 12.37
CA VAL A 778 -48.82 -48.58 13.35
C VAL A 778 -49.31 -48.29 14.77
N SER A 779 -49.81 -49.31 15.45
CA SER A 779 -50.31 -49.16 16.81
C SER A 779 -49.18 -49.14 17.84
N VAL A 780 -49.17 -48.09 18.66
CA VAL A 780 -48.22 -48.00 19.76
C VAL A 780 -48.75 -48.75 20.97
N ARG A 781 -48.48 -50.06 21.00
CA ARG A 781 -48.89 -50.90 22.12
C ARG A 781 -48.18 -50.50 23.41
N TYR A 782 -48.92 -50.50 24.52
CA TYR A 782 -48.37 -50.03 25.79
C TYR A 782 -47.28 -50.95 26.30
N GLU A 783 -47.41 -52.25 26.00
CA GLU A 783 -46.37 -53.23 26.34
C GLU A 783 -45.01 -52.73 25.86
N GLU A 784 -45.02 -52.08 24.69
CA GLU A 784 -43.80 -51.59 24.08
C GLU A 784 -43.37 -50.24 24.64
N LYS A 785 -44.28 -49.56 25.32
CA LYS A 785 -44.08 -48.15 25.69
C LYS A 785 -42.79 -47.93 26.48
N ARG A 786 -42.51 -48.82 27.43
CA ARG A 786 -41.32 -48.70 28.26
C ARG A 786 -40.05 -48.76 27.40
N GLU A 787 -39.94 -49.84 26.64
CA GLU A 787 -38.75 -50.09 25.82
C GLU A 787 -38.54 -48.98 24.80
N LEU A 788 -39.63 -48.49 24.22
CA LEU A 788 -39.56 -47.41 23.23
C LEU A 788 -39.07 -46.13 23.88
N LYS A 789 -39.70 -45.75 24.99
CA LYS A 789 -39.37 -44.52 25.69
C LYS A 789 -37.89 -44.46 26.06
N GLN A 790 -37.31 -45.62 26.33
CA GLN A 790 -35.88 -45.70 26.61
C GLN A 790 -35.07 -45.21 25.42
N LEU A 791 -35.55 -45.49 24.22
CA LEU A 791 -34.87 -45.04 23.01
C LEU A 791 -35.20 -43.58 22.72
N LEU A 792 -36.50 -43.28 22.74
CA LEU A 792 -37.00 -41.94 22.44
C LEU A 792 -36.32 -40.85 23.26
N GLU A 793 -35.99 -41.17 24.50
CA GLU A 793 -35.27 -40.26 25.38
C GLU A 793 -33.94 -39.83 24.79
N LYS A 794 -33.25 -40.78 24.17
CA LYS A 794 -31.85 -40.62 23.82
C LYS A 794 -31.60 -40.68 22.31
N ALA A 795 -32.62 -40.36 21.53
CA ALA A 795 -32.52 -40.31 20.07
C ALA A 795 -31.56 -39.21 19.62
N PRO A 796 -30.81 -39.44 18.52
CA PRO A 796 -29.85 -38.46 18.04
C PRO A 796 -30.49 -37.31 17.27
N ILE A 797 -31.71 -37.51 16.78
CA ILE A 797 -32.44 -36.49 16.05
C ILE A 797 -33.79 -36.22 16.74
N PRO A 798 -34.01 -34.97 17.20
CA PRO A 798 -35.21 -34.60 17.97
C PRO A 798 -36.53 -35.15 17.41
N ILE A 799 -37.41 -35.59 18.31
CA ILE A 799 -38.74 -36.05 17.96
C ILE A 799 -39.77 -35.28 18.78
N ARG A 800 -40.55 -34.42 18.12
CA ARG A 800 -41.50 -33.57 18.82
C ARG A 800 -42.76 -34.34 19.24
N GLU A 801 -42.92 -35.54 18.70
CA GLU A 801 -44.12 -36.33 18.96
C GLU A 801 -43.99 -37.08 20.28
N ASP A 802 -45.10 -37.27 20.96
CA ASP A 802 -45.12 -37.91 22.27
C ASP A 802 -45.00 -39.43 22.17
N ILE A 803 -44.56 -40.04 23.27
CA ILE A 803 -44.31 -41.48 23.33
C ILE A 803 -45.54 -42.31 22.95
N ASP A 804 -46.72 -41.77 23.21
CA ASP A 804 -47.97 -42.45 22.89
C ASP A 804 -48.52 -41.98 21.54
N ASP A 805 -47.70 -42.06 20.49
CA ASP A 805 -48.08 -41.59 19.16
C ASP A 805 -47.30 -42.34 18.08
N PRO A 806 -48.00 -42.98 17.12
CA PRO A 806 -47.38 -43.77 16.06
C PRO A 806 -46.20 -43.12 15.34
N LEU A 807 -46.33 -41.82 15.04
CA LEU A 807 -45.29 -41.09 14.32
C LEU A 807 -43.95 -41.22 15.04
N ALA A 808 -44.02 -41.07 16.37
CA ALA A 808 -42.83 -41.18 17.21
C ALA A 808 -42.26 -42.59 17.14
N LYS A 809 -43.13 -43.59 17.20
CA LYS A 809 -42.70 -44.99 17.12
C LYS A 809 -41.94 -45.25 15.82
N VAL A 810 -42.56 -44.85 14.69
CA VAL A 810 -41.93 -45.03 13.39
C VAL A 810 -40.58 -44.31 13.34
N ASN A 811 -40.59 -43.04 13.69
CA ASN A 811 -39.36 -42.24 13.71
C ASN A 811 -38.27 -42.92 14.54
N VAL A 812 -38.63 -43.31 15.75
CA VAL A 812 -37.71 -43.97 16.67
C VAL A 812 -37.13 -45.23 16.05
N LEU A 813 -38.01 -46.08 15.52
CA LEU A 813 -37.57 -47.35 14.97
C LEU A 813 -36.68 -47.15 13.75
N LEU A 814 -36.99 -46.19 12.89
CA LEU A 814 -36.11 -45.91 11.75
C LEU A 814 -34.74 -45.41 12.24
N GLN A 815 -34.76 -44.43 13.14
CA GLN A 815 -33.51 -43.90 13.68
C GLN A 815 -32.78 -44.99 14.46
N SER A 816 -33.53 -45.97 14.96
CA SER A 816 -32.92 -47.11 15.62
C SER A 816 -32.26 -48.00 14.58
N TYR A 817 -32.95 -48.24 13.47
CA TYR A 817 -32.40 -49.02 12.37
C TYR A 817 -31.12 -48.38 11.84
N PHE A 818 -31.08 -47.05 11.80
CA PHE A 818 -29.87 -46.37 11.35
C PHE A 818 -28.70 -46.60 12.30
N SER A 819 -28.99 -47.07 13.52
CA SER A 819 -27.95 -47.46 14.47
C SER A 819 -27.95 -48.97 14.68
N GLN A 820 -28.76 -49.67 13.89
CA GLN A 820 -28.87 -51.13 13.92
C GLN A 820 -28.93 -51.70 15.34
N LEU A 821 -29.96 -51.30 16.09
CA LEU A 821 -30.16 -51.76 17.45
C LEU A 821 -30.91 -53.08 17.49
N LYS A 822 -30.86 -53.75 18.65
CA LYS A 822 -31.53 -55.03 18.85
C LYS A 822 -32.74 -54.89 19.78
N PHE A 823 -33.82 -55.59 19.43
CA PHE A 823 -35.04 -55.63 20.24
C PHE A 823 -35.41 -57.07 20.60
N GLU A 824 -35.98 -57.25 21.79
CA GLU A 824 -36.31 -58.58 22.30
C GLU A 824 -37.72 -58.99 21.87
N GLY A 825 -38.62 -58.02 21.83
CA GLY A 825 -40.01 -58.28 21.46
C GLY A 825 -40.19 -58.59 19.99
N PHE A 826 -41.03 -59.57 19.69
CA PHE A 826 -41.34 -59.93 18.31
C PHE A 826 -42.08 -58.76 17.65
N ALA A 827 -43.07 -58.25 18.39
CA ALA A 827 -43.91 -57.16 17.90
C ALA A 827 -43.09 -55.97 17.40
N LEU A 828 -42.05 -55.60 18.14
CA LEU A 828 -41.18 -54.50 17.74
C LEU A 828 -40.36 -54.86 16.51
N ASN A 829 -39.79 -56.06 16.53
CA ASN A 829 -38.93 -56.56 15.46
C ASN A 829 -39.64 -56.65 14.10
N SER A 830 -40.82 -57.24 14.08
CA SER A 830 -41.57 -57.33 12.82
C SER A 830 -41.83 -55.94 12.25
N ASP A 831 -42.18 -55.02 13.14
CA ASP A 831 -42.44 -53.64 12.75
C ASP A 831 -41.21 -52.98 12.16
N ILE A 832 -40.09 -53.01 12.89
CA ILE A 832 -38.87 -52.36 12.40
C ILE A 832 -38.40 -53.01 11.09
N VAL A 833 -38.60 -54.32 10.98
CA VAL A 833 -38.31 -55.02 9.73
C VAL A 833 -39.12 -54.40 8.58
N PHE A 834 -40.44 -54.38 8.74
CA PHE A 834 -41.34 -53.75 7.78
C PHE A 834 -40.88 -52.33 7.40
N ILE A 835 -40.62 -51.53 8.43
CA ILE A 835 -40.14 -50.17 8.25
C ILE A 835 -38.92 -50.14 7.34
N HIS A 836 -37.82 -50.76 7.77
CA HIS A 836 -36.58 -50.69 7.01
C HIS A 836 -36.76 -51.35 5.64
N GLN A 837 -37.75 -52.23 5.52
CA GLN A 837 -38.07 -52.82 4.23
C GLN A 837 -38.64 -51.78 3.25
N ASN A 838 -39.65 -51.02 3.66
CA ASN A 838 -40.24 -50.01 2.76
C ASN A 838 -39.55 -48.63 2.72
N ALA A 839 -38.75 -48.36 3.75
CA ALA A 839 -38.09 -47.07 3.91
C ALA A 839 -37.33 -46.63 2.67
N GLY A 840 -36.68 -47.58 2.00
CA GLY A 840 -35.88 -47.29 0.82
C GLY A 840 -36.66 -46.60 -0.28
N ARG A 841 -37.68 -47.29 -0.79
CA ARG A 841 -38.45 -46.75 -1.89
C ARG A 841 -39.19 -45.50 -1.45
N LEU A 842 -39.68 -45.48 -0.20
CA LEU A 842 -40.34 -44.28 0.28
C LEU A 842 -39.39 -43.07 0.22
N LEU A 843 -38.21 -43.23 0.80
CA LEU A 843 -37.22 -42.15 0.82
C LEU A 843 -36.77 -41.75 -0.59
N ARG A 844 -36.57 -42.73 -1.46
CA ARG A 844 -36.19 -42.43 -2.84
C ARG A 844 -37.28 -41.56 -3.51
N ALA A 845 -38.53 -41.97 -3.33
CA ALA A 845 -39.65 -41.17 -3.83
C ALA A 845 -39.56 -39.75 -3.31
N MET A 846 -39.42 -39.61 -1.99
CA MET A 846 -39.27 -38.29 -1.38
C MET A 846 -38.15 -37.48 -2.05
N PHE A 847 -36.99 -38.11 -2.23
CA PHE A 847 -35.87 -37.43 -2.88
C PHE A 847 -36.22 -36.94 -4.27
N GLU A 848 -36.77 -37.83 -5.10
CA GLU A 848 -37.15 -37.45 -6.45
C GLU A 848 -38.11 -36.26 -6.42
N ILE A 849 -39.10 -36.33 -5.53
CA ILE A 849 -40.03 -35.22 -5.36
C ILE A 849 -39.28 -33.92 -5.06
N CYS A 850 -38.42 -33.95 -4.03
CA CYS A 850 -37.68 -32.75 -3.67
C CYS A 850 -36.81 -32.23 -4.81
N LEU A 851 -36.26 -33.14 -5.61
CA LEU A 851 -35.42 -32.73 -6.74
C LEU A 851 -36.23 -32.09 -7.85
N LYS A 852 -37.38 -32.68 -8.18
CA LYS A 852 -38.22 -32.13 -9.25
C LYS A 852 -38.75 -30.74 -8.91
N ARG A 853 -38.79 -30.41 -7.62
CA ARG A 853 -39.26 -29.10 -7.19
C ARG A 853 -38.12 -28.09 -7.10
N GLY A 854 -36.89 -28.57 -7.24
CA GLY A 854 -35.72 -27.71 -7.28
C GLY A 854 -35.36 -27.13 -5.93
N TRP A 855 -35.52 -27.94 -4.88
CA TRP A 855 -35.20 -27.52 -3.51
C TRP A 855 -33.89 -28.16 -3.04
N GLY A 856 -32.89 -27.32 -2.79
CA GLY A 856 -31.54 -27.78 -2.47
C GLY A 856 -31.41 -28.67 -1.26
N HIS A 857 -31.49 -28.07 -0.07
CA HIS A 857 -31.24 -28.77 1.18
C HIS A 857 -32.09 -30.02 1.37
N PRO A 858 -33.37 -29.97 0.98
CA PRO A 858 -34.18 -31.20 1.10
C PRO A 858 -33.57 -32.38 0.35
N THR A 859 -33.21 -32.18 -0.92
CA THR A 859 -32.60 -33.23 -1.72
C THR A 859 -31.23 -33.61 -1.17
N ARG A 860 -30.44 -32.59 -0.89
CA ARG A 860 -29.09 -32.76 -0.36
C ARG A 860 -29.12 -33.67 0.86
N MET A 861 -29.98 -33.33 1.81
CA MET A 861 -30.16 -34.14 3.02
C MET A 861 -30.73 -35.51 2.71
N LEU A 862 -31.82 -35.54 1.94
CA LEU A 862 -32.53 -36.78 1.63
C LEU A 862 -31.65 -37.82 0.96
N LEU A 863 -30.74 -37.39 0.09
CA LEU A 863 -29.82 -38.33 -0.55
C LEU A 863 -29.01 -39.05 0.52
N ASN A 864 -28.35 -38.27 1.37
CA ASN A 864 -27.57 -38.83 2.48
C ASN A 864 -28.45 -39.67 3.38
N LEU A 865 -29.72 -39.29 3.52
CA LEU A 865 -30.66 -40.09 4.31
C LEU A 865 -30.94 -41.44 3.65
N CYS A 866 -31.11 -41.46 2.32
CA CYS A 866 -31.30 -42.70 1.59
C CYS A 866 -30.06 -43.58 1.73
N LYS A 867 -28.90 -42.93 1.62
CA LYS A 867 -27.63 -43.63 1.79
C LYS A 867 -27.56 -44.25 3.18
N SER A 868 -27.92 -43.48 4.21
CA SER A 868 -27.99 -44.00 5.57
C SER A 868 -29.06 -45.08 5.68
N ALA A 869 -30.13 -44.94 4.90
CA ALA A 869 -31.21 -45.92 4.91
C ALA A 869 -30.72 -47.27 4.42
N THR A 870 -29.91 -47.26 3.36
CA THR A 870 -29.40 -48.52 2.82
C THR A 870 -28.15 -49.04 3.53
N THR A 871 -27.28 -48.15 3.98
CA THR A 871 -25.98 -48.55 4.55
C THR A 871 -25.95 -48.72 6.08
N LYS A 872 -27.10 -48.58 6.74
CA LYS A 872 -27.18 -48.73 8.20
C LYS A 872 -26.14 -47.91 8.98
N MET A 873 -25.98 -46.64 8.63
CA MET A 873 -24.91 -45.84 9.22
C MET A 873 -25.20 -44.35 9.08
N TRP A 874 -24.68 -43.58 10.03
CA TRP A 874 -24.86 -42.13 10.04
C TRP A 874 -23.69 -41.46 9.35
N PRO A 875 -23.88 -40.21 8.87
CA PRO A 875 -22.77 -39.49 8.23
C PRO A 875 -21.61 -39.24 9.19
N THR A 876 -21.86 -39.40 10.48
CA THR A 876 -20.83 -39.22 11.50
C THR A 876 -19.92 -40.44 11.61
N ASN A 877 -20.27 -41.51 10.92
CA ASN A 877 -19.46 -42.73 10.90
C ASN A 877 -18.51 -42.72 9.71
N CYS A 878 -17.40 -43.46 9.84
CA CYS A 878 -16.37 -43.46 8.81
C CYS A 878 -16.69 -44.47 7.70
N PRO A 879 -16.54 -44.05 6.43
CA PRO A 879 -16.92 -44.87 5.27
C PRO A 879 -16.14 -46.17 5.13
N LEU A 880 -15.02 -46.32 5.83
CA LEU A 880 -14.29 -47.59 5.83
C LEU A 880 -15.22 -48.70 6.32
N ARG A 881 -16.17 -48.30 7.16
CA ARG A 881 -17.23 -49.21 7.63
C ARG A 881 -18.02 -49.80 6.47
N GLN A 882 -18.12 -49.05 5.38
CA GLN A 882 -18.98 -49.41 4.25
C GLN A 882 -18.43 -50.61 3.47
N PHE A 883 -17.12 -50.83 3.52
CA PHE A 883 -16.50 -51.97 2.84
C PHE A 883 -16.84 -53.29 3.51
N LYS A 884 -17.10 -54.32 2.71
CA LYS A 884 -17.36 -55.65 3.22
C LYS A 884 -16.08 -56.35 3.65
N THR A 885 -14.95 -55.89 3.09
CA THR A 885 -13.63 -56.38 3.46
C THR A 885 -12.83 -55.24 4.09
N CYS A 886 -12.95 -55.07 5.41
CA CYS A 886 -12.33 -53.94 6.09
C CYS A 886 -11.76 -54.28 7.47
N PRO A 887 -10.81 -53.47 7.97
CA PRO A 887 -10.23 -53.66 9.30
C PRO A 887 -11.18 -53.27 10.43
N VAL A 888 -11.58 -54.25 11.23
CA VAL A 888 -12.54 -54.04 12.31
C VAL A 888 -12.07 -53.04 13.36
N GLU A 889 -10.87 -53.27 13.90
CA GLU A 889 -10.37 -52.49 15.02
C GLU A 889 -9.96 -51.06 14.65
N VAL A 890 -9.63 -50.85 13.39
CA VAL A 890 -9.16 -49.54 12.92
C VAL A 890 -10.21 -48.43 12.97
N ILE A 891 -11.41 -48.72 12.49
CA ILE A 891 -12.43 -47.71 12.30
C ILE A 891 -12.84 -47.02 13.60
N LYS A 892 -13.06 -47.79 14.65
CA LYS A 892 -13.50 -47.23 15.94
C LYS A 892 -12.46 -46.24 16.48
N ARG A 893 -11.22 -46.37 16.04
CA ARG A 893 -10.17 -45.44 16.46
C ARG A 893 -10.25 -44.14 15.69
N LEU A 894 -10.87 -44.21 14.50
CA LEU A 894 -11.05 -43.03 13.66
C LEU A 894 -12.35 -42.30 14.01
N GLU A 895 -13.39 -43.06 14.31
CA GLU A 895 -14.68 -42.47 14.71
C GLU A 895 -14.56 -41.65 15.98
N ALA A 896 -13.61 -42.00 16.84
CA ALA A 896 -13.41 -41.32 18.12
C ALA A 896 -12.16 -40.43 18.09
N SER A 897 -11.72 -40.06 16.90
CA SER A 897 -10.47 -39.31 16.73
C SER A 897 -10.71 -37.80 16.60
N THR A 898 -11.91 -37.42 16.17
CA THR A 898 -12.25 -36.02 15.89
C THR A 898 -11.49 -35.50 14.67
N VAL A 899 -10.76 -36.39 14.01
CA VAL A 899 -9.96 -36.01 12.84
C VAL A 899 -10.83 -36.03 11.59
N PRO A 900 -10.75 -34.99 10.74
CA PRO A 900 -11.52 -35.03 9.49
C PRO A 900 -11.18 -36.26 8.67
N TRP A 901 -12.20 -36.97 8.18
CA TRP A 901 -11.96 -38.17 7.40
C TRP A 901 -11.24 -37.87 6.08
N GLY A 902 -11.64 -36.78 5.44
CA GLY A 902 -11.06 -36.41 4.15
C GLY A 902 -9.55 -36.26 4.18
N ASP A 903 -9.00 -36.07 5.37
CA ASP A 903 -7.55 -35.90 5.54
C ASP A 903 -6.78 -37.22 5.39
N TYR A 904 -7.48 -38.34 5.45
CA TYR A 904 -6.82 -39.65 5.34
C TYR A 904 -6.56 -40.01 3.88
N LEU A 905 -7.38 -39.48 2.97
CA LEU A 905 -7.29 -39.82 1.56
C LEU A 905 -5.95 -39.43 0.92
N GLN A 906 -5.38 -38.32 1.34
CA GLN A 906 -4.16 -37.83 0.70
C GLN A 906 -2.92 -38.46 1.32
N LEU A 907 -3.11 -39.48 2.15
CA LEU A 907 -1.98 -40.24 2.68
C LEU A 907 -1.49 -41.17 1.57
N GLU A 908 -0.57 -40.67 0.76
CA GLU A 908 -0.12 -41.39 -0.43
C GLU A 908 0.96 -42.43 -0.16
N THR A 909 0.79 -43.22 0.90
CA THR A 909 1.76 -44.25 1.24
C THR A 909 1.26 -45.15 2.37
N PRO A 910 1.56 -46.46 2.30
CA PRO A 910 1.08 -47.36 3.36
C PRO A 910 1.67 -47.05 4.74
N ALA A 911 2.79 -46.34 4.78
CA ALA A 911 3.45 -46.00 6.04
C ALA A 911 2.60 -45.02 6.85
N GLU A 912 2.24 -43.90 6.22
CA GLU A 912 1.44 -42.88 6.87
C GLU A 912 0.06 -43.44 7.23
N VAL A 913 -0.45 -44.32 6.37
CA VAL A 913 -1.68 -45.04 6.64
C VAL A 913 -1.51 -45.88 7.91
N GLY A 914 -0.45 -46.68 7.95
CA GLY A 914 -0.15 -47.51 9.10
C GLY A 914 -0.04 -46.67 10.35
N ARG A 915 0.57 -45.50 10.23
CA ARG A 915 0.68 -44.55 11.33
C ARG A 915 -0.71 -44.08 11.78
N ALA A 916 -1.51 -43.62 10.82
CA ALA A 916 -2.82 -43.05 11.10
C ALA A 916 -3.73 -44.01 11.87
N ILE A 917 -3.68 -45.30 11.52
CA ILE A 917 -4.57 -46.29 12.10
C ILE A 917 -3.94 -47.05 13.27
N ARG A 918 -2.72 -46.68 13.63
CA ARG A 918 -2.00 -47.31 14.74
C ARG A 918 -1.79 -48.81 14.49
N SER A 919 -1.37 -49.20 13.30
CA SER A 919 -1.12 -50.61 13.02
C SER A 919 -0.41 -50.87 11.68
N GLU A 920 0.70 -51.61 11.75
CA GLU A 920 1.42 -52.04 10.56
C GLU A 920 0.61 -53.03 9.74
N LYS A 921 0.19 -54.11 10.41
CA LYS A 921 -0.58 -55.18 9.79
C LYS A 921 -1.76 -54.67 8.97
N TYR A 922 -2.63 -53.90 9.61
CA TYR A 922 -3.87 -53.42 8.98
C TYR A 922 -3.66 -52.20 8.07
N GLY A 923 -2.49 -51.58 8.18
CA GLY A 923 -2.14 -50.45 7.35
C GLY A 923 -2.04 -50.85 5.90
N LYS A 924 -1.34 -51.95 5.66
CA LYS A 924 -1.14 -52.49 4.33
C LYS A 924 -2.47 -52.87 3.71
N GLN A 925 -3.41 -53.33 4.55
CA GLN A 925 -4.76 -53.64 4.11
C GLN A 925 -5.56 -52.39 3.75
N VAL A 926 -5.72 -51.48 4.71
CA VAL A 926 -6.61 -50.34 4.54
C VAL A 926 -6.05 -49.36 3.50
N TYR A 927 -4.72 -49.34 3.38
CA TYR A 927 -4.05 -48.56 2.34
C TYR A 927 -4.65 -48.83 0.96
N ASP A 928 -4.88 -50.10 0.67
CA ASP A 928 -5.48 -50.50 -0.60
C ASP A 928 -6.91 -50.00 -0.72
N LEU A 929 -7.62 -49.92 0.41
CA LEU A 929 -9.01 -49.47 0.40
C LEU A 929 -9.10 -47.97 0.17
N LEU A 930 -8.21 -47.21 0.80
CA LEU A 930 -8.16 -45.76 0.59
C LEU A 930 -7.91 -45.47 -0.89
N LYS A 931 -6.99 -46.23 -1.49
CA LYS A 931 -6.65 -46.04 -2.90
C LYS A 931 -7.77 -46.57 -3.79
N ARG A 932 -8.70 -47.31 -3.19
CA ARG A 932 -9.85 -47.85 -3.90
C ARG A 932 -11.17 -47.16 -3.52
N PHE A 933 -11.07 -46.05 -2.79
CA PHE A 933 -12.26 -45.31 -2.38
C PHE A 933 -12.69 -44.33 -3.48
N PRO A 934 -13.98 -44.33 -3.86
CA PRO A 934 -14.43 -43.40 -4.89
C PRO A 934 -14.19 -41.93 -4.54
N LYS A 935 -13.31 -41.28 -5.30
CA LYS A 935 -12.98 -39.88 -5.11
C LYS A 935 -12.67 -39.25 -6.47
N MET A 936 -12.93 -37.95 -6.60
CA MET A 936 -12.68 -37.25 -7.85
C MET A 936 -12.03 -35.88 -7.64
N SER A 937 -11.58 -35.30 -8.74
CA SER A 937 -11.12 -33.91 -8.75
C SER A 937 -11.71 -33.20 -9.96
N VAL A 938 -12.38 -32.08 -9.70
CA VAL A 938 -13.15 -31.36 -10.71
C VAL A 938 -12.72 -29.91 -10.84
N THR A 939 -12.94 -29.35 -12.03
CA THR A 939 -12.76 -27.92 -12.23
C THR A 939 -13.71 -27.46 -13.35
N CYS A 940 -14.16 -26.21 -13.29
CA CYS A 940 -15.12 -25.74 -14.27
C CYS A 940 -15.05 -24.24 -14.47
N ASN A 941 -15.74 -23.76 -15.50
CA ASN A 941 -15.86 -22.33 -15.75
C ASN A 941 -17.16 -21.98 -16.47
N ALA A 942 -17.49 -20.69 -16.42
CA ALA A 942 -18.70 -20.17 -17.04
C ALA A 942 -18.39 -19.49 -18.37
N GLN A 943 -19.33 -19.55 -19.30
CA GLN A 943 -19.14 -19.02 -20.63
C GLN A 943 -20.43 -18.39 -21.14
N PRO A 944 -20.52 -17.05 -21.11
CA PRO A 944 -21.77 -16.40 -21.55
C PRO A 944 -21.93 -16.37 -23.07
N ILE A 945 -22.78 -17.24 -23.60
CA ILE A 945 -23.11 -17.22 -25.02
C ILE A 945 -23.77 -15.89 -25.37
N THR A 946 -24.85 -15.58 -24.65
CA THR A 946 -25.56 -14.32 -24.83
C THR A 946 -26.04 -13.81 -23.47
N ARG A 947 -26.60 -12.60 -23.46
CA ARG A 947 -27.05 -11.95 -22.23
C ARG A 947 -27.86 -12.88 -21.33
N SER A 948 -28.83 -13.57 -21.91
CA SER A 948 -29.80 -14.36 -21.14
C SER A 948 -29.36 -15.81 -20.94
N VAL A 949 -28.25 -16.20 -21.57
CA VAL A 949 -27.80 -17.59 -21.53
C VAL A 949 -26.38 -17.72 -21.02
N MET A 950 -26.19 -18.59 -20.04
CA MET A 950 -24.87 -18.92 -19.51
C MET A 950 -24.56 -20.39 -19.76
N ARG A 951 -23.40 -20.63 -20.36
CA ARG A 951 -22.92 -21.98 -20.61
C ARG A 951 -21.91 -22.39 -19.55
N PHE A 952 -22.11 -23.57 -18.97
CA PHE A 952 -21.18 -24.10 -17.97
C PHE A 952 -20.35 -25.22 -18.56
N ASN A 953 -19.03 -25.08 -18.44
CA ASN A 953 -18.09 -26.11 -18.89
C ASN A 953 -17.34 -26.70 -17.72
N ILE A 954 -17.39 -28.03 -17.59
CA ILE A 954 -16.74 -28.72 -16.49
C ILE A 954 -15.74 -29.75 -17.01
N GLU A 955 -14.72 -30.01 -16.21
CA GLU A 955 -13.71 -31.03 -16.49
C GLU A 955 -13.46 -31.81 -15.20
N ILE A 956 -13.64 -33.13 -15.28
CA ILE A 956 -13.56 -34.02 -14.13
C ILE A 956 -12.61 -35.20 -14.31
N ILE A 957 -11.88 -35.52 -13.25
CA ILE A 957 -11.06 -36.75 -13.19
C ILE A 957 -11.50 -37.63 -12.01
N ALA A 958 -11.78 -38.89 -12.32
CA ALA A 958 -12.07 -39.92 -11.32
C ALA A 958 -10.78 -40.61 -10.87
N ASP A 959 -10.51 -40.56 -9.57
CA ASP A 959 -9.20 -40.98 -9.03
C ASP A 959 -9.29 -42.15 -8.03
N TRP A 960 -9.46 -43.37 -8.54
CA TRP A 960 -9.37 -44.55 -7.69
C TRP A 960 -9.15 -45.83 -8.49
N ILE A 961 -8.81 -46.90 -7.77
CA ILE A 961 -8.60 -48.21 -8.38
C ILE A 961 -9.92 -48.98 -8.35
N TRP A 962 -10.43 -49.32 -9.53
CA TRP A 962 -11.73 -49.96 -9.65
C TRP A 962 -11.67 -51.43 -9.21
N ASP A 963 -11.79 -51.66 -7.90
CA ASP A 963 -11.89 -53.02 -7.38
C ASP A 963 -13.31 -53.53 -7.61
N MET A 964 -13.48 -54.29 -8.69
CA MET A 964 -14.77 -54.82 -9.09
C MET A 964 -15.57 -55.47 -7.95
N ASN A 965 -14.85 -56.10 -7.02
CA ASN A 965 -15.49 -56.85 -5.93
C ASN A 965 -16.47 -56.02 -5.10
N VAL A 966 -16.19 -54.73 -4.94
CA VAL A 966 -17.01 -53.86 -4.11
C VAL A 966 -17.77 -52.83 -4.95
N HIS A 967 -17.11 -52.30 -5.97
CA HIS A 967 -17.67 -51.20 -6.76
C HIS A 967 -18.80 -51.66 -7.66
N GLY A 968 -18.71 -52.90 -8.12
CA GLY A 968 -19.69 -53.43 -9.05
C GLY A 968 -19.39 -52.93 -10.46
N SER A 969 -20.38 -53.01 -11.33
CA SER A 969 -20.21 -52.64 -12.74
C SER A 969 -20.29 -51.13 -12.95
N LEU A 970 -20.80 -50.40 -11.96
CA LEU A 970 -21.14 -48.99 -12.16
C LEU A 970 -21.23 -48.17 -10.88
N GLU A 971 -20.73 -46.94 -10.95
CA GLU A 971 -20.89 -45.98 -9.86
C GLU A 971 -21.56 -44.69 -10.36
N PRO A 972 -22.85 -44.49 -10.04
CA PRO A 972 -23.53 -43.25 -10.41
C PRO A 972 -23.15 -42.09 -9.49
N PHE A 973 -23.25 -40.86 -10.02
CA PHE A 973 -22.94 -39.66 -9.27
C PHE A 973 -23.96 -38.57 -9.59
N LEU A 974 -24.46 -37.94 -8.53
CA LEU A 974 -25.36 -36.80 -8.68
C LEU A 974 -24.58 -35.50 -8.90
N LEU A 975 -24.81 -34.91 -10.08
CA LEU A 975 -24.29 -33.60 -10.44
C LEU A 975 -25.36 -32.56 -10.18
N MET A 976 -25.03 -31.52 -9.41
CA MET A 976 -26.00 -30.50 -9.05
C MET A 976 -25.42 -29.09 -9.02
N LEU A 977 -25.86 -28.27 -9.96
CA LEU A 977 -25.53 -26.84 -9.98
C LEU A 977 -26.60 -26.05 -9.23
N GLU A 978 -26.17 -25.30 -8.21
CA GLU A 978 -27.08 -24.58 -7.32
C GLU A 978 -26.61 -23.15 -7.03
N ASP A 979 -27.48 -22.36 -6.42
CA ASP A 979 -27.27 -20.93 -6.22
C ASP A 979 -26.23 -20.60 -5.12
N THR A 980 -26.12 -19.31 -4.82
CA THR A 980 -25.19 -18.83 -3.80
C THR A 980 -25.50 -19.41 -2.43
N ASP A 981 -26.79 -19.47 -2.11
CA ASP A 981 -27.24 -19.90 -0.79
C ASP A 981 -27.17 -21.42 -0.65
N GLY A 982 -27.30 -22.12 -1.76
CA GLY A 982 -27.42 -23.57 -1.75
C GLY A 982 -28.87 -23.96 -1.53
N ASP A 983 -29.77 -23.03 -1.82
CA ASP A 983 -31.20 -23.24 -1.61
C ASP A 983 -31.87 -23.74 -2.87
N SER A 984 -31.87 -22.91 -3.92
CA SER A 984 -32.53 -23.28 -5.17
C SER A 984 -31.57 -24.04 -6.08
N ILE A 985 -32.09 -25.05 -6.75
CA ILE A 985 -31.29 -25.87 -7.66
C ILE A 985 -31.43 -25.33 -9.08
N LEU A 986 -30.30 -24.96 -9.67
CA LEU A 986 -30.28 -24.37 -11.00
C LEU A 986 -30.29 -25.45 -12.08
N TYR A 987 -29.42 -26.45 -11.91
CA TYR A 987 -29.36 -27.55 -12.87
C TYR A 987 -28.93 -28.84 -12.17
N TYR A 988 -29.41 -29.98 -12.66
CA TYR A 988 -29.01 -31.27 -12.11
C TYR A 988 -28.93 -32.35 -13.18
N ASP A 989 -28.00 -33.28 -12.99
CA ASP A 989 -27.87 -34.43 -13.89
C ASP A 989 -27.21 -35.59 -13.16
N VAL A 990 -27.25 -36.77 -13.79
CA VAL A 990 -26.65 -37.97 -13.22
C VAL A 990 -25.51 -38.46 -14.10
N LEU A 991 -24.31 -38.50 -13.53
CA LEU A 991 -23.13 -39.00 -14.23
C LEU A 991 -22.91 -40.47 -13.86
N PHE A 992 -22.60 -41.29 -14.85
CA PHE A 992 -22.44 -42.72 -14.65
C PHE A 992 -20.99 -43.16 -14.85
N ILE A 993 -20.27 -43.36 -13.74
CA ILE A 993 -18.86 -43.73 -13.81
C ILE A 993 -18.65 -45.23 -13.95
N THR A 994 -18.10 -45.61 -15.10
CA THR A 994 -17.80 -47.00 -15.43
C THR A 994 -16.31 -47.25 -15.20
N PRO A 995 -15.88 -48.53 -15.22
CA PRO A 995 -14.47 -48.87 -15.02
C PRO A 995 -13.49 -48.13 -15.95
N ASP A 996 -13.78 -48.10 -17.25
CA ASP A 996 -12.80 -47.65 -18.23
C ASP A 996 -12.77 -46.13 -18.47
N ILE A 997 -13.42 -45.37 -17.60
CA ILE A 997 -13.35 -43.90 -17.67
C ILE A 997 -12.59 -43.35 -16.46
N VAL A 998 -12.24 -44.23 -15.53
CA VAL A 998 -11.47 -43.83 -14.35
C VAL A 998 -10.02 -43.57 -14.71
N GLY A 999 -9.50 -42.43 -14.25
CA GLY A 999 -8.15 -42.01 -14.60
C GLY A 999 -8.17 -41.23 -15.90
N HIS A 1000 -9.06 -41.63 -16.81
CA HIS A 1000 -9.28 -40.93 -18.06
C HIS A 1000 -10.20 -39.74 -17.85
N GLU A 1001 -9.66 -38.66 -17.30
CA GLU A 1001 -10.43 -37.44 -17.06
C GLU A 1001 -11.10 -36.95 -18.34
N PHE A 1002 -12.23 -36.26 -18.19
CA PHE A 1002 -12.95 -35.78 -19.37
C PHE A 1002 -13.81 -34.57 -19.04
N THR A 1003 -14.52 -34.08 -20.05
CA THR A 1003 -15.26 -32.82 -19.94
C THR A 1003 -16.76 -33.02 -20.12
N LEU A 1004 -17.52 -32.01 -19.71
CA LEU A 1004 -18.96 -32.00 -19.92
C LEU A 1004 -19.43 -30.55 -19.90
N SER A 1005 -20.52 -30.25 -20.60
CA SER A 1005 -21.00 -28.87 -20.66
C SER A 1005 -22.52 -28.80 -20.68
N PHE A 1006 -23.09 -27.71 -20.16
CA PHE A 1006 -24.53 -27.54 -20.24
C PHE A 1006 -25.01 -26.08 -20.20
N THR A 1007 -26.26 -25.90 -20.63
CA THR A 1007 -26.87 -24.58 -20.77
C THR A 1007 -27.76 -24.22 -19.59
N TYR A 1008 -27.62 -23.00 -19.08
CA TYR A 1008 -28.57 -22.45 -18.14
C TYR A 1008 -29.00 -21.06 -18.59
N GLU A 1009 -30.30 -20.87 -18.80
CA GLU A 1009 -30.82 -19.55 -19.12
C GLU A 1009 -30.71 -18.73 -17.86
N LEU A 1010 -29.96 -17.64 -17.94
CA LEU A 1010 -29.61 -16.87 -16.76
C LEU A 1010 -30.86 -16.30 -16.10
N LYS A 1011 -30.90 -16.39 -14.78
CA LYS A 1011 -31.99 -15.84 -13.99
C LYS A 1011 -32.14 -14.34 -14.29
N GLN A 1012 -33.37 -13.90 -14.51
CA GLN A 1012 -33.63 -12.51 -14.86
C GLN A 1012 -33.14 -11.57 -13.76
N HIS A 1013 -33.16 -12.07 -12.52
CA HIS A 1013 -32.65 -11.33 -11.38
C HIS A 1013 -31.15 -11.12 -11.54
N ASN A 1014 -30.43 -12.22 -11.78
CA ASN A 1014 -28.98 -12.20 -11.91
C ASN A 1014 -28.53 -11.56 -13.23
N GLN A 1015 -29.34 -11.68 -14.27
CA GLN A 1015 -29.03 -11.11 -15.57
C GLN A 1015 -28.76 -9.61 -15.50
N ASN A 1016 -29.51 -8.92 -14.65
CA ASN A 1016 -29.36 -7.48 -14.50
C ASN A 1016 -28.32 -7.13 -13.45
N ASN A 1017 -28.19 -7.98 -12.43
CA ASN A 1017 -27.24 -7.77 -11.36
C ASN A 1017 -26.37 -9.00 -11.15
N LEU A 1018 -25.09 -8.87 -11.50
CA LEU A 1018 -24.13 -9.98 -11.41
C LEU A 1018 -24.05 -10.55 -9.99
N PRO A 1019 -24.34 -11.86 -9.83
CA PRO A 1019 -24.10 -12.49 -8.52
C PRO A 1019 -22.64 -12.86 -8.30
N PRO A 1020 -22.25 -13.16 -7.04
CA PRO A 1020 -20.86 -13.50 -6.72
C PRO A 1020 -20.41 -14.82 -7.31
N ASN A 1021 -21.16 -15.89 -7.09
CA ASN A 1021 -20.76 -17.21 -7.56
C ASN A 1021 -21.87 -18.23 -7.47
N PHE A 1022 -21.81 -19.25 -8.33
CA PHE A 1022 -22.72 -20.39 -8.18
C PHE A 1022 -21.92 -21.53 -7.56
N PHE A 1023 -22.60 -22.61 -7.21
CA PHE A 1023 -21.91 -23.78 -6.65
C PHE A 1023 -22.24 -25.02 -7.46
N LEU A 1024 -21.19 -25.72 -7.88
CA LEU A 1024 -21.34 -26.97 -8.61
C LEU A 1024 -20.92 -28.11 -7.69
N THR A 1025 -21.88 -28.95 -7.32
CA THR A 1025 -21.62 -30.03 -6.39
C THR A 1025 -21.74 -31.38 -7.09
N LEU A 1026 -20.86 -32.30 -6.73
CA LEU A 1026 -20.90 -33.67 -7.23
C LEU A 1026 -20.84 -34.63 -6.06
N ILE A 1027 -21.85 -35.50 -5.95
CA ILE A 1027 -21.92 -36.44 -4.83
C ILE A 1027 -22.29 -37.84 -5.31
N SER A 1028 -21.67 -38.87 -4.71
CA SER A 1028 -21.98 -40.25 -5.08
C SER A 1028 -23.37 -40.64 -4.60
N GLU A 1029 -24.04 -41.44 -5.42
CA GLU A 1029 -25.40 -41.85 -5.13
C GLU A 1029 -25.47 -42.83 -3.95
N ASN A 1030 -24.36 -43.47 -3.63
CA ASN A 1030 -24.37 -44.53 -2.61
C ASN A 1030 -23.09 -44.65 -1.77
N TRP A 1031 -22.11 -43.78 -2.00
CA TRP A 1031 -20.88 -43.78 -1.20
C TRP A 1031 -20.80 -42.55 -0.30
N TRP A 1032 -20.46 -42.78 0.96
CA TRP A 1032 -20.39 -41.72 1.96
C TRP A 1032 -19.16 -40.82 1.83
N HIS A 1033 -19.39 -39.53 2.02
CA HIS A 1033 -18.30 -38.54 2.05
C HIS A 1033 -17.44 -38.55 0.80
N SER A 1034 -18.07 -38.87 -0.33
CA SER A 1034 -17.43 -38.72 -1.64
C SER A 1034 -17.71 -37.31 -2.16
N GLU A 1035 -18.71 -36.68 -1.57
CA GLU A 1035 -19.17 -35.35 -1.98
C GLU A 1035 -18.02 -34.37 -2.18
N PHE A 1036 -18.05 -33.68 -3.32
CA PHE A 1036 -17.10 -32.60 -3.59
C PHE A 1036 -17.79 -31.54 -4.42
N GLU A 1037 -17.68 -30.30 -3.98
CA GLU A 1037 -18.34 -29.18 -4.64
C GLU A 1037 -17.37 -28.03 -4.81
N ILE A 1038 -17.60 -27.22 -5.84
CA ILE A 1038 -16.76 -26.07 -6.13
C ILE A 1038 -17.58 -24.93 -6.74
N PRO A 1039 -17.07 -23.70 -6.68
CA PRO A 1039 -17.81 -22.56 -7.25
C PRO A 1039 -17.63 -22.43 -8.76
N VAL A 1040 -18.40 -21.54 -9.38
CA VAL A 1040 -18.32 -21.33 -10.82
C VAL A 1040 -18.19 -19.85 -11.16
N SER A 1041 -17.60 -19.56 -12.33
CA SER A 1041 -17.39 -18.20 -12.82
C SER A 1041 -16.91 -17.19 -11.75
N PHE A 1042 -17.81 -16.63 -10.92
CA PHE A 1042 -17.46 -15.65 -9.87
C PHE A 1042 -16.54 -14.46 -10.24
N ASN A 1043 -15.26 -14.71 -10.49
CA ASN A 1043 -14.26 -13.68 -10.79
C ASN A 1043 -14.69 -12.47 -11.65
N GLY A 1044 -16.00 -12.29 -11.86
CA GLY A 1044 -16.44 -11.15 -12.64
C GLY A 1044 -16.51 -11.45 -14.12
N PHE A 1045 -17.58 -10.98 -14.75
CA PHE A 1045 -17.87 -11.23 -16.16
C PHE A 1045 -18.71 -10.11 -16.72
N LYS A 1046 -18.51 -9.83 -18.00
CA LYS A 1046 -19.36 -8.88 -18.71
C LYS A 1046 -20.25 -9.67 -19.65
N LEU A 1047 -21.55 -9.58 -19.41
CA LEU A 1047 -22.53 -10.29 -20.22
C LEU A 1047 -22.60 -9.58 -21.56
N PRO A 1048 -22.77 -10.34 -22.65
CA PRO A 1048 -22.92 -9.61 -23.92
C PRO A 1048 -24.13 -8.70 -23.89
N LYS A 1049 -24.04 -7.56 -24.57
CA LYS A 1049 -25.18 -6.68 -24.72
C LYS A 1049 -26.25 -7.36 -25.55
N LYS A 1050 -27.51 -7.16 -25.18
CA LYS A 1050 -28.63 -7.77 -25.89
C LYS A 1050 -28.59 -7.48 -27.39
N PHE A 1051 -28.81 -8.53 -28.18
CA PHE A 1051 -28.64 -8.50 -29.63
C PHE A 1051 -29.40 -7.33 -30.29
N PRO A 1052 -28.77 -6.69 -31.28
CA PRO A 1052 -29.50 -5.64 -32.00
C PRO A 1052 -30.50 -6.25 -32.98
N PRO A 1053 -31.44 -5.44 -33.49
CA PRO A 1053 -32.46 -5.99 -34.40
C PRO A 1053 -31.88 -6.44 -35.74
N PRO A 1054 -32.58 -7.35 -36.44
CA PRO A 1054 -32.17 -7.74 -37.80
C PRO A 1054 -32.57 -6.68 -38.82
N THR A 1055 -32.50 -7.01 -40.11
CA THR A 1055 -32.90 -6.09 -41.17
C THR A 1055 -34.04 -6.63 -42.04
N PRO A 1056 -35.30 -6.37 -41.65
CA PRO A 1056 -36.47 -6.85 -42.41
C PRO A 1056 -36.47 -6.36 -43.86
N LEU A 1057 -37.25 -7.02 -44.71
CA LEU A 1057 -37.28 -6.72 -46.14
C LEU A 1057 -38.50 -5.90 -46.58
N LEU A 1058 -38.23 -4.78 -47.25
CA LEU A 1058 -39.27 -3.94 -47.85
C LEU A 1058 -39.85 -4.64 -49.08
N GLU A 1059 -41.04 -4.23 -49.50
CA GLU A 1059 -41.80 -4.94 -50.52
C GLU A 1059 -41.13 -5.04 -51.88
N ASN A 1060 -40.95 -6.28 -52.33
CA ASN A 1060 -40.33 -6.57 -53.61
C ASN A 1060 -41.03 -7.66 -54.43
N ILE A 1061 -41.55 -7.26 -55.59
CA ILE A 1061 -41.93 -8.20 -56.63
C ILE A 1061 -41.12 -7.69 -57.81
N SER A 1062 -39.80 -7.82 -57.68
CA SER A 1062 -38.87 -7.10 -58.55
C SER A 1062 -37.69 -7.95 -59.01
N ILE A 1063 -36.79 -7.31 -59.73
CA ILE A 1063 -35.59 -7.93 -60.29
C ILE A 1063 -35.96 -9.02 -61.29
N SER A 1064 -35.24 -9.07 -62.39
CA SER A 1064 -35.49 -10.06 -63.41
C SER A 1064 -34.19 -10.42 -64.13
N THR A 1065 -34.26 -11.43 -64.96
CA THR A 1065 -33.12 -11.85 -65.76
C THR A 1065 -32.70 -10.75 -66.73
N SER A 1066 -33.62 -9.83 -67.03
CA SER A 1066 -33.34 -8.78 -68.02
C SER A 1066 -32.54 -7.62 -67.44
N GLU A 1067 -32.39 -7.55 -66.12
CA GLU A 1067 -31.52 -6.56 -65.52
C GLU A 1067 -30.06 -6.95 -65.74
N LEU A 1068 -29.86 -8.17 -66.21
CA LEU A 1068 -28.53 -8.64 -66.57
C LEU A 1068 -28.16 -8.11 -67.95
N GLY A 1069 -26.93 -7.60 -68.07
CA GLY A 1069 -26.48 -7.01 -69.32
C GLY A 1069 -26.50 -7.97 -70.49
N ASN A 1070 -25.77 -9.06 -70.36
CA ASN A 1070 -25.68 -10.07 -71.41
C ASN A 1070 -26.91 -10.98 -71.40
N ASP A 1071 -27.57 -11.09 -72.56
CA ASP A 1071 -28.73 -11.95 -72.71
C ASP A 1071 -28.38 -13.41 -72.42
N ASP A 1072 -27.13 -13.78 -72.67
CA ASP A 1072 -26.64 -15.12 -72.39
C ASP A 1072 -26.78 -15.45 -70.90
N PHE A 1073 -26.62 -14.43 -70.06
CA PHE A 1073 -26.71 -14.61 -68.61
C PHE A 1073 -28.14 -14.91 -68.19
N SER A 1074 -29.10 -14.38 -68.95
CA SER A 1074 -30.52 -14.55 -68.62
C SER A 1074 -30.96 -16.00 -68.78
N GLU A 1075 -30.23 -16.77 -69.59
CA GLU A 1075 -30.58 -18.17 -69.83
C GLU A 1075 -30.01 -19.09 -68.75
N VAL A 1076 -29.28 -18.51 -67.81
CA VAL A 1076 -28.70 -19.25 -66.69
C VAL A 1076 -29.73 -19.56 -65.60
N PHE A 1077 -30.27 -18.51 -65.00
CA PHE A 1077 -31.18 -18.62 -63.88
C PHE A 1077 -32.56 -19.15 -64.28
N GLU A 1078 -32.89 -19.02 -65.57
CA GLU A 1078 -34.14 -19.55 -66.12
C GLU A 1078 -35.37 -18.86 -65.56
N PHE A 1079 -35.66 -19.09 -64.28
CA PHE A 1079 -36.83 -18.51 -63.66
C PHE A 1079 -36.70 -16.99 -63.72
N LYS A 1080 -37.52 -16.37 -64.56
CA LYS A 1080 -37.40 -14.95 -64.87
C LYS A 1080 -37.40 -14.11 -63.61
N THR A 1081 -38.22 -14.53 -62.64
CA THR A 1081 -38.33 -13.83 -61.37
C THR A 1081 -37.18 -14.21 -60.46
N PHE A 1082 -36.76 -13.28 -59.60
CA PHE A 1082 -35.76 -13.56 -58.58
C PHE A 1082 -36.46 -13.75 -57.25
N ASN A 1083 -35.96 -14.67 -56.43
CA ASN A 1083 -36.61 -14.98 -55.17
C ASN A 1083 -36.67 -13.75 -54.27
N LYS A 1084 -37.71 -13.67 -53.47
CA LYS A 1084 -37.98 -12.49 -52.64
C LYS A 1084 -36.76 -11.92 -51.92
N ILE A 1085 -36.23 -12.68 -50.97
CA ILE A 1085 -35.10 -12.21 -50.18
C ILE A 1085 -33.85 -12.10 -51.03
N GLN A 1086 -33.85 -12.84 -52.13
CA GLN A 1086 -32.71 -12.89 -53.04
C GLN A 1086 -32.58 -11.62 -53.88
N SER A 1087 -33.73 -11.13 -54.34
CA SER A 1087 -33.79 -9.92 -55.17
C SER A 1087 -33.23 -8.68 -54.46
N GLN A 1088 -33.38 -8.65 -53.14
CA GLN A 1088 -33.02 -7.49 -52.32
C GLN A 1088 -31.56 -7.06 -52.46
N VAL A 1089 -30.65 -8.03 -52.50
CA VAL A 1089 -29.22 -7.73 -52.44
C VAL A 1089 -28.60 -7.61 -53.83
N PHE A 1090 -29.39 -7.95 -54.86
CA PHE A 1090 -28.96 -7.90 -56.26
C PHE A 1090 -28.10 -6.70 -56.62
N GLU A 1091 -28.58 -5.50 -56.29
CA GLU A 1091 -27.89 -4.26 -56.67
C GLU A 1091 -26.44 -4.23 -56.19
N SER A 1092 -26.21 -4.69 -54.96
CA SER A 1092 -24.88 -4.61 -54.36
C SER A 1092 -24.01 -5.82 -54.69
N LEU A 1093 -24.54 -6.72 -55.52
CA LEU A 1093 -23.80 -7.91 -55.95
C LEU A 1093 -23.49 -7.86 -57.45
N TYR A 1094 -24.54 -7.70 -58.25
CA TYR A 1094 -24.38 -7.75 -59.71
C TYR A 1094 -23.71 -6.50 -60.26
N ASN A 1095 -23.96 -5.36 -59.63
CA ASN A 1095 -23.40 -4.09 -60.08
C ASN A 1095 -22.18 -3.69 -59.27
N SER A 1096 -22.34 -3.60 -57.95
CA SER A 1096 -21.28 -3.11 -57.08
C SER A 1096 -20.10 -4.08 -57.03
N ASN A 1097 -18.90 -3.51 -56.96
CA ASN A 1097 -17.66 -4.29 -56.84
C ASN A 1097 -17.11 -4.21 -55.42
N ASP A 1098 -17.98 -3.94 -54.47
CA ASP A 1098 -17.59 -3.78 -53.07
C ASP A 1098 -17.59 -5.11 -52.33
N SER A 1099 -16.89 -5.14 -51.19
CA SER A 1099 -16.94 -6.29 -50.30
C SER A 1099 -18.34 -6.37 -49.72
N VAL A 1100 -18.94 -7.56 -49.76
CA VAL A 1100 -20.35 -7.70 -49.44
C VAL A 1100 -20.67 -9.01 -48.70
N PHE A 1101 -21.51 -8.88 -47.68
CA PHE A 1101 -21.95 -10.02 -46.86
C PHE A 1101 -23.45 -10.24 -46.96
N VAL A 1102 -23.87 -11.50 -47.10
CA VAL A 1102 -25.28 -11.87 -47.13
C VAL A 1102 -25.57 -13.05 -46.19
N GLY A 1103 -26.20 -12.75 -45.06
CA GLY A 1103 -26.67 -13.79 -44.15
C GLY A 1103 -28.13 -14.13 -44.38
N SER A 1104 -28.39 -15.23 -45.08
CA SER A 1104 -29.75 -15.65 -45.42
C SER A 1104 -30.02 -17.09 -44.99
N GLY A 1105 -31.19 -17.31 -44.38
CA GLY A 1105 -31.61 -18.63 -43.94
C GLY A 1105 -31.30 -19.76 -44.93
N LYS A 1106 -30.87 -20.90 -44.40
CA LYS A 1106 -30.49 -22.03 -45.22
C LYS A 1106 -31.71 -22.66 -45.88
N GLY A 1107 -31.75 -22.60 -47.21
CA GLY A 1107 -32.89 -23.07 -47.98
C GLY A 1107 -33.56 -21.95 -48.76
N THR A 1108 -32.97 -20.76 -48.71
CA THR A 1108 -33.56 -19.58 -49.33
C THR A 1108 -32.98 -19.29 -50.73
N GLY A 1109 -31.75 -19.77 -50.98
CA GLY A 1109 -31.18 -19.72 -52.32
C GLY A 1109 -29.87 -18.97 -52.51
N LYS A 1110 -29.03 -18.94 -51.48
CA LYS A 1110 -27.72 -18.30 -51.56
C LYS A 1110 -26.86 -18.87 -52.69
N THR A 1111 -27.09 -20.16 -52.97
CA THR A 1111 -26.39 -20.87 -54.04
C THR A 1111 -26.48 -20.06 -55.33
N ALA A 1112 -27.69 -19.60 -55.63
CA ALA A 1112 -27.93 -18.78 -56.82
C ALA A 1112 -27.34 -17.37 -56.66
N MET A 1113 -27.29 -16.87 -55.42
CA MET A 1113 -26.70 -15.56 -55.15
C MET A 1113 -25.22 -15.53 -55.52
N ALA A 1114 -24.49 -16.57 -55.12
CA ALA A 1114 -23.07 -16.67 -55.42
C ALA A 1114 -22.75 -16.44 -56.90
N GLU A 1115 -23.60 -16.95 -57.78
CA GLU A 1115 -23.38 -16.86 -59.23
C GLU A 1115 -23.32 -15.42 -59.77
N LEU A 1116 -24.11 -14.52 -59.19
CA LEU A 1116 -24.14 -13.13 -59.62
C LEU A 1116 -22.78 -12.45 -59.49
N ALA A 1117 -22.14 -12.63 -58.33
CA ALA A 1117 -20.81 -12.07 -58.11
C ALA A 1117 -19.86 -12.48 -59.21
N LEU A 1118 -19.89 -13.77 -59.57
CA LEU A 1118 -19.07 -14.28 -60.66
C LEU A 1118 -19.45 -13.62 -61.98
N LEU A 1119 -20.74 -13.59 -62.29
CA LEU A 1119 -21.21 -13.00 -63.53
C LEU A 1119 -20.75 -11.54 -63.67
N ASN A 1120 -20.81 -10.78 -62.57
CA ASN A 1120 -20.30 -9.42 -62.56
C ASN A 1120 -18.78 -9.41 -62.75
N HIS A 1121 -18.11 -10.25 -61.97
CA HIS A 1121 -16.66 -10.41 -62.05
C HIS A 1121 -16.22 -10.77 -63.47
N TRP A 1122 -17.07 -11.52 -64.16
CA TRP A 1122 -16.77 -11.99 -65.50
C TRP A 1122 -17.07 -10.95 -66.58
N ARG A 1123 -18.25 -10.33 -66.51
CA ARG A 1123 -18.65 -9.37 -67.52
C ARG A 1123 -17.74 -8.14 -67.53
N GLN A 1124 -17.07 -7.89 -66.40
CA GLN A 1124 -16.12 -6.79 -66.30
C GLN A 1124 -14.68 -7.23 -66.56
N ASN A 1125 -14.51 -8.51 -66.87
CA ASN A 1125 -13.18 -9.06 -67.20
C ASN A 1125 -12.13 -8.75 -66.13
N LYS A 1126 -12.37 -9.21 -64.92
CA LYS A 1126 -11.52 -8.89 -63.78
C LYS A 1126 -10.30 -9.82 -63.69
N GLY A 1127 -10.54 -11.07 -63.31
CA GLY A 1127 -9.45 -12.03 -63.18
C GLY A 1127 -9.85 -13.33 -62.52
N ARG A 1128 -8.91 -13.96 -61.83
CA ARG A 1128 -9.15 -15.27 -61.22
C ARG A 1128 -10.14 -15.19 -60.07
N ALA A 1129 -10.97 -16.22 -59.93
CA ALA A 1129 -12.03 -16.25 -58.91
C ALA A 1129 -11.96 -17.49 -58.04
N VAL A 1130 -11.99 -17.28 -56.72
CA VAL A 1130 -11.92 -18.39 -55.77
C VAL A 1130 -13.21 -18.58 -54.98
N TYR A 1131 -13.82 -19.75 -55.15
CA TYR A 1131 -15.00 -20.14 -54.39
C TYR A 1131 -14.61 -21.08 -53.24
N ILE A 1132 -14.89 -20.63 -52.02
CA ILE A 1132 -14.58 -21.40 -50.82
C ILE A 1132 -15.84 -22.03 -50.23
N ASN A 1133 -15.75 -23.29 -49.81
CA ASN A 1133 -16.87 -23.98 -49.20
C ASN A 1133 -16.46 -25.28 -48.51
N PRO A 1134 -16.66 -25.38 -47.18
CA PRO A 1134 -16.30 -26.62 -46.49
C PRO A 1134 -17.15 -27.82 -46.93
N SER A 1135 -18.33 -27.56 -47.49
CA SER A 1135 -19.22 -28.63 -47.93
C SER A 1135 -18.71 -29.26 -49.22
N GLY A 1136 -18.04 -30.40 -49.10
CA GLY A 1136 -17.47 -31.11 -50.24
C GLY A 1136 -18.48 -31.48 -51.31
N GLU A 1137 -19.61 -32.04 -50.88
CA GLU A 1137 -20.66 -32.47 -51.81
C GLU A 1137 -21.09 -31.32 -52.69
N LYS A 1138 -21.28 -30.15 -52.08
CA LYS A 1138 -21.75 -28.98 -52.81
C LYS A 1138 -20.69 -28.54 -53.83
N ILE A 1139 -19.42 -28.64 -53.46
CA ILE A 1139 -18.34 -28.36 -54.41
C ILE A 1139 -18.41 -29.33 -55.59
N ASP A 1140 -18.48 -30.62 -55.26
CA ASP A 1140 -18.53 -31.66 -56.28
C ASP A 1140 -19.69 -31.43 -57.23
N PHE A 1141 -20.85 -31.10 -56.69
CA PHE A 1141 -21.99 -30.77 -57.53
C PHE A 1141 -21.74 -29.52 -58.37
N LEU A 1142 -21.30 -28.45 -57.72
CA LEU A 1142 -21.11 -27.16 -58.39
C LEU A 1142 -20.10 -27.24 -59.54
N LEU A 1143 -19.08 -28.09 -59.42
CA LEU A 1143 -18.18 -28.27 -60.56
C LEU A 1143 -18.93 -28.88 -61.73
N SER A 1144 -19.67 -29.96 -61.46
CA SER A 1144 -20.43 -30.65 -62.49
C SER A 1144 -21.57 -29.78 -63.01
N ASP A 1145 -22.00 -28.81 -62.20
CA ASP A 1145 -23.10 -27.92 -62.57
C ASP A 1145 -22.63 -26.72 -63.40
N TRP A 1146 -21.58 -26.04 -62.94
CA TRP A 1146 -21.18 -24.75 -63.51
C TRP A 1146 -20.65 -24.85 -64.95
N ASN A 1147 -19.85 -25.86 -65.25
CA ASN A 1147 -19.28 -25.99 -66.58
C ASN A 1147 -20.28 -26.50 -67.62
N LYS A 1148 -21.54 -26.63 -67.21
CA LYS A 1148 -22.63 -26.96 -68.11
C LYS A 1148 -23.47 -25.73 -68.43
N ARG A 1149 -23.27 -24.66 -67.66
CA ARG A 1149 -24.09 -23.45 -67.78
C ARG A 1149 -23.26 -22.20 -68.02
N PHE A 1150 -21.99 -22.22 -67.61
CA PHE A 1150 -21.16 -21.01 -67.60
C PHE A 1150 -19.91 -21.05 -68.48
N SER A 1151 -19.28 -22.22 -68.57
CA SER A 1151 -18.00 -22.35 -69.27
C SER A 1151 -18.01 -21.83 -70.70
N HIS A 1152 -19.03 -22.23 -71.47
CA HIS A 1152 -19.05 -21.95 -72.90
C HIS A 1152 -19.72 -20.61 -73.25
N LEU A 1153 -20.11 -19.85 -72.23
CA LEU A 1153 -20.85 -18.61 -72.45
C LEU A 1153 -19.96 -17.36 -72.40
N ALA A 1154 -18.74 -17.51 -71.90
CA ALA A 1154 -17.83 -16.37 -71.82
C ALA A 1154 -16.35 -16.79 -71.75
N GLY A 1155 -16.08 -18.05 -72.10
CA GLY A 1155 -14.71 -18.55 -72.14
C GLY A 1155 -14.11 -18.68 -70.76
N GLY A 1156 -14.62 -19.62 -69.97
CA GLY A 1156 -14.13 -19.86 -68.62
C GLY A 1156 -13.91 -21.33 -68.34
N LYS A 1157 -12.85 -21.63 -67.58
CA LYS A 1157 -12.54 -23.00 -67.19
C LYS A 1157 -12.77 -23.17 -65.70
N ILE A 1158 -13.70 -24.07 -65.35
CA ILE A 1158 -14.03 -24.34 -63.96
C ILE A 1158 -13.47 -25.71 -63.57
N ILE A 1159 -12.86 -25.78 -62.39
CA ILE A 1159 -12.29 -27.04 -61.91
C ILE A 1159 -12.15 -27.02 -60.38
N ASN A 1160 -12.43 -28.16 -59.75
CA ASN A 1160 -12.37 -28.27 -58.31
C ASN A 1160 -10.97 -28.63 -57.83
N LYS A 1161 -10.86 -29.18 -56.62
CA LYS A 1161 -9.56 -29.36 -56.00
C LYS A 1161 -9.53 -30.46 -54.94
N LEU A 1162 -8.51 -31.31 -55.02
CA LEU A 1162 -8.24 -32.32 -54.00
C LEU A 1162 -6.97 -31.93 -53.25
N GLY A 1163 -7.15 -31.40 -52.04
CA GLY A 1163 -6.05 -30.93 -51.22
C GLY A 1163 -4.93 -31.93 -51.01
N ASN A 1164 -5.24 -33.21 -51.21
CA ASN A 1164 -4.27 -34.28 -51.01
C ASN A 1164 -3.03 -34.12 -51.89
N ASP A 1165 -3.14 -33.29 -52.92
CA ASP A 1165 -2.00 -32.99 -53.79
C ASP A 1165 -1.91 -31.48 -54.02
N PRO A 1166 -1.25 -30.76 -53.09
CA PRO A 1166 -1.13 -29.30 -53.22
C PRO A 1166 -0.41 -28.87 -54.50
N SER A 1167 0.56 -29.69 -54.93
CA SER A 1167 1.35 -29.37 -56.12
C SER A 1167 0.48 -29.40 -57.37
N LEU A 1168 -0.39 -30.39 -57.46
CA LEU A 1168 -1.38 -30.46 -58.54
C LEU A 1168 -2.30 -29.25 -58.46
N ASN A 1169 -2.76 -28.96 -57.25
CA ASN A 1169 -3.72 -27.88 -57.00
C ASN A 1169 -3.17 -26.51 -57.41
N LEU A 1170 -1.92 -26.23 -57.07
CA LEU A 1170 -1.28 -24.99 -57.49
C LEU A 1170 -1.39 -24.80 -59.00
N LYS A 1171 -1.03 -25.85 -59.74
CA LYS A 1171 -1.13 -25.81 -61.19
C LYS A 1171 -2.60 -25.66 -61.61
N LEU A 1172 -3.50 -26.35 -60.91
CA LEU A 1172 -4.93 -26.20 -61.18
C LEU A 1172 -5.38 -24.77 -60.96
N LEU A 1173 -4.78 -24.09 -59.98
CA LEU A 1173 -5.08 -22.70 -59.72
C LEU A 1173 -4.60 -21.87 -60.90
N ALA A 1174 -3.33 -22.03 -61.23
CA ALA A 1174 -2.72 -21.30 -62.34
C ALA A 1174 -3.45 -21.57 -63.66
N LYS A 1175 -3.93 -22.79 -63.83
CA LYS A 1175 -4.48 -23.23 -65.13
C LYS A 1175 -5.98 -23.04 -65.26
N SER A 1176 -6.60 -22.30 -64.34
CA SER A 1176 -8.05 -22.10 -64.39
C SER A 1176 -8.46 -20.67 -64.10
N HIS A 1177 -9.60 -20.27 -64.66
CA HIS A 1177 -10.15 -18.93 -64.48
C HIS A 1177 -10.86 -18.80 -63.13
N VAL A 1178 -11.56 -19.86 -62.75
CA VAL A 1178 -12.31 -19.88 -61.50
C VAL A 1178 -12.20 -21.27 -60.88
N LEU A 1179 -12.07 -21.34 -59.56
CA LEU A 1179 -11.96 -22.65 -58.90
C LEU A 1179 -12.78 -22.78 -57.61
N LEU A 1180 -13.02 -24.03 -57.23
CA LEU A 1180 -13.75 -24.36 -56.00
C LEU A 1180 -12.83 -25.10 -55.03
N ALA A 1181 -12.85 -24.69 -53.76
CA ALA A 1181 -12.03 -25.35 -52.76
C ALA A 1181 -12.66 -25.28 -51.37
N THR A 1182 -12.26 -26.20 -50.49
CA THR A 1182 -12.63 -26.10 -49.08
C THR A 1182 -11.68 -25.11 -48.43
N PRO A 1183 -12.01 -24.65 -47.21
CA PRO A 1183 -11.16 -23.64 -46.56
C PRO A 1183 -9.72 -24.09 -46.37
N VAL A 1184 -9.53 -25.28 -45.82
CA VAL A 1184 -8.19 -25.78 -45.54
C VAL A 1184 -7.40 -25.97 -46.83
N GLN A 1185 -8.08 -26.47 -47.87
CA GLN A 1185 -7.44 -26.72 -49.14
C GLN A 1185 -6.80 -25.46 -49.71
N PHE A 1186 -7.54 -24.37 -49.75
CA PHE A 1186 -7.01 -23.13 -50.29
C PHE A 1186 -6.07 -22.48 -49.29
N GLU A 1187 -6.39 -22.59 -48.00
CA GLU A 1187 -5.53 -22.05 -46.96
C GLU A 1187 -4.13 -22.65 -47.08
N LEU A 1188 -4.10 -23.93 -47.44
CA LEU A 1188 -2.84 -24.65 -47.65
C LEU A 1188 -1.99 -23.98 -48.72
N LEU A 1189 -2.63 -23.33 -49.68
CA LEU A 1189 -1.93 -22.57 -50.71
C LEU A 1189 -1.63 -21.15 -50.23
N SER A 1190 -2.63 -20.51 -49.62
CA SER A 1190 -2.51 -19.11 -49.21
C SER A 1190 -1.45 -18.94 -48.12
N ARG A 1191 -1.19 -19.99 -47.35
CA ARG A 1191 -0.22 -19.90 -46.26
C ARG A 1191 1.22 -19.69 -46.75
N ARG A 1192 1.39 -19.50 -48.05
CA ARG A 1192 2.67 -19.05 -48.61
C ARG A 1192 2.41 -18.03 -49.71
N TRP A 1193 1.51 -17.09 -49.43
CA TRP A 1193 1.17 -16.04 -50.39
C TRP A 1193 2.40 -15.22 -50.78
N ARG A 1194 3.37 -15.16 -49.88
CA ARG A 1194 4.59 -14.39 -50.09
C ARG A 1194 5.30 -14.79 -51.39
N GLN A 1195 5.33 -16.09 -51.67
CA GLN A 1195 6.07 -16.61 -52.81
C GLN A 1195 5.17 -16.86 -54.02
N ARG A 1196 4.01 -17.47 -53.76
CA ARG A 1196 3.07 -17.81 -54.82
C ARG A 1196 2.42 -16.58 -55.41
N LYS A 1197 2.90 -16.16 -56.58
CA LYS A 1197 2.42 -14.93 -57.22
C LYS A 1197 0.93 -14.98 -57.54
N ASN A 1198 0.43 -16.16 -57.87
CA ASN A 1198 -0.94 -16.30 -58.36
C ASN A 1198 -1.97 -16.20 -57.25
N ILE A 1199 -1.51 -15.97 -56.02
CA ILE A 1199 -2.41 -15.71 -54.90
C ILE A 1199 -2.88 -14.25 -54.93
N GLN A 1200 -1.93 -13.32 -55.00
CA GLN A 1200 -2.25 -11.90 -55.00
C GLN A 1200 -2.84 -11.44 -56.33
N SER A 1201 -2.82 -12.32 -57.33
CA SER A 1201 -3.44 -12.03 -58.61
C SER A 1201 -4.95 -12.08 -58.48
N LEU A 1202 -5.42 -12.72 -57.42
CA LEU A 1202 -6.85 -12.88 -57.17
C LEU A 1202 -7.53 -11.54 -56.96
N GLU A 1203 -8.81 -11.47 -57.31
CA GLU A 1203 -9.59 -10.25 -57.17
C GLU A 1203 -10.97 -10.53 -56.58
N LEU A 1204 -11.52 -11.72 -56.84
CA LEU A 1204 -12.80 -12.13 -56.26
C LEU A 1204 -12.70 -13.42 -55.47
N MET A 1205 -13.17 -13.37 -54.23
CA MET A 1205 -13.30 -14.56 -53.42
C MET A 1205 -14.69 -14.67 -52.78
N ILE A 1206 -15.33 -15.81 -53.02
CA ILE A 1206 -16.65 -16.10 -52.48
C ILE A 1206 -16.53 -17.04 -51.29
N TYR A 1207 -17.18 -16.68 -50.18
CA TYR A 1207 -17.09 -17.42 -48.94
C TYR A 1207 -18.46 -17.96 -48.53
N ASP A 1208 -18.82 -19.11 -49.09
CA ASP A 1208 -20.12 -19.71 -48.85
C ASP A 1208 -20.15 -20.44 -47.51
N ASP A 1209 -21.33 -20.49 -46.89
CA ASP A 1209 -21.52 -21.11 -45.58
C ASP A 1209 -20.42 -20.69 -44.60
N ALA A 1210 -20.16 -19.38 -44.56
CA ALA A 1210 -19.10 -18.83 -43.71
C ALA A 1210 -19.40 -19.01 -42.24
N HIS A 1211 -20.68 -19.20 -41.91
CA HIS A 1211 -21.10 -19.37 -40.52
C HIS A 1211 -20.28 -20.42 -39.76
N GLU A 1212 -19.66 -21.33 -40.51
CA GLU A 1212 -18.86 -22.39 -39.91
C GLU A 1212 -17.44 -21.95 -39.55
N ILE A 1213 -17.16 -20.65 -39.59
CA ILE A 1213 -15.86 -20.18 -39.09
C ILE A 1213 -15.76 -20.40 -37.58
N SER A 1214 -16.87 -20.77 -36.95
CA SER A 1214 -16.88 -21.14 -35.55
C SER A 1214 -16.94 -22.66 -35.38
N GLN A 1215 -17.09 -23.37 -36.49
CA GLN A 1215 -17.20 -24.83 -36.47
C GLN A 1215 -15.85 -25.49 -36.21
N GLY A 1216 -15.34 -25.33 -35.00
CA GLY A 1216 -14.10 -25.98 -34.59
C GLY A 1216 -12.85 -25.56 -35.37
N VAL A 1217 -11.92 -26.50 -35.48
CA VAL A 1217 -10.60 -26.23 -36.04
C VAL A 1217 -10.65 -25.91 -37.53
N TYR A 1218 -11.37 -26.72 -38.30
CA TYR A 1218 -11.49 -26.49 -39.74
C TYR A 1218 -12.09 -25.10 -39.97
N GLY A 1219 -12.97 -24.70 -39.07
CA GLY A 1219 -13.55 -23.38 -39.08
C GLY A 1219 -12.52 -22.33 -38.70
N ALA A 1220 -11.71 -22.61 -37.69
CA ALA A 1220 -10.62 -21.72 -37.33
C ALA A 1220 -9.68 -21.47 -38.52
N VAL A 1221 -9.38 -22.54 -39.26
CA VAL A 1221 -8.60 -22.41 -40.48
C VAL A 1221 -9.35 -21.54 -41.48
N TYR A 1222 -10.64 -21.82 -41.64
CA TYR A 1222 -11.51 -21.03 -42.52
C TYR A 1222 -11.39 -19.53 -42.17
N GLU A 1223 -11.44 -19.23 -40.87
CA GLU A 1223 -11.22 -17.86 -40.40
C GLU A 1223 -9.85 -17.33 -40.81
N THR A 1224 -8.83 -18.14 -40.52
CA THR A 1224 -7.45 -17.79 -40.84
C THR A 1224 -7.30 -17.44 -42.33
N LEU A 1225 -7.97 -18.20 -43.19
CA LEU A 1225 -7.90 -17.94 -44.64
C LEU A 1225 -8.32 -16.51 -45.00
N ILE A 1226 -9.57 -16.16 -44.71
CA ILE A 1226 -10.09 -14.86 -45.08
C ILE A 1226 -9.28 -13.77 -44.35
N SER A 1227 -8.87 -14.07 -43.12
CA SER A 1227 -7.97 -13.16 -42.40
C SER A 1227 -6.71 -12.91 -43.22
N ARG A 1228 -6.10 -13.98 -43.73
CA ARG A 1228 -4.94 -13.87 -44.60
C ARG A 1228 -5.24 -12.99 -45.80
N MET A 1229 -6.31 -13.33 -46.53
CA MET A 1229 -6.64 -12.59 -47.74
C MET A 1229 -6.82 -11.10 -47.46
N ILE A 1230 -7.43 -10.76 -46.33
CA ILE A 1230 -7.46 -9.36 -45.91
C ILE A 1230 -6.04 -8.83 -45.73
N PHE A 1231 -5.25 -9.55 -44.94
CA PHE A 1231 -3.86 -9.17 -44.67
C PHE A 1231 -3.08 -8.98 -45.97
N ILE A 1232 -3.41 -9.79 -46.98
CA ILE A 1232 -2.76 -9.70 -48.29
C ILE A 1232 -3.22 -8.44 -49.01
N ALA A 1233 -4.53 -8.24 -49.04
CA ALA A 1233 -5.10 -7.04 -49.66
C ALA A 1233 -4.48 -5.79 -49.05
N THR A 1234 -4.25 -5.83 -47.73
CA THR A 1234 -3.61 -4.71 -47.05
C THR A 1234 -2.14 -4.59 -47.44
N GLN A 1235 -1.36 -5.62 -47.15
CA GLN A 1235 0.09 -5.56 -47.30
C GLN A 1235 0.53 -5.31 -48.74
N LEU A 1236 -0.26 -5.82 -49.70
CA LEU A 1236 0.06 -5.64 -51.11
C LEU A 1236 -0.80 -4.56 -51.74
N GLU A 1237 -1.53 -3.82 -50.90
CA GLU A 1237 -2.31 -2.65 -51.31
C GLU A 1237 -3.44 -2.98 -52.30
N LYS A 1238 -3.13 -3.75 -53.34
CA LYS A 1238 -4.14 -4.22 -54.29
C LYS A 1238 -5.34 -4.82 -53.55
N LYS A 1239 -6.52 -4.24 -53.80
CA LYS A 1239 -7.71 -4.63 -53.05
C LYS A 1239 -8.32 -5.91 -53.61
N ILE A 1240 -8.93 -6.69 -52.73
CA ILE A 1240 -9.59 -7.94 -53.10
C ILE A 1240 -11.05 -7.88 -52.70
N ARG A 1241 -11.93 -8.42 -53.55
CA ARG A 1241 -13.37 -8.41 -53.26
C ARG A 1241 -13.80 -9.68 -52.52
N PHE A 1242 -14.41 -9.47 -51.35
CA PHE A 1242 -14.93 -10.54 -50.52
C PHE A 1242 -16.44 -10.61 -50.64
N VAL A 1243 -16.96 -11.76 -51.06
CA VAL A 1243 -18.40 -11.98 -51.13
C VAL A 1243 -18.77 -13.11 -50.16
N CYS A 1244 -19.14 -12.73 -48.95
CA CYS A 1244 -19.45 -13.71 -47.91
C CYS A 1244 -20.92 -14.11 -47.93
N LEU A 1245 -21.17 -15.41 -48.08
CA LEU A 1245 -22.53 -15.93 -48.01
C LEU A 1245 -22.66 -16.82 -46.79
N SER A 1246 -23.65 -16.52 -45.95
CA SER A 1246 -23.85 -17.25 -44.71
C SER A 1246 -25.33 -17.44 -44.41
N ASN A 1247 -25.63 -18.28 -43.43
CA ASN A 1247 -27.00 -18.38 -42.90
C ASN A 1247 -27.17 -17.36 -41.78
N CYS A 1248 -28.35 -17.35 -41.17
CA CYS A 1248 -28.70 -16.34 -40.17
C CYS A 1248 -27.68 -16.27 -39.05
N LEU A 1249 -27.31 -15.04 -38.68
CA LEU A 1249 -26.31 -14.80 -37.64
C LEU A 1249 -26.87 -13.90 -36.55
N ALA A 1250 -26.04 -13.60 -35.56
CA ALA A 1250 -26.41 -12.69 -34.49
C ALA A 1250 -26.03 -11.26 -34.88
N ASN A 1251 -25.01 -10.69 -34.24
CA ASN A 1251 -24.55 -9.35 -34.57
C ASN A 1251 -23.57 -9.40 -35.73
N ALA A 1252 -24.10 -9.23 -36.94
CA ALA A 1252 -23.28 -9.31 -38.15
C ALA A 1252 -22.22 -8.21 -38.21
N ARG A 1253 -22.37 -7.18 -37.38
CA ARG A 1253 -21.49 -6.01 -37.42
C ARG A 1253 -20.01 -6.41 -37.33
N ASP A 1254 -19.68 -7.27 -36.37
CA ASP A 1254 -18.31 -7.72 -36.17
C ASP A 1254 -17.79 -8.43 -37.42
N PHE A 1255 -18.61 -9.34 -37.92
CA PHE A 1255 -18.29 -10.11 -39.11
C PHE A 1255 -18.07 -9.17 -40.30
N GLY A 1256 -18.88 -8.11 -40.37
CA GLY A 1256 -18.77 -7.13 -41.43
C GLY A 1256 -17.52 -6.29 -41.34
N GLU A 1257 -17.31 -5.65 -40.20
CA GLU A 1257 -16.13 -4.82 -39.97
C GLU A 1257 -14.86 -5.63 -40.18
N TRP A 1258 -14.90 -6.88 -39.70
CA TRP A 1258 -13.79 -7.80 -39.87
C TRP A 1258 -13.36 -7.95 -41.32
N ALA A 1259 -14.32 -8.22 -42.20
CA ALA A 1259 -14.01 -8.50 -43.61
C ALA A 1259 -13.88 -7.22 -44.44
N GLY A 1260 -13.76 -6.07 -43.78
CA GLY A 1260 -13.59 -4.81 -44.48
C GLY A 1260 -14.80 -4.47 -45.32
N MET A 1261 -15.96 -4.93 -44.88
CA MET A 1261 -17.21 -4.74 -45.62
C MET A 1261 -17.69 -3.31 -45.59
N THR A 1262 -18.32 -2.88 -46.69
CA THR A 1262 -19.04 -1.62 -46.70
C THR A 1262 -20.28 -1.80 -45.83
N LYS A 1263 -20.30 -1.10 -44.70
CA LYS A 1263 -21.36 -1.24 -43.71
C LYS A 1263 -22.76 -1.03 -44.30
N SER A 1264 -22.82 -0.40 -45.46
CA SER A 1264 -24.09 -0.24 -46.18
C SER A 1264 -24.67 -1.57 -46.67
N ASN A 1265 -23.81 -2.48 -47.12
CA ASN A 1265 -24.24 -3.70 -47.80
C ASN A 1265 -23.97 -5.00 -47.04
N ILE A 1266 -23.93 -4.93 -45.71
CA ILE A 1266 -23.71 -6.13 -44.89
C ILE A 1266 -25.04 -6.72 -44.42
N TYR A 1267 -25.91 -7.03 -45.38
CA TYR A 1267 -27.24 -7.58 -45.13
C TYR A 1267 -27.22 -8.76 -44.15
N ASN A 1268 -28.19 -8.77 -43.24
CA ASN A 1268 -28.35 -9.87 -42.29
C ASN A 1268 -29.82 -10.00 -41.87
N PHE A 1269 -30.46 -11.07 -42.35
CA PHE A 1269 -31.87 -11.31 -42.09
C PHE A 1269 -32.05 -12.37 -41.01
N SER A 1270 -33.23 -12.40 -40.41
CA SER A 1270 -33.52 -13.37 -39.34
C SER A 1270 -34.06 -14.68 -39.92
N PRO A 1271 -34.04 -15.76 -39.12
CA PRO A 1271 -34.49 -17.07 -39.59
C PRO A 1271 -35.94 -17.05 -40.09
N SER A 1272 -36.80 -16.29 -39.40
CA SER A 1272 -38.20 -16.18 -39.79
C SER A 1272 -38.37 -15.18 -40.93
N GLU A 1273 -37.61 -15.40 -42.00
CA GLU A 1273 -37.67 -14.55 -43.19
C GLU A 1273 -37.77 -15.45 -44.41
N ARG A 1274 -38.21 -16.68 -44.18
CA ARG A 1274 -38.22 -17.71 -45.21
C ARG A 1274 -39.15 -17.37 -46.37
N ILE A 1275 -38.69 -17.64 -47.58
CA ILE A 1275 -39.45 -17.38 -48.79
C ILE A 1275 -40.69 -18.28 -48.84
N GLU A 1276 -40.63 -19.40 -48.13
CA GLU A 1276 -41.77 -20.29 -48.00
C GLU A 1276 -42.14 -20.49 -46.53
N PRO A 1277 -43.37 -20.95 -46.26
CA PRO A 1277 -43.79 -21.17 -44.87
C PRO A 1277 -43.24 -22.46 -44.27
N LEU A 1278 -42.66 -22.38 -43.07
CA LEU A 1278 -42.16 -23.56 -42.38
C LEU A 1278 -42.82 -23.68 -41.02
N GLU A 1279 -43.36 -24.87 -40.74
CA GLU A 1279 -44.00 -25.15 -39.46
C GLU A 1279 -43.22 -26.22 -38.73
N ILE A 1280 -42.42 -25.79 -37.75
CA ILE A 1280 -41.57 -26.68 -36.98
C ILE A 1280 -42.27 -27.17 -35.72
N ASN A 1281 -42.38 -28.48 -35.59
CA ASN A 1281 -42.89 -29.09 -34.37
C ASN A 1281 -41.71 -29.65 -33.58
N ILE A 1282 -41.80 -29.55 -32.25
CA ILE A 1282 -40.77 -30.08 -31.38
C ILE A 1282 -41.46 -30.72 -30.17
N GLN A 1283 -41.06 -31.94 -29.86
CA GLN A 1283 -41.66 -32.70 -28.76
C GLN A 1283 -40.60 -33.24 -27.80
N SER A 1284 -40.82 -33.01 -26.52
CA SER A 1284 -39.91 -33.48 -25.48
C SER A 1284 -40.35 -34.83 -24.92
N PHE A 1285 -39.38 -35.73 -24.76
CA PHE A 1285 -39.63 -37.04 -24.17
C PHE A 1285 -38.70 -37.25 -22.98
N LYS A 1286 -39.21 -37.92 -21.95
CA LYS A 1286 -38.48 -38.11 -20.71
C LYS A 1286 -37.59 -39.34 -20.77
N ASP A 1287 -36.45 -39.27 -20.11
CA ASP A 1287 -35.50 -40.38 -20.01
C ASP A 1287 -35.05 -40.86 -21.39
N VAL A 1288 -34.57 -39.94 -22.20
CA VAL A 1288 -33.99 -40.25 -23.50
C VAL A 1288 -32.70 -39.45 -23.71
N GLU A 1289 -32.48 -38.46 -22.85
CA GLU A 1289 -31.32 -37.57 -22.97
C GLU A 1289 -29.98 -38.31 -22.89
N HIS A 1290 -30.02 -39.60 -22.58
CA HIS A 1290 -28.82 -40.43 -22.54
C HIS A 1290 -28.97 -41.67 -23.41
N ILE A 1291 -29.66 -41.52 -24.55
CA ILE A 1291 -29.76 -42.57 -25.54
C ILE A 1291 -30.24 -41.99 -26.87
N SER A 1292 -30.03 -42.74 -27.95
CA SER A 1292 -30.45 -42.32 -29.29
C SER A 1292 -31.92 -41.91 -29.31
N PHE A 1293 -32.81 -42.88 -29.12
CA PHE A 1293 -34.24 -42.62 -29.11
C PHE A 1293 -34.99 -43.76 -28.43
N ASN A 1294 -36.31 -43.64 -28.35
CA ASN A 1294 -37.14 -44.66 -27.71
C ASN A 1294 -38.36 -44.98 -28.56
N PHE A 1295 -39.18 -45.92 -28.08
CA PHE A 1295 -40.33 -46.41 -28.83
C PHE A 1295 -41.37 -45.32 -29.12
N SER A 1296 -41.67 -44.51 -28.11
CA SER A 1296 -42.68 -43.47 -28.24
C SER A 1296 -42.33 -42.51 -29.37
N MET A 1297 -41.06 -42.14 -29.45
CA MET A 1297 -40.58 -41.25 -30.50
C MET A 1297 -40.73 -41.91 -31.87
N LEU A 1298 -40.38 -43.19 -31.95
CA LEU A 1298 -40.54 -43.96 -33.18
C LEU A 1298 -41.98 -43.98 -33.65
N GLN A 1299 -42.88 -44.37 -32.74
CA GLN A 1299 -44.30 -44.41 -33.04
C GLN A 1299 -44.79 -43.04 -33.50
N MET A 1300 -44.48 -42.02 -32.70
CA MET A 1300 -44.81 -40.64 -33.04
C MET A 1300 -44.36 -40.29 -34.44
N ALA A 1301 -43.09 -40.56 -34.72
CA ALA A 1301 -42.48 -40.25 -36.00
C ALA A 1301 -43.22 -40.93 -37.15
N PHE A 1302 -43.43 -42.24 -37.04
CA PHE A 1302 -44.11 -42.97 -38.11
C PHE A 1302 -45.56 -42.53 -38.27
N GLU A 1303 -46.23 -42.20 -37.16
CA GLU A 1303 -47.58 -41.66 -37.23
C GLU A 1303 -47.56 -40.37 -38.06
N ALA A 1304 -46.71 -39.43 -37.67
CA ALA A 1304 -46.58 -38.16 -38.39
C ALA A 1304 -46.23 -38.40 -39.85
N SER A 1305 -45.31 -39.34 -40.09
CA SER A 1305 -44.83 -39.63 -41.43
C SER A 1305 -45.95 -40.17 -42.32
N ALA A 1306 -46.64 -41.21 -41.84
CA ALA A 1306 -47.71 -41.82 -42.60
C ALA A 1306 -48.85 -40.83 -42.78
N ALA A 1307 -49.13 -40.05 -41.74
CA ALA A 1307 -50.16 -39.03 -41.81
C ALA A 1307 -49.81 -37.99 -42.87
N ALA A 1308 -48.53 -37.62 -42.93
CA ALA A 1308 -48.04 -36.72 -43.96
C ALA A 1308 -48.18 -37.34 -45.35
N ALA A 1309 -47.77 -38.61 -45.47
CA ALA A 1309 -47.85 -39.33 -46.74
C ALA A 1309 -49.29 -39.44 -47.22
N GLY A 1310 -50.22 -39.60 -46.28
CA GLY A 1310 -51.63 -39.68 -46.60
C GLY A 1310 -52.16 -38.46 -47.33
N ASN A 1311 -51.46 -37.32 -47.18
CA ASN A 1311 -51.86 -36.07 -47.81
C ASN A 1311 -50.93 -35.65 -48.95
N ARG A 1312 -50.37 -36.64 -49.63
CA ARG A 1312 -49.52 -36.44 -50.80
C ARG A 1312 -48.25 -35.62 -50.53
N ASN A 1313 -47.88 -35.49 -49.26
CA ASN A 1313 -46.66 -34.79 -48.88
C ASN A 1313 -45.62 -35.77 -48.35
N SER A 1314 -44.77 -36.27 -49.24
CA SER A 1314 -43.74 -37.26 -48.91
C SER A 1314 -42.88 -36.80 -47.74
N SER A 1315 -42.41 -37.77 -46.94
CA SER A 1315 -41.70 -37.47 -45.70
C SER A 1315 -40.28 -38.05 -45.67
N SER A 1316 -39.37 -37.25 -45.11
CA SER A 1316 -37.97 -37.64 -44.96
C SER A 1316 -37.57 -37.66 -43.48
N VAL A 1317 -37.06 -38.80 -43.03
CA VAL A 1317 -36.72 -39.01 -41.62
C VAL A 1317 -35.21 -39.08 -41.46
N PHE A 1318 -34.69 -38.30 -40.50
CA PHE A 1318 -33.27 -38.31 -40.19
C PHE A 1318 -33.02 -39.14 -38.94
N LEU A 1319 -32.01 -40.01 -39.04
CA LEU A 1319 -31.64 -40.89 -37.93
C LEU A 1319 -30.15 -40.81 -37.63
N PRO A 1320 -29.75 -41.18 -36.40
CA PRO A 1320 -28.34 -41.11 -35.99
C PRO A 1320 -27.38 -41.95 -36.86
N SER A 1321 -27.79 -43.15 -37.27
CA SER A 1321 -26.90 -44.04 -38.00
C SER A 1321 -27.63 -45.08 -38.86
N ARG A 1322 -26.86 -45.74 -39.73
CA ARG A 1322 -27.36 -46.78 -40.63
C ARG A 1322 -28.11 -47.88 -39.88
N LYS A 1323 -27.51 -48.35 -38.79
CA LYS A 1323 -28.11 -49.36 -37.92
C LYS A 1323 -29.55 -48.99 -37.57
N ASP A 1324 -29.71 -47.73 -37.17
CA ASP A 1324 -31.01 -47.21 -36.78
C ASP A 1324 -31.94 -47.17 -37.98
N CYS A 1325 -31.42 -46.80 -39.15
CA CYS A 1325 -32.21 -46.78 -40.37
C CYS A 1325 -32.77 -48.18 -40.64
N MET A 1326 -31.91 -49.19 -40.61
CA MET A 1326 -32.32 -50.57 -40.81
C MET A 1326 -33.40 -50.99 -39.81
N GLU A 1327 -33.13 -50.75 -38.53
CA GLU A 1327 -34.08 -51.10 -37.48
C GLU A 1327 -35.43 -50.42 -37.71
N VAL A 1328 -35.39 -49.12 -37.99
CA VAL A 1328 -36.60 -48.35 -38.23
C VAL A 1328 -37.31 -48.79 -39.50
N ALA A 1329 -36.55 -49.25 -40.49
CA ALA A 1329 -37.13 -49.86 -41.69
C ALA A 1329 -37.97 -51.08 -41.30
N SER A 1330 -37.36 -51.98 -40.52
CA SER A 1330 -38.10 -53.14 -40.04
C SER A 1330 -39.33 -52.67 -39.26
N ALA A 1331 -39.13 -51.66 -38.43
CA ALA A 1331 -40.22 -51.06 -37.68
C ALA A 1331 -41.30 -50.56 -38.63
N PHE A 1332 -40.90 -49.97 -39.76
CA PHE A 1332 -41.87 -49.53 -40.75
C PHE A 1332 -42.65 -50.70 -41.30
N MET A 1333 -41.94 -51.78 -41.63
CA MET A 1333 -42.64 -52.95 -42.16
C MET A 1333 -43.67 -53.49 -41.17
N LYS A 1334 -43.27 -53.73 -39.92
CA LYS A 1334 -44.26 -54.21 -38.94
C LYS A 1334 -45.36 -53.19 -38.68
N PHE A 1335 -44.98 -51.92 -38.57
CA PHE A 1335 -45.93 -50.85 -38.32
C PHE A 1335 -46.99 -50.79 -39.41
N SER A 1336 -46.54 -50.73 -40.67
CA SER A 1336 -47.43 -50.60 -41.80
C SER A 1336 -48.27 -51.85 -41.99
N LYS A 1337 -47.62 -53.02 -41.94
CA LYS A 1337 -48.32 -54.28 -42.24
C LYS A 1337 -49.36 -54.69 -41.18
N ALA A 1338 -49.65 -53.81 -40.23
CA ALA A 1338 -50.64 -54.10 -39.19
C ALA A 1338 -51.72 -53.02 -39.07
N ILE A 1339 -51.81 -52.14 -40.07
CA ILE A 1339 -52.81 -51.07 -40.05
C ILE A 1339 -53.38 -50.83 -41.44
N GLU A 1340 -54.22 -49.79 -41.56
CA GLU A 1340 -54.90 -49.46 -42.80
C GLU A 1340 -53.92 -48.89 -43.83
N TRP A 1341 -53.23 -47.81 -43.45
CA TRP A 1341 -52.23 -47.21 -44.33
C TRP A 1341 -50.98 -48.09 -44.30
N ASP A 1342 -50.62 -48.65 -45.45
CA ASP A 1342 -49.54 -49.63 -45.49
C ASP A 1342 -48.94 -49.81 -46.88
N MET A 1343 -49.29 -48.92 -47.80
CA MET A 1343 -48.91 -49.09 -49.20
C MET A 1343 -47.48 -48.67 -49.51
N LEU A 1344 -47.03 -49.10 -50.69
CA LEU A 1344 -45.77 -48.70 -51.27
C LEU A 1344 -45.78 -47.23 -51.64
N ASN A 1345 -47.00 -46.70 -51.80
CA ASN A 1345 -47.29 -45.40 -52.40
C ASN A 1345 -47.28 -45.52 -53.92
N VAL A 1346 -47.16 -46.76 -54.41
CA VAL A 1346 -47.17 -47.06 -55.83
C VAL A 1346 -47.62 -48.50 -56.04
N GLU A 1347 -47.83 -48.88 -57.31
CA GLU A 1347 -48.23 -50.23 -57.66
C GLU A 1347 -47.27 -51.30 -57.13
N GLU A 1348 -47.83 -52.46 -56.81
CA GLU A 1348 -47.05 -53.60 -56.33
C GLU A 1348 -46.47 -54.38 -57.51
N GLU A 1349 -46.97 -54.08 -58.70
CA GLU A 1349 -46.59 -54.80 -59.92
C GLU A 1349 -45.45 -54.13 -60.69
N GLN A 1350 -45.63 -52.86 -61.02
CA GLN A 1350 -44.71 -52.12 -61.88
C GLN A 1350 -43.31 -51.93 -61.27
N ILE A 1351 -43.22 -52.02 -59.94
CA ILE A 1351 -41.98 -51.73 -59.22
C ILE A 1351 -40.97 -52.87 -59.14
N VAL A 1352 -41.38 -54.07 -59.55
CA VAL A 1352 -40.56 -55.26 -59.35
C VAL A 1352 -39.18 -55.22 -60.00
N PRO A 1353 -39.07 -54.76 -61.27
CA PRO A 1353 -37.77 -54.74 -61.94
C PRO A 1353 -36.63 -54.12 -61.14
N TYR A 1354 -36.88 -53.01 -60.46
CA TYR A 1354 -35.83 -52.33 -59.70
C TYR A 1354 -35.34 -53.14 -58.51
N ILE A 1355 -36.04 -54.21 -58.16
CA ILE A 1355 -35.55 -55.10 -57.11
C ILE A 1355 -34.36 -55.89 -57.64
N GLU A 1356 -34.19 -55.90 -58.96
CA GLU A 1356 -33.06 -56.59 -59.58
C GLU A 1356 -31.79 -55.76 -59.59
N LYS A 1357 -31.83 -54.59 -58.96
CA LYS A 1357 -30.67 -53.70 -58.88
C LYS A 1357 -29.95 -53.83 -57.54
N LEU A 1358 -29.99 -55.03 -56.96
CA LEU A 1358 -29.35 -55.28 -55.67
C LEU A 1358 -27.83 -55.24 -55.71
N THR A 1359 -27.25 -54.05 -55.76
CA THR A 1359 -25.81 -53.90 -55.59
C THR A 1359 -25.52 -53.84 -54.08
N ASP A 1360 -26.59 -53.88 -53.28
CA ASP A 1360 -26.48 -54.03 -51.83
C ASP A 1360 -27.74 -54.73 -51.30
N GLY A 1361 -27.59 -56.00 -50.94
CA GLY A 1361 -28.70 -56.83 -50.52
C GLY A 1361 -29.55 -56.27 -49.39
N HIS A 1362 -28.93 -55.53 -48.48
CA HIS A 1362 -29.62 -54.98 -47.31
C HIS A 1362 -30.91 -54.25 -47.69
N LEU A 1363 -30.90 -53.64 -48.87
CA LEU A 1363 -32.02 -52.79 -49.30
C LEU A 1363 -33.11 -53.57 -50.04
N ARG A 1364 -33.00 -54.89 -50.09
CA ARG A 1364 -33.98 -55.69 -50.82
C ARG A 1364 -35.37 -55.63 -50.19
N ALA A 1365 -35.57 -56.36 -49.10
CA ALA A 1365 -36.90 -56.54 -48.52
C ALA A 1365 -37.50 -55.29 -47.88
N PRO A 1366 -36.66 -54.39 -47.34
CA PRO A 1366 -37.23 -53.15 -46.82
C PRO A 1366 -37.89 -52.28 -47.91
N LEU A 1367 -37.08 -51.86 -48.88
CA LEU A 1367 -37.57 -51.02 -49.97
C LEU A 1367 -38.69 -51.73 -50.73
N LYS A 1368 -38.66 -53.06 -50.70
CA LYS A 1368 -39.69 -53.88 -51.32
C LYS A 1368 -41.09 -53.56 -50.76
N HIS A 1369 -41.13 -53.07 -49.52
CA HIS A 1369 -42.41 -52.80 -48.84
C HIS A 1369 -42.75 -51.31 -48.74
N GLY A 1370 -41.90 -50.47 -49.33
CA GLY A 1370 -42.19 -49.05 -49.42
C GLY A 1370 -41.49 -48.15 -48.43
N VAL A 1371 -40.18 -48.36 -48.25
CA VAL A 1371 -39.37 -47.48 -47.42
C VAL A 1371 -37.99 -47.33 -48.04
N GLY A 1372 -37.62 -46.09 -48.38
CA GLY A 1372 -36.33 -45.82 -48.98
C GLY A 1372 -35.29 -45.57 -47.92
N ILE A 1373 -34.06 -46.01 -48.18
CA ILE A 1373 -32.97 -45.87 -47.22
C ILE A 1373 -31.78 -45.17 -47.88
N LEU A 1374 -31.04 -44.40 -47.09
CA LEU A 1374 -29.85 -43.71 -47.57
C LEU A 1374 -28.79 -43.67 -46.48
N TYR A 1375 -27.56 -44.09 -46.80
CA TYR A 1375 -26.47 -44.09 -45.83
C TYR A 1375 -25.11 -43.80 -46.45
N LYS A 1376 -24.15 -43.43 -45.61
CA LYS A 1376 -22.80 -43.11 -46.06
C LYS A 1376 -22.06 -44.38 -46.47
N GLY A 1377 -21.45 -44.34 -47.66
CA GLY A 1377 -20.75 -45.49 -48.20
C GLY A 1377 -21.63 -46.26 -49.15
N MET A 1378 -22.84 -45.76 -49.37
CA MET A 1378 -23.81 -46.39 -50.27
C MET A 1378 -23.25 -46.45 -51.69
N ALA A 1379 -23.55 -47.55 -52.40
CA ALA A 1379 -23.11 -47.68 -53.78
C ALA A 1379 -23.81 -46.64 -54.64
N SER A 1380 -23.12 -46.15 -55.66
CA SER A 1380 -23.64 -45.10 -56.51
C SER A 1380 -24.97 -45.49 -57.16
N ASN A 1381 -25.02 -46.71 -57.70
CA ASN A 1381 -26.23 -47.22 -58.32
C ASN A 1381 -27.40 -47.22 -57.35
N ASP A 1382 -27.16 -47.72 -56.14
CA ASP A 1382 -28.19 -47.74 -55.11
C ASP A 1382 -28.73 -46.35 -54.83
N GLU A 1383 -27.83 -45.41 -54.60
CA GLU A 1383 -28.21 -44.04 -54.27
C GLU A 1383 -29.00 -43.41 -55.41
N ARG A 1384 -28.52 -43.60 -56.64
CA ARG A 1384 -29.24 -43.18 -57.83
C ARG A 1384 -30.66 -43.73 -57.80
N ILE A 1385 -30.76 -45.05 -57.80
CA ILE A 1385 -32.02 -45.77 -57.81
C ILE A 1385 -32.98 -45.26 -56.73
N VAL A 1386 -32.55 -45.35 -55.48
CA VAL A 1386 -33.43 -45.00 -54.37
C VAL A 1386 -33.84 -43.53 -54.41
N LYS A 1387 -32.89 -42.62 -54.61
CA LYS A 1387 -33.23 -41.20 -54.61
C LYS A 1387 -34.17 -40.86 -55.75
N ARG A 1388 -33.88 -41.39 -56.94
CA ARG A 1388 -34.73 -41.16 -58.10
C ARG A 1388 -36.10 -41.78 -57.91
N LEU A 1389 -36.13 -42.97 -57.31
CA LEU A 1389 -37.39 -43.63 -56.97
C LEU A 1389 -38.20 -42.79 -55.99
N TYR A 1390 -37.49 -42.20 -55.02
CA TYR A 1390 -38.13 -41.31 -54.06
C TYR A 1390 -38.73 -40.11 -54.78
N GLU A 1391 -37.96 -39.50 -55.66
CA GLU A 1391 -38.44 -38.34 -56.41
C GLU A 1391 -39.61 -38.71 -57.32
N TYR A 1392 -39.59 -39.93 -57.87
CA TYR A 1392 -40.68 -40.41 -58.73
C TYR A 1392 -41.97 -40.59 -57.95
N GLY A 1393 -41.87 -40.61 -56.62
CA GLY A 1393 -43.02 -40.86 -55.78
C GLY A 1393 -43.23 -42.35 -55.52
N ALA A 1394 -42.19 -43.14 -55.77
CA ALA A 1394 -42.28 -44.59 -55.59
C ALA A 1394 -42.30 -44.94 -54.10
N VAL A 1395 -41.94 -43.97 -53.27
CA VAL A 1395 -41.94 -44.17 -51.82
C VAL A 1395 -41.98 -42.81 -51.13
N SER A 1396 -42.90 -42.66 -50.18
CA SER A 1396 -43.08 -41.40 -49.47
C SER A 1396 -42.30 -41.39 -48.16
N VAL A 1397 -41.83 -42.56 -47.76
CA VAL A 1397 -41.10 -42.72 -46.51
C VAL A 1397 -39.61 -42.86 -46.79
N LEU A 1398 -38.86 -41.77 -46.63
CA LEU A 1398 -37.41 -41.80 -46.81
C LEU A 1398 -36.70 -41.86 -45.46
N LEU A 1399 -35.73 -42.75 -45.35
CA LEU A 1399 -34.91 -42.86 -44.15
C LEU A 1399 -33.48 -42.46 -44.47
N ILE A 1400 -32.98 -41.46 -43.75
CA ILE A 1400 -31.66 -40.89 -44.02
C ILE A 1400 -30.78 -40.97 -42.78
N SER A 1401 -29.56 -41.44 -42.98
CA SER A 1401 -28.55 -41.40 -41.94
C SER A 1401 -28.02 -39.98 -41.82
N LYS A 1402 -27.87 -39.52 -40.58
CA LYS A 1402 -27.36 -38.18 -40.29
C LYS A 1402 -26.19 -37.81 -41.20
N ASP A 1403 -25.29 -38.78 -41.36
CA ASP A 1403 -24.10 -38.62 -42.19
C ASP A 1403 -24.45 -38.07 -43.58
N CYS A 1404 -25.64 -38.40 -44.06
CA CYS A 1404 -26.04 -38.05 -45.41
C CYS A 1404 -26.87 -36.78 -45.45
N SER A 1405 -26.73 -35.93 -44.43
CA SER A 1405 -27.33 -34.62 -44.49
C SER A 1405 -26.79 -33.89 -45.73
N ALA A 1406 -25.56 -34.23 -46.10
CA ALA A 1406 -24.93 -33.68 -47.29
C ALA A 1406 -25.77 -33.98 -48.54
N PHE A 1407 -26.32 -35.20 -48.60
CA PHE A 1407 -27.19 -35.56 -49.70
C PHE A 1407 -28.55 -34.89 -49.49
N ALA A 1408 -28.61 -33.62 -49.87
CA ALA A 1408 -29.78 -32.79 -49.61
C ALA A 1408 -30.95 -33.16 -50.51
N CYS A 1409 -31.64 -34.24 -50.16
CA CYS A 1409 -32.85 -34.61 -50.87
C CYS A 1409 -34.01 -33.83 -50.29
N LYS A 1410 -34.21 -32.61 -50.80
CA LYS A 1410 -35.28 -31.75 -50.32
C LYS A 1410 -36.63 -32.44 -50.48
N THR A 1411 -37.55 -32.14 -49.57
CA THR A 1411 -38.85 -32.80 -49.53
C THR A 1411 -39.95 -31.90 -49.01
N ASP A 1412 -41.15 -32.45 -48.90
CA ASP A 1412 -42.30 -31.71 -48.42
C ASP A 1412 -42.37 -31.66 -46.90
N GLU A 1413 -41.91 -32.72 -46.24
CA GLU A 1413 -41.93 -32.78 -44.78
C GLU A 1413 -40.74 -33.55 -44.21
N VAL A 1414 -40.10 -32.99 -43.19
CA VAL A 1414 -38.92 -33.60 -42.59
C VAL A 1414 -39.13 -33.94 -41.11
N ILE A 1415 -38.56 -35.08 -40.72
CA ILE A 1415 -38.68 -35.60 -39.36
C ILE A 1415 -37.29 -35.88 -38.83
N ILE A 1416 -37.08 -35.61 -37.55
CA ILE A 1416 -35.78 -35.81 -36.90
C ILE A 1416 -35.96 -36.75 -35.73
N LEU A 1417 -35.52 -37.99 -35.89
CA LEU A 1417 -35.75 -39.01 -34.87
C LEU A 1417 -34.53 -39.15 -33.96
N GLY A 1418 -34.58 -38.51 -32.80
CA GLY A 1418 -33.47 -38.52 -31.87
C GLY A 1418 -32.49 -37.42 -32.20
N THR A 1419 -31.82 -36.90 -31.17
CA THR A 1419 -30.85 -35.83 -31.35
C THR A 1419 -29.52 -36.20 -30.69
N ASN A 1420 -29.40 -37.44 -30.23
CA ASN A 1420 -28.18 -37.92 -29.59
C ASN A 1420 -27.46 -38.98 -30.43
N LEU A 1421 -26.14 -38.89 -30.45
CA LEU A 1421 -25.30 -39.87 -31.13
C LEU A 1421 -24.07 -40.14 -30.27
N TYR A 1422 -23.77 -41.42 -30.03
CA TYR A 1422 -22.71 -41.80 -29.13
C TYR A 1422 -21.33 -41.50 -29.73
N ASP A 1423 -20.40 -41.09 -28.87
CA ASP A 1423 -19.02 -40.91 -29.30
C ASP A 1423 -18.08 -41.48 -28.25
N GLY A 1424 -17.10 -42.26 -28.69
CA GLY A 1424 -16.15 -42.88 -27.80
C GLY A 1424 -15.05 -41.94 -27.35
N ALA A 1425 -15.02 -40.74 -27.93
CA ALA A 1425 -14.03 -39.73 -27.57
C ALA A 1425 -14.30 -39.20 -26.18
N GLU A 1426 -15.52 -38.70 -25.97
CA GLU A 1426 -15.94 -38.19 -24.67
C GLU A 1426 -16.59 -39.30 -23.84
N HIS A 1427 -16.70 -40.50 -24.42
CA HIS A 1427 -17.19 -41.69 -23.75
C HIS A 1427 -18.67 -41.61 -23.34
N LYS A 1428 -19.46 -40.85 -24.10
CA LYS A 1428 -20.89 -40.76 -23.83
C LYS A 1428 -21.67 -40.36 -25.09
N TYR A 1429 -22.95 -40.07 -24.91
CA TYR A 1429 -23.79 -39.59 -25.99
C TYR A 1429 -23.58 -38.09 -26.18
N MET A 1430 -23.47 -37.67 -27.45
CA MET A 1430 -23.30 -36.27 -27.79
C MET A 1430 -24.53 -35.78 -28.56
N PRO A 1431 -24.98 -34.55 -28.29
CA PRO A 1431 -26.20 -34.06 -28.93
C PRO A 1431 -25.96 -33.34 -30.26
N TYR A 1432 -26.97 -33.32 -31.13
CA TYR A 1432 -26.92 -32.56 -32.37
C TYR A 1432 -26.72 -31.08 -32.06
N THR A 1433 -26.12 -30.35 -32.99
CA THR A 1433 -25.90 -28.91 -32.85
C THR A 1433 -26.75 -28.12 -33.86
N ILE A 1434 -26.72 -26.80 -33.72
CA ILE A 1434 -27.58 -25.92 -34.51
C ILE A 1434 -27.39 -26.06 -36.01
N ASN A 1435 -26.14 -26.18 -36.45
CA ASN A 1435 -25.83 -26.24 -37.89
C ASN A 1435 -26.36 -27.49 -38.56
N GLU A 1436 -26.06 -28.64 -37.97
CA GLU A 1436 -26.53 -29.93 -38.50
C GLU A 1436 -28.05 -29.93 -38.59
N LEU A 1437 -28.68 -29.65 -37.45
CA LEU A 1437 -30.13 -29.64 -37.33
C LEU A 1437 -30.73 -28.66 -38.34
N LEU A 1438 -30.15 -27.46 -38.42
CA LEU A 1438 -30.62 -26.46 -39.37
C LEU A 1438 -30.52 -26.98 -40.81
N GLU A 1439 -29.36 -27.55 -41.15
CA GLU A 1439 -29.17 -28.09 -42.49
C GLU A 1439 -30.21 -29.16 -42.79
N MET A 1440 -30.54 -29.96 -41.78
CA MET A 1440 -31.65 -30.91 -41.92
C MET A 1440 -32.99 -30.19 -42.13
N VAL A 1441 -33.26 -29.19 -41.29
CA VAL A 1441 -34.53 -28.46 -41.35
C VAL A 1441 -34.76 -27.79 -42.70
N GLY A 1442 -33.69 -27.25 -43.28
CA GLY A 1442 -33.76 -26.54 -44.54
C GLY A 1442 -34.49 -27.28 -45.65
N LEU A 1443 -34.51 -28.61 -45.55
CA LEU A 1443 -35.16 -29.44 -46.55
C LEU A 1443 -36.67 -29.51 -46.36
N ALA A 1444 -37.34 -28.37 -46.51
CA ALA A 1444 -38.79 -28.30 -46.38
C ALA A 1444 -39.42 -27.28 -47.33
N SER A 1445 -40.26 -27.76 -48.23
CA SER A 1445 -41.00 -26.88 -49.14
C SER A 1445 -42.26 -27.58 -49.64
N GLY A 1446 -43.38 -27.34 -48.97
CA GLY A 1446 -44.66 -27.90 -49.37
C GLY A 1446 -45.06 -27.48 -50.77
N ASN A 1447 -45.73 -28.38 -51.47
CA ASN A 1447 -46.12 -28.17 -52.86
C ASN A 1447 -46.89 -26.86 -53.05
N ASP A 1448 -46.20 -25.85 -53.57
CA ASP A 1448 -46.78 -24.53 -53.80
C ASP A 1448 -47.33 -23.93 -52.51
N SER A 1449 -48.65 -24.00 -52.34
CA SER A 1449 -49.31 -23.33 -51.23
C SER A 1449 -49.06 -24.02 -49.89
N MET A 1450 -48.69 -25.28 -49.93
CA MET A 1450 -48.47 -26.05 -48.69
C MET A 1450 -47.26 -25.57 -47.91
N ALA A 1451 -47.42 -25.51 -46.59
CA ALA A 1451 -46.35 -25.13 -45.68
C ALA A 1451 -45.39 -26.30 -45.50
N GLY A 1452 -44.09 -26.00 -45.48
CA GLY A 1452 -43.09 -27.00 -45.18
C GLY A 1452 -43.21 -27.38 -43.72
N LYS A 1453 -43.18 -28.69 -43.45
CA LYS A 1453 -43.40 -29.18 -42.09
C LYS A 1453 -42.16 -29.90 -41.54
N VAL A 1454 -41.83 -29.58 -40.29
CA VAL A 1454 -40.67 -30.14 -39.62
C VAL A 1454 -41.04 -30.70 -38.25
N LEU A 1455 -40.63 -31.95 -38.00
CA LEU A 1455 -40.87 -32.60 -36.71
C LEU A 1455 -39.56 -33.00 -36.03
N ILE A 1456 -39.24 -32.38 -34.90
CA ILE A 1456 -38.01 -32.69 -34.17
C ILE A 1456 -38.30 -33.42 -32.86
N LEU A 1457 -37.84 -34.66 -32.75
CA LEU A 1457 -38.02 -35.45 -31.54
C LEU A 1457 -36.73 -35.46 -30.72
N THR A 1458 -36.82 -35.03 -29.46
CA THR A 1458 -35.64 -34.92 -28.60
C THR A 1458 -35.96 -35.12 -27.13
N SER A 1459 -35.02 -34.73 -26.27
CA SER A 1459 -35.17 -34.89 -24.81
C SER A 1459 -35.60 -33.58 -24.15
N HIS A 1460 -35.92 -33.67 -22.87
CA HIS A 1460 -36.34 -32.50 -22.09
C HIS A 1460 -35.21 -31.49 -21.93
N ASN A 1461 -34.00 -32.00 -21.73
CA ASN A 1461 -32.85 -31.15 -21.46
C ASN A 1461 -32.44 -30.29 -22.66
N MET A 1462 -32.99 -30.60 -23.83
CA MET A 1462 -32.55 -29.97 -25.08
C MET A 1462 -33.61 -29.12 -25.78
N LYS A 1463 -34.89 -29.43 -25.56
CA LYS A 1463 -35.99 -28.76 -26.26
C LYS A 1463 -35.91 -27.23 -26.17
N ALA A 1464 -35.72 -26.73 -24.96
CA ALA A 1464 -35.60 -25.28 -24.72
C ALA A 1464 -34.49 -24.69 -25.57
N TYR A 1465 -33.31 -25.30 -25.50
CA TYR A 1465 -32.14 -24.85 -26.24
C TYR A 1465 -32.40 -24.75 -27.75
N TYR A 1466 -32.95 -25.83 -28.30
CA TYR A 1466 -33.24 -25.88 -29.73
C TYR A 1466 -34.26 -24.81 -30.12
N LYS A 1467 -35.40 -24.78 -29.43
CA LYS A 1467 -36.43 -23.79 -29.76
C LYS A 1467 -35.88 -22.38 -29.56
N LYS A 1468 -34.99 -22.24 -28.60
CA LYS A 1468 -34.34 -20.96 -28.34
C LYS A 1468 -33.47 -20.53 -29.51
N PHE A 1469 -32.53 -21.39 -29.90
CA PHE A 1469 -31.52 -20.98 -30.87
C PHE A 1469 -31.92 -21.17 -32.34
N LEU A 1470 -32.99 -21.92 -32.61
CA LEU A 1470 -33.46 -22.08 -33.99
C LEU A 1470 -34.20 -20.82 -34.46
N ILE A 1471 -34.81 -20.10 -33.52
CA ILE A 1471 -35.53 -18.87 -33.84
C ILE A 1471 -34.60 -17.66 -33.66
N GLU A 1472 -33.76 -17.73 -32.63
CA GLU A 1472 -32.77 -16.69 -32.37
C GLU A 1472 -31.38 -17.25 -32.58
N PRO A 1473 -30.80 -17.04 -33.78
CA PRO A 1473 -29.54 -17.70 -34.14
C PRO A 1473 -28.42 -17.52 -33.12
N LEU A 1474 -27.62 -18.56 -32.94
CA LEU A 1474 -26.57 -18.57 -31.93
C LEU A 1474 -25.37 -17.71 -32.34
N PRO A 1475 -24.80 -16.93 -31.40
CA PRO A 1475 -23.66 -16.06 -31.70
C PRO A 1475 -22.45 -16.79 -32.25
N THR A 1476 -21.87 -16.25 -33.32
CA THR A 1476 -20.70 -16.85 -33.94
C THR A 1476 -19.42 -16.39 -33.24
N GLU A 1477 -18.84 -17.28 -32.45
CA GLU A 1477 -17.60 -16.99 -31.72
C GLU A 1477 -16.43 -17.60 -32.47
N SER A 1478 -15.21 -17.24 -32.06
CA SER A 1478 -14.01 -17.70 -32.76
C SER A 1478 -13.34 -18.87 -32.06
N TYR A 1479 -13.11 -19.94 -32.82
CA TYR A 1479 -12.39 -21.11 -32.33
C TYR A 1479 -10.89 -20.93 -32.46
N LEU A 1480 -10.49 -19.85 -33.13
CA LEU A 1480 -9.09 -19.56 -33.44
C LEU A 1480 -8.15 -19.75 -32.24
N GLN A 1481 -8.66 -19.53 -31.04
CA GLN A 1481 -7.84 -19.59 -29.83
C GLN A 1481 -7.17 -20.94 -29.58
N TYR A 1482 -7.64 -21.98 -30.28
CA TYR A 1482 -7.11 -23.34 -30.09
C TYR A 1482 -5.97 -23.68 -31.05
N ILE A 1483 -5.91 -22.98 -32.18
CA ILE A 1483 -4.90 -23.26 -33.20
C ILE A 1483 -3.82 -22.19 -33.25
N ILE A 1484 -3.54 -21.57 -32.12
CA ILE A 1484 -2.59 -20.44 -32.09
C ILE A 1484 -1.20 -20.91 -32.46
N HIS A 1485 -0.78 -22.05 -31.91
CA HIS A 1485 0.54 -22.59 -32.19
C HIS A 1485 0.76 -22.78 -33.69
N ASP A 1486 -0.23 -23.38 -34.35
CA ASP A 1486 -0.13 -23.69 -35.77
C ASP A 1486 -0.01 -22.42 -36.62
N THR A 1487 -0.98 -21.52 -36.51
CA THR A 1487 -1.01 -20.31 -37.32
C THR A 1487 0.16 -19.39 -36.98
N LEU A 1488 0.47 -19.28 -35.69
CA LEU A 1488 1.59 -18.45 -35.25
C LEU A 1488 2.89 -18.99 -35.82
N ASN A 1489 3.10 -20.30 -35.66
CA ASN A 1489 4.27 -20.96 -36.21
C ASN A 1489 4.37 -20.78 -37.72
N ASN A 1490 3.25 -20.96 -38.41
CA ASN A 1490 3.18 -20.79 -39.86
C ASN A 1490 3.54 -19.36 -40.27
N GLU A 1491 2.98 -18.38 -39.59
CA GLU A 1491 3.27 -16.99 -39.87
C GLU A 1491 4.74 -16.65 -39.56
N ILE A 1492 5.29 -17.29 -38.53
CA ILE A 1492 6.72 -17.16 -38.26
C ILE A 1492 7.54 -17.82 -39.36
N ALA A 1493 7.06 -18.95 -39.86
CA ALA A 1493 7.78 -19.71 -40.88
C ALA A 1493 8.06 -18.89 -42.13
N ASN A 1494 7.07 -18.14 -42.60
CA ASN A 1494 7.24 -17.30 -43.79
C ASN A 1494 7.92 -15.97 -43.49
N SER A 1495 8.44 -15.84 -42.27
CA SER A 1495 9.11 -14.63 -41.82
C SER A 1495 8.20 -13.41 -42.00
N ILE A 1496 6.90 -13.63 -41.85
CA ILE A 1496 5.93 -12.54 -41.83
C ILE A 1496 5.92 -11.93 -40.44
N ILE A 1497 5.82 -12.81 -39.44
CA ILE A 1497 5.94 -12.43 -38.04
C ILE A 1497 7.34 -12.75 -37.54
N GLN A 1498 8.09 -11.71 -37.16
CA GLN A 1498 9.48 -11.87 -36.75
C GLN A 1498 9.69 -11.46 -35.29
N SER A 1499 8.91 -10.48 -34.83
CA SER A 1499 9.00 -10.03 -33.44
C SER A 1499 7.70 -10.34 -32.71
N LYS A 1500 7.76 -10.32 -31.38
CA LYS A 1500 6.60 -10.58 -30.54
C LYS A 1500 5.45 -9.66 -30.92
N GLN A 1501 5.76 -8.38 -31.11
CA GLN A 1501 4.77 -7.38 -31.49
C GLN A 1501 4.01 -7.77 -32.76
N ASP A 1502 4.73 -8.30 -33.75
CA ASP A 1502 4.14 -8.64 -35.03
C ASP A 1502 3.02 -9.67 -34.88
N CYS A 1503 3.09 -10.46 -33.81
CA CYS A 1503 2.05 -11.45 -33.51
C CYS A 1503 0.73 -10.74 -33.24
N VAL A 1504 0.78 -9.82 -32.28
CA VAL A 1504 -0.38 -9.03 -31.92
C VAL A 1504 -0.83 -8.21 -33.12
N ASP A 1505 0.13 -7.67 -33.85
CA ASP A 1505 -0.17 -6.95 -35.09
C ASP A 1505 -0.98 -7.82 -36.03
N TRP A 1506 -0.53 -9.07 -36.23
CA TRP A 1506 -1.25 -10.00 -37.08
C TRP A 1506 -2.65 -10.29 -36.55
N PHE A 1507 -2.77 -10.48 -35.24
CA PHE A 1507 -4.07 -10.81 -34.64
C PHE A 1507 -5.16 -9.78 -34.94
N THR A 1508 -4.76 -8.54 -35.22
CA THR A 1508 -5.73 -7.47 -35.45
C THR A 1508 -6.62 -7.69 -36.68
N TYR A 1509 -6.22 -8.61 -37.55
CA TYR A 1509 -6.96 -8.88 -38.78
C TYR A 1509 -7.96 -10.02 -38.64
N SER A 1510 -8.02 -10.63 -37.47
CA SER A 1510 -8.85 -11.82 -37.26
C SER A 1510 -10.21 -11.47 -36.66
N TYR A 1511 -11.16 -12.38 -36.83
CA TYR A 1511 -12.48 -12.26 -36.22
C TYR A 1511 -12.35 -12.37 -34.71
N PHE A 1512 -11.45 -13.27 -34.29
CA PHE A 1512 -11.11 -13.47 -32.88
C PHE A 1512 -10.85 -12.15 -32.15
N TYR A 1513 -10.01 -11.31 -32.74
CA TYR A 1513 -9.64 -10.04 -32.13
C TYR A 1513 -10.83 -9.08 -32.03
N ARG A 1514 -11.63 -9.02 -33.08
CA ARG A 1514 -12.81 -8.15 -33.08
C ARG A 1514 -13.92 -8.74 -32.22
N ARG A 1515 -13.89 -10.04 -32.02
CA ARG A 1515 -14.95 -10.71 -31.26
C ARG A 1515 -14.59 -10.88 -29.78
N ILE A 1516 -13.29 -10.86 -29.46
CA ILE A 1516 -12.88 -11.00 -28.07
C ILE A 1516 -13.17 -9.72 -27.29
N HIS A 1517 -13.31 -8.61 -28.00
CA HIS A 1517 -13.60 -7.32 -27.36
C HIS A 1517 -15.07 -7.18 -26.96
N VAL A 1518 -15.96 -7.81 -27.73
CA VAL A 1518 -17.39 -7.67 -27.51
C VAL A 1518 -17.93 -8.76 -26.58
N ASN A 1519 -17.05 -9.65 -26.15
CA ASN A 1519 -17.44 -10.73 -25.25
C ASN A 1519 -16.20 -11.36 -24.61
N PRO A 1520 -15.42 -10.55 -23.88
CA PRO A 1520 -14.18 -11.03 -23.25
C PRO A 1520 -14.42 -12.14 -22.23
N SER A 1521 -15.66 -12.28 -21.79
CA SER A 1521 -16.03 -13.34 -20.85
C SER A 1521 -15.90 -14.71 -21.50
N TYR A 1522 -16.41 -14.83 -22.72
CA TYR A 1522 -16.44 -16.10 -23.44
C TYR A 1522 -15.04 -16.69 -23.65
N TYR A 1523 -14.06 -15.84 -23.91
CA TYR A 1523 -12.71 -16.29 -24.27
C TYR A 1523 -11.72 -16.35 -23.11
N GLY A 1524 -12.20 -16.21 -21.87
CA GLY A 1524 -11.33 -16.40 -20.72
C GLY A 1524 -10.46 -15.19 -20.41
N VAL A 1525 -10.87 -14.03 -20.90
CA VAL A 1525 -10.12 -12.79 -20.67
C VAL A 1525 -10.14 -12.41 -19.20
N ARG A 1526 -8.95 -12.24 -18.64
CA ARG A 1526 -8.77 -12.00 -17.22
C ARG A 1526 -9.40 -10.67 -16.79
N ASP A 1527 -9.27 -9.65 -17.64
CA ASP A 1527 -9.80 -8.32 -17.34
C ASP A 1527 -10.71 -7.85 -18.47
N THR A 1528 -11.95 -7.51 -18.12
CA THR A 1528 -12.94 -7.05 -19.09
C THR A 1528 -12.48 -5.82 -19.87
N SER A 1529 -11.62 -5.02 -19.25
CA SER A 1529 -11.14 -3.79 -19.89
C SER A 1529 -10.34 -4.11 -21.16
N PRO A 1530 -10.41 -3.21 -22.16
CA PRO A 1530 -9.60 -3.36 -23.38
C PRO A 1530 -8.12 -3.56 -23.06
N HIS A 1531 -7.64 -2.82 -22.07
CA HIS A 1531 -6.31 -3.02 -21.51
C HIS A 1531 -6.10 -4.49 -21.16
N GLY A 1532 -7.02 -5.02 -20.37
CA GLY A 1532 -6.99 -6.43 -19.99
C GLY A 1532 -6.95 -7.38 -21.17
N ILE A 1533 -7.63 -6.99 -22.25
CA ILE A 1533 -7.69 -7.81 -23.44
C ILE A 1533 -6.34 -7.79 -24.15
N SER A 1534 -5.74 -6.60 -24.25
CA SER A 1534 -4.40 -6.49 -24.81
C SER A 1534 -3.42 -7.31 -23.96
N VAL A 1535 -3.57 -7.24 -22.64
CA VAL A 1535 -2.76 -8.05 -21.73
C VAL A 1535 -2.96 -9.54 -22.03
N PHE A 1536 -4.21 -9.94 -22.18
CA PHE A 1536 -4.55 -11.34 -22.49
C PHE A 1536 -3.84 -11.77 -23.77
N LEU A 1537 -3.90 -10.93 -24.79
CA LEU A 1537 -3.21 -11.20 -26.05
C LEU A 1537 -1.70 -11.34 -25.83
N SER A 1538 -1.11 -10.39 -25.12
CA SER A 1538 0.32 -10.42 -24.84
C SER A 1538 0.73 -11.73 -24.14
N ASN A 1539 0.04 -12.05 -23.05
CA ASN A 1539 0.33 -13.25 -22.28
C ASN A 1539 0.15 -14.51 -23.14
N LEU A 1540 -0.95 -14.53 -23.88
CA LEU A 1540 -1.24 -15.60 -24.82
C LEU A 1540 -0.06 -15.84 -25.77
N VAL A 1541 0.31 -14.79 -26.50
CA VAL A 1541 1.40 -14.88 -27.46
C VAL A 1541 2.71 -15.31 -26.77
N GLU A 1542 3.01 -14.71 -25.62
CA GLU A 1542 4.24 -15.06 -24.91
C GLU A 1542 4.29 -16.54 -24.56
N THR A 1543 3.20 -17.03 -23.96
CA THR A 1543 3.11 -18.46 -23.61
C THR A 1543 3.29 -19.31 -24.87
N CYS A 1544 2.59 -18.94 -25.94
CA CYS A 1544 2.71 -19.65 -27.19
C CYS A 1544 4.15 -19.69 -27.73
N LEU A 1545 4.82 -18.53 -27.72
CA LEU A 1545 6.20 -18.47 -28.22
C LEU A 1545 7.13 -19.33 -27.38
N ASN A 1546 6.99 -19.25 -26.07
CA ASN A 1546 7.78 -20.11 -25.18
C ASN A 1546 7.49 -21.59 -25.46
N ASP A 1547 6.21 -21.91 -25.66
CA ASP A 1547 5.81 -23.27 -26.01
C ASP A 1547 6.44 -23.68 -27.34
N LEU A 1548 6.49 -22.76 -28.30
CA LEU A 1548 7.10 -23.05 -29.59
C LEU A 1548 8.59 -23.32 -29.46
N VAL A 1549 9.32 -22.46 -28.76
CA VAL A 1549 10.76 -22.64 -28.62
C VAL A 1549 11.10 -23.83 -27.73
N GLU A 1550 10.22 -24.16 -26.78
CA GLU A 1550 10.41 -25.32 -25.92
C GLU A 1550 10.70 -26.60 -26.71
N SER A 1551 9.94 -26.83 -27.77
CA SER A 1551 10.07 -28.03 -28.58
C SER A 1551 10.85 -27.76 -29.87
N SER A 1552 11.60 -26.67 -29.88
CA SER A 1552 12.46 -26.32 -31.01
C SER A 1552 11.68 -26.19 -32.32
N PHE A 1553 10.60 -25.41 -32.27
CA PHE A 1553 9.85 -25.06 -33.48
C PHE A 1553 10.35 -23.73 -34.03
N ILE A 1554 10.75 -22.85 -33.11
CA ILE A 1554 11.27 -21.54 -33.46
C ILE A 1554 12.52 -21.24 -32.63
N GLU A 1555 13.26 -20.22 -33.04
CA GLU A 1555 14.40 -19.73 -32.26
C GLU A 1555 14.27 -18.23 -32.11
N ILE A 1556 14.36 -17.78 -30.87
CA ILE A 1556 14.25 -16.36 -30.54
C ILE A 1556 15.64 -15.78 -30.39
N ASP A 1557 16.09 -15.05 -31.40
CA ASP A 1557 17.37 -14.36 -31.33
C ASP A 1557 17.22 -13.11 -30.49
N ASP A 1558 17.87 -13.13 -29.32
CA ASP A 1558 17.76 -12.06 -28.33
C ASP A 1558 18.40 -10.77 -28.82
N THR A 1559 17.96 -9.65 -28.25
CA THR A 1559 18.50 -8.35 -28.59
C THR A 1559 19.93 -8.20 -28.09
N THR A 1575 15.29 -4.45 -30.71
CA THR A 1575 14.24 -5.45 -30.52
C THR A 1575 14.73 -6.84 -30.88
N GLU A 1576 14.22 -7.85 -30.16
CA GLU A 1576 14.53 -9.24 -30.45
C GLU A 1576 14.00 -9.64 -31.83
N ILE A 1577 14.48 -10.77 -32.34
CA ILE A 1577 13.99 -11.26 -33.63
C ILE A 1577 13.84 -12.78 -33.58
N ILE A 1578 12.75 -13.28 -34.17
CA ILE A 1578 12.41 -14.69 -34.13
C ILE A 1578 12.53 -15.30 -35.51
N SER A 1579 13.03 -16.55 -35.57
CA SER A 1579 13.11 -17.26 -36.85
C SER A 1579 12.74 -18.73 -36.70
N THR A 1580 12.13 -19.29 -37.74
CA THR A 1580 11.66 -20.67 -37.72
C THR A 1580 12.80 -21.69 -37.62
N LEU A 1581 12.49 -22.85 -37.07
CA LEU A 1581 13.43 -23.97 -37.01
C LEU A 1581 12.85 -25.19 -37.74
N SER A 1582 13.58 -26.30 -37.70
CA SER A 1582 13.22 -27.50 -38.45
C SER A 1582 11.78 -27.97 -38.22
N ASN A 1583 11.51 -28.46 -37.02
CA ASN A 1583 10.20 -29.05 -36.69
C ASN A 1583 9.01 -28.18 -37.09
N GLY A 1584 9.07 -26.90 -36.72
CA GLY A 1584 8.01 -25.97 -37.03
C GLY A 1584 7.92 -25.70 -38.52
N LEU A 1585 9.08 -25.67 -39.18
CA LEU A 1585 9.13 -25.46 -40.61
C LEU A 1585 8.46 -26.63 -41.32
N ILE A 1586 8.73 -27.84 -40.85
CA ILE A 1586 8.04 -29.04 -41.34
C ILE A 1586 6.54 -28.88 -41.14
N ALA A 1587 6.14 -28.59 -39.91
CA ALA A 1587 4.74 -28.40 -39.56
C ALA A 1587 4.04 -27.43 -40.49
N SER A 1588 4.68 -26.27 -40.71
CA SER A 1588 4.11 -25.25 -41.58
C SER A 1588 4.13 -25.70 -43.04
N HIS A 1589 5.18 -26.43 -43.41
CA HIS A 1589 5.32 -26.89 -44.79
C HIS A 1589 4.21 -27.85 -45.18
N TYR A 1590 4.01 -28.90 -44.38
CA TYR A 1590 3.02 -29.93 -44.72
C TYR A 1590 1.64 -29.67 -44.12
N GLY A 1591 1.56 -28.84 -43.09
CA GLY A 1591 0.29 -28.53 -42.47
C GLY A 1591 -0.14 -29.57 -41.45
N VAL A 1592 0.71 -29.83 -40.48
CA VAL A 1592 0.42 -30.78 -39.41
C VAL A 1592 0.44 -30.07 -38.06
N SER A 1593 -0.41 -30.51 -37.15
CA SER A 1593 -0.58 -29.85 -35.86
C SER A 1593 0.69 -29.92 -35.02
N PHE A 1594 0.95 -28.83 -34.29
CA PHE A 1594 2.12 -28.70 -33.42
C PHE A 1594 2.31 -29.91 -32.51
N PHE A 1595 1.22 -30.38 -31.91
CA PHE A 1595 1.30 -31.47 -30.93
C PHE A 1595 1.56 -32.81 -31.60
N THR A 1596 1.08 -32.98 -32.82
CA THR A 1596 1.38 -34.18 -33.59
C THR A 1596 2.88 -34.25 -33.86
N ILE A 1597 3.44 -33.13 -34.28
CA ILE A 1597 4.88 -33.01 -34.50
C ILE A 1597 5.62 -33.34 -33.21
N GLN A 1598 5.23 -32.66 -32.13
CA GLN A 1598 5.84 -32.89 -30.83
C GLN A 1598 5.79 -34.37 -30.46
N SER A 1599 4.63 -34.99 -30.65
CA SER A 1599 4.46 -36.42 -30.37
C SER A 1599 5.39 -37.27 -31.23
N PHE A 1600 5.46 -36.95 -32.52
CA PHE A 1600 6.33 -37.70 -33.44
C PHE A 1600 7.80 -37.57 -33.05
N VAL A 1601 8.24 -36.36 -32.74
CA VAL A 1601 9.66 -36.12 -32.42
C VAL A 1601 10.09 -36.94 -31.21
N SER A 1602 9.27 -36.94 -30.17
CA SER A 1602 9.61 -37.62 -28.92
C SER A 1602 9.24 -39.10 -28.94
N SER A 1603 8.85 -39.60 -30.11
CA SER A 1603 8.44 -40.99 -30.24
C SER A 1603 9.27 -41.71 -31.31
N LEU A 1604 9.59 -41.00 -32.39
CA LEU A 1604 10.42 -41.59 -33.44
C LEU A 1604 11.86 -41.65 -32.93
N SER A 1605 12.56 -42.71 -33.31
CA SER A 1605 13.94 -42.91 -32.87
C SER A 1605 14.77 -43.57 -33.96
N ASN A 1606 16.09 -43.52 -33.80
CA ASN A 1606 16.99 -44.12 -34.76
C ASN A 1606 16.88 -45.65 -34.74
N THR A 1607 16.26 -46.17 -33.68
CA THR A 1607 16.04 -47.61 -33.54
C THR A 1607 14.61 -48.03 -33.91
N SER A 1608 13.79 -47.06 -34.31
CA SER A 1608 12.40 -47.34 -34.66
C SER A 1608 12.29 -48.11 -35.98
N THR A 1609 11.32 -49.01 -36.04
CA THR A 1609 11.10 -49.85 -37.23
C THR A 1609 9.79 -49.50 -37.92
N LEU A 1610 9.45 -50.29 -38.94
CA LEU A 1610 8.26 -50.04 -39.74
C LEU A 1610 6.99 -50.05 -38.88
N LYS A 1611 6.84 -51.12 -38.10
CA LYS A 1611 5.71 -51.25 -37.19
C LYS A 1611 5.59 -50.03 -36.28
N ASN A 1612 6.70 -49.72 -35.62
CA ASN A 1612 6.75 -48.58 -34.70
C ASN A 1612 6.38 -47.29 -35.41
N MET A 1613 6.79 -47.16 -36.67
CA MET A 1613 6.46 -45.97 -37.45
C MET A 1613 4.96 -45.94 -37.76
N LEU A 1614 4.38 -47.10 -38.06
CA LEU A 1614 2.92 -47.18 -38.23
C LEU A 1614 2.20 -46.75 -36.95
N TYR A 1615 2.60 -47.34 -35.83
CA TYR A 1615 1.98 -46.99 -34.55
C TYR A 1615 2.14 -45.51 -34.27
N VAL A 1616 3.34 -44.98 -34.46
CA VAL A 1616 3.60 -43.56 -34.25
C VAL A 1616 2.69 -42.73 -35.15
N LEU A 1617 2.55 -43.15 -36.40
CA LEU A 1617 1.67 -42.47 -37.34
C LEU A 1617 0.24 -42.43 -36.81
N SER A 1618 -0.26 -43.58 -36.35
CA SER A 1618 -1.65 -43.68 -35.89
C SER A 1618 -2.01 -42.74 -34.72
N THR A 1619 -1.02 -42.15 -34.06
CA THR A 1619 -1.28 -41.30 -32.89
C THR A 1619 -1.52 -39.83 -33.23
N ALA A 1620 -1.45 -39.49 -34.51
CA ALA A 1620 -1.59 -38.10 -34.94
C ALA A 1620 -2.93 -37.47 -34.52
N VAL A 1621 -2.87 -36.19 -34.16
CA VAL A 1621 -4.05 -35.44 -33.72
C VAL A 1621 -5.11 -35.40 -34.81
N GLU A 1622 -4.68 -35.41 -36.07
CA GLU A 1622 -5.59 -35.27 -37.20
C GLU A 1622 -6.63 -36.40 -37.28
N PHE A 1623 -6.41 -37.46 -36.50
CA PHE A 1623 -7.30 -38.62 -36.54
C PHE A 1623 -8.40 -38.56 -35.48
N GLU A 1624 -8.42 -37.50 -34.68
CA GLU A 1624 -9.44 -37.35 -33.65
C GLU A 1624 -10.82 -37.15 -34.26
N SER A 1625 -10.86 -36.66 -35.50
CA SER A 1625 -12.11 -36.46 -36.21
C SER A 1625 -12.67 -37.76 -36.77
N VAL A 1626 -11.92 -38.85 -36.61
CA VAL A 1626 -12.36 -40.15 -37.11
C VAL A 1626 -13.41 -40.76 -36.18
N PRO A 1627 -14.49 -41.31 -36.75
CA PRO A 1627 -15.54 -41.91 -35.92
C PRO A 1627 -15.05 -42.98 -34.95
N LEU A 1628 -15.78 -43.17 -33.86
CA LEU A 1628 -15.52 -44.25 -32.92
C LEU A 1628 -16.84 -44.77 -32.37
N ARG A 1629 -17.52 -45.58 -33.18
CA ARG A 1629 -18.89 -46.01 -32.88
C ARG A 1629 -18.97 -46.85 -31.61
N LYS A 1630 -20.16 -46.87 -31.02
CA LYS A 1630 -20.42 -47.60 -29.80
C LYS A 1630 -20.21 -49.10 -29.97
N GLY A 1631 -19.17 -49.63 -29.34
CA GLY A 1631 -18.93 -51.06 -29.33
C GLY A 1631 -18.12 -51.57 -30.51
N ASP A 1632 -17.61 -50.66 -31.33
CA ASP A 1632 -16.81 -51.05 -32.48
C ASP A 1632 -15.52 -51.75 -32.06
N ARG A 1633 -15.07 -51.47 -30.84
CA ARG A 1633 -13.86 -52.10 -30.31
C ARG A 1633 -13.94 -53.62 -30.49
N ALA A 1634 -15.13 -54.16 -30.27
CA ALA A 1634 -15.36 -55.59 -30.44
C ALA A 1634 -15.01 -56.05 -31.84
N LEU A 1635 -15.27 -55.20 -32.83
CA LEU A 1635 -14.97 -55.53 -34.22
C LEU A 1635 -13.47 -55.43 -34.46
N LEU A 1636 -12.84 -54.45 -33.81
CA LEU A 1636 -11.41 -54.24 -33.94
C LEU A 1636 -10.63 -55.40 -33.35
N VAL A 1637 -11.16 -55.98 -32.26
CA VAL A 1637 -10.54 -57.16 -31.66
C VAL A 1637 -10.61 -58.34 -32.63
N LYS A 1638 -11.73 -58.44 -33.34
CA LYS A 1638 -11.90 -59.50 -34.33
C LYS A 1638 -10.92 -59.35 -35.48
N LEU A 1639 -10.65 -58.12 -35.87
CA LEU A 1639 -9.69 -57.86 -36.95
C LEU A 1639 -8.26 -58.09 -36.49
N SER A 1640 -7.98 -57.75 -35.22
CA SER A 1640 -6.63 -57.87 -34.67
C SER A 1640 -6.14 -59.31 -34.71
N LYS A 1641 -7.07 -60.25 -34.89
CA LYS A 1641 -6.73 -61.66 -34.96
C LYS A 1641 -6.46 -62.08 -36.40
N ARG A 1642 -6.80 -61.22 -37.35
CA ARG A 1642 -6.50 -61.46 -38.76
C ARG A 1642 -5.24 -60.75 -39.21
N LEU A 1643 -4.73 -59.84 -38.39
CA LEU A 1643 -3.59 -59.01 -38.76
C LEU A 1643 -2.39 -59.30 -37.86
N PRO A 1644 -1.18 -59.41 -38.45
CA PRO A 1644 0.02 -59.82 -37.72
C PRO A 1644 0.57 -58.79 -36.73
N LEU A 1645 0.74 -57.54 -37.14
CA LEU A 1645 1.33 -56.53 -36.24
C LEU A 1645 0.42 -56.32 -35.05
N ARG A 1646 1.03 -56.24 -33.87
CA ARG A 1646 0.28 -56.15 -32.62
C ARG A 1646 0.35 -54.74 -32.04
N PHE A 1647 -0.82 -54.15 -31.87
CA PHE A 1647 -0.94 -52.85 -31.21
C PHE A 1647 -0.32 -52.93 -29.81
N PRO A 1648 0.60 -52.01 -29.48
CA PRO A 1648 1.23 -52.05 -28.16
C PRO A 1648 0.18 -52.08 -27.04
N GLU A 1649 0.35 -53.00 -26.09
CA GLU A 1649 -0.64 -53.21 -25.05
C GLU A 1649 -0.63 -52.10 -24.00
N HIS A 1650 0.42 -51.29 -24.01
CA HIS A 1650 0.58 -50.22 -23.03
C HIS A 1650 -0.02 -48.91 -23.53
N THR A 1651 -1.26 -49.00 -24.01
CA THR A 1651 -2.03 -47.84 -24.42
C THR A 1651 -3.47 -48.30 -24.64
N SER A 1652 -4.43 -47.40 -24.40
CA SER A 1652 -5.84 -47.77 -24.41
C SER A 1652 -6.34 -48.20 -25.78
N SER A 1653 -7.07 -49.30 -25.81
CA SER A 1653 -7.67 -49.80 -27.05
C SER A 1653 -9.07 -49.22 -27.24
N GLY A 1654 -9.46 -48.31 -26.35
CA GLY A 1654 -10.67 -47.54 -26.51
C GLY A 1654 -10.41 -46.24 -27.23
N SER A 1655 -9.18 -46.09 -27.71
CA SER A 1655 -8.77 -44.90 -28.44
C SER A 1655 -8.88 -45.13 -29.96
N VAL A 1656 -8.97 -44.04 -30.70
CA VAL A 1656 -9.11 -44.10 -32.15
C VAL A 1656 -7.81 -44.57 -32.81
N SER A 1657 -6.68 -44.29 -32.16
CA SER A 1657 -5.37 -44.68 -32.68
C SER A 1657 -5.31 -46.19 -32.92
N PHE A 1658 -6.01 -46.94 -32.07
CA PHE A 1658 -6.15 -48.38 -32.20
C PHE A 1658 -6.85 -48.73 -33.51
N LYS A 1659 -8.00 -48.09 -33.71
CA LYS A 1659 -8.81 -48.26 -34.91
C LYS A 1659 -8.01 -47.93 -36.16
N VAL A 1660 -7.33 -46.79 -36.15
CA VAL A 1660 -6.48 -46.38 -37.27
C VAL A 1660 -5.39 -47.42 -37.51
N PHE A 1661 -4.66 -47.74 -36.44
CA PHE A 1661 -3.54 -48.69 -36.53
C PHE A 1661 -3.96 -50.00 -37.16
N LEU A 1662 -5.12 -50.52 -36.75
CA LEU A 1662 -5.61 -51.77 -37.32
C LEU A 1662 -6.13 -51.60 -38.75
N LEU A 1663 -6.91 -50.55 -38.99
CA LEU A 1663 -7.52 -50.37 -40.30
C LEU A 1663 -6.50 -50.09 -41.39
N LEU A 1664 -5.40 -49.42 -41.05
CA LEU A 1664 -4.32 -49.22 -42.01
C LEU A 1664 -3.68 -50.56 -42.39
N GLN A 1665 -3.59 -51.47 -41.42
CA GLN A 1665 -3.11 -52.81 -41.70
C GLN A 1665 -4.11 -53.54 -42.59
N ALA A 1666 -5.38 -53.47 -42.23
CA ALA A 1666 -6.45 -54.05 -43.04
C ALA A 1666 -6.37 -53.50 -44.46
N TYR A 1667 -6.03 -52.22 -44.58
CA TYR A 1667 -5.83 -51.59 -45.88
C TYR A 1667 -4.62 -52.20 -46.59
N PHE A 1668 -3.52 -52.36 -45.87
CA PHE A 1668 -2.33 -52.99 -46.43
C PHE A 1668 -2.60 -54.44 -46.83
N SER A 1669 -3.43 -55.13 -46.05
CA SER A 1669 -3.71 -56.55 -46.31
C SER A 1669 -4.87 -56.74 -47.28
N ARG A 1670 -5.47 -55.64 -47.73
CA ARG A 1670 -6.64 -55.68 -48.60
C ARG A 1670 -7.70 -56.64 -48.03
N LEU A 1671 -7.89 -56.53 -46.72
CA LEU A 1671 -8.82 -57.39 -45.99
C LEU A 1671 -10.26 -56.89 -46.13
N GLU A 1672 -11.18 -57.82 -46.31
CA GLU A 1672 -12.60 -57.48 -46.45
C GLU A 1672 -13.14 -56.81 -45.19
N LEU A 1673 -13.75 -55.63 -45.36
CA LEU A 1673 -14.21 -54.82 -44.23
C LEU A 1673 -15.71 -54.51 -44.27
N PRO A 1674 -16.31 -54.21 -43.10
CA PRO A 1674 -17.68 -53.71 -43.00
C PRO A 1674 -17.92 -52.36 -43.70
N VAL A 1675 -19.20 -52.01 -43.86
CA VAL A 1675 -19.59 -50.77 -44.54
C VAL A 1675 -19.15 -49.52 -43.76
N ASP A 1676 -19.06 -49.64 -42.44
CA ASP A 1676 -18.67 -48.52 -41.60
C ASP A 1676 -17.16 -48.29 -41.67
N PHE A 1677 -16.41 -49.36 -41.44
CA PHE A 1677 -14.96 -49.28 -41.37
C PHE A 1677 -14.36 -48.79 -42.68
N GLN A 1678 -14.98 -49.08 -43.81
CA GLN A 1678 -14.44 -48.66 -45.09
C GLN A 1678 -14.54 -47.14 -45.23
N ASN A 1679 -15.62 -46.57 -44.70
CA ASN A 1679 -15.79 -45.12 -44.71
C ASN A 1679 -14.82 -44.49 -43.72
N ASP A 1680 -14.72 -45.10 -42.55
CA ASP A 1680 -13.71 -44.71 -41.58
C ASP A 1680 -12.32 -44.77 -42.22
N LEU A 1681 -12.12 -45.81 -43.03
CA LEU A 1681 -10.85 -46.03 -43.69
C LEU A 1681 -10.57 -44.91 -44.70
N LYS A 1682 -11.55 -44.62 -45.55
CA LYS A 1682 -11.44 -43.52 -46.50
C LYS A 1682 -11.06 -42.24 -45.77
N ASP A 1683 -11.83 -41.93 -44.72
CA ASP A 1683 -11.58 -40.74 -43.90
C ASP A 1683 -10.15 -40.75 -43.35
N ILE A 1684 -9.70 -41.91 -42.88
CA ILE A 1684 -8.33 -42.04 -42.40
C ILE A 1684 -7.32 -41.76 -43.51
N LEU A 1685 -7.48 -42.44 -44.64
CA LEU A 1685 -6.54 -42.36 -45.74
C LEU A 1685 -6.41 -40.93 -46.26
N GLU A 1686 -7.51 -40.21 -46.30
CA GLU A 1686 -7.50 -38.80 -46.71
C GLU A 1686 -6.39 -37.98 -46.06
N LYS A 1687 -6.02 -38.32 -44.82
CA LYS A 1687 -5.12 -37.49 -44.02
C LYS A 1687 -3.74 -38.10 -43.78
N VAL A 1688 -3.31 -39.01 -44.65
CA VAL A 1688 -2.04 -39.72 -44.45
C VAL A 1688 -0.86 -39.13 -45.23
N VAL A 1689 -1.10 -38.72 -46.48
CA VAL A 1689 -0.03 -38.35 -47.39
C VAL A 1689 0.92 -37.28 -46.83
N PRO A 1690 0.37 -36.14 -46.36
CA PRO A 1690 1.26 -35.11 -45.82
C PRO A 1690 1.69 -35.38 -44.37
N LEU A 1691 1.48 -36.60 -43.91
CA LEU A 1691 1.83 -36.99 -42.54
C LEU A 1691 3.07 -37.89 -42.54
N ILE A 1692 3.06 -38.88 -43.43
CA ILE A 1692 4.18 -39.79 -43.57
C ILE A 1692 5.40 -39.00 -44.06
N ASN A 1693 5.14 -37.98 -44.87
CA ASN A 1693 6.22 -37.09 -45.32
C ASN A 1693 6.86 -36.39 -44.13
N VAL A 1694 6.03 -36.02 -43.15
CA VAL A 1694 6.53 -35.42 -41.92
C VAL A 1694 7.36 -36.45 -41.16
N VAL A 1695 6.85 -37.67 -41.06
CA VAL A 1695 7.61 -38.75 -40.43
C VAL A 1695 9.01 -38.86 -41.05
N VAL A 1696 9.06 -39.12 -42.36
CA VAL A 1696 10.34 -39.32 -43.05
C VAL A 1696 11.21 -38.07 -42.97
N ASP A 1697 10.60 -36.90 -43.05
CA ASP A 1697 11.37 -35.66 -42.98
C ASP A 1697 11.94 -35.43 -41.57
N ILE A 1698 11.21 -35.84 -40.53
CA ILE A 1698 11.75 -35.80 -39.18
C ILE A 1698 12.96 -36.73 -39.14
N LEU A 1699 12.76 -37.96 -39.60
CA LEU A 1699 13.84 -38.94 -39.58
C LEU A 1699 15.07 -38.52 -40.39
N SER A 1700 14.85 -37.94 -41.56
CA SER A 1700 15.94 -37.60 -42.47
C SER A 1700 16.69 -36.33 -42.08
N ALA A 1701 16.18 -35.62 -41.07
CA ALA A 1701 16.81 -34.39 -40.62
C ALA A 1701 17.95 -34.69 -39.65
N ASN A 1702 17.74 -35.66 -38.78
CA ASN A 1702 18.75 -36.06 -37.80
C ASN A 1702 19.85 -36.90 -38.42
N GLY A 1703 19.73 -37.18 -39.71
CA GLY A 1703 20.69 -38.02 -40.41
C GLY A 1703 20.42 -39.49 -40.16
N TYR A 1704 19.22 -39.78 -39.68
CA TYR A 1704 18.81 -41.16 -39.43
C TYR A 1704 18.40 -41.82 -40.74
N LEU A 1705 19.16 -42.83 -41.14
CA LEU A 1705 18.93 -43.52 -42.40
C LEU A 1705 17.56 -44.20 -42.40
N ASN A 1706 17.00 -44.39 -41.21
CA ASN A 1706 15.68 -45.00 -41.05
C ASN A 1706 14.60 -44.32 -41.90
N ALA A 1707 14.91 -43.12 -42.38
CA ALA A 1707 14.05 -42.41 -43.32
C ALA A 1707 13.64 -43.33 -44.47
N THR A 1708 14.56 -44.21 -44.89
CA THR A 1708 14.29 -45.10 -46.01
C THR A 1708 13.20 -46.10 -45.67
N THR A 1709 12.97 -46.33 -44.37
CA THR A 1709 11.88 -47.19 -43.94
C THR A 1709 10.55 -46.47 -44.14
N ALA A 1710 10.43 -45.31 -43.49
CA ALA A 1710 9.22 -44.50 -43.56
C ALA A 1710 8.78 -44.26 -45.00
N MET A 1711 9.74 -44.24 -45.91
CA MET A 1711 9.43 -44.18 -47.33
C MET A 1711 8.75 -45.47 -47.76
N ASP A 1712 9.31 -46.60 -47.38
CA ASP A 1712 8.77 -47.90 -47.81
C ASP A 1712 7.35 -48.03 -47.30
N LEU A 1713 7.08 -47.40 -46.16
CA LEU A 1713 5.73 -47.30 -45.63
C LEU A 1713 4.87 -46.45 -46.57
N ALA A 1714 5.44 -45.37 -47.08
CA ALA A 1714 4.69 -44.42 -47.89
C ALA A 1714 4.16 -45.06 -49.17
N GLN A 1715 4.94 -45.98 -49.74
CA GLN A 1715 4.52 -46.70 -50.93
C GLN A 1715 3.27 -47.55 -50.64
N MET A 1716 3.33 -48.29 -49.54
CA MET A 1716 2.27 -49.22 -49.18
C MET A 1716 0.95 -48.48 -49.07
N LEU A 1717 1.04 -47.24 -48.59
CA LEU A 1717 -0.12 -46.40 -48.39
C LEU A 1717 -0.77 -45.96 -49.70
N ILE A 1718 0.03 -45.89 -50.78
CA ILE A 1718 -0.48 -45.36 -52.04
C ILE A 1718 -1.06 -46.47 -52.92
N GLN A 1719 -0.45 -47.64 -52.86
CA GLN A 1719 -0.87 -48.76 -53.70
C GLN A 1719 -1.73 -49.75 -52.92
N GLY A 1720 -1.84 -49.55 -51.61
CA GLY A 1720 -2.72 -50.37 -50.79
C GLY A 1720 -2.27 -51.81 -50.76
N VAL A 1721 -1.02 -52.01 -50.36
CA VAL A 1721 -0.46 -53.35 -50.27
C VAL A 1721 0.84 -53.34 -49.47
N TRP A 1722 1.12 -54.43 -48.78
CA TRP A 1722 2.40 -54.59 -48.12
C TRP A 1722 3.53 -54.59 -49.16
N ASP A 1723 4.64 -53.95 -48.84
CA ASP A 1723 5.75 -53.83 -49.78
C ASP A 1723 6.52 -55.14 -49.89
N VAL A 1724 5.93 -56.21 -49.38
CA VAL A 1724 6.58 -57.52 -49.32
C VAL A 1724 6.05 -58.48 -50.37
N ASP A 1725 4.94 -58.11 -51.02
CA ASP A 1725 4.27 -58.99 -51.95
C ASP A 1725 4.84 -58.93 -53.36
N ASN A 1726 4.32 -59.79 -54.22
CA ASN A 1726 4.62 -59.79 -55.65
C ASN A 1726 4.42 -58.41 -56.25
N PRO A 1727 5.46 -57.84 -56.90
CA PRO A 1727 5.34 -56.53 -57.53
C PRO A 1727 4.15 -56.34 -58.47
N LEU A 1728 3.44 -57.42 -58.80
CA LEU A 1728 2.30 -57.35 -59.70
C LEU A 1728 0.98 -57.11 -58.97
N ARG A 1729 0.98 -57.29 -57.66
CA ARG A 1729 -0.24 -57.14 -56.86
C ARG A 1729 -0.71 -55.69 -56.81
N GLN A 1730 0.23 -54.76 -56.90
CA GLN A 1730 -0.10 -53.34 -56.88
C GLN A 1730 -0.81 -52.92 -58.17
N ILE A 1731 -0.75 -53.77 -59.19
CA ILE A 1731 -1.42 -53.51 -60.45
C ILE A 1731 -2.93 -53.66 -60.27
N PRO A 1732 -3.73 -52.74 -60.85
CA PRO A 1732 -5.19 -52.83 -60.78
C PRO A 1732 -5.75 -54.18 -61.22
N HIS A 1733 -6.63 -54.75 -60.40
CA HIS A 1733 -7.45 -55.90 -60.79
C HIS A 1733 -6.65 -57.16 -61.09
N PHE A 1734 -5.38 -57.19 -60.72
CA PHE A 1734 -4.59 -58.41 -60.85
C PHE A 1734 -4.96 -59.38 -59.74
N ASN A 1735 -6.01 -60.15 -59.98
CA ASN A 1735 -6.46 -61.16 -59.03
C ASN A 1735 -5.45 -62.30 -58.91
N ASN A 1736 -5.73 -63.22 -57.98
CA ASN A 1736 -4.82 -64.33 -57.71
C ASN A 1736 -4.60 -65.22 -58.94
N LYS A 1737 -5.63 -65.33 -59.78
CA LYS A 1737 -5.55 -66.14 -60.98
C LYS A 1737 -4.45 -65.63 -61.92
N ILE A 1738 -4.51 -64.35 -62.25
CA ILE A 1738 -3.49 -63.70 -63.08
C ILE A 1738 -2.13 -63.79 -62.40
N LEU A 1739 -2.11 -63.45 -61.11
CA LEU A 1739 -0.91 -63.49 -60.31
C LEU A 1739 -0.28 -64.88 -60.36
N GLU A 1740 -1.13 -65.90 -60.32
CA GLU A 1740 -0.67 -67.29 -60.41
C GLU A 1740 -0.14 -67.59 -61.80
N LYS A 1741 -0.89 -67.22 -62.82
CA LYS A 1741 -0.46 -67.42 -64.21
C LYS A 1741 0.89 -66.76 -64.48
N CYS A 1742 1.13 -65.61 -63.86
CA CYS A 1742 2.38 -64.89 -64.05
C CYS A 1742 3.59 -65.68 -63.54
N LYS A 1743 3.38 -66.55 -62.56
CA LYS A 1743 4.45 -67.44 -62.12
C LYS A 1743 4.88 -68.37 -63.26
N GLU A 1744 3.88 -68.94 -63.94
CA GLU A 1744 4.12 -69.91 -65.00
C GLU A 1744 4.94 -69.33 -66.16
N ILE A 1745 4.75 -68.04 -66.44
CA ILE A 1745 5.49 -67.39 -67.52
C ILE A 1745 6.72 -66.64 -66.98
N ASN A 1746 7.08 -66.94 -65.73
CA ASN A 1746 8.28 -66.37 -65.12
C ASN A 1746 8.29 -64.84 -65.14
N VAL A 1747 7.15 -64.23 -64.82
CA VAL A 1747 7.01 -62.78 -64.79
C VAL A 1747 6.77 -62.24 -63.38
N GLU A 1748 7.62 -61.28 -62.97
CA GLU A 1748 7.54 -60.70 -61.63
C GLU A 1748 7.39 -59.17 -61.68
N THR A 1749 8.23 -58.50 -62.46
CA THR A 1749 8.19 -57.04 -62.50
C THR A 1749 7.11 -56.53 -63.44
N VAL A 1750 6.66 -55.30 -63.19
CA VAL A 1750 5.65 -54.66 -64.01
C VAL A 1750 6.13 -54.49 -65.45
N TYR A 1751 7.41 -54.20 -65.60
CA TYR A 1751 8.01 -53.98 -66.92
C TYR A 1751 7.77 -55.14 -67.86
N ASP A 1752 7.69 -56.34 -67.31
CA ASP A 1752 7.46 -57.54 -68.10
C ASP A 1752 6.03 -57.60 -68.63
N ILE A 1753 5.12 -56.91 -67.95
CA ILE A 1753 3.72 -56.94 -68.33
C ILE A 1753 3.47 -56.07 -69.56
N MET A 1754 4.06 -54.88 -69.57
CA MET A 1754 3.92 -53.99 -70.73
C MET A 1754 4.74 -54.52 -71.90
N ALA A 1755 5.75 -55.32 -71.59
CA ALA A 1755 6.59 -55.93 -72.62
C ALA A 1755 6.00 -57.26 -73.07
N LEU A 1756 4.89 -57.64 -72.44
CA LEU A 1756 4.20 -58.89 -72.77
C LEU A 1756 3.60 -58.79 -74.16
N GLU A 1757 3.74 -59.85 -74.94
CA GLU A 1757 3.15 -59.92 -76.28
C GLU A 1757 1.62 -60.01 -76.20
N ASP A 1758 0.96 -59.51 -77.24
CA ASP A 1758 -0.50 -59.46 -77.28
C ASP A 1758 -1.15 -60.83 -77.10
N GLU A 1759 -0.62 -61.83 -77.80
CA GLU A 1759 -1.18 -63.18 -77.76
C GLU A 1759 -1.04 -63.84 -76.38
N GLU A 1760 -0.27 -63.20 -75.50
CA GLU A 1760 -0.09 -63.68 -74.14
C GLU A 1760 -1.13 -63.07 -73.21
N ARG A 1761 -1.46 -61.81 -73.47
CA ARG A 1761 -2.45 -61.08 -72.68
C ARG A 1761 -3.82 -61.75 -72.73
N ASP A 1762 -4.23 -62.14 -73.93
CA ASP A 1762 -5.55 -62.75 -74.15
C ASP A 1762 -5.81 -63.96 -73.27
N GLU A 1763 -4.75 -64.64 -72.84
CA GLU A 1763 -4.88 -65.85 -72.04
C GLU A 1763 -4.67 -65.59 -70.55
N ILE A 1764 -4.42 -64.33 -70.19
CA ILE A 1764 -4.20 -63.96 -68.80
C ILE A 1764 -5.18 -62.88 -68.38
N LEU A 1765 -5.25 -61.79 -69.14
CA LEU A 1765 -6.11 -60.68 -68.80
C LEU A 1765 -7.56 -60.97 -69.18
N THR A 1766 -8.24 -61.71 -68.32
CA THR A 1766 -9.65 -62.05 -68.51
C THR A 1766 -10.57 -60.92 -68.06
N LEU A 1767 -9.98 -59.80 -67.64
CA LEU A 1767 -10.71 -58.68 -67.08
C LEU A 1767 -11.59 -58.00 -68.12
N THR A 1768 -12.59 -57.25 -67.65
CA THR A 1768 -13.49 -56.51 -68.53
C THR A 1768 -12.78 -55.27 -69.06
N ASP A 1769 -13.30 -54.71 -70.14
CA ASP A 1769 -12.67 -53.59 -70.84
C ASP A 1769 -12.26 -52.43 -69.93
N SER A 1770 -13.15 -52.03 -69.03
CA SER A 1770 -12.87 -50.95 -68.09
C SER A 1770 -11.67 -51.27 -67.21
N GLN A 1771 -11.70 -52.47 -66.63
CA GLN A 1771 -10.62 -52.92 -65.77
C GLN A 1771 -9.31 -52.95 -66.57
N LEU A 1772 -9.39 -53.46 -67.79
CA LEU A 1772 -8.23 -53.52 -68.67
C LEU A 1772 -7.70 -52.12 -68.92
N ALA A 1773 -8.61 -51.17 -69.16
CA ALA A 1773 -8.24 -49.78 -69.34
C ALA A 1773 -7.49 -49.28 -68.11
N GLN A 1774 -8.00 -49.58 -66.92
CA GLN A 1774 -7.32 -49.22 -65.69
C GLN A 1774 -5.93 -49.86 -65.61
N VAL A 1775 -5.84 -51.14 -65.97
CA VAL A 1775 -4.56 -51.83 -65.99
C VAL A 1775 -3.59 -51.09 -66.90
N ALA A 1776 -4.06 -50.70 -68.09
CA ALA A 1776 -3.25 -49.93 -69.01
C ALA A 1776 -2.87 -48.58 -68.40
N ALA A 1777 -3.83 -47.95 -67.70
CA ALA A 1777 -3.59 -46.66 -67.07
C ALA A 1777 -2.48 -46.76 -66.02
N PHE A 1778 -2.48 -47.84 -65.26
CA PHE A 1778 -1.42 -48.06 -64.28
C PHE A 1778 -0.10 -48.42 -64.96
N VAL A 1779 -0.13 -49.42 -65.81
CA VAL A 1779 1.07 -49.99 -66.41
C VAL A 1779 1.83 -49.01 -67.30
N ASN A 1780 1.10 -48.30 -68.17
CA ASN A 1780 1.74 -47.42 -69.14
C ASN A 1780 2.19 -46.09 -68.52
N ASN A 1781 2.05 -45.98 -67.21
CA ASN A 1781 2.56 -44.82 -66.47
C ASN A 1781 3.56 -45.23 -65.39
N TYR A 1782 3.67 -46.53 -65.17
CA TYR A 1782 4.68 -47.07 -64.26
C TYR A 1782 6.07 -46.61 -64.68
N PRO A 1783 6.73 -45.79 -63.84
CA PRO A 1783 7.95 -45.12 -64.30
C PRO A 1783 9.18 -46.03 -64.35
N ASN A 1784 10.08 -45.73 -65.28
CA ASN A 1784 11.38 -46.37 -65.34
C ASN A 1784 12.48 -45.32 -65.47
N VAL A 1785 13.36 -45.27 -64.48
CA VAL A 1785 14.38 -44.23 -64.41
C VAL A 1785 15.78 -44.83 -64.41
N GLU A 1786 16.75 -44.02 -64.81
CA GLU A 1786 18.16 -44.39 -64.78
C GLU A 1786 18.93 -43.33 -64.01
N LEU A 1787 19.75 -43.79 -63.07
CA LEU A 1787 20.45 -42.94 -62.12
C LEU A 1787 21.92 -42.83 -62.47
N THR A 1788 22.40 -41.59 -62.59
CA THR A 1788 23.80 -41.33 -62.93
C THR A 1788 24.41 -40.33 -61.97
N TYR A 1789 25.14 -40.82 -60.97
CA TYR A 1789 25.84 -39.92 -60.07
C TYR A 1789 27.11 -39.43 -60.78
N SER A 1790 27.43 -38.16 -60.56
CA SER A 1790 28.63 -37.57 -61.13
C SER A 1790 29.25 -36.62 -60.11
N LEU A 1791 30.15 -37.15 -59.29
CA LEU A 1791 30.80 -36.36 -58.26
C LEU A 1791 31.92 -35.54 -58.89
N ASN A 1792 31.89 -34.24 -58.61
CA ASN A 1792 32.81 -33.28 -59.21
C ASN A 1792 34.27 -33.69 -59.06
N ASN A 1793 34.55 -34.45 -58.00
CA ASN A 1793 35.88 -35.01 -57.78
C ASN A 1793 35.77 -36.17 -56.79
N SER A 1794 36.15 -37.36 -57.26
CA SER A 1794 35.87 -38.59 -56.53
C SER A 1794 36.90 -38.95 -55.45
N ASP A 1795 37.84 -38.04 -55.19
CA ASP A 1795 38.90 -38.30 -54.21
C ASP A 1795 39.26 -37.08 -53.37
N SER A 1796 39.34 -35.92 -54.01
CA SER A 1796 39.86 -34.73 -53.35
C SER A 1796 38.78 -33.99 -52.58
N LEU A 1797 38.59 -34.42 -51.34
CA LEU A 1797 37.62 -33.85 -50.42
C LEU A 1797 38.36 -33.55 -49.11
N ILE A 1798 38.09 -32.38 -48.52
CA ILE A 1798 38.68 -32.05 -47.23
C ILE A 1798 37.81 -32.64 -46.13
N SER A 1799 38.41 -33.05 -45.02
CA SER A 1799 37.64 -33.65 -43.94
C SER A 1799 36.67 -32.65 -43.33
N GLY A 1800 35.39 -32.98 -43.36
CA GLY A 1800 34.36 -32.15 -42.78
C GLY A 1800 33.92 -30.99 -43.66
N VAL A 1801 34.50 -30.88 -44.86
CA VAL A 1801 34.10 -29.83 -45.80
C VAL A 1801 32.82 -30.26 -46.48
N LYS A 1802 31.98 -29.29 -46.82
CA LYS A 1802 30.72 -29.58 -47.47
C LYS A 1802 30.92 -29.82 -48.96
N GLN A 1803 31.34 -31.04 -49.30
CA GLN A 1803 31.55 -31.42 -50.69
C GLN A 1803 30.22 -31.50 -51.44
N LYS A 1804 30.23 -31.01 -52.68
CA LYS A 1804 29.05 -31.02 -53.53
C LYS A 1804 29.12 -32.18 -54.51
N ILE A 1805 27.99 -32.85 -54.68
CA ILE A 1805 27.85 -33.95 -55.61
C ILE A 1805 26.67 -33.66 -56.55
N THR A 1806 26.89 -33.90 -57.85
CA THR A 1806 25.84 -33.71 -58.84
C THR A 1806 25.26 -35.07 -59.22
N ILE A 1807 23.93 -35.17 -59.15
CA ILE A 1807 23.24 -36.41 -59.47
C ILE A 1807 22.28 -36.20 -60.63
N GLN A 1808 22.50 -36.96 -61.71
CA GLN A 1808 21.67 -36.86 -62.91
C GLN A 1808 20.66 -38.00 -62.93
N LEU A 1809 19.39 -37.61 -63.06
CA LEU A 1809 18.28 -38.56 -63.14
C LEU A 1809 17.69 -38.49 -64.54
N THR A 1810 17.60 -39.65 -65.21
CA THR A 1810 17.07 -39.73 -66.56
C THR A 1810 15.89 -40.69 -66.67
N ARG A 1811 15.02 -40.43 -67.63
CA ARG A 1811 13.77 -41.17 -67.82
C ARG A 1811 13.72 -41.71 -69.26
N ASP A 1812 13.16 -42.90 -69.43
CA ASP A 1812 13.10 -43.54 -70.75
C ASP A 1812 12.33 -42.70 -71.77
N VAL A 1813 11.24 -42.07 -71.31
CA VAL A 1813 10.38 -41.30 -72.19
C VAL A 1813 9.96 -39.99 -71.52
N GLU A 1814 9.34 -39.11 -72.29
CA GLU A 1814 8.79 -37.87 -71.73
C GLU A 1814 7.44 -38.18 -71.12
N PRO A 1815 7.26 -37.89 -69.82
CA PRO A 1815 6.00 -38.25 -69.19
C PRO A 1815 4.90 -37.23 -69.48
N GLU A 1816 3.79 -37.71 -70.02
CA GLU A 1816 2.65 -36.85 -70.33
C GLU A 1816 1.96 -36.38 -69.06
N ASN A 1817 1.87 -37.28 -68.08
CA ASN A 1817 1.16 -36.99 -66.84
C ASN A 1817 1.74 -37.75 -65.66
N LEU A 1818 2.10 -37.01 -64.60
CA LEU A 1818 2.63 -37.60 -63.38
C LEU A 1818 1.52 -38.07 -62.46
N GLN A 1819 0.30 -38.12 -62.99
CA GLN A 1819 -0.86 -38.59 -62.23
C GLN A 1819 -0.69 -40.05 -61.83
N VAL A 1820 -0.59 -40.30 -60.53
CA VAL A 1820 -0.39 -41.64 -60.02
C VAL A 1820 -1.71 -42.41 -60.09
N THR A 1821 -1.63 -43.69 -60.43
CA THR A 1821 -2.79 -44.55 -60.52
C THR A 1821 -2.79 -45.58 -59.40
N SER A 1822 -3.95 -45.81 -58.80
CA SER A 1822 -4.11 -46.82 -57.77
C SER A 1822 -5.57 -47.08 -57.50
N GLU A 1823 -5.95 -48.35 -57.53
CA GLU A 1823 -7.35 -48.74 -57.36
C GLU A 1823 -7.79 -48.67 -55.90
N LYS A 1824 -6.83 -48.47 -55.01
CA LYS A 1824 -7.10 -48.47 -53.58
C LYS A 1824 -7.01 -47.09 -52.94
N TYR A 1825 -6.10 -46.25 -53.44
CA TYR A 1825 -5.96 -44.89 -52.94
C TYR A 1825 -6.87 -43.92 -53.72
N PRO A 1826 -7.95 -43.44 -53.09
CA PRO A 1826 -9.01 -42.72 -53.83
C PRO A 1826 -8.78 -41.20 -53.96
N PHE A 1827 -7.56 -40.78 -54.29
CA PHE A 1827 -7.29 -39.36 -54.53
C PHE A 1827 -6.26 -39.16 -55.64
N ASP A 1828 -5.92 -37.90 -55.90
CA ASP A 1828 -4.90 -37.56 -56.88
C ASP A 1828 -3.55 -37.41 -56.18
N LYS A 1829 -2.46 -37.59 -56.93
CA LYS A 1829 -1.13 -37.51 -56.35
C LYS A 1829 -0.04 -37.44 -57.42
N LEU A 1830 1.01 -36.67 -57.15
CA LEU A 1830 2.14 -36.57 -58.07
C LEU A 1830 3.15 -37.69 -57.86
N GLU A 1831 3.84 -38.03 -58.93
CA GLU A 1831 4.94 -38.98 -58.87
C GLU A 1831 6.18 -38.24 -58.36
N SER A 1832 6.40 -38.30 -57.06
CA SER A 1832 7.53 -37.63 -56.44
C SER A 1832 8.61 -38.63 -56.05
N TRP A 1833 9.86 -38.17 -56.04
CA TRP A 1833 11.00 -39.04 -55.78
C TRP A 1833 11.87 -38.50 -54.66
N TRP A 1834 12.45 -39.43 -53.89
CA TRP A 1834 13.45 -39.11 -52.89
C TRP A 1834 14.85 -39.48 -53.39
N LEU A 1835 15.71 -38.48 -53.44
CA LEU A 1835 17.14 -38.67 -53.63
C LEU A 1835 17.79 -38.80 -52.26
N VAL A 1836 18.55 -39.88 -52.04
CA VAL A 1836 19.17 -40.13 -50.74
C VAL A 1836 20.64 -40.51 -50.88
N LEU A 1837 21.48 -39.89 -50.06
CA LEU A 1837 22.91 -40.22 -49.98
C LEU A 1837 23.30 -40.53 -48.54
N GLY A 1838 23.78 -41.75 -48.28
CA GLY A 1838 24.15 -42.12 -46.93
C GLY A 1838 25.13 -43.28 -46.78
N GLU A 1839 25.74 -43.39 -45.61
CA GLU A 1839 26.65 -44.49 -45.27
C GLU A 1839 25.87 -45.61 -44.58
N VAL A 1840 25.83 -46.78 -45.21
CA VAL A 1840 25.04 -47.89 -44.71
C VAL A 1840 25.62 -48.49 -43.41
N SER A 1841 26.94 -48.58 -43.34
CA SER A 1841 27.59 -49.21 -42.19
C SER A 1841 27.35 -48.43 -40.89
N LYS A 1842 27.14 -47.13 -41.01
CA LYS A 1842 26.99 -46.25 -39.86
C LYS A 1842 25.54 -45.80 -39.65
N LYS A 1843 24.63 -46.31 -40.48
CA LYS A 1843 23.23 -45.92 -40.43
C LYS A 1843 23.07 -44.41 -40.49
N GLU A 1844 23.93 -43.76 -41.29
CA GLU A 1844 23.96 -42.31 -41.36
C GLU A 1844 23.60 -41.82 -42.75
N LEU A 1845 22.63 -40.91 -42.81
CA LEU A 1845 22.21 -40.31 -44.05
C LEU A 1845 22.90 -38.96 -44.20
N TYR A 1846 23.76 -38.84 -45.19
CA TYR A 1846 24.55 -37.62 -45.37
C TYR A 1846 23.72 -36.52 -46.01
N ALA A 1847 22.95 -36.89 -47.03
CA ALA A 1847 22.13 -35.91 -47.73
C ALA A 1847 20.83 -36.52 -48.25
N ILE A 1848 19.85 -35.67 -48.51
CA ILE A 1848 18.56 -36.11 -49.02
C ILE A 1848 17.91 -34.95 -49.77
N LYS A 1849 17.15 -35.26 -50.82
CA LYS A 1849 16.44 -34.23 -51.56
C LYS A 1849 15.16 -34.76 -52.18
N LYS A 1850 14.05 -34.11 -51.88
CA LYS A 1850 12.75 -34.45 -52.43
C LYS A 1850 12.56 -33.72 -53.76
N VAL A 1851 12.27 -34.46 -54.82
CA VAL A 1851 12.14 -33.87 -56.16
C VAL A 1851 10.95 -34.41 -56.94
N THR A 1852 10.54 -33.65 -57.96
CA THR A 1852 9.52 -34.09 -58.90
C THR A 1852 10.11 -34.31 -60.28
N LEU A 1853 10.14 -35.56 -60.72
CA LEU A 1853 10.80 -35.94 -61.98
C LEU A 1853 9.90 -35.76 -63.20
N ASN A 1854 9.73 -34.50 -63.63
CA ASN A 1854 8.82 -34.18 -64.71
C ASN A 1854 9.48 -34.34 -66.08
N LYS A 1855 10.70 -33.83 -66.21
CA LYS A 1855 11.43 -33.90 -67.47
C LYS A 1855 12.14 -35.24 -67.62
N GLU A 1856 12.24 -35.72 -68.87
CA GLU A 1856 12.80 -37.04 -69.12
C GLU A 1856 14.28 -37.12 -68.75
N THR A 1857 14.89 -35.96 -68.52
CA THR A 1857 16.26 -35.91 -68.04
C THR A 1857 16.51 -34.61 -67.27
N GLN A 1858 17.10 -34.74 -66.09
CA GLN A 1858 17.44 -33.58 -65.28
C GLN A 1858 18.45 -33.99 -64.23
N GLN A 1859 19.10 -33.02 -63.61
CA GLN A 1859 20.09 -33.33 -62.58
C GLN A 1859 20.00 -32.32 -61.45
N TYR A 1860 20.36 -32.77 -60.25
CA TYR A 1860 20.30 -31.96 -59.06
C TYR A 1860 21.64 -31.92 -58.34
N GLU A 1861 21.91 -30.81 -57.68
CA GLU A 1861 23.12 -30.65 -56.88
C GLU A 1861 22.78 -30.88 -55.42
N LEU A 1862 23.57 -31.75 -54.78
CA LEU A 1862 23.46 -32.00 -53.36
C LEU A 1862 24.81 -31.68 -52.75
N GLU A 1863 24.84 -31.43 -51.44
CA GLU A 1863 26.11 -31.22 -50.76
C GLU A 1863 26.06 -31.92 -49.42
N PHE A 1864 27.20 -32.48 -49.01
CA PHE A 1864 27.26 -33.31 -47.82
C PHE A 1864 28.53 -33.07 -47.03
N ASP A 1865 28.47 -33.37 -45.74
CA ASP A 1865 29.64 -33.25 -44.87
C ASP A 1865 30.56 -34.43 -45.11
N THR A 1866 31.79 -34.13 -45.51
CA THR A 1866 32.78 -35.17 -45.71
C THR A 1866 32.98 -35.86 -44.36
N PRO A 1867 32.79 -37.19 -44.30
CA PRO A 1867 32.84 -37.89 -43.01
C PRO A 1867 34.24 -37.95 -42.40
N THR A 1868 34.43 -38.85 -41.43
CA THR A 1868 35.71 -38.95 -40.73
C THR A 1868 36.85 -39.36 -41.67
N SER A 1869 38.08 -39.09 -41.24
CA SER A 1869 39.28 -39.48 -41.98
C SER A 1869 39.32 -40.98 -42.22
N GLY A 1870 39.71 -41.39 -43.43
CA GLY A 1870 39.79 -42.81 -43.75
C GLY A 1870 39.13 -43.15 -45.08
N LYS A 1871 38.36 -44.23 -45.08
CA LYS A 1871 37.67 -44.67 -46.29
C LYS A 1871 36.24 -45.07 -45.95
N HIS A 1872 35.29 -44.70 -46.80
CA HIS A 1872 33.88 -44.97 -46.54
C HIS A 1872 33.13 -45.53 -47.75
N ASN A 1873 32.05 -46.26 -47.46
CA ASN A 1873 31.20 -46.87 -48.47
C ASN A 1873 29.86 -46.16 -48.62
N LEU A 1874 29.79 -45.14 -49.46
CA LEU A 1874 28.58 -44.32 -49.57
C LEU A 1874 27.60 -44.92 -50.56
N THR A 1875 26.32 -44.87 -50.21
CA THR A 1875 25.27 -45.41 -51.05
C THR A 1875 24.23 -44.34 -51.38
N ILE A 1876 23.89 -44.25 -52.66
CA ILE A 1876 22.88 -43.33 -53.17
C ILE A 1876 21.60 -44.07 -53.57
N TRP A 1877 20.48 -43.72 -52.95
CA TRP A 1877 19.18 -44.26 -53.32
C TRP A 1877 18.36 -43.23 -54.08
N CYS A 1878 17.55 -43.72 -55.02
CA CYS A 1878 16.56 -42.91 -55.71
C CYS A 1878 15.23 -43.66 -55.69
N VAL A 1879 14.33 -43.23 -54.83
CA VAL A 1879 13.09 -43.99 -54.58
C VAL A 1879 11.83 -43.20 -54.89
N CYS A 1880 10.78 -43.90 -55.30
CA CYS A 1880 9.49 -43.29 -55.61
C CYS A 1880 8.50 -43.51 -54.47
N ASP A 1881 7.79 -42.44 -54.10
CA ASP A 1881 6.87 -42.49 -52.95
C ASP A 1881 5.45 -42.88 -53.34
N SER A 1882 5.25 -43.29 -54.59
CA SER A 1882 3.91 -43.54 -55.12
C SER A 1882 3.75 -44.93 -55.73
N TYR A 1883 4.86 -45.52 -56.14
CA TYR A 1883 4.87 -46.87 -56.71
C TYR A 1883 5.88 -47.74 -55.97
N LEU A 1884 5.84 -49.04 -56.24
CA LEU A 1884 6.77 -49.99 -55.64
C LEU A 1884 7.67 -50.60 -56.70
N ASP A 1885 8.88 -50.98 -56.29
CA ASP A 1885 9.79 -51.77 -57.12
C ASP A 1885 10.31 -51.01 -58.35
N ALA A 1886 10.07 -49.71 -58.41
CA ALA A 1886 10.68 -48.86 -59.44
C ALA A 1886 11.85 -48.06 -58.86
N ASP A 1887 12.24 -48.41 -57.63
CA ASP A 1887 13.33 -47.75 -56.94
C ASP A 1887 14.70 -48.19 -57.45
N LYS A 1888 15.63 -47.24 -57.54
CA LYS A 1888 16.98 -47.53 -58.06
C LYS A 1888 18.07 -47.05 -57.11
N GLU A 1889 19.15 -47.84 -57.01
CA GLU A 1889 20.24 -47.53 -56.08
C GLU A 1889 21.64 -47.73 -56.67
N LEU A 1890 22.60 -46.99 -56.13
CA LEU A 1890 24.01 -47.05 -56.53
C LEU A 1890 24.89 -46.91 -55.30
N SER A 1891 26.11 -47.44 -55.35
CA SER A 1891 27.04 -47.34 -54.22
C SER A 1891 28.47 -47.08 -54.69
N PHE A 1892 29.28 -46.47 -53.83
CA PHE A 1892 30.67 -46.19 -54.16
C PHE A 1892 31.53 -45.89 -52.92
N GLU A 1893 32.85 -45.90 -53.15
CA GLU A 1893 33.83 -45.68 -52.10
C GLU A 1893 34.36 -44.23 -52.10
N ILE A 1894 34.62 -43.69 -50.93
CA ILE A 1894 35.24 -42.37 -50.81
C ILE A 1894 36.43 -42.40 -49.85
N ASN A 1895 37.42 -41.56 -50.12
CA ASN A 1895 38.59 -41.43 -49.28
C ASN A 1895 38.60 -40.05 -48.63
N VAL A 1896 38.84 -40.03 -47.32
CA VAL A 1896 38.83 -38.79 -46.54
C VAL A 1896 40.17 -38.51 -45.87
N LYS A 1897 40.64 -37.27 -46.06
CA LYS A 1897 41.90 -36.78 -45.52
C LYS A 1897 41.94 -36.95 -43.99
N SER B 5 -31.84 -28.90 33.38
CA SER B 5 -32.02 -29.90 32.33
C SER B 5 -30.68 -30.25 31.69
N LYS B 6 -30.49 -31.54 31.38
CA LYS B 6 -29.23 -32.00 30.79
C LYS B 6 -29.24 -31.96 29.27
N ASN B 7 -30.40 -32.15 28.66
CA ASN B 7 -30.55 -32.10 27.21
C ASN B 7 -31.02 -30.72 26.72
N GLU B 8 -30.22 -29.70 27.01
CA GLU B 8 -30.53 -28.33 26.60
C GLU B 8 -30.67 -28.20 25.08
N TRP B 9 -29.72 -28.79 24.36
CA TRP B 9 -29.61 -28.68 22.91
C TRP B 9 -30.88 -29.06 22.14
N ARG B 10 -31.65 -30.01 22.66
CA ARG B 10 -32.83 -30.51 21.95
C ARG B 10 -33.86 -29.42 21.71
N LYS B 11 -34.32 -28.80 22.79
CA LYS B 11 -35.30 -27.72 22.71
C LYS B 11 -34.86 -26.65 21.71
N SER B 12 -33.64 -26.19 21.87
CA SER B 12 -33.10 -25.14 21.01
C SER B 12 -33.03 -25.60 19.56
N ALA B 13 -32.57 -26.84 19.36
CA ALA B 13 -32.39 -27.39 18.03
C ALA B 13 -33.74 -27.53 17.31
N ILE B 14 -34.77 -27.91 18.06
CA ILE B 14 -36.12 -27.92 17.50
C ILE B 14 -36.57 -26.49 17.24
N ALA B 15 -36.36 -25.63 18.23
CA ALA B 15 -36.81 -24.25 18.20
C ALA B 15 -36.31 -23.46 17.00
N ASN B 16 -35.00 -23.44 16.79
CA ASN B 16 -34.41 -22.58 15.77
C ASN B 16 -34.69 -23.07 14.35
N THR B 17 -35.58 -24.05 14.21
CA THR B 17 -36.05 -24.50 12.92
C THR B 17 -36.80 -23.37 12.21
N LEU B 18 -37.56 -22.61 12.98
CA LEU B 18 -38.48 -21.61 12.41
C LEU B 18 -37.86 -20.22 12.35
N LEU B 19 -36.54 -20.15 12.31
CA LEU B 19 -35.86 -18.86 12.24
C LEU B 19 -36.17 -18.14 10.94
N TYR B 20 -36.62 -18.88 9.92
CA TYR B 20 -36.96 -18.26 8.64
C TYR B 20 -38.24 -17.44 8.74
N LEU B 21 -39.05 -17.71 9.77
CA LEU B 21 -40.27 -16.95 10.00
C LEU B 21 -39.95 -15.58 10.60
N ARG B 22 -38.86 -15.52 11.36
CA ARG B 22 -38.44 -14.27 11.97
C ARG B 22 -37.94 -13.29 10.92
N LEU B 23 -37.81 -13.78 9.68
CA LEU B 23 -37.36 -12.95 8.56
C LEU B 23 -38.55 -12.43 7.76
N LYS B 24 -39.75 -12.72 8.23
CA LYS B 24 -40.98 -12.16 7.66
C LYS B 24 -41.26 -10.79 8.26
N ASN B 25 -40.43 -10.37 9.21
CA ASN B 25 -40.56 -9.07 9.82
C ASN B 25 -39.18 -8.58 10.26
N ILE B 26 -38.58 -7.69 9.47
CA ILE B 26 -37.25 -7.16 9.76
C ILE B 26 -37.29 -5.64 9.87
N TYR B 27 -36.52 -5.11 10.81
CA TYR B 27 -36.44 -3.66 11.04
C TYR B 27 -35.06 -3.11 10.69
N VAL B 28 -35.02 -2.20 9.71
CA VAL B 28 -33.79 -1.52 9.34
C VAL B 28 -33.56 -0.31 10.27
N SER B 29 -32.96 -0.57 11.42
CA SER B 29 -32.72 0.48 12.42
C SER B 29 -31.61 1.44 11.98
N ALA B 30 -31.96 2.41 11.13
CA ALA B 30 -31.02 3.40 10.64
C ALA B 30 -31.42 4.81 11.04
N ASP B 31 -30.45 5.60 11.50
CA ASP B 31 -30.69 6.97 11.93
C ASP B 31 -30.40 7.92 10.76
N ASP B 32 -30.39 9.22 11.04
CA ASP B 32 -30.17 10.24 10.02
C ASP B 32 -29.01 9.89 9.09
N PHE B 33 -29.30 9.81 7.79
CA PHE B 33 -28.30 9.49 6.79
C PHE B 33 -27.41 10.70 6.51
N VAL B 34 -26.10 10.51 6.55
CA VAL B 34 -25.15 11.57 6.26
C VAL B 34 -24.35 11.22 5.00
N GLU B 35 -24.35 12.13 4.05
CA GLU B 35 -23.68 11.91 2.77
C GLU B 35 -22.16 11.85 2.94
N GLU B 36 -21.63 12.71 3.80
CA GLU B 36 -20.19 12.80 4.03
C GLU B 36 -19.68 11.50 4.63
N GLN B 37 -20.41 10.97 5.60
CA GLN B 37 -19.99 9.76 6.30
C GLN B 37 -20.06 8.54 5.39
N ASN B 38 -19.19 7.57 5.65
CA ASN B 38 -19.25 6.30 4.94
C ASN B 38 -20.50 5.52 5.37
N VAL B 39 -20.93 4.60 4.51
CA VAL B 39 -22.14 3.83 4.78
C VAL B 39 -21.95 2.38 4.34
N TYR B 40 -22.49 1.46 5.11
CA TYR B 40 -22.36 0.03 4.84
C TYR B 40 -23.65 -0.57 4.30
N VAL B 41 -23.49 -1.42 3.30
CA VAL B 41 -24.61 -2.11 2.67
C VAL B 41 -24.54 -3.60 3.00
N LEU B 42 -25.67 -4.17 3.40
CA LEU B 42 -25.72 -5.59 3.76
C LEU B 42 -26.61 -6.37 2.79
N PRO B 43 -26.05 -7.41 2.15
CA PRO B 43 -26.85 -8.31 1.31
C PRO B 43 -27.91 -9.09 2.08
N LYS B 44 -29.11 -9.15 1.52
CA LYS B 44 -30.22 -9.88 2.11
C LYS B 44 -29.93 -11.40 2.15
N ASN B 45 -29.33 -11.90 1.08
CA ASN B 45 -29.05 -13.33 0.95
C ASN B 45 -28.13 -13.85 2.05
N LEU B 46 -27.24 -12.99 2.53
CA LEU B 46 -26.36 -13.35 3.63
C LEU B 46 -27.13 -13.38 4.95
N LEU B 47 -28.02 -12.42 5.12
CA LEU B 47 -28.83 -12.33 6.33
C LEU B 47 -29.71 -13.56 6.45
N LYS B 48 -30.37 -13.90 5.35
CA LYS B 48 -31.18 -15.11 5.26
C LYS B 48 -30.48 -16.33 5.84
N LYS B 49 -29.38 -16.70 5.19
CA LYS B 49 -28.67 -17.93 5.55
C LYS B 49 -27.98 -17.81 6.90
N PHE B 50 -27.35 -16.67 7.16
CA PHE B 50 -26.67 -16.48 8.44
C PHE B 50 -27.63 -16.60 9.61
N ILE B 51 -28.85 -16.09 9.45
CA ILE B 51 -29.84 -16.19 10.52
C ILE B 51 -30.41 -17.61 10.60
N GLU B 52 -30.88 -18.16 9.48
CA GLU B 52 -31.56 -19.45 9.56
C GLU B 52 -30.64 -20.62 9.94
N ILE B 53 -29.35 -20.35 10.14
CA ILE B 53 -28.43 -21.36 10.69
C ILE B 53 -28.07 -21.07 12.14
N SER B 54 -28.40 -19.88 12.62
CA SER B 54 -28.02 -19.47 13.97
C SER B 54 -28.86 -20.17 15.02
N ASP B 55 -28.88 -19.63 16.24
CA ASP B 55 -29.61 -20.25 17.34
C ASP B 55 -30.37 -19.21 18.16
N VAL B 56 -31.51 -19.64 18.70
CA VAL B 56 -32.34 -18.78 19.54
C VAL B 56 -31.67 -18.50 20.89
N LYS B 57 -30.81 -19.42 21.31
CA LYS B 57 -30.22 -19.38 22.65
C LYS B 57 -28.77 -18.94 22.62
N ILE B 58 -27.94 -19.67 21.86
CA ILE B 58 -26.51 -19.43 21.86
C ILE B 58 -26.15 -18.35 20.84
N GLN B 59 -25.23 -17.47 21.22
CA GLN B 59 -24.77 -16.41 20.33
C GLN B 59 -23.83 -16.98 19.27
N VAL B 60 -23.86 -16.39 18.08
CA VAL B 60 -22.97 -16.79 17.00
C VAL B 60 -22.55 -15.56 16.19
N ALA B 61 -21.30 -15.56 15.74
CA ALA B 61 -20.73 -14.42 15.03
C ALA B 61 -19.96 -14.86 13.77
N ALA B 62 -19.69 -13.89 12.90
CA ALA B 62 -18.94 -14.15 11.67
C ALA B 62 -18.24 -12.87 11.22
N PHE B 63 -17.19 -13.03 10.40
CA PHE B 63 -16.46 -11.87 9.87
C PHE B 63 -17.10 -11.43 8.56
N ILE B 64 -16.99 -10.14 8.25
CA ILE B 64 -17.55 -9.60 7.02
C ILE B 64 -16.48 -8.92 6.16
N TYR B 65 -16.50 -9.25 4.87
CA TYR B 65 -15.57 -8.69 3.90
C TYR B 65 -16.31 -8.01 2.75
N GLY B 66 -15.80 -6.86 2.34
CA GLY B 66 -16.40 -6.09 1.26
C GLY B 66 -15.41 -5.14 0.64
N MET B 67 -15.90 -4.17 -0.14
CA MET B 67 -15.02 -3.22 -0.80
C MET B 67 -15.79 -2.00 -1.30
N SER B 68 -15.03 -0.95 -1.63
CA SER B 68 -15.60 0.31 -2.09
C SER B 68 -16.29 0.17 -3.44
N ALA B 69 -17.38 0.90 -3.63
CA ALA B 69 -18.06 0.94 -4.92
C ALA B 69 -17.28 1.82 -5.89
N LYS B 70 -17.58 1.68 -7.18
CA LYS B 70 -16.87 2.43 -8.21
C LYS B 70 -17.38 3.88 -8.28
N ASP B 71 -18.69 4.03 -8.26
CA ASP B 71 -19.32 5.33 -8.43
C ASP B 71 -19.15 6.24 -7.22
N HIS B 72 -18.90 5.65 -6.05
CA HIS B 72 -18.67 6.42 -4.84
C HIS B 72 -17.92 5.60 -3.78
N PRO B 73 -16.58 5.75 -3.73
CA PRO B 73 -15.72 4.97 -2.83
C PRO B 73 -16.12 4.93 -1.35
N LYS B 74 -16.92 5.90 -0.89
CA LYS B 74 -17.32 5.93 0.51
C LYS B 74 -18.40 4.90 0.84
N VAL B 75 -19.02 4.31 -0.18
CA VAL B 75 -20.01 3.26 0.02
C VAL B 75 -19.33 1.90 0.13
N LYS B 76 -19.39 1.31 1.32
CA LYS B 76 -18.76 0.02 1.57
C LYS B 76 -19.74 -1.14 1.41
N GLU B 77 -19.66 -1.81 0.26
CA GLU B 77 -20.52 -2.94 -0.05
C GLU B 77 -19.97 -4.25 0.53
N ILE B 78 -20.66 -4.81 1.52
CA ILE B 78 -20.29 -6.10 2.08
C ILE B 78 -20.51 -7.19 1.02
N LYS B 79 -19.45 -7.90 0.66
CA LYS B 79 -19.50 -8.88 -0.42
C LYS B 79 -19.57 -10.32 0.07
N THR B 80 -18.90 -10.64 1.17
CA THR B 80 -18.90 -12.00 1.69
C THR B 80 -18.71 -12.07 3.19
N VAL B 81 -18.98 -13.25 3.77
CA VAL B 81 -18.80 -13.47 5.19
C VAL B 81 -17.89 -14.66 5.47
N VAL B 82 -17.36 -14.74 6.69
CA VAL B 82 -16.54 -15.87 7.11
C VAL B 82 -16.97 -16.41 8.47
N LEU B 83 -17.37 -17.68 8.48
CA LEU B 83 -17.63 -18.41 9.72
C LEU B 83 -16.36 -19.08 10.21
N VAL B 84 -15.72 -18.49 11.21
CA VAL B 84 -14.51 -19.06 11.78
C VAL B 84 -14.85 -20.07 12.86
N PRO B 85 -13.90 -20.97 13.19
CA PRO B 85 -14.08 -21.85 14.35
C PRO B 85 -14.34 -21.06 15.62
N GLN B 86 -15.39 -21.43 16.35
CA GLN B 86 -15.80 -20.68 17.54
C GLN B 86 -16.54 -21.57 18.54
N LEU B 87 -16.74 -21.01 19.73
CA LEU B 87 -17.48 -21.69 20.79
C LEU B 87 -18.36 -20.66 21.47
N GLY B 88 -19.66 -20.72 21.17
CA GLY B 88 -20.60 -19.72 21.64
C GLY B 88 -21.16 -19.98 23.03
N HIS B 89 -21.61 -18.89 23.65
CA HIS B 89 -22.33 -18.95 24.91
C HIS B 89 -23.59 -18.11 24.77
N VAL B 90 -24.32 -17.93 25.87
CA VAL B 90 -25.52 -17.09 25.85
C VAL B 90 -25.12 -15.62 26.07
N GLY B 91 -25.26 -14.81 25.02
CA GLY B 91 -24.92 -13.40 25.09
C GLY B 91 -23.47 -13.12 24.75
N SER B 92 -22.60 -14.09 25.00
CA SER B 92 -21.18 -13.98 24.70
C SER B 92 -20.73 -15.09 23.77
N VAL B 93 -19.51 -14.98 23.24
CA VAL B 93 -19.00 -15.94 22.28
C VAL B 93 -17.47 -15.96 22.24
N GLN B 94 -16.90 -17.15 22.06
CA GLN B 94 -15.47 -17.30 21.87
C GLN B 94 -15.15 -17.57 20.40
N ILE B 95 -14.81 -16.53 19.66
CA ILE B 95 -14.45 -16.66 18.25
C ILE B 95 -12.93 -16.64 18.09
N SER B 96 -12.45 -17.11 16.94
CA SER B 96 -11.01 -17.23 16.70
C SER B 96 -10.45 -16.04 15.93
N ASN B 97 -9.18 -16.16 15.54
CA ASN B 97 -8.45 -15.07 14.88
C ASN B 97 -8.99 -14.70 13.51
N ILE B 98 -8.48 -13.62 12.95
CA ILE B 98 -8.87 -13.19 11.60
C ILE B 98 -8.52 -14.27 10.57
N PRO B 99 -9.47 -14.60 9.68
CA PRO B 99 -9.26 -15.64 8.67
C PRO B 99 -8.02 -15.45 7.80
N ASP B 100 -7.36 -16.57 7.49
CA ASP B 100 -6.24 -16.59 6.54
C ASP B 100 -6.75 -16.95 5.15
N ILE B 101 -7.44 -16.02 4.50
CA ILE B 101 -8.06 -16.28 3.21
C ILE B 101 -7.24 -15.69 2.07
N GLY B 102 -5.92 -15.72 2.22
CA GLY B 102 -5.03 -15.36 1.12
C GLY B 102 -4.99 -16.44 0.06
N ASP B 103 -5.25 -17.67 0.48
CA ASP B 103 -5.22 -18.82 -0.42
C ASP B 103 -6.30 -18.76 -1.50
N LEU B 104 -7.51 -18.37 -1.10
CA LEU B 104 -8.68 -18.45 -1.98
C LEU B 104 -8.62 -17.44 -3.13
N PRO B 105 -9.43 -17.67 -4.18
CA PRO B 105 -9.52 -16.73 -5.31
C PRO B 105 -10.42 -15.52 -5.01
N ASP B 106 -10.24 -14.46 -5.77
CA ASP B 106 -11.05 -13.23 -5.63
C ASP B 106 -10.86 -12.61 -4.25
N THR B 107 -9.73 -12.90 -3.62
CA THR B 107 -9.45 -12.37 -2.29
C THR B 107 -8.63 -11.08 -2.39
N GLU B 108 -8.31 -10.68 -3.61
CA GLU B 108 -7.68 -9.39 -3.86
C GLU B 108 -8.73 -8.29 -3.77
N GLY B 109 -8.66 -7.50 -2.70
CA GLY B 109 -9.57 -6.37 -2.52
C GLY B 109 -10.67 -6.64 -1.52
N LEU B 110 -10.74 -7.86 -1.01
CA LEU B 110 -11.74 -8.19 0.00
C LEU B 110 -11.30 -7.56 1.32
N GLU B 111 -11.81 -6.35 1.58
CA GLU B 111 -11.50 -5.62 2.80
C GLU B 111 -12.33 -6.11 3.97
N LEU B 112 -11.65 -6.45 5.06
CA LEU B 112 -12.33 -6.83 6.30
C LEU B 112 -13.02 -5.59 6.87
N LEU B 113 -14.34 -5.62 6.90
CA LEU B 113 -15.11 -4.43 7.27
C LEU B 113 -15.49 -4.48 8.75
N GLY B 114 -15.46 -5.67 9.33
CA GLY B 114 -15.77 -5.84 10.73
C GLY B 114 -16.35 -7.21 11.01
N TRP B 115 -17.41 -7.26 11.82
CA TRP B 115 -18.09 -8.52 12.08
C TRP B 115 -19.57 -8.34 12.35
N ILE B 116 -20.29 -9.46 12.39
CA ILE B 116 -21.74 -9.48 12.46
C ILE B 116 -22.17 -10.59 13.41
N HIS B 117 -23.15 -10.34 14.27
CA HIS B 117 -23.59 -11.36 15.22
C HIS B 117 -25.02 -11.23 15.73
N THR B 118 -25.53 -12.35 16.23
CA THR B 118 -26.83 -12.41 16.86
C THR B 118 -26.80 -11.72 18.22
N GLN B 119 -27.96 -11.28 18.69
CA GLN B 119 -28.08 -10.62 19.99
C GLN B 119 -29.17 -11.25 20.83
N THR B 120 -28.78 -11.87 21.94
CA THR B 120 -29.74 -12.50 22.83
C THR B 120 -30.56 -11.43 23.55
N GLU B 121 -29.95 -10.26 23.75
CA GLU B 121 -30.61 -9.13 24.38
C GLU B 121 -31.17 -8.17 23.33
N GLU B 122 -31.46 -6.93 23.76
CA GLU B 122 -32.00 -5.90 22.88
C GLU B 122 -31.59 -4.53 23.40
N LEU B 123 -30.35 -4.14 23.13
CA LEU B 123 -29.80 -2.88 23.60
C LEU B 123 -29.72 -1.85 22.48
N LYS B 124 -29.09 -0.70 22.75
CA LYS B 124 -28.79 0.28 21.72
C LYS B 124 -27.37 0.80 21.89
N PHE B 125 -26.44 -0.15 22.08
CA PHE B 125 -25.03 0.16 22.23
C PHE B 125 -24.24 -1.14 22.29
N MET B 126 -22.95 -1.07 22.02
CA MET B 126 -22.11 -2.25 22.05
C MET B 126 -21.96 -2.70 23.49
N ALA B 127 -21.97 -4.01 23.71
CA ALA B 127 -21.93 -4.57 25.06
C ALA B 127 -20.49 -4.78 25.51
N ALA B 128 -20.30 -4.87 26.82
CA ALA B 128 -18.96 -4.97 27.39
C ALA B 128 -18.22 -6.19 26.84
N SER B 129 -18.95 -7.28 26.68
CA SER B 129 -18.38 -8.50 26.10
C SER B 129 -18.06 -8.25 24.64
N GLU B 130 -18.98 -7.58 23.95
CA GLU B 130 -18.78 -7.22 22.56
C GLU B 130 -17.60 -6.27 22.40
N VAL B 131 -17.57 -5.22 23.22
CA VAL B 131 -16.48 -4.26 23.20
C VAL B 131 -15.17 -4.96 23.55
N ALA B 132 -15.24 -5.92 24.48
CA ALA B 132 -14.06 -6.68 24.87
C ALA B 132 -13.55 -7.50 23.68
N THR B 133 -14.35 -8.44 23.22
CA THR B 133 -13.94 -9.34 22.15
C THR B 133 -13.67 -8.59 20.84
N HIS B 134 -14.31 -7.43 20.69
CA HIS B 134 -14.02 -6.58 19.53
C HIS B 134 -12.65 -5.96 19.72
N SER B 135 -12.40 -5.41 20.91
CA SER B 135 -11.12 -4.77 21.21
C SER B 135 -10.01 -5.81 21.09
N LYS B 136 -10.32 -7.05 21.43
CA LYS B 136 -9.36 -8.14 21.24
C LYS B 136 -9.20 -8.31 19.74
N LEU B 137 -7.94 -8.44 19.31
CA LEU B 137 -7.60 -8.74 17.92
C LEU B 137 -7.80 -7.55 16.97
N PHE B 138 -8.95 -6.88 17.00
CA PHE B 138 -9.22 -5.79 16.05
C PHE B 138 -8.53 -4.48 16.40
N ALA B 139 -8.29 -4.25 17.69
CA ALA B 139 -7.76 -2.97 18.16
C ALA B 139 -6.44 -2.57 17.52
N ASP B 140 -5.48 -3.49 17.52
CA ASP B 140 -4.13 -3.20 17.05
C ASP B 140 -3.92 -3.65 15.61
N LYS B 141 -5.00 -3.84 14.87
CA LYS B 141 -4.93 -4.26 13.48
C LYS B 141 -5.74 -3.31 12.58
N LYS B 142 -6.94 -2.96 13.02
CA LYS B 142 -7.77 -2.02 12.29
C LYS B 142 -8.95 -1.54 13.14
N ARG B 143 -8.85 -0.32 13.64
CA ARG B 143 -9.90 0.27 14.47
C ARG B 143 -11.10 0.75 13.65
N ASP B 144 -11.00 0.66 12.33
CA ASP B 144 -12.09 1.08 11.44
C ASP B 144 -13.11 -0.02 11.21
N CYS B 145 -12.94 -1.15 11.88
CA CYS B 145 -13.86 -2.27 11.73
C CYS B 145 -15.16 -2.04 12.51
N ILE B 146 -16.28 -2.52 11.96
CA ILE B 146 -17.59 -2.29 12.57
C ILE B 146 -18.20 -3.56 13.17
N ASP B 147 -19.22 -3.36 14.00
CA ASP B 147 -19.91 -4.44 14.68
C ASP B 147 -21.41 -4.39 14.39
N ILE B 148 -21.90 -5.40 13.65
CA ILE B 148 -23.32 -5.50 13.34
C ILE B 148 -24.04 -6.37 14.38
N SER B 149 -24.86 -5.71 15.18
CA SER B 149 -25.62 -6.36 16.24
C SER B 149 -27.04 -6.66 15.77
N ILE B 150 -27.38 -7.94 15.71
CA ILE B 150 -28.70 -8.37 15.26
C ILE B 150 -29.58 -8.89 16.40
N PHE B 151 -30.67 -8.17 16.68
CA PHE B 151 -31.66 -8.65 17.63
C PHE B 151 -32.36 -9.84 17.01
N SER B 152 -32.17 -11.01 17.62
CA SER B 152 -32.70 -12.27 17.12
C SER B 152 -33.93 -12.73 17.90
N THR B 153 -34.48 -11.84 18.72
CA THR B 153 -35.62 -12.15 19.57
C THR B 153 -36.76 -12.79 18.78
N PRO B 154 -37.56 -13.65 19.44
CA PRO B 154 -38.63 -14.39 18.74
C PRO B 154 -39.60 -13.50 17.97
N GLY B 155 -40.16 -14.05 16.89
CA GLY B 155 -41.16 -13.36 16.10
C GLY B 155 -40.60 -12.48 15.00
N SER B 156 -39.57 -11.69 15.33
CA SER B 156 -39.00 -10.75 14.37
C SER B 156 -37.59 -10.34 14.79
N VAL B 157 -36.76 -9.99 13.80
CA VAL B 157 -35.36 -9.64 14.05
C VAL B 157 -35.08 -8.18 13.70
N SER B 158 -33.99 -7.65 14.25
CA SER B 158 -33.61 -6.26 13.96
C SER B 158 -32.10 -6.07 13.84
N LEU B 159 -31.68 -5.27 12.85
CA LEU B 159 -30.27 -5.02 12.59
C LEU B 159 -29.81 -3.63 13.05
N SER B 160 -28.76 -3.59 13.86
CA SER B 160 -28.14 -2.32 14.26
C SER B 160 -26.61 -2.39 14.21
N ALA B 161 -26.02 -1.52 13.41
CA ALA B 161 -24.56 -1.49 13.21
C ALA B 161 -23.90 -0.41 14.06
N TYR B 162 -22.80 -0.76 14.73
CA TYR B 162 -22.07 0.18 15.57
C TYR B 162 -20.60 0.23 15.18
N ASN B 163 -19.99 1.40 15.41
CA ASN B 163 -18.57 1.61 15.15
C ASN B 163 -17.86 1.99 16.45
N LEU B 164 -17.07 1.05 16.98
CA LEU B 164 -16.36 1.26 18.23
C LEU B 164 -15.28 2.31 18.10
N THR B 165 -15.25 3.23 19.07
CA THR B 165 -14.26 4.30 19.11
C THR B 165 -13.16 3.97 20.11
N ASP B 166 -12.25 4.93 20.32
CA ASP B 166 -11.07 4.71 21.16
C ASP B 166 -11.40 4.25 22.57
N GLU B 167 -12.49 4.76 23.15
CA GLU B 167 -12.83 4.44 24.54
C GLU B 167 -12.97 2.93 24.75
N GLY B 168 -13.63 2.25 23.83
CA GLY B 168 -13.86 0.83 23.93
C GLY B 168 -12.61 0.01 23.63
N TYR B 169 -11.78 0.52 22.72
CA TYR B 169 -10.52 -0.15 22.38
C TYR B 169 -9.55 -0.06 23.56
N GLN B 170 -9.46 1.12 24.15
CA GLN B 170 -8.60 1.35 25.29
C GLN B 170 -9.11 0.58 26.51
N TRP B 171 -10.39 0.74 26.79
CA TRP B 171 -11.03 0.02 27.90
C TRP B 171 -10.92 -1.47 27.71
N GLY B 172 -11.16 -1.94 26.48
CA GLY B 172 -11.06 -3.35 26.16
C GLY B 172 -9.64 -3.88 26.26
N GLU B 173 -8.68 -3.08 25.78
CA GLU B 173 -7.27 -3.47 25.84
C GLU B 173 -6.79 -3.55 27.28
N GLU B 174 -7.12 -2.54 28.08
CA GLU B 174 -6.78 -2.55 29.49
C GLU B 174 -7.43 -3.75 30.16
N ASN B 175 -8.60 -4.14 29.67
CA ASN B 175 -9.29 -5.30 30.19
C ASN B 175 -8.70 -6.54 29.52
N LYS B 176 -7.48 -6.85 29.95
CA LYS B 176 -6.68 -7.97 29.44
C LYS B 176 -7.33 -9.33 29.71
N ASP B 177 -8.33 -9.34 30.58
CA ASP B 177 -9.05 -10.55 30.94
C ASP B 177 -10.52 -10.22 31.17
N ILE B 178 -11.41 -10.98 30.55
CA ILE B 178 -12.84 -10.72 30.70
C ILE B 178 -13.19 -11.09 32.14
N MET B 179 -12.86 -10.19 33.05
CA MET B 179 -13.16 -10.35 34.47
C MET B 179 -14.66 -10.26 34.73
N ASN B 180 -15.18 -11.26 35.44
CA ASN B 180 -16.59 -11.26 35.81
C ASN B 180 -16.87 -10.23 36.92
N VAL B 181 -15.79 -9.79 37.57
CA VAL B 181 -15.87 -8.85 38.68
C VAL B 181 -15.68 -7.37 38.31
N LEU B 182 -15.43 -7.09 37.04
CA LEU B 182 -15.23 -5.70 36.60
C LEU B 182 -16.55 -5.12 36.10
N SER B 183 -16.83 -5.27 34.80
CA SER B 183 -18.06 -4.73 34.21
C SER B 183 -18.22 -3.23 34.48
N GLU B 184 -17.10 -2.55 34.68
CA GLU B 184 -17.07 -1.11 34.95
C GLU B 184 -16.22 -0.40 33.89
N GLY B 185 -16.49 0.88 33.69
CA GLY B 185 -15.73 1.68 32.76
C GLY B 185 -16.41 1.82 31.41
N PHE B 186 -17.14 0.78 31.00
CA PHE B 186 -17.84 0.82 29.72
C PHE B 186 -19.10 1.68 29.85
N GLU B 187 -19.50 2.31 28.76
CA GLU B 187 -20.67 3.18 28.75
C GLU B 187 -21.33 3.12 27.37
N PRO B 188 -22.66 3.36 27.32
CA PRO B 188 -23.37 3.36 26.03
C PRO B 188 -22.80 4.33 25.00
N THR B 189 -21.96 5.26 25.44
CA THR B 189 -21.39 6.28 24.57
C THR B 189 -20.12 5.81 23.85
N PHE B 190 -19.67 4.58 24.13
CA PHE B 190 -18.45 4.08 23.52
C PHE B 190 -18.59 3.83 22.02
N SER B 191 -19.82 3.60 21.57
CA SER B 191 -20.07 3.17 20.20
C SER B 191 -20.79 4.23 19.38
N THR B 192 -20.36 4.41 18.13
CA THR B 192 -21.00 5.32 17.21
C THR B 192 -21.99 4.59 16.32
N HIS B 193 -23.19 5.15 16.17
CA HIS B 193 -24.18 4.56 15.27
C HIS B 193 -23.71 4.68 13.83
N ALA B 194 -23.41 3.54 13.23
CA ALA B 194 -22.96 3.49 11.84
C ALA B 194 -24.14 3.13 10.95
N GLN B 195 -24.37 3.94 9.92
CA GLN B 195 -25.48 3.69 9.01
C GLN B 195 -25.31 2.33 8.33
N LEU B 196 -26.30 1.46 8.50
CA LEU B 196 -26.31 0.16 7.86
C LEU B 196 -27.58 0.02 7.05
N LEU B 197 -27.43 -0.12 5.73
CA LEU B 197 -28.56 -0.25 4.83
C LEU B 197 -28.67 -1.67 4.28
N LEU B 198 -29.87 -2.24 4.41
CA LEU B 198 -30.15 -3.58 3.93
C LEU B 198 -30.58 -3.57 2.47
N SER B 199 -29.90 -4.34 1.63
CA SER B 199 -30.18 -4.36 0.19
C SER B 199 -30.38 -5.77 -0.33
N ASP B 200 -31.40 -5.94 -1.16
CA ASP B 200 -31.69 -7.24 -1.79
C ASP B 200 -31.22 -7.27 -3.25
N ARG B 201 -30.61 -6.20 -3.71
CA ARG B 201 -30.05 -6.14 -5.05
C ARG B 201 -28.67 -6.77 -5.05
N ILE B 202 -27.80 -6.28 -4.17
CA ILE B 202 -26.48 -6.89 -3.97
C ILE B 202 -26.65 -8.30 -3.43
N THR B 203 -25.73 -9.18 -3.79
CA THR B 203 -25.75 -10.56 -3.31
C THR B 203 -24.37 -10.95 -2.78
N GLY B 204 -24.37 -11.73 -1.71
CA GLY B 204 -23.12 -12.16 -1.08
C GLY B 204 -23.08 -13.66 -0.87
N ASN B 205 -21.93 -14.17 -0.42
CA ASN B 205 -21.73 -15.59 -0.22
C ASN B 205 -20.92 -15.89 1.04
N PHE B 206 -20.65 -17.18 1.27
CA PHE B 206 -19.98 -17.64 2.50
C PHE B 206 -18.61 -18.23 2.23
N ILE B 207 -17.71 -18.00 3.18
CA ILE B 207 -16.42 -18.68 3.23
C ILE B 207 -16.41 -19.53 4.49
N ILE B 208 -16.44 -20.86 4.31
CA ILE B 208 -16.54 -21.77 5.44
C ILE B 208 -15.20 -22.44 5.74
N PRO B 209 -15.07 -23.04 6.93
CA PRO B 209 -13.84 -23.77 7.28
C PRO B 209 -13.60 -24.96 6.37
N SER B 210 -12.34 -25.34 6.18
CA SER B 210 -11.98 -26.46 5.33
C SER B 210 -12.67 -27.74 5.76
N GLY B 211 -12.79 -27.93 7.07
CA GLY B 211 -13.43 -29.09 7.65
C GLY B 211 -14.92 -28.92 7.84
N ASN B 212 -15.51 -27.97 7.11
CA ASN B 212 -16.95 -27.70 7.17
C ASN B 212 -17.40 -27.14 8.52
N VAL B 213 -17.13 -27.89 9.58
CA VAL B 213 -17.59 -27.53 10.93
C VAL B 213 -17.04 -26.17 11.39
N TRP B 214 -17.88 -25.41 12.09
CA TRP B 214 -17.49 -24.12 12.64
C TRP B 214 -17.92 -23.95 14.09
N ASN B 215 -18.89 -24.76 14.53
CA ASN B 215 -19.39 -24.69 15.90
C ASN B 215 -18.80 -25.78 16.79
N TYR B 216 -18.09 -25.36 17.82
CA TYR B 216 -17.36 -26.29 18.69
C TYR B 216 -17.92 -26.32 20.12
N THR B 217 -19.24 -26.31 20.25
CA THR B 217 -19.87 -26.43 21.55
C THR B 217 -19.99 -27.89 21.96
N PHE B 218 -19.89 -28.78 20.96
CA PHE B 218 -19.88 -30.22 21.19
C PHE B 218 -18.49 -30.78 20.92
N MET B 219 -17.66 -29.97 20.27
CA MET B 219 -16.29 -30.35 19.94
C MET B 219 -15.30 -29.49 20.72
N GLY B 220 -15.80 -28.85 21.77
CA GLY B 220 -15.02 -27.91 22.56
C GLY B 220 -13.77 -28.52 23.20
N THR B 221 -13.79 -29.83 23.42
CA THR B 221 -12.66 -30.49 24.06
C THR B 221 -11.39 -30.40 23.23
N ALA B 222 -11.57 -30.21 21.92
CA ALA B 222 -10.45 -30.10 20.99
C ALA B 222 -10.37 -28.71 20.36
N PHE B 223 -11.20 -27.79 20.83
CA PHE B 223 -11.26 -26.45 20.26
C PHE B 223 -10.05 -25.59 20.61
N ASN B 224 -9.40 -25.07 19.58
CA ASN B 224 -8.28 -24.15 19.72
C ASN B 224 -8.67 -22.73 19.31
N GLN B 225 -9.00 -21.90 20.30
CA GLN B 225 -9.44 -20.53 20.04
C GLN B 225 -8.39 -19.71 19.29
N GLU B 226 -7.13 -19.88 19.69
CA GLU B 226 -6.02 -19.12 19.11
C GLU B 226 -5.18 -19.98 18.18
N GLY B 227 -5.65 -20.17 16.96
CA GLY B 227 -4.93 -20.97 15.97
C GLY B 227 -5.26 -20.55 14.55
N ASP B 228 -4.46 -21.03 13.60
CA ASP B 228 -4.65 -20.74 12.19
C ASP B 228 -5.40 -21.87 11.50
N TYR B 229 -6.42 -21.51 10.73
CA TYR B 229 -7.23 -22.48 10.00
C TYR B 229 -7.25 -22.13 8.50
N ASN B 230 -7.31 -23.15 7.66
CA ASN B 230 -7.53 -22.96 6.23
C ASN B 230 -9.02 -23.01 5.91
N PHE B 231 -9.45 -22.17 4.98
CA PHE B 231 -10.87 -22.02 4.65
C PHE B 231 -11.19 -22.37 3.20
N LYS B 232 -12.47 -22.25 2.85
CA LYS B 232 -12.92 -22.52 1.49
C LYS B 232 -14.29 -21.89 1.26
N TYR B 233 -14.64 -21.66 -0.02
CA TYR B 233 -16.00 -21.27 -0.37
C TYR B 233 -16.94 -22.47 -0.21
N GLY B 234 -18.18 -22.20 0.17
CA GLY B 234 -19.15 -23.25 0.37
C GLY B 234 -20.45 -22.73 0.96
N ILE B 235 -21.27 -23.63 1.48
CA ILE B 235 -22.55 -23.28 2.10
C ILE B 235 -22.55 -23.72 3.56
N PRO B 236 -22.94 -22.83 4.48
CA PRO B 236 -22.82 -23.08 5.92
C PRO B 236 -23.71 -24.22 6.43
N LEU B 237 -23.41 -24.69 7.64
CA LEU B 237 -24.22 -25.70 8.31
C LEU B 237 -25.03 -25.08 9.44
N GLU B 238 -26.13 -25.74 9.82
CA GLU B 238 -26.93 -25.30 10.95
C GLU B 238 -26.14 -25.41 12.25
N PHE B 239 -26.52 -24.63 13.26
CA PHE B 239 -25.85 -24.68 14.55
C PHE B 239 -25.90 -26.07 15.16
N TYR B 240 -27.05 -26.72 15.04
CA TYR B 240 -27.22 -28.05 15.61
C TYR B 240 -27.24 -29.11 14.50
N ASN B 241 -26.47 -28.86 13.46
CA ASN B 241 -26.32 -29.83 12.37
C ASN B 241 -25.67 -31.12 12.87
N GLU B 242 -26.04 -32.22 12.23
CA GLU B 242 -25.57 -33.54 12.64
C GLU B 242 -24.05 -33.67 12.67
N MET B 243 -23.37 -32.85 11.88
CA MET B 243 -21.92 -32.90 11.82
C MET B 243 -21.29 -32.15 13.00
N HIS B 244 -22.03 -31.18 13.53
CA HIS B 244 -21.61 -30.48 14.74
C HIS B 244 -21.80 -31.35 15.97
N ARG B 245 -22.64 -32.37 15.85
CA ARG B 245 -22.98 -33.24 16.97
C ARG B 245 -22.62 -34.72 16.75
N PRO B 246 -21.31 -35.03 16.59
CA PRO B 246 -20.93 -36.44 16.44
C PRO B 246 -21.24 -37.26 17.69
N VAL B 247 -21.08 -36.65 18.86
CA VAL B 247 -21.26 -37.31 20.15
C VAL B 247 -22.57 -38.09 20.25
N HIS B 248 -23.68 -37.43 19.91
CA HIS B 248 -25.02 -37.97 20.12
C HIS B 248 -25.28 -39.25 19.34
N PHE B 249 -24.71 -39.34 18.14
CA PHE B 249 -24.97 -40.48 17.27
C PHE B 249 -24.24 -41.73 17.77
N LEU B 250 -23.04 -41.53 18.31
CA LEU B 250 -22.22 -42.64 18.79
C LEU B 250 -22.60 -43.09 20.19
N GLN B 251 -23.63 -42.47 20.76
CA GLN B 251 -24.11 -42.82 22.10
C GLN B 251 -25.26 -43.82 22.05
N PHE B 252 -24.96 -45.01 21.52
CA PHE B 252 -25.95 -46.10 21.46
C PHE B 252 -25.27 -47.45 21.63
N SER C 9 41.36 16.21 0.68
CA SER C 9 41.41 16.01 -0.76
C SER C 9 41.95 17.24 -1.47
N LYS C 10 42.31 17.09 -2.74
CA LYS C 10 42.85 18.21 -3.52
C LYS C 10 41.77 19.24 -3.81
N THR C 11 42.06 20.49 -3.46
CA THR C 11 41.18 21.62 -3.77
C THR C 11 41.79 22.46 -4.88
N SER C 12 41.05 23.45 -5.37
CA SER C 12 41.53 24.30 -6.44
C SER C 12 42.71 25.15 -5.98
N ASN C 13 42.76 25.43 -4.68
CA ASN C 13 43.86 26.20 -4.10
C ASN C 13 45.12 25.33 -3.98
N ILE C 14 44.93 24.07 -3.58
CA ILE C 14 46.03 23.13 -3.45
C ILE C 14 46.60 22.74 -4.82
N GLU C 15 45.72 22.54 -5.79
CA GLU C 15 46.12 22.10 -7.12
C GLU C 15 46.98 23.14 -7.83
N SER C 16 46.49 24.38 -7.86
CA SER C 16 47.19 25.45 -8.56
C SER C 16 48.30 26.08 -7.72
N VAL C 17 49.43 26.35 -8.36
CA VAL C 17 50.59 26.96 -7.70
C VAL C 17 51.06 28.18 -8.49
N PRO C 18 51.33 29.30 -7.81
CA PRO C 18 51.84 30.48 -8.51
C PRO C 18 53.36 30.43 -8.76
N ILE C 19 53.79 31.05 -9.86
CA ILE C 19 55.19 31.03 -10.28
C ILE C 19 56.14 31.63 -9.24
N TYR C 20 55.74 32.75 -8.64
CA TYR C 20 56.62 33.52 -7.77
C TYR C 20 57.02 32.76 -6.51
N SER C 21 56.22 31.76 -6.16
CA SER C 21 56.45 30.97 -4.95
C SER C 21 57.39 29.79 -5.19
N ILE C 22 57.77 29.59 -6.44
CA ILE C 22 58.67 28.50 -6.80
C ILE C 22 60.13 28.88 -6.58
N ASP C 23 60.61 28.71 -5.35
CA ASP C 23 62.00 28.99 -5.03
C ASP C 23 62.87 27.83 -5.50
N GLU C 24 64.18 27.97 -5.32
CA GLU C 24 65.14 27.01 -5.87
C GLU C 24 65.09 25.62 -5.22
N PHE C 25 64.28 25.45 -4.18
CA PHE C 25 64.21 24.18 -3.45
C PHE C 25 62.78 23.70 -3.17
N PHE C 26 61.82 24.30 -3.87
CA PHE C 26 60.39 24.01 -3.67
C PHE C 26 60.04 22.53 -3.91
N LEU C 27 60.42 22.03 -5.08
CA LEU C 27 60.08 20.69 -5.51
C LEU C 27 60.54 19.65 -4.50
N GLN C 28 61.77 19.81 -4.01
CA GLN C 28 62.33 18.86 -3.07
C GLN C 28 61.55 18.88 -1.75
N ARG C 29 61.20 20.07 -1.28
CA ARG C 29 60.35 20.21 -0.10
C ARG C 29 59.03 19.45 -0.28
N LYS C 30 58.32 19.78 -1.35
CA LYS C 30 57.02 19.18 -1.60
C LYS C 30 57.10 17.67 -1.75
N LEU C 31 58.09 17.20 -2.51
CA LEU C 31 58.31 15.76 -2.66
C LEU C 31 58.58 15.12 -1.30
N ARG C 32 59.47 15.74 -0.53
CA ARG C 32 59.87 15.24 0.78
C ARG C 32 58.69 15.12 1.72
N SER C 33 57.86 16.16 1.75
CA SER C 33 56.70 16.18 2.64
C SER C 33 55.57 15.27 2.15
N GLU C 34 55.33 15.26 0.84
CA GLU C 34 54.22 14.49 0.28
C GLU C 34 54.49 12.99 0.26
N LEU C 35 55.69 12.58 -0.14
CA LEU C 35 56.01 11.16 -0.22
C LEU C 35 56.40 10.64 1.16
N GLY C 36 57.22 11.41 1.86
CA GLY C 36 57.67 11.07 3.18
C GLY C 36 59.08 10.49 3.20
N TYR C 37 59.94 11.01 2.32
CA TYR C 37 61.36 10.64 2.31
C TYR C 37 62.15 11.73 3.02
N LYS C 38 62.11 11.76 4.34
CA LYS C 38 62.76 12.80 5.14
C LYS C 38 64.20 13.10 4.72
N ASP C 39 64.90 12.08 4.22
CA ASP C 39 66.30 12.25 3.84
C ASP C 39 66.42 13.15 2.61
N THR C 40 67.33 14.11 2.68
CA THR C 40 67.54 15.08 1.62
C THR C 40 68.09 14.46 0.34
N SER C 41 69.16 13.70 0.47
CA SER C 41 69.90 13.20 -0.68
C SER C 41 69.02 12.38 -1.61
N VAL C 42 68.14 11.58 -1.03
CA VAL C 42 67.17 10.79 -1.79
C VAL C 42 66.32 11.74 -2.65
N ILE C 43 65.84 12.80 -2.00
CA ILE C 43 64.96 13.76 -2.64
C ILE C 43 65.66 14.62 -3.68
N GLN C 44 66.93 14.98 -3.45
CA GLN C 44 67.67 15.74 -4.46
C GLN C 44 67.72 14.98 -5.78
N ASP C 45 68.04 13.69 -5.70
CA ASP C 45 68.11 12.83 -6.89
C ASP C 45 66.72 12.58 -7.47
N LEU C 46 65.75 12.26 -6.61
CA LEU C 46 64.38 12.06 -7.06
C LEU C 46 63.87 13.28 -7.83
N SER C 47 64.03 14.45 -7.21
CA SER C 47 63.61 15.72 -7.80
C SER C 47 64.36 15.99 -9.09
N GLU C 48 65.67 15.74 -9.08
CA GLU C 48 66.49 15.85 -10.28
C GLU C 48 65.90 15.02 -11.42
N LYS C 49 65.63 13.75 -11.12
CA LYS C 49 65.02 12.84 -12.09
C LYS C 49 63.69 13.37 -12.60
N ILE C 50 62.84 13.81 -11.68
CA ILE C 50 61.54 14.37 -12.06
C ILE C 50 61.69 15.58 -12.98
N LEU C 51 62.55 16.54 -12.60
CA LEU C 51 62.75 17.73 -13.41
C LEU C 51 63.29 17.38 -14.79
N ASN C 52 64.20 16.40 -14.84
CA ASN C 52 64.69 15.92 -16.12
C ASN C 52 63.56 15.26 -16.93
N ASP C 53 62.69 14.51 -16.26
CA ASP C 53 61.53 13.93 -16.92
C ASP C 53 60.62 15.01 -17.49
N ILE C 54 60.40 16.07 -16.73
CA ILE C 54 59.65 17.22 -17.25
C ILE C 54 60.33 17.81 -18.48
N GLU C 55 61.60 18.16 -18.30
CA GLU C 55 62.38 18.83 -19.35
C GLU C 55 62.50 18.03 -20.64
N THR C 56 63.14 16.86 -20.53
CA THR C 56 63.55 16.09 -21.70
C THR C 56 62.39 15.38 -22.40
N LEU C 57 61.23 15.35 -21.74
CA LEU C 57 60.04 14.77 -22.35
C LEU C 57 59.44 15.77 -23.32
N GLU C 58 59.78 15.62 -24.60
CA GLU C 58 59.27 16.50 -25.65
C GLU C 58 57.94 16.00 -26.21
N HIS C 59 57.02 15.64 -25.31
CA HIS C 59 55.71 15.15 -25.71
C HIS C 59 54.60 15.98 -25.06
N ASN C 60 54.10 15.53 -23.91
CA ASN C 60 52.98 16.19 -23.24
C ASN C 60 52.81 15.67 -21.81
N PRO C 61 51.98 16.36 -21.00
CA PRO C 61 51.71 15.94 -19.61
C PRO C 61 51.21 14.50 -19.45
N VAL C 62 50.67 13.87 -20.49
CA VAL C 62 50.17 12.50 -20.38
C VAL C 62 51.31 11.48 -20.17
N ALA C 63 52.32 11.56 -21.02
CA ALA C 63 53.48 10.70 -20.89
C ALA C 63 54.17 11.00 -19.57
N LEU C 64 54.22 12.28 -19.22
CA LEU C 64 54.76 12.72 -17.95
C LEU C 64 53.91 12.13 -16.82
N GLU C 65 52.60 12.08 -17.04
CA GLU C 65 51.69 11.51 -16.04
C GLU C 65 52.04 10.04 -15.82
N GLN C 66 52.22 9.30 -16.90
CA GLN C 66 52.65 7.92 -16.79
C GLN C 66 53.95 7.82 -15.99
N LYS C 67 54.96 8.57 -16.42
CA LYS C 67 56.26 8.55 -15.76
C LYS C 67 56.18 8.96 -14.29
N LEU C 68 55.32 9.91 -13.97
CA LEU C 68 55.18 10.40 -12.61
C LEU C 68 54.42 9.41 -11.74
N VAL C 69 53.40 8.77 -12.29
CA VAL C 69 52.70 7.71 -11.57
C VAL C 69 53.69 6.60 -11.26
N ASP C 70 54.54 6.27 -12.22
CA ASP C 70 55.58 5.27 -11.98
C ASP C 70 56.57 5.72 -10.91
N LEU C 71 57.15 6.91 -11.07
CA LEU C 71 58.15 7.39 -10.12
C LEU C 71 57.61 7.59 -8.71
N LEU C 72 56.38 8.10 -8.62
CA LEU C 72 55.77 8.37 -7.32
C LEU C 72 55.00 7.15 -6.82
N LYS C 73 55.30 6.00 -7.42
CA LYS C 73 54.90 4.69 -6.91
C LYS C 73 53.39 4.48 -6.70
N PHE C 74 52.61 4.89 -7.70
CA PHE C 74 51.23 4.42 -7.86
C PHE C 74 50.25 4.80 -6.73
N GLU C 75 50.71 5.62 -5.79
CA GLU C 75 49.81 6.19 -4.79
C GLU C 75 50.20 7.64 -4.59
N ASN C 76 49.35 8.39 -3.90
CA ASN C 76 49.51 9.84 -3.82
C ASN C 76 49.59 10.41 -5.23
N ILE C 77 48.66 9.98 -6.08
CA ILE C 77 48.64 10.35 -7.50
C ILE C 77 48.41 11.85 -7.67
N SER C 78 47.72 12.43 -6.68
CA SER C 78 47.43 13.85 -6.69
C SER C 78 48.73 14.65 -6.72
N LEU C 79 49.81 14.07 -6.20
CA LEU C 79 51.13 14.69 -6.27
C LEU C 79 51.63 14.76 -7.71
N ALA C 80 51.56 13.63 -8.41
CA ALA C 80 51.91 13.59 -9.83
C ALA C 80 51.07 14.62 -10.57
N GLU C 81 49.79 14.68 -10.24
CA GLU C 81 48.89 15.66 -10.86
C GLU C 81 49.23 17.09 -10.45
N PHE C 82 49.71 17.29 -9.21
CA PHE C 82 50.21 18.60 -8.81
C PHE C 82 51.36 18.98 -9.73
N ILE C 83 52.27 18.04 -9.95
CA ILE C 83 53.41 18.27 -10.84
C ILE C 83 52.93 18.52 -12.26
N LEU C 84 51.89 17.81 -12.68
CA LEU C 84 51.34 17.99 -14.03
C LEU C 84 50.77 19.40 -14.21
N LYS C 85 49.89 19.79 -13.29
CA LYS C 85 49.23 21.09 -13.36
C LYS C 85 50.24 22.25 -13.33
N ASN C 86 51.34 22.04 -12.62
CA ASN C 86 52.38 23.05 -12.49
C ASN C 86 53.71 22.58 -13.07
N ARG C 87 53.63 21.93 -14.23
CA ARG C 87 54.80 21.42 -14.94
C ARG C 87 55.83 22.53 -15.20
N SER C 88 55.48 23.44 -16.10
CA SER C 88 56.36 24.54 -16.49
C SER C 88 56.65 25.45 -15.31
N THR C 89 55.64 25.63 -14.45
CA THR C 89 55.75 26.50 -13.29
C THR C 89 56.90 26.05 -12.38
N ILE C 90 56.86 24.78 -11.98
CA ILE C 90 57.91 24.20 -11.15
C ILE C 90 59.22 24.13 -11.93
N PHE C 91 59.17 23.55 -13.12
CA PHE C 91 60.36 23.34 -13.93
C PHE C 91 61.16 24.61 -14.21
N TRP C 92 60.48 25.69 -14.55
CA TRP C 92 61.17 26.95 -14.86
C TRP C 92 61.34 27.79 -13.59
N GLY C 93 60.35 27.71 -12.70
CA GLY C 93 60.42 28.44 -11.45
C GLY C 93 61.61 28.04 -10.60
N ILE C 94 61.89 26.73 -10.55
CA ILE C 94 63.00 26.23 -9.74
C ILE C 94 64.36 26.63 -10.32
N ARG C 95 64.40 26.83 -11.64
CA ARG C 95 65.64 27.21 -12.30
C ARG C 95 65.88 28.72 -12.20
N LEU C 96 64.85 29.48 -12.55
CA LEU C 96 64.93 30.95 -12.53
C LEU C 96 65.20 31.54 -11.16
N ALA C 97 64.73 30.84 -10.12
CA ALA C 97 64.77 31.38 -8.76
C ALA C 97 66.08 31.16 -8.02
N LYS C 98 67.02 30.43 -8.62
CA LYS C 98 68.25 30.06 -7.93
C LYS C 98 69.25 31.21 -7.95
N SER C 99 69.24 31.99 -9.02
CA SER C 99 70.13 33.14 -9.14
C SER C 99 69.70 34.01 -10.33
N THR C 100 70.01 35.30 -10.24
CA THR C 100 69.70 36.23 -11.33
C THR C 100 70.61 35.94 -12.51
N GLU C 101 71.82 35.51 -12.22
CA GLU C 101 72.79 35.13 -13.25
C GLU C 101 72.26 33.93 -14.04
N ASN C 102 71.43 33.12 -13.39
CA ASN C 102 70.72 32.03 -14.06
C ASN C 102 69.44 32.52 -14.70
N GLU C 103 68.77 33.45 -14.01
CA GLU C 103 67.49 33.99 -14.47
C GLU C 103 67.60 34.69 -15.82
N ILE C 104 68.54 35.63 -15.93
CA ILE C 104 68.65 36.46 -17.12
C ILE C 104 68.80 35.65 -18.41
N PRO C 105 69.66 34.61 -18.41
CA PRO C 105 69.65 33.71 -19.58
C PRO C 105 68.35 32.91 -19.71
N ASN C 106 67.88 32.34 -18.62
CA ASN C 106 66.72 31.46 -18.64
C ASN C 106 65.44 32.20 -19.07
N LEU C 107 65.38 33.50 -18.84
CA LEU C 107 64.25 34.29 -19.31
C LEU C 107 64.24 34.29 -20.83
N ILE C 108 65.43 34.47 -21.41
CA ILE C 108 65.60 34.42 -22.85
C ILE C 108 65.28 33.01 -23.37
N GLU C 109 65.90 32.00 -22.76
CA GLU C 109 65.68 30.61 -23.14
C GLU C 109 64.21 30.20 -23.04
N LYS C 110 63.56 30.68 -21.98
CA LYS C 110 62.16 30.38 -21.71
C LYS C 110 61.25 31.13 -22.68
N MET C 111 61.61 32.37 -22.99
CA MET C 111 60.89 33.17 -23.97
C MET C 111 60.95 32.50 -25.34
N VAL C 112 62.15 32.10 -25.74
CA VAL C 112 62.37 31.41 -27.01
C VAL C 112 61.61 30.08 -27.04
N ALA C 113 61.39 29.50 -25.87
CA ALA C 113 60.71 28.21 -25.75
C ALA C 113 59.19 28.33 -25.81
N LYS C 114 58.70 29.44 -26.37
CA LYS C 114 57.27 29.66 -26.59
C LYS C 114 56.47 29.72 -25.29
N GLY C 115 57.15 30.06 -24.20
CA GLY C 115 56.52 30.19 -22.90
C GLY C 115 56.07 31.59 -22.55
N LEU C 116 56.14 32.51 -23.51
CA LEU C 116 55.99 33.95 -23.28
C LEU C 116 54.78 34.31 -22.42
N ASN C 117 53.73 33.51 -22.55
CA ASN C 117 52.50 33.71 -21.79
C ASN C 117 52.81 33.74 -20.30
N ASP C 118 53.59 32.74 -19.86
CA ASP C 118 54.01 32.60 -18.48
C ASP C 118 55.07 33.61 -18.05
N LEU C 119 55.94 34.02 -18.97
CA LEU C 119 56.99 34.99 -18.63
C LEU C 119 56.37 36.34 -18.34
N VAL C 120 55.35 36.71 -19.13
CA VAL C 120 54.63 37.94 -18.84
C VAL C 120 53.94 37.89 -17.47
N GLU C 121 53.45 36.71 -17.08
CA GLU C 121 52.78 36.53 -15.79
C GLU C 121 53.65 36.88 -14.59
N GLN C 122 54.93 36.52 -14.63
CA GLN C 122 55.86 36.83 -13.56
C GLN C 122 56.00 38.35 -13.40
N TYR C 123 56.10 39.04 -14.52
CA TYR C 123 56.26 40.50 -14.54
C TYR C 123 55.04 41.21 -13.99
N LYS C 124 55.21 42.49 -13.64
CA LYS C 124 54.15 43.35 -13.12
C LYS C 124 53.89 43.16 -11.62
N PHE C 125 54.55 42.18 -11.02
CA PHE C 125 54.32 41.85 -9.62
C PHE C 125 55.31 42.58 -8.71
N ARG C 126 54.80 43.07 -7.58
CA ARG C 126 55.62 43.73 -6.55
C ARG C 126 56.05 45.13 -6.98
N GLU C 127 56.60 45.88 -6.03
CA GLU C 127 57.06 47.25 -6.31
C GLU C 127 58.38 47.22 -7.08
N THR C 128 58.65 48.30 -7.81
CA THR C 128 59.87 48.41 -8.59
C THR C 128 61.14 48.37 -7.73
N THR C 129 61.14 49.06 -6.60
CA THR C 129 62.20 48.92 -5.62
C THR C 129 61.77 47.97 -4.50
N ASN C 154 71.83 38.04 11.29
CA ASN C 154 70.96 37.30 12.19
C ASN C 154 71.69 36.30 13.08
N PRO C 155 72.64 36.79 13.89
CA PRO C 155 73.33 35.96 14.89
C PRO C 155 72.57 35.92 16.21
N ALA C 156 71.72 34.91 16.38
CA ALA C 156 70.88 34.76 17.56
C ALA C 156 71.58 33.86 18.56
N ILE C 157 71.44 34.19 19.85
CA ILE C 157 72.03 33.36 20.91
C ILE C 157 70.94 32.58 21.62
N PRO C 158 70.85 31.25 21.36
CA PRO C 158 69.85 30.38 21.98
C PRO C 158 70.43 29.48 23.05
N PRO C 159 70.60 29.95 24.29
CA PRO C 159 71.07 28.98 25.29
C PRO C 159 69.90 28.23 25.91
N VAL C 160 69.90 26.90 25.77
CA VAL C 160 68.82 26.07 26.30
C VAL C 160 69.13 25.55 27.69
N ILE C 161 68.16 25.66 28.59
CA ILE C 161 68.28 25.13 29.95
C ILE C 161 67.02 24.37 30.32
N ASP C 162 67.14 23.44 31.27
CA ASP C 162 65.99 22.72 31.78
C ASP C 162 65.45 23.50 32.99
N LEU C 163 64.26 24.05 32.81
CA LEU C 163 63.64 24.90 33.82
C LEU C 163 63.36 24.18 35.14
N GLU C 164 63.27 22.85 35.07
CA GLU C 164 63.01 22.05 36.25
C GLU C 164 64.17 22.11 37.25
N LYS C 165 65.38 22.21 36.75
CA LYS C 165 66.57 22.22 37.60
C LYS C 165 66.67 23.53 38.39
N ILE C 166 66.22 24.61 37.77
CA ILE C 166 66.25 25.94 38.39
C ILE C 166 65.11 26.10 39.37
N LYS C 167 63.97 25.52 39.03
CA LYS C 167 62.75 25.65 39.83
C LYS C 167 62.93 25.16 41.26
N PHE C 168 62.29 25.85 42.19
CA PHE C 168 62.38 25.50 43.60
C PHE C 168 61.49 24.30 43.87
N ASP C 169 62.09 23.21 44.34
CA ASP C 169 61.35 21.96 44.52
C ASP C 169 60.63 21.87 45.86
N GLU C 170 61.05 22.67 46.84
CA GLU C 170 60.47 22.58 48.18
C GLU C 170 59.21 23.44 48.35
N SER C 171 58.84 24.19 47.31
CA SER C 171 57.61 24.98 47.31
C SER C 171 57.62 26.03 48.43
N SER C 172 56.61 26.02 49.28
CA SER C 172 56.44 27.06 50.30
C SER C 172 57.44 26.93 51.45
N LYS C 173 57.92 25.72 51.72
CA LYS C 173 58.89 25.54 52.80
C LYS C 173 60.29 25.57 52.20
N LEU C 174 60.73 26.79 51.88
CA LEU C 174 62.06 27.05 51.37
C LEU C 174 62.96 27.52 52.50
N MET C 175 62.80 26.92 53.68
CA MET C 175 63.53 27.38 54.85
C MET C 175 65.03 27.12 54.74
N THR C 176 65.76 28.16 54.33
CA THR C 176 67.21 28.10 54.21
C THR C 176 67.88 28.37 55.56
N VAL C 177 67.06 28.60 56.58
CA VAL C 177 67.59 28.93 57.91
C VAL C 177 68.11 27.70 58.65
N THR C 178 69.43 27.59 58.72
CA THR C 178 70.08 26.50 59.46
C THR C 178 69.99 26.75 60.97
N LYS C 179 69.98 28.02 61.34
CA LYS C 179 69.97 28.46 62.74
C LYS C 179 68.95 29.56 62.97
N VAL C 180 67.99 29.31 63.86
CA VAL C 180 66.98 30.31 64.20
C VAL C 180 67.42 31.06 65.45
N SER C 181 66.95 32.30 65.58
CA SER C 181 67.35 33.18 66.68
C SER C 181 66.16 33.70 67.48
N LEU C 182 66.21 33.51 68.80
CA LEU C 182 65.15 33.95 69.69
C LEU C 182 65.58 35.15 70.55
N PRO C 183 64.60 35.96 71.02
CA PRO C 183 64.83 37.10 71.91
C PRO C 183 64.99 36.72 73.39
N GLU C 184 65.70 37.54 74.16
CA GLU C 184 65.89 37.28 75.58
C GLU C 184 64.58 37.38 76.37
N GLY C 185 64.49 36.59 77.43
CA GLY C 185 63.29 36.49 78.24
C GLY C 185 62.55 35.23 77.85
N SER C 186 62.81 34.77 76.63
CA SER C 186 62.27 33.51 76.14
C SER C 186 63.03 32.34 76.74
N PHE C 187 62.39 31.18 76.85
CA PHE C 187 63.10 29.99 77.30
C PHE C 187 62.33 28.70 77.04
N LYS C 188 63.09 27.60 77.10
CA LYS C 188 62.61 26.26 76.83
C LYS C 188 62.41 25.47 78.12
N ARG C 189 61.18 25.01 78.33
CA ARG C 189 60.82 24.16 79.46
C ARG C 189 60.35 22.81 78.97
N VAL C 190 61.02 21.75 79.44
CA VAL C 190 60.70 20.39 79.02
C VAL C 190 59.45 19.93 79.75
N LYS C 191 58.51 19.34 79.01
CA LYS C 191 57.28 18.83 79.58
C LYS C 191 57.05 17.39 79.10
N PRO C 192 56.26 16.61 79.87
CA PRO C 192 56.19 15.15 79.72
C PRO C 192 56.10 14.65 78.27
N GLN C 193 55.23 15.24 77.47
CA GLN C 193 55.04 14.83 76.09
C GLN C 193 55.62 15.81 75.07
N TYR C 194 56.24 16.90 75.52
CA TYR C 194 56.63 17.94 74.57
C TYR C 194 57.55 19.02 75.13
N ASP C 195 58.13 19.80 74.22
CA ASP C 195 58.97 20.94 74.60
C ASP C 195 58.16 22.23 74.54
N GLU C 196 58.12 22.97 75.65
CA GLU C 196 57.48 24.26 75.66
C GLU C 196 58.55 25.34 75.49
N ILE C 197 58.68 25.84 74.27
CA ILE C 197 59.65 26.90 73.98
C ILE C 197 58.89 28.19 73.83
N HIS C 198 59.00 29.09 74.82
CA HIS C 198 58.15 30.28 74.82
C HIS C 198 58.92 31.58 74.86
N ILE C 199 58.30 32.60 74.28
CA ILE C 199 58.88 33.94 74.08
C ILE C 199 58.00 35.01 74.73
N PRO C 200 58.62 35.96 75.47
CA PRO C 200 57.85 37.01 76.14
C PRO C 200 57.27 38.05 75.18
N ALA C 201 56.30 38.82 75.66
CA ALA C 201 55.72 39.90 74.88
C ALA C 201 56.74 41.03 74.68
N PRO C 202 56.66 41.73 73.53
CA PRO C 202 57.62 42.80 73.25
C PRO C 202 57.40 44.03 74.11
N SER C 203 58.46 44.82 74.30
CA SER C 203 58.42 46.02 75.13
C SER C 203 57.61 47.15 74.50
N LYS C 204 57.05 48.01 75.35
CA LYS C 204 56.32 49.18 74.89
C LYS C 204 57.25 50.09 74.12
N PRO C 205 56.76 50.71 73.03
CA PRO C 205 57.65 51.60 72.30
C PRO C 205 57.83 52.94 72.99
N VAL C 206 58.95 53.60 72.74
CA VAL C 206 59.24 54.92 73.28
C VAL C 206 59.07 55.88 72.13
N ILE C 207 57.83 56.32 71.91
CA ILE C 207 57.48 57.11 70.75
C ILE C 207 58.20 58.47 70.77
N ASP C 208 58.79 58.82 69.64
CA ASP C 208 59.44 60.11 69.45
C ASP C 208 58.65 60.91 68.43
N TYR C 209 57.37 60.58 68.34
CA TYR C 209 56.44 61.20 67.38
C TYR C 209 55.14 61.56 68.05
N GLU C 210 54.56 62.69 67.66
CA GLU C 210 53.23 63.06 68.14
C GLU C 210 52.18 62.49 67.18
N LEU C 211 51.19 61.80 67.71
CA LEU C 211 50.18 61.17 66.88
C LEU C 211 49.22 62.20 66.31
N LYS C 212 48.76 61.95 65.08
CA LYS C 212 47.84 62.85 64.39
C LYS C 212 46.40 62.76 64.90
N GLU C 213 45.81 63.90 65.21
CA GLU C 213 44.42 63.95 65.65
C GLU C 213 43.46 63.84 64.46
N ILE C 214 42.28 63.27 64.71
CA ILE C 214 41.30 63.02 63.65
C ILE C 214 40.90 64.26 62.85
N THR C 215 40.91 65.43 63.51
CA THR C 215 40.49 66.68 62.87
C THR C 215 41.63 67.46 62.24
N SER C 216 42.87 66.99 62.44
CA SER C 216 44.02 67.73 61.90
C SER C 216 44.06 67.67 60.38
N LEU C 217 43.26 66.77 59.80
CA LEU C 217 43.15 66.65 58.36
C LEU C 217 42.04 67.58 57.86
N PRO C 218 41.98 67.82 56.54
CA PRO C 218 40.91 68.63 55.92
C PRO C 218 39.50 68.14 56.24
N ASP C 219 38.51 68.98 55.95
CA ASP C 219 37.11 68.71 56.28
C ASP C 219 36.56 67.52 55.49
N TRP C 220 36.82 67.51 54.20
CA TRP C 220 36.17 66.58 53.27
C TRP C 220 36.43 65.11 53.53
N CYS C 221 37.25 64.80 54.54
CA CYS C 221 37.56 63.40 54.87
C CYS C 221 37.23 63.09 56.33
N GLN C 222 36.62 64.03 57.04
CA GLN C 222 36.31 63.81 58.45
C GLN C 222 35.35 62.65 58.64
N GLU C 223 34.46 62.46 57.67
CA GLU C 223 33.51 61.36 57.72
C GLU C 223 34.12 60.08 57.13
N ALA C 224 35.37 60.14 56.69
CA ALA C 224 36.04 58.93 56.21
C ALA C 224 36.44 58.07 57.40
N PHE C 225 36.37 58.66 58.60
CA PHE C 225 36.66 57.94 59.83
C PHE C 225 35.68 58.38 60.92
N PRO C 226 34.71 57.53 61.28
CA PRO C 226 33.75 57.89 62.33
C PRO C 226 34.41 58.06 63.70
N SER C 227 33.70 58.63 64.65
CA SER C 227 34.20 58.77 66.02
C SER C 227 34.62 57.40 66.55
N SER C 228 35.82 57.35 67.12
CA SER C 228 36.50 56.09 67.43
C SER C 228 36.85 56.03 68.91
N GLU C 229 37.33 54.89 69.35
CA GLU C 229 37.70 54.70 70.76
C GLU C 229 38.90 55.56 71.12
N THR C 230 39.68 55.96 70.11
CA THR C 230 40.88 56.76 70.34
C THR C 230 40.91 58.03 69.49
N THR C 231 40.23 57.99 68.34
CA THR C 231 40.19 59.12 67.40
C THR C 231 41.59 59.65 67.09
N SER C 232 42.54 58.73 66.92
CA SER C 232 43.89 59.10 66.56
C SER C 232 44.65 57.91 65.96
N LEU C 233 45.60 58.21 65.09
CA LEU C 233 46.43 57.18 64.46
C LEU C 233 47.44 56.62 65.46
N ASN C 234 47.72 55.32 65.34
CA ASN C 234 48.75 54.68 66.14
C ASN C 234 50.12 55.02 65.54
N PRO C 235 51.21 54.70 66.26
CA PRO C 235 52.55 55.09 65.79
C PRO C 235 52.85 54.72 64.33
N ILE C 236 52.61 53.46 63.97
CA ILE C 236 52.83 53.00 62.60
C ILE C 236 52.02 53.81 61.59
N GLN C 237 50.72 53.95 61.84
CA GLN C 237 49.84 54.66 60.92
C GLN C 237 50.14 56.15 60.86
N SER C 238 50.83 56.66 61.89
CA SER C 238 51.16 58.08 61.96
C SER C 238 52.47 58.34 61.22
N LYS C 239 53.46 57.46 61.44
CA LYS C 239 54.75 57.61 60.79
C LYS C 239 54.62 57.49 59.26
N VAL C 240 53.78 56.56 58.80
CA VAL C 240 53.61 56.34 57.36
C VAL C 240 52.80 57.45 56.71
N PHE C 241 52.07 58.22 57.53
CA PHE C 241 51.17 59.26 57.05
C PHE C 241 51.83 60.20 56.06
N HIS C 242 53.07 60.59 56.38
CA HIS C 242 53.83 61.55 55.59
C HIS C 242 53.86 61.20 54.11
N ALA C 243 54.54 60.11 53.77
CA ALA C 243 54.67 59.71 52.37
C ALA C 243 53.37 59.13 51.82
N ALA C 244 52.55 58.56 52.69
CA ALA C 244 51.33 57.88 52.27
C ALA C 244 50.18 58.83 51.97
N PHE C 245 50.19 60.01 52.58
CA PHE C 245 49.12 60.97 52.38
C PHE C 245 49.60 62.30 51.80
N GLU C 246 50.68 62.85 52.35
CA GLU C 246 51.16 64.16 51.91
C GLU C 246 51.94 64.01 50.59
N GLY C 247 52.62 62.88 50.46
CA GLY C 247 53.31 62.54 49.22
C GLY C 247 52.47 61.59 48.38
N ASP C 248 52.91 61.36 47.14
CA ASP C 248 52.21 60.44 46.24
C ASP C 248 53.15 59.33 45.75
N SER C 249 54.10 58.97 46.61
CA SER C 249 55.11 57.97 46.26
C SER C 249 54.60 56.53 46.40
N ASN C 250 55.14 55.65 45.57
CA ASN C 250 54.92 54.21 45.73
C ASN C 250 55.59 53.75 47.02
N MET C 251 55.08 52.70 47.65
CA MET C 251 55.67 52.28 48.92
C MET C 251 55.38 50.84 49.36
N LEU C 252 56.15 50.43 50.36
CA LEU C 252 56.04 49.11 50.97
C LEU C 252 56.07 49.25 52.49
N ILE C 253 54.97 48.88 53.15
CA ILE C 253 54.89 48.98 54.61
C ILE C 253 54.98 47.60 55.25
N CYS C 254 56.09 47.38 55.95
CA CYS C 254 56.31 46.16 56.71
C CYS C 254 55.94 46.42 58.17
N ALA C 255 54.88 45.78 58.63
CA ALA C 255 54.37 46.01 59.98
C ALA C 255 53.95 44.70 60.64
N PRO C 256 54.01 44.65 61.98
CA PRO C 256 53.70 43.43 62.72
C PRO C 256 52.26 42.92 62.54
N THR C 257 51.99 41.79 63.17
CA THR C 257 50.67 41.15 63.14
C THR C 257 49.52 42.09 63.50
N GLY C 258 48.64 42.35 62.53
CA GLY C 258 47.41 43.09 62.78
C GLY C 258 47.62 44.56 63.07
N SER C 259 47.99 45.33 62.05
CA SER C 259 48.32 46.74 62.22
C SER C 259 47.23 47.72 61.78
N GLY C 260 46.02 47.22 61.53
CA GLY C 260 44.91 48.08 61.14
C GLY C 260 45.08 48.67 59.75
N LYS C 261 45.37 47.80 58.78
CA LYS C 261 45.67 48.18 57.40
C LYS C 261 44.63 49.06 56.69
N THR C 262 43.37 48.90 57.06
CA THR C 262 42.26 49.59 56.41
C THR C 262 42.51 51.10 56.30
N ASN C 263 42.82 51.72 57.43
CA ASN C 263 43.09 53.16 57.46
C ASN C 263 44.28 53.52 56.59
N ILE C 264 45.34 52.72 56.68
CA ILE C 264 46.56 52.92 55.91
C ILE C 264 46.25 52.93 54.41
N ALA C 265 45.40 52.00 53.97
CA ALA C 265 44.95 51.99 52.58
C ALA C 265 44.11 53.23 52.28
N LEU C 266 43.17 53.52 53.17
CA LEU C 266 42.27 54.65 52.98
C LEU C 266 43.02 55.97 52.84
N LEU C 267 44.13 56.14 53.56
CA LEU C 267 44.96 57.33 53.39
C LEU C 267 45.29 57.54 51.92
N THR C 268 45.84 56.51 51.29
CA THR C 268 46.24 56.58 49.90
C THR C 268 45.01 56.78 49.00
N VAL C 269 43.93 56.07 49.30
CA VAL C 269 42.68 56.27 48.57
C VAL C 269 42.26 57.75 48.60
N LEU C 270 42.23 58.32 49.80
CA LEU C 270 41.78 59.69 50.00
C LEU C 270 42.71 60.71 49.36
N LYS C 271 44.02 60.48 49.46
CA LYS C 271 44.96 61.37 48.79
C LYS C 271 44.76 61.26 47.28
N ALA C 272 44.61 60.04 46.78
CA ALA C 272 44.37 59.82 45.36
C ALA C 272 43.08 60.50 44.91
N LEU C 273 42.07 60.50 45.78
CA LEU C 273 40.80 61.18 45.48
C LEU C 273 40.99 62.69 45.30
N SER C 274 42.13 63.22 45.76
CA SER C 274 42.39 64.65 45.73
C SER C 274 42.27 65.25 44.33
N HIS C 275 43.08 64.76 43.39
CA HIS C 275 43.14 65.37 42.06
C HIS C 275 41.93 65.03 41.19
N HIS C 276 40.75 65.02 41.79
CA HIS C 276 39.51 64.95 41.03
C HIS C 276 38.34 65.67 41.73
N TYR C 277 38.50 65.94 43.02
CA TYR C 277 37.48 66.71 43.75
C TYR C 277 37.45 68.15 43.25
N ASN C 278 36.29 68.58 42.75
CA ASN C 278 36.14 69.91 42.18
C ASN C 278 36.27 71.00 43.25
N PRO C 279 36.92 72.14 42.90
CA PRO C 279 37.12 73.22 43.87
C PRO C 279 35.85 73.68 44.59
N LYS C 280 34.89 74.24 43.85
CA LYS C 280 33.70 74.82 44.45
C LYS C 280 32.54 73.84 44.57
N THR C 281 32.43 72.91 43.62
CA THR C 281 31.37 71.91 43.67
C THR C 281 31.59 71.00 44.87
N LYS C 282 30.57 70.83 45.71
CA LYS C 282 30.72 70.04 46.93
C LYS C 282 30.48 68.55 46.68
N LYS C 283 30.66 68.13 45.42
CA LYS C 283 30.57 66.72 45.05
C LYS C 283 31.74 66.34 44.16
N LEU C 284 31.97 65.03 44.02
CA LEU C 284 33.12 64.53 43.29
C LEU C 284 32.60 63.67 42.13
N ASN C 285 33.00 64.04 40.92
CA ASN C 285 32.60 63.32 39.72
C ASN C 285 33.13 61.89 39.72
N LEU C 286 32.21 60.93 39.71
CA LEU C 286 32.57 59.52 39.72
C LEU C 286 32.87 59.03 38.31
N SER C 287 33.59 59.84 37.55
CA SER C 287 33.94 59.53 36.17
C SER C 287 35.42 59.81 35.90
N ALA C 288 36.02 58.96 35.07
CA ALA C 288 37.43 59.09 34.68
C ALA C 288 38.41 58.98 35.85
N PHE C 289 38.15 58.04 36.76
CA PHE C 289 39.04 57.85 37.92
C PHE C 289 38.64 56.56 38.65
N LYS C 290 39.56 55.59 38.69
CA LYS C 290 39.29 54.28 39.28
C LYS C 290 40.36 53.84 40.27
N ILE C 291 39.97 52.97 41.21
CA ILE C 291 40.90 52.36 42.15
C ILE C 291 40.62 50.87 42.36
N VAL C 292 41.68 50.13 42.67
CA VAL C 292 41.60 48.67 42.83
C VAL C 292 42.29 48.22 44.11
N TYR C 293 41.70 47.23 44.76
CA TYR C 293 42.24 46.67 46.00
C TYR C 293 42.37 45.15 45.87
N ILE C 294 43.61 44.67 46.01
CA ILE C 294 43.90 43.26 45.87
C ILE C 294 44.09 42.61 47.24
N ALA C 295 43.27 41.60 47.52
CA ALA C 295 43.34 40.86 48.78
C ALA C 295 43.34 39.36 48.47
N PRO C 296 44.03 38.57 49.32
CA PRO C 296 44.18 37.13 49.07
C PRO C 296 42.87 36.40 48.79
N LEU C 297 41.94 36.46 49.73
CA LEU C 297 40.69 35.70 49.64
C LEU C 297 39.44 36.54 49.43
N LYS C 298 38.42 35.89 48.89
CA LYS C 298 37.11 36.49 48.63
C LYS C 298 36.53 37.10 49.90
N ALA C 299 36.84 36.47 51.03
CA ALA C 299 36.38 36.93 52.34
C ALA C 299 36.86 38.35 52.62
N LEU C 300 38.17 38.56 52.54
CA LEU C 300 38.75 39.88 52.78
C LEU C 300 38.20 40.88 51.77
N VAL C 301 38.08 40.45 50.52
CA VAL C 301 37.50 41.29 49.48
C VAL C 301 36.14 41.81 49.90
N GLN C 302 35.24 40.91 50.26
CA GLN C 302 33.91 41.29 50.71
C GLN C 302 33.98 42.17 51.95
N GLU C 303 34.84 41.80 52.90
CA GLU C 303 35.05 42.58 54.10
C GLU C 303 35.48 44.01 53.79
N GLN C 304 36.34 44.17 52.78
CA GLN C 304 36.83 45.50 52.41
C GLN C 304 35.77 46.25 51.61
N VAL C 305 34.99 45.54 50.80
CA VAL C 305 33.84 46.15 50.15
C VAL C 305 32.93 46.75 51.20
N ARG C 306 32.64 45.95 52.23
CA ARG C 306 31.89 46.44 53.39
C ARG C 306 32.58 47.61 54.05
N GLU C 307 33.87 47.45 54.33
CA GLU C 307 34.65 48.48 55.03
C GLU C 307 34.92 49.72 54.18
N PHE C 308 34.71 49.61 52.87
CA PHE C 308 34.88 50.76 51.98
C PHE C 308 33.55 51.29 51.44
N GLN C 309 32.48 50.51 51.60
CA GLN C 309 31.15 50.99 51.20
C GLN C 309 30.66 52.06 52.17
N ARG C 310 30.28 51.63 53.37
CA ARG C 310 29.70 52.53 54.36
C ARG C 310 30.70 53.59 54.82
N ARG C 311 31.98 53.25 54.77
CA ARG C 311 33.02 54.17 55.21
C ARG C 311 33.14 55.36 54.25
N LEU C 312 32.88 55.11 52.97
CA LEU C 312 32.95 56.14 51.93
C LEU C 312 31.57 56.42 51.33
N ALA C 313 30.53 56.00 52.03
CA ALA C 313 29.16 56.24 51.58
C ALA C 313 28.88 57.73 51.48
N PHE C 314 29.43 58.49 52.43
CA PHE C 314 29.18 59.93 52.49
C PHE C 314 29.71 60.63 51.24
N LEU C 315 30.71 60.03 50.61
CA LEU C 315 31.31 60.60 49.41
C LEU C 315 30.47 60.31 48.17
N GLY C 316 29.56 59.34 48.29
CA GLY C 316 28.71 58.96 47.18
C GLY C 316 29.39 57.97 46.25
N ILE C 317 30.62 57.62 46.58
CA ILE C 317 31.42 56.71 45.75
C ILE C 317 30.90 55.28 45.93
N LYS C 318 30.82 54.55 44.81
CA LYS C 318 30.34 53.17 44.83
C LYS C 318 31.48 52.16 44.77
N VAL C 319 31.32 51.08 45.54
CA VAL C 319 32.32 50.01 45.61
C VAL C 319 31.79 48.74 44.95
N ALA C 320 32.70 47.81 44.63
CA ALA C 320 32.28 46.54 44.04
C ALA C 320 33.31 45.42 44.20
N GLU C 321 32.79 44.20 44.39
CA GLU C 321 33.58 42.98 44.25
C GLU C 321 33.65 42.57 42.78
N LEU C 322 34.86 42.56 42.23
CA LEU C 322 35.03 42.21 40.82
C LEU C 322 34.78 40.72 40.56
N THR C 323 33.64 40.41 39.98
CA THR C 323 33.30 39.04 39.60
C THR C 323 34.20 38.57 38.47
N GLY C 324 35.40 38.08 38.80
CA GLY C 324 36.34 37.66 37.79
C GLY C 324 36.03 36.31 37.17
N ASP C 325 35.03 35.61 37.71
CA ASP C 325 34.56 34.35 37.13
C ASP C 325 33.35 34.60 36.23
N SER C 326 33.24 35.83 35.72
CA SER C 326 32.15 36.19 34.81
C SER C 326 32.59 37.38 33.96
N ARG C 327 32.59 37.18 32.65
CA ARG C 327 33.11 38.18 31.70
C ARG C 327 32.04 39.11 31.11
N LEU C 328 30.77 38.76 31.27
CA LEU C 328 29.69 39.64 30.86
C LEU C 328 29.39 40.68 31.93
N SER C 329 29.63 40.32 33.19
CA SER C 329 29.43 41.24 34.30
C SER C 329 30.64 42.14 34.50
N ARG C 330 31.20 42.63 33.38
CA ARG C 330 32.34 43.54 33.40
C ARG C 330 32.05 44.80 32.59
N LYS C 331 30.87 44.84 31.96
CA LYS C 331 30.47 46.00 31.17
C LYS C 331 29.72 47.01 32.01
N GLN C 332 28.79 46.53 32.82
CA GLN C 332 28.01 47.41 33.70
C GLN C 332 28.67 47.56 35.07
N ILE C 333 29.63 46.68 35.37
CA ILE C 333 30.33 46.75 36.65
C ILE C 333 31.20 48.00 36.70
N ASP C 334 31.48 48.56 35.52
CA ASP C 334 32.35 49.71 35.37
C ASP C 334 31.75 50.96 36.02
N GLU C 335 30.46 50.90 36.34
CA GLU C 335 29.78 52.04 36.95
C GLU C 335 30.28 52.26 38.37
N THR C 336 31.02 51.28 38.89
CA THR C 336 31.58 51.36 40.22
C THR C 336 33.04 51.80 40.12
N GLN C 337 33.50 52.55 41.12
CA GLN C 337 34.82 53.16 41.07
C GLN C 337 35.84 52.37 41.88
N VAL C 338 35.38 51.76 42.97
CA VAL C 338 36.26 51.00 43.86
C VAL C 338 36.10 49.52 43.61
N LEU C 339 37.12 48.91 42.99
CA LEU C 339 37.10 47.46 42.75
C LEU C 339 37.94 46.75 43.79
N VAL C 340 37.35 45.78 44.48
CA VAL C 340 38.10 44.93 45.40
C VAL C 340 38.03 43.49 44.92
N SER C 341 39.18 42.83 44.80
CA SER C 341 39.19 41.45 44.29
C SER C 341 40.46 40.68 44.59
N THR C 342 40.49 39.43 44.16
CA THR C 342 41.66 38.58 44.31
C THR C 342 42.61 38.80 43.12
N PRO C 343 43.88 38.37 43.26
CA PRO C 343 44.86 38.54 42.17
C PRO C 343 44.44 37.85 40.87
N GLU C 344 43.87 36.66 40.96
CA GLU C 344 43.49 35.90 39.76
C GLU C 344 42.33 36.57 39.05
N LYS C 345 41.33 36.98 39.82
CA LYS C 345 40.17 37.69 39.30
C LYS C 345 40.63 38.91 38.52
N TRP C 346 41.60 39.63 39.10
CA TRP C 346 42.16 40.82 38.47
C TRP C 346 43.01 40.47 37.25
N ASP C 347 43.82 39.41 37.39
CA ASP C 347 44.72 38.99 36.31
C ASP C 347 43.93 38.60 35.08
N ILE C 348 42.90 37.79 35.25
CA ILE C 348 42.04 37.40 34.13
C ILE C 348 41.45 38.65 33.46
N THR C 349 40.99 39.58 34.28
CA THR C 349 40.36 40.79 33.78
C THR C 349 41.33 41.65 32.96
N THR C 350 42.52 41.90 33.51
CA THR C 350 43.50 42.74 32.83
C THR C 350 44.13 42.03 31.64
N ARG C 351 44.29 40.71 31.76
CA ARG C 351 44.88 39.91 30.70
C ARG C 351 43.95 39.93 29.49
N ASN C 352 42.65 39.83 29.77
CA ASN C 352 41.66 39.92 28.70
C ASN C 352 41.65 41.34 28.15
N SER C 353 41.97 41.48 26.87
CA SER C 353 42.24 42.78 26.27
C SER C 353 41.07 43.77 26.33
N ASN C 354 39.85 43.26 26.29
CA ASN C 354 38.67 44.11 26.20
C ASN C 354 38.55 45.14 27.32
N ASN C 355 39.23 44.87 28.44
CA ASN C 355 39.18 45.76 29.59
C ASN C 355 40.40 46.68 29.71
N LEU C 356 41.37 46.54 28.82
CA LEU C 356 42.54 47.42 28.83
C LEU C 356 42.10 48.87 28.67
N ALA C 357 40.91 49.05 28.10
CA ALA C 357 40.32 50.37 27.93
C ALA C 357 40.10 51.02 29.29
N ILE C 358 39.78 50.21 30.30
CA ILE C 358 39.41 50.74 31.61
C ILE C 358 40.52 50.50 32.64
N VAL C 359 41.61 49.89 32.19
CA VAL C 359 42.81 49.79 33.01
C VAL C 359 43.45 51.16 33.05
N GLU C 360 43.37 51.85 31.92
CA GLU C 360 43.93 53.19 31.76
C GLU C 360 43.36 54.16 32.78
N LEU C 361 42.12 53.93 33.19
CA LEU C 361 41.44 54.80 34.14
C LEU C 361 42.02 54.67 35.54
N VAL C 362 42.61 53.50 35.82
CA VAL C 362 43.13 53.20 37.15
C VAL C 362 44.42 53.98 37.44
N ARG C 363 44.49 54.54 38.65
CA ARG C 363 45.64 55.31 39.09
C ARG C 363 46.06 54.95 40.53
N LEU C 364 45.48 53.89 41.06
CA LEU C 364 45.80 53.44 42.42
C LEU C 364 45.80 51.92 42.57
N LEU C 365 46.92 51.37 43.03
CA LEU C 365 47.04 49.95 43.31
C LEU C 365 47.56 49.70 44.73
N ILE C 366 46.69 49.18 45.58
CA ILE C 366 47.06 48.77 46.93
C ILE C 366 46.98 47.25 47.05
N ILE C 367 48.12 46.62 47.30
CA ILE C 367 48.17 45.16 47.47
C ILE C 367 48.35 44.77 48.93
N ASP C 368 47.35 44.05 49.45
CA ASP C 368 47.37 43.57 50.82
C ASP C 368 47.99 42.17 50.86
N GLU C 369 48.93 41.97 51.79
CA GLU C 369 49.60 40.68 51.95
C GLU C 369 50.44 40.34 50.72
N ILE C 370 51.32 41.25 50.32
CA ILE C 370 52.18 41.04 49.17
C ILE C 370 53.12 39.86 49.41
N HIS C 371 53.45 39.62 50.68
CA HIS C 371 54.39 38.55 51.05
C HIS C 371 53.90 37.16 50.62
N LEU C 372 52.72 37.10 50.00
CA LEU C 372 52.26 35.88 49.35
C LEU C 372 53.16 35.50 48.17
N LEU C 373 54.05 36.41 47.78
CA LEU C 373 55.05 36.10 46.75
C LEU C 373 55.78 34.78 47.02
N HIS C 374 55.88 34.39 48.28
CA HIS C 374 56.56 33.15 48.67
C HIS C 374 55.74 31.89 48.38
N ASP C 375 54.43 32.06 48.20
CA ASP C 375 53.54 30.93 47.95
C ASP C 375 53.47 30.59 46.47
N ASP C 376 52.98 29.40 46.15
CA ASP C 376 52.85 28.93 44.77
C ASP C 376 52.01 29.88 43.90
N ARG C 377 51.17 30.68 44.55
CA ARG C 377 50.32 31.64 43.84
C ARG C 377 51.09 32.91 43.48
N GLY C 378 52.22 33.13 44.14
CA GLY C 378 53.02 34.33 43.97
C GLY C 378 53.20 34.83 42.54
N PRO C 379 53.60 33.94 41.62
CA PRO C 379 53.83 34.28 40.21
C PRO C 379 52.73 35.16 39.61
N VAL C 380 51.53 35.06 40.16
CA VAL C 380 50.40 35.87 39.70
C VAL C 380 50.65 37.33 40.02
N LEU C 381 51.05 37.63 41.25
CA LEU C 381 51.31 39.01 41.65
C LEU C 381 52.46 39.61 40.84
N GLU C 382 53.51 38.82 40.64
CA GLU C 382 54.64 39.25 39.85
C GLU C 382 54.21 39.61 38.43
N SER C 383 53.33 38.79 37.85
CA SER C 383 52.79 39.06 36.53
C SER C 383 52.08 40.40 36.49
N ILE C 384 51.27 40.68 37.51
CA ILE C 384 50.54 41.93 37.61
C ILE C 384 51.47 43.13 37.67
N VAL C 385 52.39 43.12 38.64
CA VAL C 385 53.32 44.22 38.82
C VAL C 385 54.17 44.46 37.57
N ALA C 386 54.63 43.39 36.96
CA ALA C 386 55.42 43.48 35.72
C ALA C 386 54.61 44.14 34.62
N ARG C 387 53.37 43.68 34.45
CA ARG C 387 52.48 44.20 33.42
C ARG C 387 52.27 45.71 33.54
N THR C 388 52.06 46.17 34.77
CA THR C 388 51.82 47.59 35.04
C THR C 388 52.92 48.47 34.49
N PHE C 389 54.17 48.14 34.84
CA PHE C 389 55.31 48.96 34.45
C PHE C 389 55.82 48.63 33.05
N TRP C 390 55.08 47.81 32.32
CA TRP C 390 55.51 47.34 31.01
C TRP C 390 54.80 48.11 29.88
N ALA C 391 53.54 47.77 29.64
CA ALA C 391 52.76 48.36 28.57
C ALA C 391 52.07 49.65 29.01
N SER C 392 52.87 50.66 29.33
CA SER C 392 52.35 51.97 29.68
C SER C 392 51.73 52.66 28.46
N LYS C 393 52.44 52.63 27.35
CA LYS C 393 51.96 53.13 26.07
C LYS C 393 51.58 54.62 26.12
N TYR C 394 50.29 54.93 25.95
CA TYR C 394 49.83 56.32 25.96
C TYR C 394 49.77 56.92 27.36
N GLY C 395 49.52 56.08 28.35
CA GLY C 395 49.31 56.54 29.71
C GLY C 395 50.50 57.29 30.25
N GLN C 396 51.65 56.62 30.26
CA GLN C 396 52.92 57.21 30.69
C GLN C 396 52.94 57.59 32.17
N GLU C 397 51.80 57.42 32.85
CA GLU C 397 51.69 57.64 34.28
C GLU C 397 51.37 56.31 34.93
N TYR C 398 52.15 55.94 35.95
CA TYR C 398 51.98 54.66 36.64
C TYR C 398 51.21 54.85 37.95
N PRO C 399 50.18 54.01 38.18
CA PRO C 399 49.35 54.10 39.39
C PRO C 399 50.15 54.08 40.70
N ARG C 400 49.51 54.52 41.78
CA ARG C 400 50.11 54.48 43.10
C ARG C 400 50.34 53.03 43.52
N ILE C 401 51.59 52.58 43.51
CA ILE C 401 51.91 51.21 43.88
C ILE C 401 52.23 51.13 45.38
N ILE C 402 51.31 50.58 46.14
CA ILE C 402 51.51 50.46 47.59
C ILE C 402 51.23 49.04 48.09
N GLY C 403 52.22 48.50 48.80
CA GLY C 403 52.14 47.14 49.32
C GLY C 403 52.15 47.08 50.83
N LEU C 404 51.20 46.32 51.38
CA LEU C 404 51.12 46.09 52.82
C LEU C 404 51.63 44.69 53.13
N SER C 405 52.60 44.58 54.04
CA SER C 405 53.23 43.30 54.33
C SER C 405 53.44 43.04 55.81
N ALA C 406 53.77 41.79 56.13
CA ALA C 406 54.22 41.42 57.47
C ALA C 406 55.74 41.56 57.53
N THR C 407 56.29 41.60 58.75
CA THR C 407 57.73 41.80 58.92
C THR C 407 58.50 40.50 58.70
N LEU C 408 59.12 40.38 57.53
CA LEU C 408 59.98 39.25 57.20
C LEU C 408 61.17 39.74 56.39
N PRO C 409 62.30 39.01 56.44
CA PRO C 409 63.48 39.40 55.67
C PRO C 409 63.25 39.39 54.16
N ASN C 410 64.11 40.10 53.43
CA ASN C 410 64.04 40.29 51.97
C ASN C 410 63.05 41.38 51.60
N TYR C 411 62.64 42.20 52.56
CA TYR C 411 61.81 43.36 52.27
C TYR C 411 62.56 44.34 51.35
N GLU C 412 63.88 44.29 51.43
CA GLU C 412 64.75 45.09 50.56
C GLU C 412 64.40 44.86 49.08
N ASP C 413 64.42 43.60 48.68
CA ASP C 413 64.18 43.25 47.29
C ASP C 413 62.75 43.57 46.91
N VAL C 414 61.82 43.30 47.83
CA VAL C 414 60.42 43.68 47.63
C VAL C 414 60.30 45.19 47.50
N GLY C 415 61.18 45.89 48.21
CA GLY C 415 61.21 47.35 48.16
C GLY C 415 61.65 47.87 46.81
N ARG C 416 62.82 47.45 46.35
CA ARG C 416 63.30 47.88 45.04
C ARG C 416 62.45 47.27 43.91
N PHE C 417 61.80 46.14 44.21
CA PHE C 417 60.89 45.50 43.26
C PHE C 417 59.65 46.35 42.97
N LEU C 418 59.01 46.84 44.01
CA LEU C 418 57.78 47.61 43.88
C LEU C 418 58.07 49.08 43.57
N ARG C 419 59.34 49.37 43.26
CA ARG C 419 59.78 50.73 42.95
C ARG C 419 59.50 51.65 44.13
N VAL C 420 59.98 51.23 45.30
CA VAL C 420 59.80 51.96 46.54
C VAL C 420 61.10 52.63 46.96
N PRO C 421 61.09 53.98 47.06
CA PRO C 421 62.28 54.66 47.58
C PRO C 421 62.39 54.59 49.09
N LYS C 422 63.56 54.94 49.63
CA LYS C 422 63.76 54.98 51.07
C LYS C 422 62.82 56.00 51.69
N GLU C 423 62.46 57.01 50.91
CA GLU C 423 61.55 58.06 51.34
C GLU C 423 60.14 57.53 51.57
N GLY C 424 59.87 56.33 51.09
CA GLY C 424 58.56 55.71 51.22
C GLY C 424 58.63 54.34 51.88
N LEU C 425 59.84 53.80 52.01
CA LEU C 425 60.03 52.49 52.61
C LEU C 425 59.97 52.56 54.13
N PHE C 426 59.00 51.86 54.71
CA PHE C 426 58.82 51.84 56.15
C PHE C 426 58.94 50.40 56.65
N TYR C 427 59.47 50.25 57.86
CA TYR C 427 59.76 48.94 58.41
C TYR C 427 59.62 48.96 59.94
N PHE C 428 58.62 48.24 60.44
CA PHE C 428 58.34 48.21 61.88
C PHE C 428 58.43 46.80 62.44
N ASP C 429 58.92 46.68 63.68
CA ASP C 429 59.05 45.39 64.35
C ASP C 429 57.91 45.14 65.34
N SER C 430 57.97 44.02 66.04
CA SER C 430 56.91 43.60 66.95
C SER C 430 56.59 44.62 68.05
N SER C 431 57.55 45.49 68.34
CA SER C 431 57.37 46.49 69.39
C SER C 431 56.22 47.44 69.06
N PHE C 432 56.09 47.77 67.77
CA PHE C 432 55.11 48.74 67.33
C PHE C 432 53.74 48.10 67.09
N ARG C 433 53.59 46.86 67.56
CA ARG C 433 52.31 46.16 67.50
C ARG C 433 51.27 46.87 68.38
N PRO C 434 50.02 46.99 67.91
CA PRO C 434 49.01 47.67 68.74
C PRO C 434 48.75 46.95 70.06
N CYS C 435 49.03 45.65 70.07
CA CYS C 435 48.91 44.84 71.29
C CYS C 435 50.03 43.80 71.35
N PRO C 436 51.09 44.07 72.13
CA PRO C 436 52.21 43.13 72.29
C PRO C 436 51.75 41.70 72.57
N LEU C 437 52.30 40.73 71.83
CA LEU C 437 51.88 39.34 71.93
C LEU C 437 52.95 38.40 72.48
N SER C 438 52.62 37.71 73.57
CA SER C 438 53.52 36.70 74.13
C SER C 438 53.29 35.39 73.39
N GLN C 439 54.36 34.62 73.20
CA GLN C 439 54.31 33.38 72.43
C GLN C 439 54.71 32.16 73.24
N GLN C 440 54.08 31.03 72.93
CA GLN C 440 54.44 29.74 73.51
C GLN C 440 54.39 28.66 72.43
N PHE C 441 55.53 28.03 72.17
CA PHE C 441 55.62 27.01 71.13
C PHE C 441 55.63 25.62 71.75
N CYS C 442 54.57 24.87 71.48
CA CYS C 442 54.43 23.49 71.90
C CYS C 442 55.01 22.53 70.86
N GLY C 443 56.12 21.88 71.20
CA GLY C 443 56.76 20.93 70.31
C GLY C 443 56.49 19.52 70.77
N ILE C 444 55.50 18.89 70.13
CA ILE C 444 55.04 17.55 70.50
C ILE C 444 56.04 16.49 70.06
N LYS C 445 56.23 15.50 70.93
CA LYS C 445 57.23 14.45 70.72
C LYS C 445 56.62 13.06 70.56
N GLU C 446 55.30 13.00 70.47
CA GLU C 446 54.62 11.71 70.37
C GLU C 446 55.11 10.99 69.13
N ARG C 447 55.28 9.67 69.22
CA ARG C 447 55.71 8.87 68.09
C ARG C 447 54.58 8.00 67.54
N ASN C 448 53.60 7.70 68.38
CA ASN C 448 52.49 6.85 68.00
C ASN C 448 51.38 7.65 67.33
N SER C 449 50.55 6.98 66.54
CA SER C 449 49.48 7.64 65.80
C SER C 449 48.31 8.03 66.70
N LEU C 450 47.61 7.04 67.23
CA LEU C 450 46.41 7.27 68.03
C LEU C 450 46.74 7.97 69.35
N LYS C 451 47.92 7.70 69.90
CA LYS C 451 48.32 8.27 71.19
C LYS C 451 48.42 9.79 71.13
N LYS C 452 48.49 10.33 69.91
CA LYS C 452 48.51 11.77 69.71
C LYS C 452 47.15 12.40 69.94
N LEU C 453 46.09 11.58 69.90
CA LEU C 453 44.74 12.08 70.14
C LEU C 453 44.67 12.76 71.51
N LYS C 454 45.41 12.22 72.46
CA LYS C 454 45.51 12.82 73.79
C LYS C 454 46.45 14.01 73.80
N ALA C 455 47.36 14.09 72.82
CA ALA C 455 48.28 15.22 72.75
C ALA C 455 47.51 16.51 72.50
N MET C 456 46.65 16.50 71.49
CA MET C 456 45.83 17.66 71.18
C MET C 456 44.80 17.94 72.28
N ASN C 457 44.11 16.90 72.73
CA ASN C 457 43.04 17.08 73.71
C ASN C 457 43.53 17.64 75.04
N ASP C 458 44.63 17.11 75.55
CA ASP C 458 45.17 17.56 76.83
C ASP C 458 45.94 18.88 76.73
N ALA C 459 46.75 19.03 75.68
CA ALA C 459 47.55 20.25 75.51
C ALA C 459 46.67 21.47 75.25
N CYS C 460 45.59 21.29 74.50
CA CYS C 460 44.61 22.36 74.31
C CYS C 460 43.95 22.66 75.66
N TYR C 461 43.33 21.63 76.22
CA TYR C 461 42.65 21.72 77.51
C TYR C 461 43.56 22.34 78.56
N GLU C 462 44.83 21.98 78.52
CA GLU C 462 45.85 22.58 79.39
C GLU C 462 45.82 24.10 79.29
N LYS C 463 45.73 24.60 78.06
CA LYS C 463 45.82 26.03 77.79
C LYS C 463 44.44 26.71 77.77
N VAL C 464 43.41 25.95 77.42
CA VAL C 464 42.05 26.47 77.42
C VAL C 464 41.62 26.88 78.82
N LEU C 465 41.84 26.00 79.80
CA LEU C 465 41.42 26.26 81.17
C LEU C 465 42.30 27.32 81.83
N GLU C 466 43.58 27.34 81.46
CA GLU C 466 44.50 28.35 81.95
C GLU C 466 43.91 29.73 81.71
N SER C 467 43.52 29.99 80.46
CA SER C 467 43.01 31.30 80.06
C SER C 467 41.72 31.64 80.80
N ILE C 468 40.76 30.72 80.80
CA ILE C 468 39.47 30.97 81.44
C ILE C 468 39.67 31.35 82.91
N ASN C 469 40.61 30.68 83.57
CA ASN C 469 40.93 30.99 84.96
C ASN C 469 41.71 32.29 85.10
N GLU C 470 42.24 32.80 83.98
CA GLU C 470 42.99 34.06 84.00
C GLU C 470 42.14 35.23 83.51
N GLY C 471 40.84 35.01 83.37
CA GLY C 471 39.89 36.08 83.20
C GLY C 471 39.64 36.61 81.79
N ASN C 472 40.00 35.82 80.77
CA ASN C 472 39.78 36.26 79.38
C ASN C 472 39.24 35.15 78.48
N GLN C 473 38.77 35.56 77.31
CA GLN C 473 38.20 34.64 76.33
C GLN C 473 39.29 34.12 75.40
N ILE C 474 39.03 33.01 74.72
CA ILE C 474 40.00 32.45 73.78
C ILE C 474 39.38 31.87 72.52
N ILE C 475 40.22 31.74 71.49
CA ILE C 475 39.77 31.14 70.23
C ILE C 475 40.72 30.05 69.76
N VAL C 476 40.15 28.99 69.17
CA VAL C 476 40.92 27.82 68.74
C VAL C 476 40.59 27.44 67.30
N PHE C 477 41.63 27.26 66.48
CA PHE C 477 41.44 26.91 65.08
C PHE C 477 41.72 25.44 64.81
N VAL C 478 40.88 24.83 63.98
CA VAL C 478 41.02 23.41 63.63
C VAL C 478 41.44 23.24 62.17
N HIS C 479 41.97 22.06 61.85
CA HIS C 479 42.54 21.80 60.53
C HIS C 479 41.50 21.42 59.48
N SER C 480 40.28 21.12 59.91
CA SER C 480 39.24 20.63 59.00
C SER C 480 37.88 21.23 59.33
N ARG C 481 36.81 20.55 58.92
CA ARG C 481 35.45 21.04 59.13
C ARG C 481 34.86 20.60 60.47
N LYS C 482 34.20 19.44 60.47
CA LYS C 482 33.48 18.94 61.65
C LYS C 482 34.32 18.90 62.92
N GLU C 483 35.63 18.93 62.78
CA GLU C 483 36.54 18.90 63.93
C GLU C 483 36.15 19.95 64.97
N THR C 484 35.60 21.07 64.51
CA THR C 484 35.18 22.15 65.39
C THR C 484 34.02 21.71 66.30
N SER C 485 33.19 20.80 65.80
CA SER C 485 32.03 20.33 66.56
C SER C 485 32.37 19.13 67.43
N ARG C 486 33.35 18.34 67.00
CA ARG C 486 33.83 17.23 67.79
C ARG C 486 34.66 17.75 68.96
N THR C 487 35.34 18.87 68.73
CA THR C 487 36.07 19.54 69.80
C THR C 487 35.07 20.14 70.78
N ALA C 488 33.97 20.65 70.25
CA ALA C 488 32.89 21.20 71.06
C ALA C 488 32.29 20.11 71.94
N THR C 489 32.10 18.93 71.35
CA THR C 489 31.54 17.78 72.07
C THR C 489 32.47 17.30 73.17
N TRP C 490 33.76 17.20 72.85
CA TRP C 490 34.77 16.70 73.78
C TRP C 490 34.87 17.56 75.03
N LEU C 491 34.85 18.88 74.86
CA LEU C 491 34.98 19.81 75.98
C LEU C 491 33.76 19.76 76.90
N LYS C 492 32.57 19.63 76.31
CA LYS C 492 31.33 19.56 77.08
C LYS C 492 31.32 18.38 78.05
N ASN C 493 31.73 17.21 77.56
CA ASN C 493 31.76 16.01 78.38
C ASN C 493 32.90 16.05 79.39
N LYS C 494 34.00 16.69 78.99
CA LYS C 494 35.16 16.84 79.86
C LYS C 494 34.87 17.77 81.03
N PHE C 495 33.99 18.73 80.81
CA PHE C 495 33.65 19.73 81.83
C PHE C 495 32.55 19.24 82.76
N ALA C 496 31.53 18.60 82.20
CA ALA C 496 30.44 18.01 82.99
C ALA C 496 31.01 16.99 83.95
N GLU C 497 32.08 16.32 83.53
CA GLU C 497 32.81 15.37 84.36
C GLU C 497 33.30 16.04 85.64
N GLU C 498 33.54 17.35 85.59
CA GLU C 498 34.11 18.07 86.71
C GLU C 498 33.31 19.34 87.05
N ASN C 499 33.76 20.49 86.55
CA ASN C 499 33.23 21.78 86.97
C ASN C 499 31.95 22.18 86.24
N ILE C 500 32.07 22.35 84.92
CA ILE C 500 31.00 22.86 84.04
C ILE C 500 30.20 24.00 84.68
N THR C 501 30.92 24.87 85.41
CA THR C 501 30.33 26.05 86.03
C THR C 501 31.02 27.32 85.50
N HIS C 502 32.31 27.21 85.26
CA HIS C 502 33.12 28.34 84.80
C HIS C 502 32.65 28.83 83.43
N LYS C 503 32.13 27.91 82.62
CA LYS C 503 31.61 28.25 81.30
C LYS C 503 30.08 28.37 81.32
N LEU C 504 29.47 28.03 82.45
CA LEU C 504 28.02 28.13 82.58
C LEU C 504 27.56 29.59 82.47
N THR C 505 28.00 30.41 83.40
CA THR C 505 27.61 31.81 83.42
C THR C 505 28.43 32.58 84.45
N LYS C 506 28.45 33.90 84.30
CA LYS C 506 29.08 34.78 85.29
C LYS C 506 28.01 35.50 86.12
N ASN C 507 26.76 35.42 85.65
CA ASN C 507 25.62 35.93 86.41
C ASN C 507 24.32 35.35 85.85
N ASP C 508 23.81 34.32 86.53
CA ASP C 508 22.63 33.59 86.06
C ASP C 508 21.39 34.46 85.97
N ALA C 509 21.38 35.55 86.74
CA ALA C 509 20.22 36.44 86.80
C ALA C 509 20.27 37.48 85.69
N GLY C 510 21.45 37.68 85.11
CA GLY C 510 21.65 38.70 84.10
C GLY C 510 22.48 38.26 82.91
N SER C 511 22.59 36.95 82.70
CA SER C 511 23.35 36.42 81.58
C SER C 511 22.69 35.21 80.93
N LYS C 512 22.35 34.21 81.73
CA LYS C 512 21.68 33.01 81.22
C LYS C 512 20.29 33.31 80.65
N GLN C 513 19.74 34.46 81.04
CA GLN C 513 18.43 34.90 80.57
C GLN C 513 18.39 34.96 79.03
N ILE C 514 19.22 35.83 78.47
CA ILE C 514 19.26 36.06 77.04
C ILE C 514 19.64 34.77 76.31
N LEU C 515 20.61 34.04 76.85
CA LEU C 515 20.98 32.73 76.32
C LEU C 515 19.75 31.80 76.31
N LYS C 516 18.96 31.87 77.37
CA LYS C 516 17.81 30.98 77.53
C LYS C 516 16.64 31.40 76.64
N THR C 517 16.57 32.67 76.30
CA THR C 517 15.54 33.14 75.37
C THR C 517 15.98 32.87 73.93
N GLU C 518 17.24 33.12 73.63
CA GLU C 518 17.78 33.04 72.27
C GLU C 518 18.11 31.61 71.83
N ALA C 519 18.42 30.73 72.79
CA ALA C 519 18.83 29.37 72.45
C ALA C 519 17.78 28.50 71.73
N ALA C 520 16.54 28.96 71.62
CA ALA C 520 15.53 28.21 70.85
C ALA C 520 14.83 29.00 69.74
N ASN C 521 15.22 30.25 69.52
CA ASN C 521 14.43 31.15 68.66
C ASN C 521 14.69 30.93 67.18
N VAL C 522 15.67 31.66 66.64
CA VAL C 522 16.15 31.42 65.27
C VAL C 522 17.39 30.52 65.35
N LEU C 523 17.14 29.21 65.44
CA LEU C 523 18.23 28.25 65.60
C LEU C 523 17.76 26.81 65.42
N ASP C 524 18.08 26.21 64.27
CA ASP C 524 17.57 24.89 63.88
C ASP C 524 18.55 23.72 64.05
N PRO C 525 19.86 23.92 63.73
CA PRO C 525 20.84 22.83 63.84
C PRO C 525 20.94 22.16 65.21
N SER C 526 21.79 21.14 65.30
CA SER C 526 22.06 20.45 66.56
C SER C 526 22.60 21.45 67.56
N LEU C 527 23.13 22.56 67.04
CA LEU C 527 23.61 23.68 67.83
C LEU C 527 22.63 24.10 68.93
N ARG C 528 21.35 23.76 68.75
CA ARG C 528 20.33 24.00 69.78
C ARG C 528 20.73 23.46 71.15
N LYS C 529 21.45 22.35 71.16
CA LYS C 529 21.85 21.73 72.42
C LYS C 529 23.23 22.25 72.82
N LEU C 530 24.15 22.27 71.86
CA LEU C 530 25.50 22.77 72.08
C LEU C 530 25.43 24.16 72.71
N ILE C 531 24.64 25.03 72.09
CA ILE C 531 24.49 26.40 72.56
C ILE C 531 24.01 26.48 74.00
N GLU C 532 23.28 25.46 74.45
CA GLU C 532 22.68 25.47 75.78
C GLU C 532 23.60 24.88 76.84
N SER C 533 24.73 24.33 76.40
CA SER C 533 25.70 23.74 77.31
C SER C 533 26.89 24.66 77.57
N GLY C 534 26.84 25.87 77.03
CA GLY C 534 27.85 26.88 77.27
C GLY C 534 29.06 26.77 76.35
N ILE C 535 28.87 26.14 75.20
CA ILE C 535 29.93 25.99 74.21
C ILE C 535 29.48 26.59 72.87
N GLY C 536 30.44 26.92 72.01
CA GLY C 536 30.15 27.48 70.71
C GLY C 536 30.82 26.72 69.60
N THR C 537 30.19 26.73 68.43
CA THR C 537 30.71 26.06 67.24
C THR C 537 30.44 26.91 66.00
N HIS C 538 31.46 27.61 65.52
CA HIS C 538 31.32 28.41 64.31
C HIS C 538 31.81 27.62 63.09
N HIS C 539 30.96 26.71 62.63
CA HIS C 539 31.27 25.91 61.46
C HIS C 539 30.84 26.67 60.20
N ALA C 540 31.76 26.81 59.26
CA ALA C 540 31.46 27.45 57.99
C ALA C 540 30.52 26.57 57.17
N GLY C 541 29.21 26.70 57.44
CA GLY C 541 28.21 25.85 56.81
C GLY C 541 26.89 25.87 57.55
N LEU C 542 26.90 26.39 58.78
CA LEU C 542 25.67 26.57 59.54
C LEU C 542 24.84 27.68 58.92
N THR C 543 23.55 27.74 59.28
CA THR C 543 22.66 28.76 58.74
C THR C 543 23.17 30.17 59.08
N ARG C 544 23.02 31.09 58.13
CA ARG C 544 23.52 32.45 58.26
C ARG C 544 23.07 33.17 59.53
N SER C 545 21.77 33.13 59.80
CA SER C 545 21.21 33.79 60.97
C SER C 545 21.79 33.16 62.23
N ASP C 546 21.89 31.84 62.23
CA ASP C 546 22.49 31.11 63.32
C ASP C 546 23.95 31.52 63.51
N ARG C 547 24.70 31.55 62.42
CA ARG C 547 26.12 31.94 62.48
C ARG C 547 26.29 33.34 63.07
N SER C 548 25.48 34.28 62.58
CA SER C 548 25.50 35.64 63.14
C SER C 548 25.23 35.56 64.63
N LEU C 549 24.05 35.03 64.97
CA LEU C 549 23.64 34.88 66.36
C LEU C 549 24.62 34.01 67.15
N SER C 550 25.38 33.18 66.45
CA SER C 550 26.33 32.27 67.10
C SER C 550 27.59 33.03 67.51
N GLU C 551 28.20 33.71 66.56
CA GLU C 551 29.43 34.46 66.84
C GLU C 551 29.13 35.66 67.73
N ASP C 552 27.91 36.20 67.62
CA ASP C 552 27.50 37.30 68.50
C ASP C 552 27.52 36.93 69.98
N LEU C 553 27.46 35.64 70.29
CA LEU C 553 27.50 35.20 71.69
C LEU C 553 28.92 35.19 72.23
N PHE C 554 29.88 34.80 71.39
CA PHE C 554 31.28 34.86 71.77
C PHE C 554 31.73 36.32 71.80
N ALA C 555 31.23 37.09 70.84
CA ALA C 555 31.51 38.53 70.76
C ALA C 555 31.04 39.30 72.00
N ASP C 556 29.86 38.94 72.51
CA ASP C 556 29.24 39.69 73.60
C ASP C 556 29.78 39.29 74.98
N GLY C 557 30.82 38.46 75.00
CA GLY C 557 31.51 38.13 76.24
C GLY C 557 30.88 37.01 77.03
N LEU C 558 29.87 36.35 76.46
CA LEU C 558 29.19 35.26 77.14
C LEU C 558 30.02 33.98 77.11
N LEU C 559 30.34 33.51 75.91
CA LEU C 559 31.13 32.29 75.74
C LEU C 559 32.61 32.55 76.01
N GLN C 560 33.22 31.67 76.79
CA GLN C 560 34.61 31.86 77.21
C GLN C 560 35.63 31.23 76.27
N VAL C 561 35.16 30.37 75.36
CA VAL C 561 36.05 29.69 74.41
C VAL C 561 35.33 29.38 73.11
N LEU C 562 35.91 29.79 71.98
CA LEU C 562 35.35 29.45 70.68
C LEU C 562 36.29 28.60 69.82
N VAL C 563 35.86 27.39 69.49
CA VAL C 563 36.56 26.57 68.51
C VAL C 563 35.91 26.78 67.15
N CYS C 564 36.72 26.97 66.12
CA CYS C 564 36.18 27.29 64.80
C CYS C 564 37.10 26.87 63.65
N THR C 565 36.57 26.89 62.43
CA THR C 565 37.36 26.64 61.24
C THR C 565 38.21 27.86 60.93
N ALA C 566 39.16 27.68 60.00
CA ALA C 566 40.08 28.75 59.63
C ALA C 566 39.34 29.97 59.05
N THR C 567 38.23 29.72 58.38
CA THR C 567 37.51 30.76 57.63
C THR C 567 37.17 32.00 58.46
N LEU C 568 36.97 31.82 59.75
CA LEU C 568 36.62 32.93 60.63
C LEU C 568 37.77 33.94 60.74
N ALA C 569 39.00 33.46 60.53
CA ALA C 569 40.18 34.32 60.65
C ALA C 569 40.28 35.30 59.48
N TRP C 570 39.60 34.99 58.38
CA TRP C 570 39.71 35.77 57.15
C TRP C 570 38.60 36.80 56.98
N GLY C 571 37.40 36.47 57.46
CA GLY C 571 36.25 37.35 57.26
C GLY C 571 36.03 38.31 58.41
N VAL C 572 35.03 38.02 59.23
CA VAL C 572 34.62 38.92 60.32
C VAL C 572 35.77 39.14 61.30
N ASN C 573 35.95 40.40 61.70
CA ASN C 573 36.98 40.78 62.67
C ASN C 573 36.51 40.50 64.10
N LEU C 574 36.84 39.32 64.60
CA LEU C 574 36.45 38.89 65.94
C LEU C 574 37.68 38.53 66.77
N PRO C 575 38.27 39.53 67.46
CA PRO C 575 39.48 39.28 68.24
C PRO C 575 39.25 38.46 69.50
N ALA C 576 40.33 37.89 70.03
CA ALA C 576 40.30 37.17 71.30
C ALA C 576 41.62 37.41 72.02
N HIS C 577 41.63 37.25 73.34
CA HIS C 577 42.83 37.49 74.11
C HIS C 577 43.89 36.45 73.76
N THR C 578 43.53 35.18 73.89
CA THR C 578 44.45 34.09 73.56
C THR C 578 43.95 33.26 72.39
N VAL C 579 44.86 32.97 71.46
CA VAL C 579 44.54 32.15 70.30
C VAL C 579 45.35 30.85 70.28
N ILE C 580 44.69 29.75 69.90
CA ILE C 580 45.37 28.45 69.79
C ILE C 580 45.21 27.82 68.41
N ILE C 581 46.34 27.33 67.87
CA ILE C 581 46.32 26.62 66.60
C ILE C 581 46.44 25.12 66.87
N LYS C 582 45.33 24.43 66.62
CA LYS C 582 45.23 22.98 66.72
C LYS C 582 45.27 22.35 65.34
N GLY C 583 45.91 21.19 65.25
CA GLY C 583 45.94 20.42 64.02
C GLY C 583 47.18 20.67 63.21
N THR C 584 47.22 21.80 62.53
CA THR C 584 48.37 22.22 61.72
C THR C 584 48.53 21.35 60.47
N ASP C 585 48.46 20.04 60.65
CA ASP C 585 48.51 19.11 59.52
C ASP C 585 47.19 19.16 58.77
N VAL C 586 47.22 19.76 57.58
CA VAL C 586 46.01 20.00 56.79
C VAL C 586 46.08 19.26 55.47
N TYR C 587 44.92 18.93 54.91
CA TYR C 587 44.85 18.21 53.64
C TYR C 587 44.77 19.18 52.47
N SER C 588 45.49 18.86 51.39
CA SER C 588 45.49 19.70 50.20
C SER C 588 45.22 18.86 48.95
N PRO C 589 43.98 18.89 48.45
CA PRO C 589 43.60 18.14 47.24
C PRO C 589 44.49 18.46 46.04
N GLU C 590 45.03 19.68 46.00
CA GLU C 590 45.90 20.10 44.92
C GLU C 590 47.09 19.16 44.78
N LYS C 591 47.59 18.70 45.92
CA LYS C 591 48.77 17.84 45.97
C LYS C 591 48.41 16.40 46.33
N GLY C 592 47.11 16.16 46.55
CA GLY C 592 46.61 14.82 46.80
C GLY C 592 47.13 14.21 48.09
N SER C 593 47.59 15.05 49.01
CA SER C 593 48.15 14.60 50.27
C SER C 593 47.96 15.64 51.36
N TRP C 594 48.73 15.49 52.44
CA TRP C 594 48.66 16.41 53.57
C TRP C 594 49.93 17.24 53.65
N GLU C 595 49.79 18.47 54.16
CA GLU C 595 50.93 19.35 54.38
C GLU C 595 50.67 20.15 55.66
N GLN C 596 51.74 20.67 56.26
CA GLN C 596 51.60 21.48 57.45
C GLN C 596 50.97 22.81 57.09
N LEU C 597 50.22 23.40 58.02
CA LEU C 597 49.53 24.66 57.79
C LEU C 597 50.47 25.75 57.28
N SER C 598 50.02 26.48 56.26
CA SER C 598 50.84 27.51 55.62
C SER C 598 51.10 28.68 56.57
N PRO C 599 52.25 29.37 56.40
CA PRO C 599 52.60 30.52 57.23
C PRO C 599 51.50 31.59 57.26
N GLN C 600 50.91 31.85 56.09
CA GLN C 600 49.89 32.88 55.96
C GLN C 600 48.68 32.61 56.83
N ASP C 601 48.25 31.34 56.87
CA ASP C 601 47.12 30.95 57.69
C ASP C 601 47.45 31.12 59.16
N VAL C 602 48.67 30.74 59.54
CA VAL C 602 49.13 30.89 60.91
C VAL C 602 49.11 32.36 61.33
N LEU C 603 49.74 33.21 60.53
CA LEU C 603 49.77 34.64 60.83
C LEU C 603 48.36 35.24 60.88
N GLN C 604 47.51 34.89 59.91
CA GLN C 604 46.15 35.41 59.89
C GLN C 604 45.37 34.97 61.13
N MET C 605 45.51 33.70 61.50
CA MET C 605 44.86 33.18 62.70
C MET C 605 45.37 33.93 63.94
N LEU C 606 46.70 34.07 64.03
CA LEU C 606 47.31 34.80 65.13
C LEU C 606 47.02 36.30 65.03
N GLY C 607 46.59 36.74 63.84
CA GLY C 607 46.12 38.09 63.64
C GLY C 607 44.96 38.51 64.53
N ARG C 608 44.38 37.54 65.23
CA ARG C 608 43.23 37.80 66.09
C ARG C 608 43.58 37.77 67.58
N ALA C 609 44.87 37.81 67.88
CA ALA C 609 45.33 37.75 69.27
C ALA C 609 45.34 39.14 69.91
N GLY C 610 44.74 39.25 71.09
CA GLY C 610 44.78 40.49 71.84
C GLY C 610 43.70 41.49 71.47
N ARG C 611 43.58 42.53 72.28
CA ARG C 611 42.65 43.63 72.03
C ARG C 611 43.35 44.96 72.26
N PRO C 612 43.74 45.66 71.17
CA PRO C 612 44.51 46.90 71.26
C PRO C 612 43.99 47.90 72.31
N ARG C 613 42.70 48.20 72.24
CA ARG C 613 42.10 49.21 73.13
C ARG C 613 41.89 48.69 74.55
N TYR C 614 41.65 47.40 74.70
CA TYR C 614 41.24 46.81 75.98
C TYR C 614 42.36 46.08 76.73
N ASP C 615 43.21 45.36 76.01
CA ASP C 615 44.26 44.55 76.63
C ASP C 615 45.64 45.18 76.49
N THR C 616 46.49 44.96 77.49
CA THR C 616 47.86 45.46 77.45
C THR C 616 48.77 44.50 76.68
N PHE C 617 48.46 43.20 76.75
CA PHE C 617 49.16 42.22 75.92
C PHE C 617 48.31 40.95 75.74
N GLY C 618 48.47 40.31 74.58
CA GLY C 618 47.78 39.07 74.25
C GLY C 618 48.74 37.92 74.04
N GLU C 619 48.23 36.77 73.58
CA GLU C 619 49.10 35.63 73.33
C GLU C 619 48.56 34.59 72.34
N GLY C 620 49.48 34.06 71.54
CA GLY C 620 49.19 33.04 70.55
C GLY C 620 49.97 31.77 70.85
N ILE C 621 49.29 30.63 70.72
CA ILE C 621 49.87 29.33 71.03
C ILE C 621 49.60 28.34 69.91
N ILE C 622 50.63 27.58 69.53
CA ILE C 622 50.52 26.62 68.44
C ILE C 622 50.86 25.23 68.95
N ILE C 623 50.07 24.23 68.54
CA ILE C 623 50.38 22.85 68.89
C ILE C 623 50.74 22.04 67.64
N THR C 624 51.99 21.61 67.58
CA THR C 624 52.50 20.85 66.42
C THR C 624 53.63 19.91 66.83
N ASP C 625 54.09 19.10 65.89
CA ASP C 625 55.14 18.11 66.13
C ASP C 625 56.53 18.73 66.15
N GLN C 626 57.46 18.04 66.81
CA GLN C 626 58.82 18.53 67.01
C GLN C 626 59.60 18.75 65.70
N SER C 627 59.06 18.25 64.59
CA SER C 627 59.71 18.46 63.29
C SER C 627 59.48 19.90 62.79
N ASN C 628 58.40 20.52 63.26
CA ASN C 628 58.06 21.88 62.85
C ASN C 628 58.80 22.95 63.66
N VAL C 629 58.80 22.78 64.98
CA VAL C 629 59.41 23.71 65.96
C VAL C 629 59.93 25.02 65.39
N GLN C 630 61.11 24.96 64.78
CA GLN C 630 61.84 26.16 64.36
C GLN C 630 61.19 26.87 63.16
N TYR C 631 60.49 26.10 62.32
CA TYR C 631 59.88 26.65 61.12
C TYR C 631 58.82 27.70 61.48
N TYR C 632 57.86 27.30 62.28
CA TYR C 632 56.81 28.20 62.72
C TYR C 632 57.40 29.31 63.58
N LEU C 633 58.54 29.04 64.21
CA LEU C 633 59.27 30.09 64.89
C LEU C 633 59.81 31.07 63.85
N SER C 634 60.30 30.54 62.73
CA SER C 634 60.85 31.39 61.68
C SER C 634 59.75 32.25 61.10
N VAL C 635 58.54 31.70 61.00
CA VAL C 635 57.38 32.50 60.63
C VAL C 635 57.03 33.50 61.74
N LEU C 636 56.97 33.00 62.97
CA LEU C 636 56.49 33.79 64.10
C LEU C 636 57.60 34.47 64.89
N ASN C 637 58.73 34.70 64.24
CA ASN C 637 59.81 35.46 64.86
C ASN C 637 60.77 36.06 63.82
N GLN C 638 60.22 36.42 62.66
CA GLN C 638 60.94 37.26 61.71
C GLN C 638 62.22 36.62 61.17
N GLN C 639 62.12 35.38 60.65
CA GLN C 639 63.28 34.70 60.07
C GLN C 639 63.01 34.17 58.66
N LEU C 640 61.77 33.77 58.39
CA LEU C 640 61.42 33.18 57.10
C LEU C 640 61.63 34.15 55.93
N PRO C 641 62.47 33.76 54.96
CA PRO C 641 62.70 34.64 53.81
C PRO C 641 61.60 34.53 52.75
N ILE C 642 61.37 35.61 52.00
CA ILE C 642 60.41 35.63 50.91
C ILE C 642 61.10 35.44 49.57
N GLU C 643 61.05 34.21 49.06
CA GLU C 643 61.66 33.86 47.78
C GLU C 643 60.59 33.75 46.70
N SER C 644 61.01 33.91 45.44
CA SER C 644 60.09 33.88 44.32
C SER C 644 59.82 32.46 43.81
N GLN C 645 58.57 32.20 43.47
CA GLN C 645 58.16 30.92 42.87
C GLN C 645 57.83 31.10 41.40
N PHE C 646 58.20 32.26 40.84
CA PHE C 646 57.82 32.65 39.48
C PHE C 646 58.18 31.59 38.44
N VAL C 647 59.40 31.07 38.53
CA VAL C 647 59.92 30.09 37.59
C VAL C 647 58.90 29.00 37.30
N SER C 648 58.35 28.44 38.37
CA SER C 648 57.36 27.36 38.29
C SER C 648 56.29 27.61 37.23
N LYS C 649 55.92 28.87 37.05
CA LYS C 649 54.84 29.22 36.15
C LYS C 649 55.28 30.14 35.03
N LEU C 650 56.59 30.32 34.87
CA LEU C 650 57.14 31.25 33.87
C LEU C 650 56.53 30.96 32.50
N VAL C 651 56.44 29.67 32.17
CA VAL C 651 55.88 29.24 30.90
C VAL C 651 54.48 29.80 30.66
N ASP C 652 53.71 29.94 31.74
CA ASP C 652 52.33 30.39 31.61
C ASP C 652 52.23 31.91 31.43
N ASN C 653 52.99 32.64 32.25
CA ASN C 653 52.96 34.09 32.23
C ASN C 653 53.55 34.68 30.95
N LEU C 654 54.48 33.95 30.33
CA LEU C 654 55.07 34.39 29.06
C LEU C 654 54.01 34.35 27.97
N ASN C 655 53.31 33.23 27.87
CA ASN C 655 52.24 33.06 26.89
C ASN C 655 51.21 34.18 26.94
N ALA C 656 50.75 34.51 28.15
CA ALA C 656 49.74 35.54 28.34
C ALA C 656 50.17 36.87 27.74
N GLU C 657 51.42 37.25 27.96
CA GLU C 657 51.94 38.52 27.45
C GLU C 657 52.10 38.47 25.93
N VAL C 658 52.51 37.32 25.41
CA VAL C 658 52.65 37.15 23.97
C VAL C 658 51.30 37.29 23.28
N VAL C 659 50.26 36.74 23.90
CA VAL C 659 48.91 36.86 23.38
C VAL C 659 48.49 38.33 23.30
N ALA C 660 48.86 39.09 24.32
CA ALA C 660 48.52 40.51 24.38
C ALA C 660 49.31 41.31 23.35
N GLY C 661 50.30 40.68 22.73
CA GLY C 661 51.13 41.34 21.75
C GLY C 661 52.20 42.19 22.41
N ASN C 662 52.40 41.97 23.71
CA ASN C 662 53.40 42.71 24.47
C ASN C 662 54.79 42.07 24.35
N ILE C 663 54.83 40.88 23.77
CA ILE C 663 56.10 40.18 23.51
C ILE C 663 56.03 39.58 22.11
N LYS C 664 56.96 40.02 21.26
CA LYS C 664 57.02 39.55 19.87
C LYS C 664 58.43 39.13 19.48
N CYS C 665 59.41 39.43 20.34
CA CYS C 665 60.77 38.96 20.15
C CYS C 665 61.37 38.58 21.50
N ARG C 666 62.54 37.95 21.48
CA ARG C 666 63.19 37.44 22.69
C ARG C 666 63.49 38.54 23.70
N ASN C 667 64.07 39.63 23.22
CA ASN C 667 64.49 40.72 24.10
C ASN C 667 63.31 41.43 24.77
N ASP C 668 62.13 41.32 24.17
CA ASP C 668 60.93 41.87 24.78
C ASP C 668 60.61 41.12 26.07
N ALA C 669 60.68 39.80 26.00
CA ALA C 669 60.48 38.96 27.18
C ALA C 669 61.63 39.15 28.16
N VAL C 670 62.86 39.20 27.65
CA VAL C 670 64.02 39.45 28.49
C VAL C 670 63.83 40.75 29.28
N ASN C 671 63.44 41.82 28.61
CA ASN C 671 63.19 43.10 29.26
C ASN C 671 61.95 43.04 30.15
N TRP C 672 60.96 42.27 29.71
CA TRP C 672 59.74 42.07 30.50
C TRP C 672 60.07 41.46 31.85
N LEU C 673 60.97 40.49 31.85
CA LEU C 673 61.38 39.81 33.08
C LEU C 673 62.05 40.77 34.07
N ALA C 674 62.54 41.91 33.59
CA ALA C 674 63.26 42.86 34.45
C ALA C 674 62.33 43.49 35.48
N TYR C 675 61.02 43.37 35.27
CA TYR C 675 60.04 43.96 36.17
C TYR C 675 59.43 42.93 37.11
N THR C 676 60.10 41.79 37.25
CA THR C 676 59.62 40.71 38.12
C THR C 676 60.41 40.68 39.43
N TYR C 677 59.80 40.13 40.47
CA TYR C 677 60.46 39.95 41.75
C TYR C 677 61.58 38.94 41.63
N LEU C 678 61.32 37.92 40.80
CA LEU C 678 62.31 36.90 40.48
C LEU C 678 63.66 37.50 40.12
N TYR C 679 63.65 38.43 39.16
CA TYR C 679 64.86 39.09 38.70
C TYR C 679 65.66 39.70 39.85
N VAL C 680 64.98 40.54 40.63
CA VAL C 680 65.62 41.22 41.75
C VAL C 680 66.19 40.22 42.75
N ARG C 681 65.39 39.21 43.08
CA ARG C 681 65.83 38.22 44.06
C ARG C 681 66.94 37.33 43.48
N MET C 682 66.94 37.16 42.16
CA MET C 682 68.02 36.44 41.50
C MET C 682 69.31 37.24 41.59
N LEU C 683 69.20 38.55 41.37
CA LEU C 683 70.33 39.45 41.56
C LEU C 683 70.87 39.33 42.97
N ALA C 684 69.97 39.36 43.95
CA ALA C 684 70.39 39.30 45.35
C ALA C 684 71.06 37.97 45.76
N SER C 685 70.57 36.85 45.23
CA SER C 685 71.08 35.54 45.65
C SER C 685 71.17 34.54 44.49
N PRO C 686 72.33 34.52 43.79
CA PRO C 686 72.50 33.58 42.67
C PRO C 686 72.78 32.14 43.08
N MET C 687 73.30 31.93 44.28
CA MET C 687 73.67 30.58 44.72
C MET C 687 72.46 29.73 45.07
N LEU C 688 71.32 30.39 45.32
CA LEU C 688 70.08 29.71 45.67
C LEU C 688 69.17 29.60 44.46
N TYR C 689 69.35 30.50 43.50
CA TYR C 689 68.57 30.49 42.26
C TYR C 689 69.33 29.86 41.10
N LYS C 690 70.56 29.42 41.36
CA LYS C 690 71.36 28.70 40.38
C LYS C 690 71.58 29.58 39.16
N VAL C 691 71.95 30.83 39.41
CA VAL C 691 72.25 31.81 38.38
C VAL C 691 73.70 31.67 37.91
N PRO C 692 73.93 31.71 36.58
CA PRO C 692 75.31 31.58 36.11
C PRO C 692 76.19 32.73 36.55
N ASP C 693 77.51 32.59 36.37
CA ASP C 693 78.51 33.55 36.84
C ASP C 693 78.09 34.97 36.47
N ILE C 694 77.76 35.76 37.48
CA ILE C 694 77.22 37.11 37.29
C ILE C 694 78.29 38.16 36.99
N SER C 695 79.56 37.77 36.99
CA SER C 695 80.61 38.68 36.53
C SER C 695 80.26 39.20 35.13
N SER C 696 79.98 38.27 34.21
CA SER C 696 79.50 38.60 32.87
C SER C 696 77.99 38.82 32.93
N ASP C 697 77.34 37.99 33.73
CA ASP C 697 75.89 37.83 33.74
C ASP C 697 75.21 38.83 34.70
N GLY C 698 75.98 39.58 35.47
CA GLY C 698 75.43 40.51 36.45
C GLY C 698 74.22 41.36 36.06
N GLN C 699 74.05 41.62 34.77
CA GLN C 699 72.84 42.28 34.29
C GLN C 699 71.77 41.24 34.00
N LEU C 700 72.20 39.98 33.94
CA LEU C 700 71.34 38.82 33.73
C LEU C 700 70.65 38.93 32.38
N LYS C 701 71.41 39.34 31.37
CA LYS C 701 70.87 39.42 30.02
C LYS C 701 70.81 38.06 29.34
N LYS C 702 71.96 37.42 29.18
CA LYS C 702 72.04 36.12 28.54
C LYS C 702 71.24 35.05 29.29
N PHE C 703 71.31 35.05 30.60
CA PHE C 703 70.54 34.11 31.40
C PHE C 703 69.05 34.30 31.14
N ARG C 704 68.60 35.55 31.21
CA ARG C 704 67.21 35.86 30.90
C ARG C 704 66.86 35.39 29.49
N GLU C 705 67.75 35.62 28.54
CA GLU C 705 67.56 35.12 27.18
C GLU C 705 67.36 33.60 27.24
N SER C 706 68.20 32.92 28.01
CA SER C 706 68.12 31.48 28.16
C SER C 706 66.76 31.05 28.68
N LEU C 707 66.33 31.68 29.77
CA LEU C 707 65.04 31.36 30.38
C LEU C 707 63.90 31.60 29.39
N VAL C 708 63.91 32.77 28.76
CA VAL C 708 62.90 33.15 27.78
C VAL C 708 62.81 32.13 26.67
N HIS C 709 63.94 31.86 26.01
CA HIS C 709 63.98 30.88 24.93
C HIS C 709 63.54 29.50 25.42
N SER C 710 64.06 29.10 26.57
CA SER C 710 63.78 27.78 27.15
C SER C 710 62.29 27.57 27.41
N ALA C 711 61.60 28.60 27.88
CA ALA C 711 60.16 28.53 28.02
C ALA C 711 59.48 28.62 26.65
N LEU C 712 59.96 29.56 25.83
CA LEU C 712 59.38 29.86 24.54
C LEU C 712 59.34 28.65 23.60
N CYS C 713 60.39 27.85 23.61
CA CYS C 713 60.43 26.67 22.73
C CYS C 713 59.48 25.58 23.25
N ILE C 714 59.23 25.56 24.56
CA ILE C 714 58.22 24.70 25.12
C ILE C 714 56.86 25.18 24.62
N LEU C 715 56.66 26.49 24.70
CA LEU C 715 55.45 27.10 24.16
C LEU C 715 55.32 26.81 22.66
N LYS C 716 56.45 26.78 21.96
CA LYS C 716 56.48 26.46 20.53
C LYS C 716 56.04 25.02 20.26
N GLU C 717 56.73 24.06 20.87
CA GLU C 717 56.52 22.65 20.59
C GLU C 717 55.14 22.16 21.00
N GLN C 718 54.49 22.90 21.89
CA GLN C 718 53.15 22.54 22.36
C GLN C 718 52.09 23.25 21.51
N GLU C 719 52.54 23.93 20.47
CA GLU C 719 51.65 24.57 19.49
C GLU C 719 50.80 25.66 20.12
N LEU C 720 51.32 26.31 21.16
CA LEU C 720 50.66 27.46 21.76
C LEU C 720 51.03 28.74 21.01
N VAL C 721 52.33 28.91 20.76
CA VAL C 721 52.82 30.07 20.03
C VAL C 721 53.63 29.63 18.81
N LEU C 722 53.78 30.55 17.87
CA LEU C 722 54.59 30.33 16.67
C LEU C 722 55.87 31.15 16.80
N TYR C 723 57.02 30.49 16.63
CA TYR C 723 58.31 31.09 16.95
C TYR C 723 59.38 30.84 15.88
N ASP C 724 59.93 31.91 15.34
CA ASP C 724 61.05 31.83 14.40
C ASP C 724 62.39 32.01 15.13
N ALA C 725 63.07 30.91 15.39
CA ALA C 725 64.33 30.93 16.14
C ALA C 725 65.37 31.89 15.54
N GLU C 726 65.54 31.84 14.22
CA GLU C 726 66.59 32.62 13.56
C GLU C 726 66.29 34.10 13.56
N ASN C 727 65.17 34.48 12.96
CA ASN C 727 64.84 35.90 12.80
C ASN C 727 64.27 36.48 14.10
N ASP C 728 64.02 35.60 15.07
CA ASP C 728 63.58 36.01 16.39
C ASP C 728 62.25 36.75 16.31
N VAL C 729 61.16 36.01 16.11
CA VAL C 729 59.82 36.59 16.14
C VAL C 729 58.80 35.58 16.63
N ILE C 730 57.90 36.06 17.49
CA ILE C 730 56.89 35.23 18.15
C ILE C 730 55.49 35.73 17.86
N GLU C 731 54.58 34.80 17.56
CA GLU C 731 53.18 35.14 17.29
C GLU C 731 52.25 34.10 17.92
N ALA C 732 51.40 34.54 18.84
CA ALA C 732 50.47 33.67 19.53
C ALA C 732 49.44 33.08 18.56
N THR C 733 48.99 31.87 18.87
CA THR C 733 48.00 31.17 18.07
C THR C 733 46.72 30.98 18.88
N ASP C 734 45.71 30.36 18.27
CA ASP C 734 44.43 30.10 18.92
C ASP C 734 44.58 29.46 20.30
N LEU C 735 45.38 28.41 20.37
CA LEU C 735 45.56 27.68 21.61
C LEU C 735 46.17 28.57 22.70
N GLY C 736 47.10 29.43 22.32
CA GLY C 736 47.70 30.37 23.26
C GLY C 736 46.65 31.34 23.78
N ASN C 737 45.82 31.85 22.87
CA ASN C 737 44.74 32.76 23.24
C ASN C 737 43.78 32.09 24.22
N ILE C 738 43.33 30.88 23.87
CA ILE C 738 42.45 30.13 24.74
C ILE C 738 43.14 29.84 26.08
N ALA C 739 44.44 29.54 26.02
CA ALA C 739 45.22 29.23 27.20
C ALA C 739 45.26 30.43 28.13
N SER C 740 45.51 31.61 27.56
CA SER C 740 45.65 32.82 28.34
C SER C 740 44.30 33.33 28.86
N SER C 741 43.28 33.28 28.01
CA SER C 741 42.00 33.91 28.32
C SER C 741 41.14 33.09 29.29
N PHE C 742 41.38 31.79 29.38
CA PHE C 742 40.65 30.93 30.32
C PHE C 742 41.51 30.49 31.50
N TYR C 743 42.71 31.06 31.61
CA TYR C 743 43.58 30.82 32.76
C TYR C 743 43.89 29.33 32.93
N ILE C 744 44.40 28.72 31.87
CA ILE C 744 44.69 27.29 31.86
C ILE C 744 46.20 27.01 31.80
N ASN C 745 46.62 25.95 32.47
CA ASN C 745 48.01 25.52 32.43
C ASN C 745 48.35 24.91 31.07
N HIS C 746 49.50 25.29 30.53
CA HIS C 746 49.91 24.88 29.19
C HIS C 746 49.86 23.36 28.97
N ALA C 747 50.21 22.61 30.01
CA ALA C 747 50.23 21.15 29.91
C ALA C 747 48.84 20.62 29.57
N SER C 748 47.84 21.08 30.31
CA SER C 748 46.46 20.69 30.06
C SER C 748 46.07 21.03 28.63
N MET C 749 46.42 22.24 28.20
CA MET C 749 46.14 22.68 26.85
C MET C 749 46.77 21.74 25.82
N ASP C 750 48.01 21.33 26.08
CA ASP C 750 48.68 20.37 25.21
C ASP C 750 47.88 19.06 25.17
N VAL C 751 47.53 18.54 26.34
CA VAL C 751 46.74 17.31 26.43
C VAL C 751 45.45 17.40 25.62
N TYR C 752 44.68 18.47 25.84
CA TYR C 752 43.44 18.68 25.11
C TYR C 752 43.70 18.79 23.62
N ASN C 753 44.73 19.57 23.27
CA ASN C 753 45.09 19.79 21.87
C ASN C 753 45.39 18.48 21.16
N ARG C 754 46.15 17.62 21.83
CA ARG C 754 46.63 16.40 21.20
C ARG C 754 45.64 15.23 21.26
N GLU C 755 44.87 15.11 22.33
CA GLU C 755 43.96 13.97 22.48
C GLU C 755 42.66 14.08 21.71
N LEU C 756 42.21 15.30 21.43
CA LEU C 756 40.88 15.50 20.86
C LEU C 756 40.80 15.25 19.36
N ASP C 757 40.16 14.15 18.99
CA ASP C 757 39.88 13.80 17.60
C ASP C 757 38.57 14.42 17.16
N GLU C 758 38.29 14.41 15.86
CA GLU C 758 36.98 14.82 15.37
C GLU C 758 35.97 13.73 15.70
N HIS C 759 36.47 12.52 15.92
CA HIS C 759 35.62 11.38 16.24
C HIS C 759 35.43 11.19 17.74
N THR C 760 36.03 12.08 18.54
CA THR C 760 35.97 11.94 20.00
C THR C 760 34.50 11.90 20.45
N THR C 761 34.17 10.88 21.22
CA THR C 761 32.81 10.70 21.74
C THR C 761 32.75 10.86 23.26
N GLN C 762 31.51 10.86 23.78
CA GLN C 762 31.22 11.08 25.19
C GLN C 762 32.24 10.40 26.11
N ILE C 763 32.48 9.12 25.85
CA ILE C 763 33.25 8.27 26.74
C ILE C 763 34.72 8.72 26.83
N ASP C 764 35.27 9.17 25.71
CA ASP C 764 36.67 9.58 25.66
C ASP C 764 36.86 10.94 26.33
N LEU C 765 35.85 11.80 26.22
CA LEU C 765 35.93 13.17 26.72
C LEU C 765 36.23 13.23 28.22
N PHE C 766 35.61 12.33 28.98
CA PHE C 766 35.84 12.29 30.42
C PHE C 766 37.28 11.91 30.74
N ARG C 767 37.81 10.94 30.00
CA ARG C 767 39.18 10.50 30.19
C ARG C 767 40.13 11.63 29.82
N ILE C 768 39.86 12.27 28.68
CA ILE C 768 40.64 13.43 28.25
C ILE C 768 40.62 14.51 29.32
N PHE C 769 39.44 14.77 29.89
CA PHE C 769 39.30 15.73 30.97
C PHE C 769 40.19 15.33 32.15
N SER C 770 40.09 14.08 32.56
CA SER C 770 40.85 13.57 33.70
C SER C 770 42.36 13.78 33.59
N MET C 771 42.89 13.70 32.37
CA MET C 771 44.33 13.76 32.15
C MET C 771 44.95 15.14 32.41
N SER C 772 44.12 16.11 32.80
CA SER C 772 44.57 17.49 32.96
C SER C 772 45.65 17.65 34.03
N GLU C 773 46.50 18.67 33.85
CA GLU C 773 47.54 19.02 34.80
C GLU C 773 46.95 19.36 36.17
N GLU C 774 45.70 19.82 36.18
CA GLU C 774 45.05 20.24 37.41
C GLU C 774 44.83 19.07 38.37
N PHE C 775 44.81 17.87 37.82
CA PHE C 775 44.59 16.65 38.62
C PHE C 775 45.90 15.86 38.73
N LYS C 776 47.02 16.59 38.73
CA LYS C 776 48.35 16.00 38.71
C LYS C 776 48.59 14.96 39.81
N TYR C 777 48.23 15.30 41.05
CA TYR C 777 48.58 14.46 42.19
C TYR C 777 47.39 13.73 42.78
N VAL C 778 46.32 13.54 42.00
CA VAL C 778 45.15 12.85 42.52
C VAL C 778 45.53 11.41 42.81
N SER C 779 46.00 11.16 44.02
CA SER C 779 46.40 9.82 44.44
C SER C 779 45.19 9.00 44.86
N VAL C 780 45.06 7.81 44.28
CA VAL C 780 44.01 6.88 44.69
C VAL C 780 44.48 6.14 45.93
N ARG C 781 44.24 6.75 47.09
CA ARG C 781 44.61 6.13 48.35
C ARG C 781 43.82 4.82 48.45
N TYR C 782 44.48 3.79 48.95
CA TYR C 782 43.93 2.43 48.89
C TYR C 782 42.67 2.28 49.73
N GLU C 783 42.59 3.05 50.82
CA GLU C 783 41.39 3.08 51.66
C GLU C 783 40.13 3.28 50.83
N GLU C 784 40.27 4.07 49.76
CA GLU C 784 39.13 4.42 48.90
C GLU C 784 38.75 3.34 47.90
N LYS C 785 39.59 2.30 47.72
CA LYS C 785 39.38 1.38 46.60
C LYS C 785 37.98 0.80 46.51
N ARG C 786 37.44 0.33 47.63
CA ARG C 786 36.13 -0.30 47.64
C ARG C 786 35.04 0.66 47.19
N GLU C 787 34.93 1.80 47.85
CA GLU C 787 33.86 2.75 47.61
C GLU C 787 33.82 3.26 46.17
N LEU C 788 35.00 3.55 45.62
CA LEU C 788 35.09 4.03 44.24
C LEU C 788 34.75 2.93 43.25
N LYS C 789 35.39 1.78 43.43
CA LYS C 789 35.21 0.64 42.53
C LYS C 789 33.75 0.25 42.40
N GLN C 790 32.98 0.45 43.48
CA GLN C 790 31.54 0.21 43.45
C GLN C 790 30.85 1.09 42.42
N LEU C 791 31.35 2.31 42.26
CA LEU C 791 30.81 3.25 41.27
C LEU C 791 31.35 2.91 39.90
N LEU C 792 32.66 2.69 39.83
CA LEU C 792 33.34 2.39 38.57
C LEU C 792 32.64 1.25 37.83
N GLU C 793 32.16 0.27 38.59
CA GLU C 793 31.39 -0.83 38.02
C GLU C 793 30.10 -0.35 37.35
N LYS C 794 29.42 0.59 37.99
CA LYS C 794 28.08 0.99 37.57
C LYS C 794 27.99 2.45 37.15
N ALA C 795 29.09 3.00 36.64
CA ALA C 795 29.07 4.35 36.12
C ALA C 795 28.12 4.38 34.94
N PRO C 796 27.38 5.49 34.77
CA PRO C 796 26.40 5.52 33.67
C PRO C 796 27.10 5.74 32.33
N ILE C 797 28.33 6.21 32.41
CA ILE C 797 29.16 6.45 31.23
C ILE C 797 30.39 5.56 31.37
N PRO C 798 30.59 4.61 30.44
CA PRO C 798 31.66 3.61 30.56
C PRO C 798 33.02 4.18 30.94
N ILE C 799 33.73 3.48 31.82
CA ILE C 799 35.08 3.86 32.22
C ILE C 799 36.02 2.66 32.06
N ARG C 800 36.91 2.76 31.07
CA ARG C 800 37.84 1.70 30.74
C ARG C 800 39.03 1.65 31.69
N GLU C 801 39.14 2.66 32.55
CA GLU C 801 40.31 2.83 33.40
C GLU C 801 40.30 1.86 34.58
N ASP C 802 41.49 1.45 35.00
CA ASP C 802 41.62 0.51 36.09
C ASP C 802 41.42 1.25 37.41
N ILE C 803 40.92 0.54 38.41
CA ILE C 803 40.66 1.15 39.72
C ILE C 803 41.96 1.65 40.35
N ASP C 804 43.07 1.02 39.98
CA ASP C 804 44.38 1.40 40.51
C ASP C 804 45.03 2.40 39.56
N ASP C 805 44.27 3.45 39.25
CA ASP C 805 44.71 4.50 38.33
C ASP C 805 43.92 5.79 38.61
N PRO C 806 44.61 6.91 38.89
CA PRO C 806 43.97 8.20 39.20
C PRO C 806 42.82 8.60 38.27
N LEU C 807 42.99 8.33 36.98
CA LEU C 807 42.02 8.70 35.95
C LEU C 807 40.63 8.19 36.33
N ALA C 808 40.57 6.96 36.82
CA ALA C 808 39.32 6.36 37.24
C ALA C 808 38.70 7.14 38.40
N LYS C 809 39.53 7.50 39.37
CA LYS C 809 39.05 8.30 40.51
C LYS C 809 38.47 9.62 40.04
N VAL C 810 39.21 10.34 39.20
CA VAL C 810 38.73 11.62 38.69
C VAL C 810 37.41 11.45 37.96
N ASN C 811 37.36 10.53 37.00
CA ASN C 811 36.13 10.25 36.26
C ASN C 811 34.97 9.95 37.19
N VAL C 812 35.21 9.04 38.14
CA VAL C 812 34.20 8.64 39.10
C VAL C 812 33.66 9.84 39.88
N LEU C 813 34.56 10.64 40.47
CA LEU C 813 34.13 11.76 41.29
C LEU C 813 33.40 12.83 40.46
N LEU C 814 33.88 13.09 39.24
CA LEU C 814 33.19 14.04 38.39
C LEU C 814 31.79 13.53 38.07
N GLN C 815 31.70 12.27 37.65
CA GLN C 815 30.42 11.65 37.36
C GLN C 815 29.57 11.51 38.62
N SER C 816 30.22 11.43 39.78
CA SER C 816 29.50 11.38 41.05
C SER C 816 28.84 12.71 41.38
N TYR C 817 29.58 13.80 41.17
CA TYR C 817 29.05 15.14 41.38
C TYR C 817 27.77 15.38 40.55
N PHE C 818 27.74 14.82 39.35
CA PHE C 818 26.60 14.96 38.45
C PHE C 818 25.32 14.27 38.94
N SER C 819 25.45 13.37 39.91
CA SER C 819 24.30 12.71 40.52
C SER C 819 24.12 13.17 41.95
N GLN C 820 24.86 14.20 42.34
CA GLN C 820 24.83 14.76 43.68
C GLN C 820 24.87 13.70 44.76
N LEU C 821 25.94 12.90 44.77
CA LEU C 821 26.10 11.89 45.81
C LEU C 821 26.75 12.50 47.04
N LYS C 822 26.61 11.81 48.16
CA LYS C 822 27.25 12.24 49.39
C LYS C 822 28.32 11.24 49.79
N PHE C 823 29.47 11.75 50.20
CA PHE C 823 30.53 10.91 50.74
C PHE C 823 30.88 11.43 52.13
N GLU C 824 31.22 10.51 53.02
CA GLU C 824 31.47 10.84 54.42
C GLU C 824 32.93 11.18 54.67
N GLY C 825 33.83 10.58 53.89
CA GLY C 825 35.25 10.81 54.08
C GLY C 825 35.65 12.24 53.75
N PHE C 826 36.53 12.78 54.59
CA PHE C 826 37.01 14.16 54.47
C PHE C 826 37.84 14.43 53.20
N ALA C 827 38.88 13.63 53.01
CA ALA C 827 39.78 13.78 51.86
C ALA C 827 39.01 13.70 50.54
N LEU C 828 38.09 12.76 50.46
CA LEU C 828 37.32 12.52 49.25
C LEU C 828 36.43 13.73 48.96
N ASN C 829 35.77 14.24 49.98
CA ASN C 829 34.92 15.42 49.83
C ASN C 829 35.74 16.61 49.34
N SER C 830 36.89 16.84 49.99
CA SER C 830 37.77 17.91 49.56
C SER C 830 38.17 17.71 48.08
N ASP C 831 38.47 16.47 47.72
CA ASP C 831 38.84 16.14 46.35
C ASP C 831 37.72 16.46 45.35
N ILE C 832 36.51 15.96 45.60
CA ILE C 832 35.41 16.20 44.67
C ILE C 832 35.09 17.70 44.60
N VAL C 833 35.26 18.39 45.73
CA VAL C 833 35.15 19.86 45.74
C VAL C 833 36.14 20.45 44.74
N PHE C 834 37.41 20.14 44.92
CA PHE C 834 38.47 20.58 44.00
C PHE C 834 38.08 20.34 42.54
N ILE C 835 37.68 19.10 42.25
CA ILE C 835 37.24 18.73 40.90
C ILE C 835 36.14 19.66 40.39
N HIS C 836 34.99 19.67 41.06
CA HIS C 836 33.86 20.44 40.57
C HIS C 836 34.16 21.94 40.57
N GLN C 837 35.13 22.37 41.38
CA GLN C 837 35.58 23.75 41.34
C GLN C 837 36.32 24.08 40.04
N ASN C 838 37.30 23.26 39.65
CA ASN C 838 38.04 23.53 38.40
C ASN C 838 37.38 23.03 37.11
N ALA C 839 36.44 22.09 37.27
CA ALA C 839 35.76 21.44 36.16
C ALA C 839 35.16 22.43 35.18
N GLY C 840 34.61 23.52 35.70
CA GLY C 840 33.96 24.53 34.89
C GLY C 840 34.89 25.12 33.84
N ARG C 841 35.96 25.75 34.30
CA ARG C 841 36.89 26.39 33.38
C ARG C 841 37.58 25.36 32.50
N LEU C 842 37.90 24.19 33.05
CA LEU C 842 38.50 23.15 32.20
C LEU C 842 37.57 22.75 31.04
N LEU C 843 36.33 22.39 31.37
CA LEU C 843 35.38 21.97 30.35
C LEU C 843 35.09 23.09 29.35
N ARG C 844 34.95 24.31 29.86
CA ARG C 844 34.73 25.46 29.01
C ARG C 844 35.88 25.63 28.02
N ALA C 845 37.11 25.53 28.53
CA ALA C 845 38.30 25.57 27.68
C ALA C 845 38.21 24.51 26.58
N MET C 846 37.95 23.27 26.98
CA MET C 846 37.78 22.18 26.02
C MET C 846 36.75 22.55 24.95
N PHE C 847 35.61 23.07 25.39
CA PHE C 847 34.56 23.48 24.45
C PHE C 847 35.09 24.51 23.46
N GLU C 848 35.73 25.56 23.96
CA GLU C 848 36.29 26.59 23.09
C GLU C 848 37.23 25.98 22.05
N ILE C 849 38.13 25.11 22.51
CA ILE C 849 39.04 24.41 21.60
C ILE C 849 38.27 23.66 20.52
N CYS C 850 37.35 22.80 20.94
CA CYS C 850 36.56 22.01 19.99
C CYS C 850 35.75 22.89 19.05
N LEU C 851 35.30 24.04 19.55
CA LEU C 851 34.50 24.95 18.74
C LEU C 851 35.33 25.60 17.64
N LYS C 852 36.52 26.09 17.99
CA LYS C 852 37.36 26.73 16.99
C LYS C 852 37.81 25.77 15.88
N ARG C 853 37.83 24.47 16.15
CA ARG C 853 38.25 23.49 15.15
C ARG C 853 37.07 22.97 14.31
N GLY C 854 35.85 23.31 14.70
CA GLY C 854 34.68 22.97 13.91
C GLY C 854 34.28 21.51 13.94
N TRP C 855 34.37 20.90 15.12
CA TRP C 855 33.98 19.50 15.31
C TRP C 855 32.64 19.43 16.04
N GLY C 856 31.62 18.91 15.36
CA GLY C 856 30.26 18.94 15.86
C GLY C 856 30.01 18.24 17.19
N HIS C 857 29.97 16.92 17.15
CA HIS C 857 29.60 16.12 18.33
C HIS C 857 30.46 16.44 19.55
N PRO C 858 31.77 16.65 19.35
CA PRO C 858 32.61 17.05 20.50
C PRO C 858 32.10 18.32 21.18
N THR C 859 31.80 19.35 20.39
CA THR C 859 31.27 20.60 20.94
C THR C 859 29.91 20.36 21.58
N ARG C 860 29.05 19.59 20.91
CA ARG C 860 27.76 19.22 21.46
C ARG C 860 27.86 18.63 22.87
N MET C 861 28.67 17.57 22.97
CA MET C 861 28.87 16.88 24.23
C MET C 861 29.48 17.82 25.25
N LEU C 862 30.55 18.50 24.86
CA LEU C 862 31.24 19.41 25.77
C LEU C 862 30.28 20.49 26.28
N LEU C 863 29.41 20.98 25.41
CA LEU C 863 28.40 21.96 25.81
C LEU C 863 27.50 21.38 26.88
N ASN C 864 26.89 20.24 26.57
CA ASN C 864 26.02 19.58 27.54
C ASN C 864 26.78 19.25 28.83
N LEU C 865 28.06 18.95 28.72
CA LEU C 865 28.90 18.68 29.87
C LEU C 865 29.12 19.94 30.71
N CYS C 866 29.37 21.05 30.04
CA CYS C 866 29.51 22.33 30.74
C CYS C 866 28.23 22.69 31.47
N LYS C 867 27.09 22.49 30.81
CA LYS C 867 25.81 22.71 31.45
C LYS C 867 25.61 21.77 32.65
N SER C 868 25.92 20.49 32.46
CA SER C 868 25.82 19.52 33.55
C SER C 868 26.78 19.87 34.70
N ALA C 869 27.91 20.50 34.36
CA ALA C 869 28.88 20.89 35.37
C ALA C 869 28.27 21.90 36.34
N THR C 870 27.48 22.84 35.81
CA THR C 870 26.86 23.87 36.63
C THR C 870 25.53 23.43 37.24
N THR C 871 24.76 22.62 36.52
CA THR C 871 23.44 22.23 36.99
C THR C 871 23.42 20.95 37.83
N LYS C 872 24.59 20.37 38.07
CA LYS C 872 24.72 19.16 38.88
C LYS C 872 23.76 18.09 38.39
N MET C 873 23.65 17.92 37.08
CA MET C 873 22.61 17.07 36.52
C MET C 873 22.85 16.64 35.07
N TRP C 874 22.34 15.45 34.73
CA TRP C 874 22.42 14.93 33.36
C TRP C 874 21.15 15.23 32.57
N PRO C 875 21.24 15.19 31.22
CA PRO C 875 20.09 15.46 30.35
C PRO C 875 18.93 14.49 30.54
N THR C 876 19.16 13.38 31.24
CA THR C 876 18.10 12.39 31.47
C THR C 876 17.14 12.87 32.55
N ASN C 877 17.49 13.97 33.21
CA ASN C 877 16.64 14.58 34.23
C ASN C 877 15.79 15.69 33.62
N CYS C 878 14.65 15.98 34.26
CA CYS C 878 13.71 16.98 33.72
C CYS C 878 14.05 18.40 34.16
N PRO C 879 14.05 19.36 33.21
CA PRO C 879 14.48 20.73 33.52
C PRO C 879 13.63 21.45 34.58
N LEU C 880 12.45 20.93 34.90
CA LEU C 880 11.64 21.51 35.97
C LEU C 880 12.42 21.50 37.28
N ARG C 881 13.30 20.51 37.39
CA ARG C 881 14.22 20.39 38.51
C ARG C 881 15.15 21.60 38.64
N GLN C 882 15.42 22.27 37.53
CA GLN C 882 16.39 23.36 37.51
C GLN C 882 15.92 24.59 38.28
N PHE C 883 14.61 24.74 38.43
CA PHE C 883 14.06 25.85 39.19
C PHE C 883 14.32 25.64 40.68
N LYS C 884 14.64 26.71 41.39
CA LYS C 884 14.86 26.62 42.83
C LYS C 884 13.52 26.51 43.54
N THR C 885 12.47 26.94 42.86
CA THR C 885 11.09 26.81 43.36
C THR C 885 10.30 25.86 42.49
N CYS C 886 10.40 24.57 42.79
CA CYS C 886 9.75 23.54 41.99
C CYS C 886 9.22 22.40 42.85
N PRO C 887 8.21 21.66 42.36
CA PRO C 887 7.72 20.50 43.08
C PRO C 887 8.66 19.31 42.93
N VAL C 888 9.31 18.91 44.02
CA VAL C 888 10.30 17.84 43.97
C VAL C 888 9.68 16.51 43.53
N GLU C 889 8.60 16.10 44.20
CA GLU C 889 8.03 14.78 43.98
C GLU C 889 7.33 14.68 42.62
N VAL C 890 6.91 15.82 42.07
CA VAL C 890 6.26 15.84 40.77
C VAL C 890 7.25 15.48 39.68
N ILE C 891 8.44 16.07 39.77
CA ILE C 891 9.46 15.95 38.73
C ILE C 891 9.92 14.51 38.52
N LYS C 892 10.21 13.83 39.62
CA LYS C 892 10.70 12.46 39.58
C LYS C 892 9.70 11.51 38.91
N ARG C 893 8.44 11.89 38.92
CA ARG C 893 7.39 11.12 38.27
C ARG C 893 7.35 11.39 36.77
N LEU C 894 7.90 12.54 36.36
CA LEU C 894 8.03 12.86 34.94
C LEU C 894 9.32 12.24 34.41
N GLU C 895 10.35 12.24 35.24
CA GLU C 895 11.62 11.63 34.87
C GLU C 895 11.48 10.13 34.55
N ALA C 896 10.47 9.50 35.16
CA ALA C 896 10.22 8.08 34.97
C ALA C 896 9.00 7.83 34.09
N SER C 897 8.60 8.83 33.31
CA SER C 897 7.38 8.76 32.51
C SER C 897 7.66 8.35 31.06
N THR C 898 8.89 8.61 30.59
CA THR C 898 9.29 8.35 29.20
C THR C 898 8.58 9.28 28.23
N VAL C 899 7.83 10.25 28.74
CA VAL C 899 7.09 11.18 27.90
C VAL C 899 7.99 12.33 27.44
N PRO C 900 7.94 12.69 26.15
CA PRO C 900 8.72 13.82 25.63
C PRO C 900 8.48 15.12 26.40
N TRP C 901 9.56 15.84 26.69
CA TRP C 901 9.49 17.09 27.42
C TRP C 901 8.66 18.12 26.65
N GLY C 902 8.85 18.12 25.33
CA GLY C 902 8.15 19.06 24.46
C GLY C 902 6.64 18.97 24.56
N ASP C 903 6.14 17.84 25.06
CA ASP C 903 4.71 17.65 25.20
C ASP C 903 4.17 18.44 26.37
N TYR C 904 5.05 18.81 27.30
CA TYR C 904 4.64 19.59 28.46
C TYR C 904 4.68 21.09 28.16
N LEU C 905 5.60 21.48 27.29
CA LEU C 905 5.81 22.89 26.98
C LEU C 905 4.60 23.49 26.26
N GLN C 906 4.00 22.70 25.37
CA GLN C 906 2.92 23.17 24.52
C GLN C 906 1.53 23.00 25.15
N LEU C 907 1.49 22.67 26.43
CA LEU C 907 0.22 22.59 27.16
C LEU C 907 -0.31 23.97 27.50
N GLU C 908 -1.18 24.51 26.66
CA GLU C 908 -1.65 25.88 26.80
C GLU C 908 -2.76 26.02 27.84
N THR C 909 -2.59 25.35 28.98
CA THR C 909 -3.56 25.43 30.07
C THR C 909 -3.06 24.69 31.31
N PRO C 910 -3.30 25.25 32.51
CA PRO C 910 -2.88 24.59 33.75
C PRO C 910 -3.63 23.27 34.01
N ALA C 911 -4.77 23.10 33.35
CA ALA C 911 -5.60 21.91 33.55
C ALA C 911 -4.88 20.65 33.06
N GLU C 912 -4.42 20.68 31.81
CA GLU C 912 -3.71 19.54 31.23
C GLU C 912 -2.41 19.28 31.98
N VAL C 913 -1.76 20.34 32.44
CA VAL C 913 -0.56 20.23 33.25
C VAL C 913 -0.93 19.45 34.51
N GLY C 914 -1.95 19.93 35.21
CA GLY C 914 -2.42 19.29 36.42
C GLY C 914 -2.84 17.85 36.22
N ARG C 915 -3.51 17.57 35.11
CA ARG C 915 -3.92 16.21 34.77
C ARG C 915 -2.69 15.32 34.58
N ALA C 916 -1.74 15.79 33.78
CA ALA C 916 -0.55 15.03 33.45
C ALA C 916 0.23 14.61 34.71
N ILE C 917 0.30 15.51 35.69
CA ILE C 917 1.07 15.27 36.91
C ILE C 917 0.20 14.78 38.07
N ARG C 918 -1.07 14.55 37.80
CA ARG C 918 -2.02 14.08 38.83
C ARG C 918 -2.15 15.03 40.03
N SER C 919 -2.31 16.32 39.75
CA SER C 919 -2.53 17.30 40.81
C SER C 919 -2.92 18.67 40.25
N GLU C 920 -4.05 19.19 40.72
CA GLU C 920 -4.52 20.53 40.34
C GLU C 920 -3.54 21.59 40.85
N LYS C 921 -3.23 21.50 42.15
CA LYS C 921 -2.30 22.40 42.83
C LYS C 921 -1.04 22.64 42.02
N TYR C 922 -0.34 21.56 41.71
CA TYR C 922 0.94 21.66 41.02
C TYR C 922 0.70 21.92 39.54
N GLY C 923 -0.53 21.70 39.07
CA GLY C 923 -0.87 22.07 37.72
C GLY C 923 -0.82 23.58 37.61
N LYS C 924 -1.54 24.24 38.52
CA LYS C 924 -1.59 25.69 38.57
C LYS C 924 -0.23 26.27 38.91
N GLN C 925 0.54 25.60 39.76
CA GLN C 925 1.91 26.04 40.03
C GLN C 925 2.82 25.90 38.82
N VAL C 926 2.96 24.67 38.32
CA VAL C 926 3.92 24.35 37.27
C VAL C 926 3.59 24.98 35.92
N TYR C 927 2.30 25.17 35.63
CA TYR C 927 1.92 25.85 34.38
C TYR C 927 2.66 27.17 34.22
N ASP C 928 2.74 27.94 35.30
CA ASP C 928 3.43 29.22 35.29
C ASP C 928 4.93 29.04 35.04
N LEU C 929 5.48 27.92 35.52
CA LEU C 929 6.89 27.63 35.34
C LEU C 929 7.17 27.21 33.89
N LEU C 930 6.24 26.46 33.32
CA LEU C 930 6.36 26.03 31.93
C LEU C 930 6.46 27.19 30.95
N LYS C 931 5.59 28.19 31.12
CA LYS C 931 5.55 29.33 30.22
C LYS C 931 6.67 30.33 30.48
N ARG C 932 7.43 30.12 31.55
CA ARG C 932 8.59 30.95 31.85
C ARG C 932 9.86 30.19 31.49
N PHE C 933 9.70 29.03 30.85
CA PHE C 933 10.82 28.23 30.41
C PHE C 933 11.27 28.66 29.01
N PRO C 934 12.59 28.89 28.83
CA PRO C 934 13.08 29.29 27.50
C PRO C 934 12.73 28.30 26.39
N LYS C 935 11.96 28.78 25.42
CA LYS C 935 11.53 27.98 24.28
C LYS C 935 11.49 28.85 23.04
N MET C 936 11.74 28.26 21.88
CA MET C 936 11.74 29.01 20.63
C MET C 936 11.00 28.27 19.52
N SER C 937 10.67 29.02 18.49
CA SER C 937 10.21 28.46 17.22
C SER C 937 10.92 29.26 16.14
N VAL C 938 11.70 28.58 15.31
CA VAL C 938 12.53 29.26 14.33
C VAL C 938 12.28 28.73 12.93
N THR C 939 12.56 29.58 11.94
CA THR C 939 12.52 29.16 10.55
C THR C 939 13.48 30.07 9.77
N CYS C 940 14.05 29.54 8.70
CA CYS C 940 15.07 30.28 7.95
C CYS C 940 15.10 29.87 6.49
N ASN C 941 15.89 30.59 5.70
CA ASN C 941 16.09 30.24 4.31
C ASN C 941 17.48 30.62 3.80
N ALA C 942 17.85 30.01 2.68
CA ALA C 942 19.14 30.23 2.06
C ALA C 942 18.96 31.16 0.87
N GLN C 943 19.99 31.95 0.59
CA GLN C 943 19.94 32.93 -0.48
C GLN C 943 21.30 33.03 -1.17
N PRO C 944 21.44 32.42 -2.36
CA PRO C 944 22.74 32.43 -3.03
C PRO C 944 23.07 33.77 -3.67
N ILE C 945 23.97 34.50 -3.02
CA ILE C 945 24.46 35.77 -3.56
C ILE C 945 25.16 35.53 -4.89
N THR C 946 26.18 34.67 -4.85
CA THR C 946 26.91 34.28 -6.04
C THR C 946 27.31 32.82 -5.94
N ARG C 947 27.91 32.29 -6.99
CA ARG C 947 28.30 30.88 -7.07
C ARG C 947 29.00 30.39 -5.81
N SER C 948 30.00 31.15 -5.35
CA SER C 948 30.86 30.72 -4.25
C SER C 948 30.36 31.17 -2.88
N VAL C 949 29.31 31.99 -2.85
CA VAL C 949 28.83 32.57 -1.60
C VAL C 949 27.35 32.29 -1.38
N MET C 950 27.03 31.77 -0.20
CA MET C 950 25.65 31.55 0.20
C MET C 950 25.32 32.40 1.43
N ARG C 951 24.25 33.18 1.33
CA ARG C 951 23.78 33.97 2.47
C ARG C 951 22.62 33.26 3.14
N PHE C 952 22.70 33.14 4.47
CA PHE C 952 21.64 32.51 5.24
C PHE C 952 20.87 33.58 5.99
N ASN C 953 19.55 33.57 5.81
CA ASN C 953 18.65 34.50 6.50
C ASN C 953 17.72 33.74 7.43
N ILE C 954 17.64 34.17 8.68
CA ILE C 954 16.87 33.45 9.70
C ILE C 954 15.71 34.26 10.29
N GLU C 955 14.75 33.53 10.85
CA GLU C 955 13.61 34.09 11.57
C GLU C 955 13.49 33.39 12.91
N ILE C 956 13.56 34.18 13.98
CA ILE C 956 13.54 33.63 15.33
C ILE C 956 12.44 34.28 16.17
N ILE C 957 11.77 33.43 16.94
CA ILE C 957 10.76 33.82 17.91
C ILE C 957 11.17 33.37 19.31
N ALA C 958 11.23 34.31 20.24
CA ALA C 958 11.45 33.96 21.64
C ALA C 958 10.08 33.76 22.28
N ASP C 959 9.82 32.55 22.77
CA ASP C 959 8.49 32.18 23.24
C ASP C 959 8.50 31.78 24.71
N TRP C 960 8.63 32.78 25.59
CA TRP C 960 8.48 32.54 27.02
C TRP C 960 8.27 33.84 27.78
N ILE C 961 7.90 33.72 29.05
CA ILE C 961 7.70 34.87 29.93
C ILE C 961 9.00 35.22 30.66
N TRP C 962 9.53 36.41 30.40
CA TRP C 962 10.80 36.81 31.00
C TRP C 962 10.63 37.14 32.48
N ASP C 963 10.66 36.12 33.31
CA ASP C 963 10.65 36.30 34.76
C ASP C 963 12.05 36.68 35.22
N MET C 964 12.27 37.98 35.42
CA MET C 964 13.56 38.53 35.81
C MET C 964 14.24 37.77 36.94
N ASN C 965 13.43 37.26 37.88
CA ASN C 965 13.94 36.57 39.05
C ASN C 965 14.83 35.38 38.72
N VAL C 966 14.54 34.72 37.59
CA VAL C 966 15.25 33.50 37.20
C VAL C 966 16.15 33.71 35.98
N HIS C 967 15.67 34.47 35.01
CA HIS C 967 16.37 34.62 33.75
C HIS C 967 17.61 35.52 33.84
N GLY C 968 17.57 36.47 34.77
CA GLY C 968 18.66 37.43 34.92
C GLY C 968 18.58 38.55 33.90
N SER C 969 19.69 39.23 33.68
CA SER C 969 19.72 40.39 32.80
C SER C 969 19.78 40.00 31.32
N LEU C 970 20.17 38.76 31.05
CA LEU C 970 20.46 38.38 29.67
C LEU C 970 20.47 36.86 29.51
N GLU C 971 19.97 36.37 28.37
CA GLU C 971 20.02 34.94 28.06
C GLU C 971 20.80 34.68 26.76
N PRO C 972 22.04 34.18 26.87
CA PRO C 972 22.82 33.85 25.67
C PRO C 972 22.37 32.55 24.99
N PHE C 973 22.59 32.48 23.68
CA PHE C 973 22.26 31.32 22.88
C PHE C 973 23.32 31.03 21.84
N LEU C 974 23.73 29.76 21.76
CA LEU C 974 24.65 29.32 20.72
C LEU C 974 23.91 29.03 19.42
N LEU C 975 24.24 29.80 18.39
CA LEU C 975 23.77 29.60 17.03
C LEU C 975 24.82 28.82 16.27
N MET C 976 24.42 27.72 15.65
CA MET C 976 25.38 26.86 14.95
C MET C 976 24.84 26.28 13.64
N LEU C 977 25.40 26.75 12.52
CA LEU C 977 25.13 26.18 11.20
C LEU C 977 26.17 25.11 10.88
N GLU C 978 25.67 23.90 10.62
CA GLU C 978 26.53 22.73 10.42
C GLU C 978 26.08 21.89 9.22
N ASP C 979 26.92 20.93 8.83
CA ASP C 979 26.70 20.14 7.63
C ASP C 979 25.58 19.11 7.78
N THR C 980 25.40 18.28 6.75
CA THR C 980 24.39 17.24 6.72
C THR C 980 24.63 16.16 7.79
N ASP C 981 25.89 15.78 7.97
CA ASP C 981 26.24 14.70 8.88
C ASP C 981 26.17 15.15 10.34
N GLY C 982 26.38 16.45 10.56
CA GLY C 982 26.49 16.99 11.90
C GLY C 982 27.91 16.89 12.41
N ASP C 983 28.85 16.77 11.48
CA ASP C 983 30.26 16.64 11.81
C ASP C 983 30.96 17.99 11.81
N SER C 984 31.05 18.60 10.64
CA SER C 984 31.74 19.89 10.50
C SER C 984 30.81 21.06 10.76
N ILE C 985 31.31 22.06 11.46
CA ILE C 985 30.56 23.27 11.75
C ILE C 985 30.88 24.33 10.70
N LEU C 986 29.85 24.79 10.01
CA LEU C 986 30.02 25.74 8.91
C LEU C 986 30.12 27.17 9.44
N TYR C 987 29.21 27.51 10.35
CA TYR C 987 29.19 28.83 10.95
C TYR C 987 28.66 28.75 12.37
N TYR C 988 29.14 29.65 13.24
CA TYR C 988 28.66 29.71 14.60
C TYR C 988 28.63 31.15 15.07
N ASP C 989 27.67 31.47 15.93
CA ASP C 989 27.54 32.81 16.48
C ASP C 989 26.85 32.75 17.83
N VAL C 990 26.89 33.86 18.56
CA VAL C 990 26.27 33.95 19.87
C VAL C 990 25.14 34.98 19.83
N LEU C 991 23.92 34.52 20.08
CA LEU C 991 22.76 35.40 20.17
C LEU C 991 22.50 35.73 21.62
N PHE C 992 22.25 37.00 21.90
CA PHE C 992 21.99 37.47 23.25
C PHE C 992 20.54 37.90 23.36
N ILE C 993 19.72 37.04 23.97
CA ILE C 993 18.30 37.30 24.10
C ILE C 993 18.08 38.18 25.33
N THR C 994 17.57 39.38 25.07
CA THR C 994 17.33 40.37 26.10
C THR C 994 15.88 40.35 26.54
N PRO C 995 15.56 41.02 27.65
CA PRO C 995 14.16 41.07 28.12
C PRO C 995 13.18 41.60 27.06
N ASP C 996 13.51 42.75 26.46
CA ASP C 996 12.58 43.47 25.61
C ASP C 996 12.65 43.05 24.14
N ILE C 997 13.30 41.94 23.85
CA ILE C 997 13.33 41.40 22.49
C ILE C 997 12.48 40.13 22.43
N VAL C 998 12.00 39.69 23.58
CA VAL C 998 11.09 38.55 23.65
C VAL C 998 9.71 39.02 23.22
N GLY C 999 9.07 38.26 22.34
CA GLY C 999 7.81 38.66 21.73
C GLY C 999 8.08 39.46 20.47
N HIS C 1000 9.15 40.24 20.48
CA HIS C 1000 9.62 40.92 19.28
C HIS C 1000 10.46 39.95 18.46
N GLU C 1001 9.79 39.05 17.75
CA GLU C 1001 10.47 38.08 16.88
C GLU C 1001 11.36 38.87 15.93
N PHE C 1002 12.46 38.28 15.48
CA PHE C 1002 13.35 39.04 14.61
C PHE C 1002 14.22 38.18 13.71
N THR C 1003 15.05 38.86 12.93
CA THR C 1003 15.84 38.24 11.89
C THR C 1003 17.34 38.44 12.09
N LEU C 1004 18.12 37.64 11.37
CA LEU C 1004 19.56 37.77 11.32
C LEU C 1004 20.01 37.16 10.00
N SER C 1005 21.14 37.61 9.49
CA SER C 1005 21.63 37.10 8.22
C SER C 1005 23.14 36.97 8.26
N PHE C 1006 23.68 36.00 7.54
CA PHE C 1006 25.14 35.89 7.47
C PHE C 1006 25.67 35.19 6.21
N THR C 1007 26.96 35.39 5.98
CA THR C 1007 27.65 34.91 4.79
C THR C 1007 28.40 33.60 5.05
N TYR C 1008 28.26 32.65 4.13
CA TYR C 1008 29.11 31.47 4.12
C TYR C 1008 29.70 31.21 2.74
N GLU C 1009 31.03 31.21 2.65
CA GLU C 1009 31.71 30.85 1.42
C GLU C 1009 31.70 29.35 1.23
N LEU C 1010 31.07 28.90 0.14
CA LEU C 1010 30.81 27.48 -0.10
C LEU C 1010 32.06 26.62 -0.31
N LYS C 1011 32.04 25.44 0.29
CA LYS C 1011 33.09 24.44 0.09
C LYS C 1011 33.24 24.13 -1.40
N GLN C 1012 34.48 23.96 -1.85
CA GLN C 1012 34.76 23.73 -3.27
C GLN C 1012 33.98 22.54 -3.82
N HIS C 1013 33.73 21.54 -2.97
CA HIS C 1013 32.92 20.39 -3.37
C HIS C 1013 31.47 20.80 -3.62
N ASN C 1014 30.86 21.46 -2.65
CA ASN C 1014 29.46 21.84 -2.74
C ASN C 1014 29.24 22.95 -3.75
N GLN C 1015 30.24 23.80 -3.93
CA GLN C 1015 30.18 24.87 -4.91
C GLN C 1015 29.92 24.30 -6.30
N ASN C 1016 30.53 23.16 -6.60
CA ASN C 1016 30.37 22.52 -7.89
C ASN C 1016 29.22 21.50 -7.94
N ASN C 1017 28.99 20.81 -6.83
CA ASN C 1017 27.97 19.77 -6.77
C ASN C 1017 27.03 19.92 -5.56
N LEU C 1018 25.76 20.18 -5.86
CA LEU C 1018 24.72 20.45 -4.87
C LEU C 1018 24.56 19.40 -3.76
N PRO C 1019 24.74 19.81 -2.49
CA PRO C 1019 24.35 18.93 -1.38
C PRO C 1019 22.85 19.02 -1.08
N PRO C 1020 22.29 18.06 -0.33
CA PRO C 1020 20.86 18.10 -0.01
C PRO C 1020 20.46 19.21 0.95
N ASN C 1021 21.13 19.29 2.10
CA ASN C 1021 20.74 20.25 3.12
C ASN C 1021 21.79 20.43 4.23
N PHE C 1022 21.77 21.61 4.84
CA PHE C 1022 22.55 21.87 6.04
C PHE C 1022 21.61 21.87 7.24
N PHE C 1023 22.17 21.97 8.45
CA PHE C 1023 21.37 22.04 9.67
C PHE C 1023 21.71 23.27 10.49
N LEU C 1024 20.68 24.02 10.87
CA LEU C 1024 20.83 25.20 11.71
C LEU C 1024 20.29 24.91 13.10
N THR C 1025 21.18 24.90 14.08
CA THR C 1025 20.83 24.59 15.46
C THR C 1025 20.97 25.80 16.38
N LEU C 1026 20.05 25.93 17.33
CA LEU C 1026 20.10 26.98 18.34
C LEU C 1026 19.98 26.35 19.72
N ILE C 1027 20.96 26.64 20.59
CA ILE C 1027 20.99 26.03 21.92
C ILE C 1027 21.27 27.06 23.02
N SER C 1028 20.57 26.94 24.14
CA SER C 1028 20.80 27.83 25.28
C SER C 1028 22.10 27.49 25.98
N GLU C 1029 22.79 28.52 26.45
CA GLU C 1029 24.07 28.35 27.14
C GLU C 1029 23.90 27.73 28.52
N ASN C 1030 22.69 27.77 29.07
CA ASN C 1030 22.46 27.38 30.46
C ASN C 1030 21.13 26.70 30.76
N TRP C 1031 20.28 26.53 29.75
CA TRP C 1031 19.00 25.85 29.95
C TRP C 1031 18.93 24.50 29.24
N TRP C 1032 18.48 23.49 29.96
CA TRP C 1032 18.39 22.13 29.45
C TRP C 1032 17.23 21.93 28.49
N HIS C 1033 17.48 21.19 27.42
CA HIS C 1033 16.44 20.81 26.46
C HIS C 1033 15.72 22.03 25.90
N SER C 1034 16.44 23.13 25.78
CA SER C 1034 15.95 24.32 25.08
C SER C 1034 16.30 24.22 23.61
N GLU C 1035 17.26 23.34 23.31
CA GLU C 1035 17.78 23.15 21.96
C GLU C 1035 16.68 23.06 20.91
N PHE C 1036 16.86 23.80 19.83
CA PHE C 1036 15.93 23.71 18.70
C PHE C 1036 16.72 23.90 17.41
N GLU C 1037 16.56 22.95 16.48
CA GLU C 1037 17.30 22.97 15.22
C GLU C 1037 16.40 22.64 14.04
N ILE C 1038 16.76 23.17 12.87
CA ILE C 1038 15.98 22.96 11.67
C ILE C 1038 16.86 22.68 10.45
N PRO C 1039 16.32 21.99 9.44
CA PRO C 1039 17.06 21.76 8.20
C PRO C 1039 16.99 22.94 7.24
N VAL C 1040 18.08 23.18 6.51
CA VAL C 1040 18.08 24.16 5.42
C VAL C 1040 18.48 23.44 4.13
N SER C 1041 17.48 23.02 3.38
CA SER C 1041 17.69 22.30 2.13
C SER C 1041 18.02 23.20 0.95
N PHE C 1042 19.09 22.86 0.23
CA PHE C 1042 19.46 23.59 -0.99
C PHE C 1042 18.56 23.24 -2.18
N ASN C 1043 18.06 22.00 -2.20
CA ASN C 1043 17.34 21.40 -3.35
C ASN C 1043 17.14 22.27 -4.59
N GLY C 1044 16.17 23.17 -4.49
CA GLY C 1044 15.77 23.97 -5.63
C GLY C 1044 16.78 24.99 -6.13
N PHE C 1045 17.63 25.50 -5.23
CA PHE C 1045 18.52 26.59 -5.59
C PHE C 1045 19.49 26.14 -6.69
N LYS C 1046 19.66 26.99 -7.70
CA LYS C 1046 20.64 26.82 -8.77
C LYS C 1046 21.66 27.95 -8.73
N LEU C 1047 22.95 27.62 -8.68
CA LEU C 1047 23.98 28.64 -8.56
C LEU C 1047 24.16 29.49 -9.83
N PRO C 1048 24.39 30.81 -9.66
CA PRO C 1048 24.72 31.70 -10.77
C PRO C 1048 26.04 31.30 -11.44
N LYS C 1049 26.19 31.64 -12.72
CA LYS C 1049 27.46 31.43 -13.39
C LYS C 1049 28.50 32.27 -12.68
N LYS C 1050 29.70 31.72 -12.50
CA LYS C 1050 30.79 32.46 -11.87
C LYS C 1050 30.96 33.74 -12.67
N PHE C 1051 31.09 34.86 -11.97
CA PHE C 1051 31.06 36.17 -12.62
C PHE C 1051 32.00 36.22 -13.83
N PRO C 1052 31.52 36.79 -14.95
CA PRO C 1052 32.36 36.92 -16.14
C PRO C 1052 33.36 38.06 -16.03
N PRO C 1053 34.33 38.12 -16.94
CA PRO C 1053 35.35 39.18 -16.87
C PRO C 1053 34.74 40.55 -17.13
N PRO C 1054 35.43 41.61 -16.70
CA PRO C 1054 35.00 42.98 -16.96
C PRO C 1054 35.22 43.38 -18.41
N THR C 1055 35.20 44.68 -18.68
CA THR C 1055 35.46 45.21 -20.03
C THR C 1055 36.75 46.01 -19.93
N PRO C 1056 37.89 45.34 -20.20
CA PRO C 1056 39.20 45.99 -20.04
C PRO C 1056 39.37 47.27 -20.83
N LEU C 1057 40.31 48.10 -20.41
CA LEU C 1057 40.57 49.38 -21.05
C LEU C 1057 41.82 49.26 -21.91
N LEU C 1058 41.68 49.53 -23.20
CA LEU C 1058 42.83 49.53 -24.08
C LEU C 1058 43.65 50.79 -23.82
N GLU C 1059 44.95 50.72 -24.05
CA GLU C 1059 45.81 51.88 -23.84
C GLU C 1059 45.55 52.86 -24.99
N ASN C 1060 44.37 53.47 -25.00
CA ASN C 1060 43.98 54.41 -26.04
C ASN C 1060 43.36 55.65 -25.41
N ILE C 1061 43.93 56.05 -24.28
CA ILE C 1061 43.61 57.31 -23.62
C ILE C 1061 43.76 58.51 -24.56
N SER C 1062 42.63 59.12 -24.92
CA SER C 1062 42.55 60.10 -25.99
C SER C 1062 41.66 61.26 -25.56
N ILE C 1063 41.35 62.15 -26.52
CA ILE C 1063 40.43 63.28 -26.30
C ILE C 1063 41.03 64.41 -25.45
N SER C 1064 40.52 65.61 -25.67
CA SER C 1064 40.96 66.81 -24.96
C SER C 1064 39.79 67.78 -24.83
N THR C 1065 39.97 68.86 -24.07
CA THR C 1065 38.92 69.86 -23.93
C THR C 1065 38.58 70.52 -25.27
N SER C 1066 39.53 70.49 -26.19
CA SER C 1066 39.37 71.13 -27.49
C SER C 1066 38.57 70.24 -28.45
N GLU C 1067 38.31 69.00 -28.04
CA GLU C 1067 37.53 68.08 -28.86
C GLU C 1067 36.06 68.50 -28.89
N LEU C 1068 35.68 69.42 -28.01
CA LEU C 1068 34.35 69.99 -28.01
C LEU C 1068 34.26 71.09 -29.06
N GLY C 1069 33.16 71.10 -29.82
CA GLY C 1069 32.99 72.06 -30.90
C GLY C 1069 33.02 73.50 -30.43
N ASN C 1070 32.15 73.83 -29.49
CA ASN C 1070 32.08 75.19 -28.96
C ASN C 1070 33.21 75.43 -27.96
N ASP C 1071 33.97 76.50 -28.17
CA ASP C 1071 35.06 76.86 -27.27
C ASP C 1071 34.51 77.13 -25.87
N ASP C 1072 33.27 77.59 -25.79
CA ASP C 1072 32.62 77.82 -24.50
C ASP C 1072 32.53 76.52 -23.72
N PHE C 1073 32.35 75.41 -24.43
CA PHE C 1073 32.26 74.10 -23.80
C PHE C 1073 33.63 73.65 -23.28
N SER C 1074 34.69 74.08 -23.95
CA SER C 1074 36.05 73.69 -23.58
C SER C 1074 36.45 74.30 -22.24
N GLU C 1075 35.79 75.39 -21.86
CA GLU C 1075 36.07 76.08 -20.61
C GLU C 1075 35.33 75.44 -19.43
N VAL C 1076 34.61 74.37 -19.71
CA VAL C 1076 33.90 73.63 -18.67
C VAL C 1076 34.91 72.84 -17.84
N PHE C 1077 35.60 71.91 -18.50
CA PHE C 1077 36.60 71.08 -17.83
C PHE C 1077 37.86 71.90 -17.55
N GLU C 1078 38.05 72.97 -18.33
CA GLU C 1078 39.18 73.90 -18.17
C GLU C 1078 40.52 73.24 -18.49
N PHE C 1079 40.96 72.32 -17.63
CA PHE C 1079 42.25 71.63 -17.82
C PHE C 1079 42.27 70.83 -19.12
N LYS C 1080 43.17 71.20 -20.03
CA LYS C 1080 43.17 70.70 -21.41
C LYS C 1080 43.02 69.18 -21.56
N THR C 1081 43.63 68.40 -20.67
CA THR C 1081 43.58 66.95 -20.78
C THR C 1081 42.25 66.39 -20.25
N PHE C 1082 41.82 65.28 -20.84
CA PHE C 1082 40.64 64.57 -20.36
C PHE C 1082 41.05 63.32 -19.58
N ASN C 1083 40.28 62.98 -18.55
CA ASN C 1083 40.64 61.87 -17.68
C ASN C 1083 40.67 60.53 -18.41
N LYS C 1084 41.57 59.66 -17.96
CA LYS C 1084 41.79 58.35 -18.57
C LYS C 1084 40.50 57.59 -18.86
N ILE C 1085 39.77 57.24 -17.80
CA ILE C 1085 38.56 56.42 -17.94
C ILE C 1085 37.43 57.16 -18.67
N GLN C 1086 37.47 58.49 -18.65
CA GLN C 1086 36.43 59.29 -19.28
C GLN C 1086 36.59 59.27 -20.81
N SER C 1087 37.83 59.37 -21.25
CA SER C 1087 38.15 59.37 -22.67
C SER C 1087 37.62 58.13 -23.35
N GLN C 1088 37.63 57.02 -22.62
CA GLN C 1088 37.19 55.74 -23.16
C GLN C 1088 35.74 55.84 -23.62
N VAL C 1089 34.91 56.46 -22.78
CA VAL C 1089 33.48 56.52 -23.03
C VAL C 1089 33.03 57.82 -23.71
N PHE C 1090 33.92 58.81 -23.75
CA PHE C 1090 33.65 60.11 -24.39
C PHE C 1090 32.84 60.00 -25.69
N GLU C 1091 33.30 59.14 -26.61
CA GLU C 1091 32.68 59.00 -27.93
C GLU C 1091 31.19 58.69 -27.88
N SER C 1092 30.79 57.83 -26.95
CA SER C 1092 29.41 57.38 -26.88
C SER C 1092 28.56 58.33 -26.04
N LEU C 1093 29.16 59.43 -25.62
CA LEU C 1093 28.45 60.45 -24.83
C LEU C 1093 28.32 61.75 -25.61
N TYR C 1094 29.45 62.29 -26.08
CA TYR C 1094 29.43 63.59 -26.74
C TYR C 1094 28.84 63.56 -28.15
N ASN C 1095 29.06 62.46 -28.88
CA ASN C 1095 28.57 62.34 -30.24
C ASN C 1095 27.28 61.52 -30.37
N SER C 1096 27.34 60.26 -29.95
CA SER C 1096 26.23 59.34 -30.11
C SER C 1096 25.04 59.71 -29.22
N ASN C 1097 23.84 59.49 -29.74
CA ASN C 1097 22.60 59.73 -29.00
C ASN C 1097 21.95 58.42 -28.54
N ASP C 1098 22.77 57.38 -28.41
CA ASP C 1098 22.27 56.06 -28.04
C ASP C 1098 22.21 55.89 -26.52
N SER C 1099 21.43 54.91 -26.08
CA SER C 1099 21.38 54.55 -24.67
C SER C 1099 22.72 53.96 -24.26
N VAL C 1100 23.26 54.42 -23.13
CA VAL C 1100 24.63 54.08 -22.74
C VAL C 1100 24.77 53.90 -21.24
N PHE C 1101 25.47 52.84 -20.84
CA PHE C 1101 25.70 52.52 -19.44
C PHE C 1101 27.18 52.62 -19.11
N VAL C 1102 27.49 53.23 -17.96
CA VAL C 1102 28.87 53.34 -17.51
C VAL C 1102 28.99 52.87 -16.06
N GLY C 1103 29.56 51.67 -15.91
CA GLY C 1103 29.92 51.14 -14.61
C GLY C 1103 31.38 51.44 -14.34
N SER C 1104 31.63 52.42 -13.48
CA SER C 1104 32.98 52.87 -13.19
C SER C 1104 33.25 52.77 -11.70
N GLY C 1105 34.06 53.68 -11.17
CA GLY C 1105 34.34 53.72 -9.75
C GLY C 1105 34.00 55.09 -9.20
N LYS C 1106 33.42 55.13 -8.00
CA LYS C 1106 33.04 56.41 -7.42
C LYS C 1106 34.30 57.17 -7.03
N GLY C 1107 34.52 58.30 -7.71
CA GLY C 1107 35.72 59.08 -7.55
C GLY C 1107 36.52 59.16 -8.83
N THR C 1108 35.97 58.58 -9.90
CA THR C 1108 36.67 58.52 -11.18
C THR C 1108 36.23 59.62 -12.15
N GLY C 1109 35.01 60.13 -11.95
CA GLY C 1109 34.56 61.32 -12.68
C GLY C 1109 33.31 61.16 -13.54
N LYS C 1110 32.41 60.27 -13.13
CA LYS C 1110 31.16 60.04 -13.86
C LYS C 1110 30.31 61.32 -14.03
N THR C 1111 30.42 62.22 -13.06
CA THR C 1111 29.69 63.49 -13.10
C THR C 1111 29.92 64.22 -14.42
N ALA C 1112 31.19 64.30 -14.83
CA ALA C 1112 31.54 65.00 -16.05
C ALA C 1112 31.01 64.24 -17.26
N MET C 1113 30.90 62.92 -17.14
CA MET C 1113 30.33 62.11 -18.21
C MET C 1113 28.88 62.53 -18.38
N ALA C 1114 28.15 62.61 -17.26
CA ALA C 1114 26.78 63.10 -17.29
C ALA C 1114 26.73 64.49 -17.94
N GLU C 1115 27.67 65.35 -17.55
CA GLU C 1115 27.72 66.70 -18.11
C GLU C 1115 27.95 66.65 -19.62
N LEU C 1116 28.79 65.72 -20.08
CA LEU C 1116 29.03 65.57 -21.51
C LEU C 1116 27.72 65.17 -22.21
N ALA C 1117 27.05 64.17 -21.65
CA ALA C 1117 25.77 63.71 -22.17
C ALA C 1117 24.81 64.89 -22.31
N LEU C 1118 24.76 65.72 -21.27
CA LEU C 1118 23.91 66.91 -21.32
C LEU C 1118 24.34 67.86 -22.44
N LEU C 1119 25.63 68.16 -22.51
CA LEU C 1119 26.14 69.06 -23.54
C LEU C 1119 25.79 68.57 -24.94
N ASN C 1120 25.90 67.26 -25.16
CA ASN C 1120 25.48 66.69 -26.45
C ASN C 1120 23.99 66.87 -26.66
N HIS C 1121 23.20 66.52 -25.64
CA HIS C 1121 21.75 66.69 -25.73
C HIS C 1121 21.37 68.14 -26.02
N TRP C 1122 22.13 69.09 -25.49
CA TRP C 1122 21.81 70.51 -25.69
C TRP C 1122 22.30 71.06 -27.02
N ARG C 1123 23.53 70.77 -27.41
CA ARG C 1123 24.09 71.33 -28.63
C ARG C 1123 23.29 70.91 -29.86
N GLN C 1124 22.52 69.83 -29.73
CA GLN C 1124 21.67 69.36 -30.80
C GLN C 1124 20.25 69.92 -30.68
N ASN C 1125 20.04 70.76 -29.66
CA ASN C 1125 18.75 71.41 -29.43
C ASN C 1125 17.61 70.40 -29.40
N LYS C 1126 17.70 69.46 -28.47
CA LYS C 1126 16.74 68.36 -28.39
C LYS C 1126 15.49 68.71 -27.58
N GLY C 1127 15.64 68.81 -26.26
CA GLY C 1127 14.50 69.09 -25.40
C GLY C 1127 14.78 68.94 -23.92
N ARG C 1128 13.74 68.57 -23.18
CA ARG C 1128 13.81 68.48 -21.72
C ARG C 1128 14.72 67.35 -21.24
N ALA C 1129 15.43 67.60 -20.15
CA ALA C 1129 16.40 66.65 -19.60
C ALA C 1129 16.14 66.37 -18.11
N VAL C 1130 16.08 65.08 -17.77
CA VAL C 1130 15.84 64.67 -16.39
C VAL C 1130 17.06 63.99 -15.77
N TYR C 1131 17.61 64.61 -14.72
CA TYR C 1131 18.71 64.04 -13.97
C TYR C 1131 18.21 63.40 -12.68
N ILE C 1132 18.43 62.09 -12.56
CA ILE C 1132 17.99 61.35 -11.39
C ILE C 1132 19.18 61.03 -10.47
N ASN C 1133 18.97 61.18 -9.17
CA ASN C 1133 19.99 60.89 -8.17
C ASN C 1133 19.39 60.86 -6.77
N PRO C 1134 19.47 59.70 -6.08
CA PRO C 1134 18.93 59.64 -4.71
C PRO C 1134 19.64 60.57 -3.74
N SER C 1135 20.88 60.96 -4.06
CA SER C 1135 21.66 61.84 -3.21
C SER C 1135 21.20 63.30 -3.31
N GLY C 1136 20.41 63.73 -2.34
CA GLY C 1136 19.91 65.10 -2.30
C GLY C 1136 21.04 66.12 -2.28
N GLU C 1137 22.04 65.87 -1.44
CA GLU C 1137 23.19 66.76 -1.31
C GLU C 1137 23.85 66.99 -2.66
N LYS C 1138 24.05 65.90 -3.40
CA LYS C 1138 24.68 65.97 -4.71
C LYS C 1138 23.79 66.74 -5.68
N ILE C 1139 22.48 66.57 -5.56
CA ILE C 1139 21.54 67.36 -6.36
C ILE C 1139 21.74 68.84 -6.07
N ASP C 1140 21.74 69.19 -4.79
CA ASP C 1140 21.92 70.59 -4.38
C ASP C 1140 23.23 71.17 -4.92
N PHE C 1141 24.31 70.41 -4.79
CA PHE C 1141 25.60 70.84 -5.32
C PHE C 1141 25.54 71.01 -6.83
N LEU C 1142 25.06 69.98 -7.53
CA LEU C 1142 25.00 70.00 -8.98
C LEU C 1142 24.13 71.15 -9.48
N LEU C 1143 23.07 71.45 -8.73
CA LEU C 1143 22.22 72.59 -9.05
C LEU C 1143 22.98 73.90 -8.87
N SER C 1144 23.62 74.05 -7.71
CA SER C 1144 24.35 75.28 -7.43
C SER C 1144 25.56 75.44 -8.34
N ASP C 1145 26.06 74.32 -8.84
CA ASP C 1145 27.23 74.34 -9.73
C ASP C 1145 26.87 74.56 -11.20
N TRP C 1146 25.88 73.80 -11.70
CA TRP C 1146 25.61 73.75 -13.14
C TRP C 1146 25.12 75.07 -13.75
N ASN C 1147 24.24 75.78 -13.04
CA ASN C 1147 23.71 77.02 -13.57
C ASN C 1147 24.71 78.17 -13.49
N LYS C 1148 25.94 77.85 -13.09
CA LYS C 1148 27.04 78.80 -13.12
C LYS C 1148 27.98 78.51 -14.31
N ARG C 1149 27.81 77.34 -14.91
CA ARG C 1149 28.72 76.88 -15.97
C ARG C 1149 28.01 76.53 -17.28
N PHE C 1150 26.74 76.17 -17.19
CA PHE C 1150 26.02 75.64 -18.35
C PHE C 1150 24.83 76.50 -18.76
N SER C 1151 24.15 77.06 -17.76
CA SER C 1151 22.95 77.86 -17.99
C SER C 1151 23.19 79.00 -18.97
N HIS C 1152 24.29 79.73 -18.74
CA HIS C 1152 24.55 80.97 -19.45
C HIS C 1152 25.31 80.80 -20.77
N LEU C 1153 25.49 79.56 -21.21
CA LEU C 1153 26.30 79.30 -22.41
C LEU C 1153 25.47 79.14 -23.68
N ALA C 1154 24.17 78.88 -23.54
CA ALA C 1154 23.31 78.71 -24.70
C ALA C 1154 21.84 78.87 -24.35
N GLY C 1155 21.55 79.49 -23.22
CA GLY C 1155 20.18 79.73 -22.82
C GLY C 1155 19.47 78.47 -22.34
N GLY C 1156 19.88 77.98 -21.17
CA GLY C 1156 19.27 76.82 -20.56
C GLY C 1156 18.93 77.13 -19.12
N LYS C 1157 17.78 76.64 -18.66
CA LYS C 1157 17.30 76.88 -17.30
C LYS C 1157 17.30 75.62 -16.45
N ILE C 1158 18.09 75.64 -15.37
CA ILE C 1158 18.20 74.50 -14.46
C ILE C 1158 17.46 74.77 -13.15
N ILE C 1159 16.73 73.78 -12.66
CA ILE C 1159 15.98 73.89 -11.42
C ILE C 1159 15.72 72.50 -10.85
N ASN C 1160 15.80 72.37 -9.52
CA ASN C 1160 15.60 71.07 -8.88
C ASN C 1160 14.12 70.82 -8.62
N LYS C 1161 13.81 69.90 -7.70
CA LYS C 1161 12.45 69.44 -7.53
C LYS C 1161 12.22 68.87 -6.13
N LEU C 1162 11.14 69.30 -5.49
CA LEU C 1162 10.74 68.79 -4.18
C LEU C 1162 9.48 67.95 -4.26
N GLY C 1163 9.65 66.63 -4.21
CA GLY C 1163 8.54 65.70 -4.29
C GLY C 1163 7.42 65.92 -3.28
N ASN C 1164 7.73 66.63 -2.18
CA ASN C 1164 6.74 66.87 -1.13
C ASN C 1164 5.51 67.61 -1.66
N ASP C 1165 5.67 68.27 -2.79
CA ASP C 1165 4.56 68.97 -3.44
C ASP C 1165 4.55 68.68 -4.94
N PRO C 1166 3.86 67.60 -5.36
CA PRO C 1166 3.83 67.19 -6.77
C PRO C 1166 3.30 68.27 -7.72
N SER C 1167 2.35 69.06 -7.24
CA SER C 1167 1.74 70.10 -8.05
C SER C 1167 2.77 71.16 -8.41
N LEU C 1168 3.60 71.53 -7.43
CA LEU C 1168 4.72 72.42 -7.67
C LEU C 1168 5.67 71.78 -8.68
N ASN C 1169 5.96 70.50 -8.48
CA ASN C 1169 6.91 69.78 -9.33
C ASN C 1169 6.52 69.74 -10.79
N LEU C 1170 5.25 69.44 -11.08
CA LEU C 1170 4.77 69.46 -12.46
C LEU C 1170 5.08 70.80 -13.13
N LYS C 1171 4.71 71.88 -12.45
CA LYS C 1171 4.95 73.23 -12.96
C LYS C 1171 6.45 73.48 -13.13
N LEU C 1172 7.24 73.02 -12.16
CA LEU C 1172 8.69 73.13 -12.25
C LEU C 1172 9.23 72.33 -13.45
N LEU C 1173 8.61 71.20 -13.73
CA LEU C 1173 9.01 70.37 -14.87
C LEU C 1173 8.72 71.09 -16.18
N ALA C 1174 7.48 71.53 -16.34
CA ALA C 1174 7.06 72.19 -17.58
C ALA C 1174 7.90 73.42 -17.92
N LYS C 1175 8.30 74.18 -16.91
CA LYS C 1175 8.93 75.49 -17.11
C LYS C 1175 10.46 75.49 -17.12
N SER C 1176 11.09 74.32 -17.27
CA SER C 1176 12.54 74.23 -17.24
C SER C 1176 13.12 73.33 -18.34
N HIS C 1177 14.35 73.62 -18.74
CA HIS C 1177 15.04 72.84 -19.77
C HIS C 1177 15.59 71.54 -19.21
N VAL C 1178 16.12 71.60 -18.00
CA VAL C 1178 16.70 70.44 -17.35
C VAL C 1178 16.39 70.49 -15.86
N LEU C 1179 16.12 69.33 -15.27
CA LEU C 1179 15.84 69.30 -13.83
C LEU C 1179 16.52 68.14 -13.11
N LEU C 1180 16.65 68.30 -11.80
CA LEU C 1180 17.25 67.30 -10.94
C LEU C 1180 16.20 66.76 -9.98
N ALA C 1181 16.12 65.45 -9.84
CA ALA C 1181 15.16 64.86 -8.91
C ALA C 1181 15.67 63.56 -8.32
N THR C 1182 15.13 63.20 -7.16
CA THR C 1182 15.39 61.89 -6.60
C THR C 1182 14.42 60.92 -7.26
N PRO C 1183 14.66 59.61 -7.12
CA PRO C 1183 13.82 58.59 -7.75
C PRO C 1183 12.38 58.70 -7.29
N VAL C 1184 12.24 58.80 -5.98
CA VAL C 1184 10.95 58.83 -5.32
C VAL C 1184 10.16 60.07 -5.74
N GLN C 1185 10.85 61.20 -5.84
CA GLN C 1185 10.23 62.45 -6.22
C GLN C 1185 9.61 62.39 -7.62
N PHE C 1186 10.39 61.89 -8.58
CA PHE C 1186 9.97 61.84 -9.97
C PHE C 1186 8.98 60.71 -10.26
N GLU C 1187 9.13 59.59 -9.56
CA GLU C 1187 8.22 58.46 -9.75
C GLU C 1187 6.77 58.91 -9.55
N LEU C 1188 6.55 59.80 -8.59
CA LEU C 1188 5.23 60.36 -8.31
C LEU C 1188 4.65 61.10 -9.52
N LEU C 1189 5.53 61.63 -10.36
CA LEU C 1189 5.10 62.29 -11.59
C LEU C 1189 4.88 61.24 -12.68
N SER C 1190 5.84 60.33 -12.80
CA SER C 1190 5.78 59.32 -13.86
C SER C 1190 4.62 58.34 -13.67
N ARG C 1191 4.18 58.12 -12.43
CA ARG C 1191 3.11 57.14 -12.19
C ARG C 1191 1.75 57.52 -12.77
N ARG C 1192 1.67 58.66 -13.46
CA ARG C 1192 0.51 58.99 -14.27
C ARG C 1192 0.99 59.68 -15.55
N TRP C 1193 2.03 59.09 -16.14
CA TRP C 1193 2.64 59.60 -17.35
C TRP C 1193 1.65 59.72 -18.51
N ARG C 1194 0.62 58.89 -18.49
CA ARG C 1194 -0.36 58.83 -19.56
C ARG C 1194 -1.01 60.18 -19.86
N GLN C 1195 -1.28 60.95 -18.81
CA GLN C 1195 -2.03 62.21 -18.95
C GLN C 1195 -1.11 63.43 -18.99
N ARG C 1196 -0.07 63.43 -18.15
CA ARG C 1196 0.85 64.57 -18.10
C ARG C 1196 1.66 64.63 -19.39
N LYS C 1197 1.34 65.62 -20.23
CA LYS C 1197 1.92 65.73 -21.56
C LYS C 1197 3.45 65.79 -21.57
N ASN C 1198 4.03 66.47 -20.60
CA ASN C 1198 5.47 66.73 -20.62
C ASN C 1198 6.33 65.55 -20.13
N ILE C 1199 5.70 64.43 -19.80
CA ILE C 1199 6.45 63.24 -19.42
C ILE C 1199 6.97 62.53 -20.68
N GLN C 1200 6.07 62.24 -21.61
CA GLN C 1200 6.45 61.55 -22.83
C GLN C 1200 7.21 62.47 -23.79
N SER C 1201 7.25 63.75 -23.47
CA SER C 1201 8.02 64.72 -24.25
C SER C 1201 9.52 64.54 -24.02
N LEU C 1202 9.87 63.86 -22.93
CA LEU C 1202 11.27 63.67 -22.56
C LEU C 1202 12.07 62.92 -23.61
N GLU C 1203 13.37 63.21 -23.66
CA GLU C 1203 14.26 62.59 -24.63
C GLU C 1203 15.57 62.16 -23.96
N LEU C 1204 15.99 62.89 -22.93
CA LEU C 1204 17.20 62.54 -22.18
C LEU C 1204 16.94 62.33 -20.70
N MET C 1205 17.37 61.17 -20.22
CA MET C 1205 17.36 60.88 -18.79
C MET C 1205 18.70 60.33 -18.31
N ILE C 1206 19.23 61.00 -17.28
CA ILE C 1206 20.48 60.62 -16.66
C ILE C 1206 20.16 59.85 -15.38
N TYR C 1207 20.79 58.69 -15.25
CA TYR C 1207 20.53 57.77 -14.14
C TYR C 1207 21.81 57.57 -13.32
N ASP C 1208 22.07 58.53 -12.44
CA ASP C 1208 23.30 58.52 -11.63
C ASP C 1208 23.16 57.60 -10.42
N ASP C 1209 24.30 57.05 -9.98
CA ASP C 1209 24.34 56.11 -8.86
C ASP C 1209 23.25 55.04 -9.00
N ALA C 1210 23.15 54.46 -10.20
CA ALA C 1210 22.11 53.48 -10.48
C ALA C 1210 22.29 52.20 -9.68
N HIS C 1211 23.51 51.92 -9.23
CA HIS C 1211 23.79 50.72 -8.44
C HIS C 1211 22.83 50.60 -7.26
N GLU C 1212 22.26 51.73 -6.86
CA GLU C 1212 21.36 51.78 -5.73
C GLU C 1212 19.93 51.35 -6.08
N ILE C 1213 19.73 50.74 -7.25
CA ILE C 1213 18.43 50.14 -7.54
C ILE C 1213 18.14 48.96 -6.61
N SER C 1214 19.14 48.57 -5.84
CA SER C 1214 18.99 47.55 -4.80
C SER C 1214 18.88 48.21 -3.43
N GLN C 1215 18.98 49.53 -3.38
CA GLN C 1215 18.95 50.27 -2.13
C GLN C 1215 17.53 50.26 -1.56
N GLY C 1216 17.08 49.08 -1.17
CA GLY C 1216 15.78 48.92 -0.53
C GLY C 1216 14.61 49.38 -1.38
N VAL C 1217 13.57 49.84 -0.70
CA VAL C 1217 12.32 50.23 -1.33
C VAL C 1217 12.55 51.44 -2.23
N TYR C 1218 13.25 52.43 -1.70
CA TYR C 1218 13.55 53.64 -2.45
C TYR C 1218 14.31 53.31 -3.74
N GLY C 1219 15.12 52.26 -3.71
CA GLY C 1219 15.78 51.75 -4.91
C GLY C 1219 14.80 51.04 -5.83
N ALA C 1220 13.94 50.23 -5.24
CA ALA C 1220 12.88 49.56 -5.99
C ALA C 1220 12.06 50.59 -6.77
N VAL C 1221 11.82 51.73 -6.16
CA VAL C 1221 11.15 52.83 -6.83
C VAL C 1221 11.93 53.27 -8.08
N TYR C 1222 13.24 53.42 -7.94
CA TYR C 1222 14.14 53.75 -9.05
C TYR C 1222 13.99 52.76 -10.19
N GLU C 1223 14.00 51.48 -9.82
CA GLU C 1223 13.78 50.41 -10.78
C GLU C 1223 12.45 50.61 -11.49
N THR C 1224 11.39 50.81 -10.72
CA THR C 1224 10.06 51.05 -11.28
C THR C 1224 10.09 52.26 -12.22
N LEU C 1225 10.79 53.32 -11.82
CA LEU C 1225 10.91 54.53 -12.63
C LEU C 1225 11.48 54.23 -14.01
N ILE C 1226 12.70 53.71 -14.04
CA ILE C 1226 13.34 53.47 -15.33
C ILE C 1226 12.53 52.44 -16.14
N SER C 1227 11.93 51.48 -15.43
CA SER C 1227 11.01 50.53 -16.08
C SER C 1227 9.87 51.28 -16.78
N ARG C 1228 9.26 52.22 -16.08
CA ARG C 1228 8.20 53.04 -16.66
C ARG C 1228 8.72 53.74 -17.91
N MET C 1229 9.83 54.46 -17.78
CA MET C 1229 10.36 55.24 -18.90
C MET C 1229 10.65 54.36 -20.12
N ILE C 1230 11.16 53.15 -19.89
CA ILE C 1230 11.29 52.17 -20.97
C ILE C 1230 9.91 51.88 -21.57
N PHE C 1231 8.96 51.53 -20.72
CA PHE C 1231 7.60 51.24 -21.15
C PHE C 1231 6.99 52.40 -21.95
N ILE C 1232 7.35 53.63 -21.59
CA ILE C 1232 6.86 54.80 -22.29
C ILE C 1232 7.53 54.90 -23.66
N ALA C 1233 8.85 54.77 -23.68
CA ALA C 1233 9.60 54.79 -24.93
C ALA C 1233 9.05 53.75 -25.90
N THR C 1234 8.68 52.59 -25.36
CA THR C 1234 8.09 51.54 -26.17
C THR C 1234 6.68 51.89 -26.66
N GLN C 1235 5.75 52.10 -25.73
CA GLN C 1235 4.34 52.25 -26.09
C GLN C 1235 4.04 53.44 -27.00
N LEU C 1236 4.81 54.51 -26.85
CA LEU C 1236 4.61 55.72 -27.65
C LEU C 1236 5.66 55.87 -28.75
N GLU C 1237 6.43 54.81 -28.99
CA GLU C 1237 7.38 54.72 -30.09
C GLU C 1237 8.53 55.73 -30.00
N LYS C 1238 8.24 57.00 -29.73
CA LYS C 1238 9.28 58.01 -29.52
C LYS C 1238 10.31 57.51 -28.52
N LYS C 1239 11.56 57.41 -28.96
CA LYS C 1239 12.62 56.83 -28.14
C LYS C 1239 13.19 57.82 -27.14
N ILE C 1240 13.66 57.28 -26.01
CA ILE C 1240 14.27 58.08 -24.95
C ILE C 1240 15.70 57.61 -24.72
N ARG C 1241 16.59 58.56 -24.46
CA ARG C 1241 17.99 58.24 -24.23
C ARG C 1241 18.26 58.04 -22.74
N PHE C 1242 18.78 56.86 -22.42
CA PHE C 1242 19.11 56.50 -21.05
C PHE C 1242 20.62 56.55 -20.83
N VAL C 1243 21.06 57.37 -19.88
CA VAL C 1243 22.48 57.41 -19.52
C VAL C 1243 22.68 56.97 -18.06
N CYS C 1244 22.91 55.68 -17.86
CA CYS C 1244 23.09 55.14 -16.52
C CYS C 1244 24.54 55.22 -16.08
N LEU C 1245 24.77 55.90 -14.96
CA LEU C 1245 26.09 56.02 -14.37
C LEU C 1245 26.13 55.29 -13.03
N SER C 1246 27.09 54.39 -12.88
CA SER C 1246 27.17 53.56 -11.68
C SER C 1246 28.62 53.34 -11.25
N ASN C 1247 28.80 52.81 -10.04
CA ASN C 1247 30.10 52.33 -9.61
C ASN C 1247 30.25 50.88 -10.06
N CYS C 1248 31.36 50.25 -9.73
CA CYS C 1248 31.67 48.92 -10.25
C CYS C 1248 30.58 47.90 -9.94
N LEU C 1249 30.23 47.10 -10.95
CA LEU C 1249 29.21 46.06 -10.82
C LEU C 1249 29.75 44.72 -11.29
N ALA C 1250 28.89 43.70 -11.24
CA ALA C 1250 29.26 42.37 -11.71
C ALA C 1250 28.90 42.20 -13.19
N ASN C 1251 27.85 41.43 -13.48
CA ASN C 1251 27.43 41.19 -14.86
C ASN C 1251 26.55 42.33 -15.40
N ALA C 1252 27.20 43.32 -16.00
CA ALA C 1252 26.51 44.50 -16.51
C ALA C 1252 25.57 44.18 -17.68
N ARG C 1253 25.75 43.02 -18.29
CA ARG C 1253 24.99 42.65 -19.49
C ARG C 1253 23.49 42.74 -19.29
N ASP C 1254 22.99 42.17 -18.19
CA ASP C 1254 21.56 42.18 -17.90
C ASP C 1254 21.06 43.61 -17.73
N PHE C 1255 21.77 44.39 -16.92
CA PHE C 1255 21.42 45.78 -16.68
C PHE C 1255 21.43 46.61 -17.97
N GLY C 1256 22.41 46.32 -18.84
CA GLY C 1256 22.52 47.02 -20.10
C GLY C 1256 21.38 46.68 -21.03
N GLU C 1257 21.19 45.39 -21.29
CA GLU C 1257 20.12 44.92 -22.15
C GLU C 1257 18.77 45.40 -21.62
N TRP C 1258 18.61 45.36 -20.31
CA TRP C 1258 17.38 45.83 -19.66
C TRP C 1258 17.01 47.24 -20.07
N ALA C 1259 17.96 48.15 -19.96
CA ALA C 1259 17.71 49.57 -20.23
C ALA C 1259 17.80 49.87 -21.72
N GLY C 1260 17.77 48.82 -22.55
CA GLY C 1260 17.83 48.98 -23.99
C GLY C 1260 19.15 49.57 -24.44
N MET C 1261 20.20 49.30 -23.67
CA MET C 1261 21.52 49.85 -23.97
C MET C 1261 22.09 49.18 -25.21
N THR C 1262 22.84 49.95 -25.99
CA THR C 1262 23.63 49.38 -27.08
C THR C 1262 24.76 48.57 -26.46
N LYS C 1263 24.71 47.26 -26.63
CA LYS C 1263 25.69 46.35 -26.02
C LYS C 1263 27.13 46.73 -26.41
N SER C 1264 27.27 47.56 -27.43
CA SER C 1264 28.55 48.14 -27.78
C SER C 1264 29.00 49.08 -26.65
N ASN C 1265 28.03 49.78 -26.06
CA ASN C 1265 28.30 50.84 -25.10
C ASN C 1265 27.84 50.54 -23.67
N ILE C 1266 27.84 49.27 -23.27
CA ILE C 1266 27.46 48.90 -21.90
C ILE C 1266 28.71 48.76 -21.02
N TYR C 1267 29.53 49.80 -21.01
CA TYR C 1267 30.78 49.81 -20.25
C TYR C 1267 30.59 49.39 -18.80
N ASN C 1268 31.51 48.55 -18.32
CA ASN C 1268 31.52 48.14 -16.92
C ASN C 1268 32.91 47.71 -16.47
N PHE C 1269 33.56 48.55 -15.66
CA PHE C 1269 34.92 48.29 -15.22
C PHE C 1269 34.96 47.80 -13.77
N SER C 1270 36.06 47.13 -13.42
CA SER C 1270 36.28 46.62 -12.07
C SER C 1270 37.00 47.67 -11.24
N PRO C 1271 37.02 47.50 -9.91
CA PRO C 1271 37.65 48.48 -8.99
C PRO C 1271 39.12 48.78 -9.32
N SER C 1272 39.88 47.80 -9.78
CA SER C 1272 41.29 48.03 -10.08
C SER C 1272 41.46 48.76 -11.42
N GLU C 1273 40.75 49.88 -11.56
CA GLU C 1273 40.83 50.73 -12.74
C GLU C 1273 40.91 52.19 -12.27
N ARG C 1274 41.34 52.37 -11.02
CA ARG C 1274 41.29 53.68 -10.38
C ARG C 1274 42.18 54.70 -11.09
N ILE C 1275 41.67 55.93 -11.20
CA ILE C 1275 42.37 57.02 -11.85
C ILE C 1275 43.65 57.41 -11.11
N GLU C 1276 43.67 57.19 -9.80
CA GLU C 1276 44.87 57.39 -8.97
C GLU C 1276 45.14 56.13 -8.14
N PRO C 1277 46.34 56.03 -7.56
CA PRO C 1277 46.66 54.83 -6.76
C PRO C 1277 45.98 54.82 -5.39
N LEU C 1278 45.32 53.69 -5.07
CA LEU C 1278 44.64 53.50 -3.79
C LEU C 1278 45.10 52.22 -3.09
N GLU C 1279 45.43 52.36 -1.81
CA GLU C 1279 45.91 51.23 -0.99
C GLU C 1279 44.96 50.91 0.16
N ILE C 1280 44.20 49.82 0.04
CA ILE C 1280 43.25 49.43 1.07
C ILE C 1280 43.88 48.51 2.12
N ASN C 1281 43.90 48.99 3.36
CA ASN C 1281 44.32 48.19 4.50
C ASN C 1281 43.12 47.78 5.36
N ILE C 1282 43.17 46.58 5.93
CA ILE C 1282 42.10 46.09 6.80
C ILE C 1282 42.66 45.35 8.01
N GLN C 1283 42.12 45.65 9.18
CA GLN C 1283 42.55 45.03 10.43
C GLN C 1283 41.35 44.43 11.15
N SER C 1284 41.47 43.16 11.52
CA SER C 1284 40.41 42.43 12.20
C SER C 1284 40.62 42.46 13.72
N PHE C 1285 39.54 42.70 14.45
CA PHE C 1285 39.59 42.73 15.91
C PHE C 1285 38.59 41.74 16.54
N LYS C 1286 38.99 41.16 17.66
CA LYS C 1286 38.21 40.12 18.33
C LYS C 1286 37.16 40.71 19.27
N ASP C 1287 36.01 40.06 19.35
CA ASP C 1287 34.93 40.46 20.25
C ASP C 1287 34.47 41.91 19.99
N VAL C 1288 34.09 42.19 18.74
CA VAL C 1288 33.58 43.50 18.38
C VAL C 1288 32.34 43.40 17.49
N GLU C 1289 32.09 42.21 16.95
CA GLU C 1289 30.99 42.02 16.00
C GLU C 1289 29.60 42.36 16.57
N HIS C 1290 29.52 42.60 17.88
CA HIS C 1290 28.27 43.01 18.52
C HIS C 1290 28.46 44.27 19.38
N ILE C 1291 29.31 45.18 18.91
CA ILE C 1291 29.46 46.49 19.53
C ILE C 1291 30.13 47.43 18.53
N SER C 1292 30.01 48.73 18.75
CA SER C 1292 30.60 49.73 17.86
C SER C 1292 32.08 49.49 17.61
N PHE C 1293 32.91 49.74 18.64
CA PHE C 1293 34.35 49.55 18.53
C PHE C 1293 34.97 49.55 19.93
N ASN C 1294 36.29 49.38 19.98
CA ASN C 1294 36.99 49.36 21.27
C ASN C 1294 38.26 50.22 21.27
N PHE C 1295 38.92 50.24 22.43
CA PHE C 1295 40.08 51.09 22.68
C PHE C 1295 41.27 50.80 21.76
N SER C 1296 41.56 49.52 21.54
CA SER C 1296 42.69 49.15 20.69
C SER C 1296 42.51 49.67 19.25
N MET C 1297 41.27 49.59 18.75
CA MET C 1297 40.95 50.09 17.42
C MET C 1297 41.13 51.61 17.38
N LEU C 1298 40.70 52.26 18.45
CA LEU C 1298 40.87 53.71 18.60
C LEU C 1298 42.36 54.03 18.49
N GLN C 1299 43.18 53.31 19.24
CA GLN C 1299 44.62 53.47 19.18
C GLN C 1299 45.15 53.28 17.75
N MET C 1300 44.78 52.19 17.10
CA MET C 1300 45.15 51.94 15.70
C MET C 1300 44.85 53.16 14.83
N ALA C 1301 43.60 53.62 14.91
CA ALA C 1301 43.15 54.77 14.13
C ALA C 1301 43.99 56.00 14.41
N PHE C 1302 44.17 56.31 15.70
CA PHE C 1302 44.95 57.48 16.10
C PHE C 1302 46.40 57.39 15.63
N GLU C 1303 46.97 56.20 15.71
CA GLU C 1303 48.31 55.95 15.21
C GLU C 1303 48.38 56.30 13.73
N ALA C 1304 47.48 55.69 12.96
CA ALA C 1304 47.42 55.95 11.52
C ALA C 1304 47.25 57.44 11.24
N SER C 1305 46.34 58.08 11.97
CA SER C 1305 46.05 59.50 11.76
C SER C 1305 47.25 60.40 12.04
N ALA C 1306 47.80 60.29 13.25
CA ALA C 1306 48.92 61.13 13.64
C ALA C 1306 50.16 60.82 12.80
N ALA C 1307 50.38 59.53 12.54
CA ALA C 1307 51.50 59.12 11.70
C ALA C 1307 51.34 59.66 10.29
N ALA C 1308 50.12 59.64 9.79
CA ALA C 1308 49.82 60.22 8.48
C ALA C 1308 50.08 61.73 8.50
N ALA C 1309 49.61 62.39 9.54
CA ALA C 1309 49.83 63.82 9.70
C ALA C 1309 51.32 64.12 9.77
N GLY C 1310 52.07 63.21 10.38
CA GLY C 1310 53.51 63.32 10.46
C GLY C 1310 54.16 63.39 9.08
N ASN C 1311 53.45 62.90 8.06
CA ASN C 1311 53.93 62.90 6.69
C ASN C 1311 53.18 63.92 5.83
N ARG C 1312 52.69 64.98 6.46
CA ARG C 1312 52.03 66.08 5.76
C ARG C 1312 50.80 65.60 4.98
N ASN C 1313 50.29 64.43 5.38
CA ASN C 1313 49.12 63.84 4.74
C ASN C 1313 47.89 63.92 5.63
N SER C 1314 47.10 64.98 5.47
CA SER C 1314 45.90 65.21 6.27
C SER C 1314 45.00 63.99 6.28
N SER C 1315 44.35 63.73 7.41
CA SER C 1315 43.59 62.50 7.59
C SER C 1315 42.11 62.73 7.94
N SER C 1316 41.25 61.87 7.38
CA SER C 1316 39.81 61.94 7.65
C SER C 1316 39.31 60.65 8.28
N VAL C 1317 38.70 60.76 9.46
CA VAL C 1317 38.25 59.60 10.23
C VAL C 1317 36.72 59.51 10.28
N PHE C 1318 36.18 58.34 9.96
CA PHE C 1318 34.75 58.10 10.01
C PHE C 1318 34.31 57.28 11.23
N LEU C 1319 33.24 57.75 11.87
CA LEU C 1319 32.64 57.04 13.01
C LEU C 1319 31.13 56.87 12.85
N PRO C 1320 30.54 55.91 13.57
CA PRO C 1320 29.11 55.61 13.47
C PRO C 1320 28.18 56.79 13.76
N SER C 1321 28.52 57.62 14.74
CA SER C 1321 27.63 58.71 15.13
C SER C 1321 28.36 59.87 15.80
N ARG C 1322 27.65 60.98 15.95
CA ARG C 1322 28.14 62.19 16.59
C ARG C 1322 28.70 61.94 17.99
N LYS C 1323 27.92 61.18 18.76
CA LYS C 1323 28.29 60.82 20.13
C LYS C 1323 29.71 60.28 20.20
N ASP C 1324 30.04 59.39 19.28
CA ASP C 1324 31.37 58.79 19.25
C ASP C 1324 32.43 59.82 18.86
N CYS C 1325 32.12 60.66 17.89
CA CYS C 1325 33.04 61.71 17.43
C CYS C 1325 33.42 62.66 18.55
N MET C 1326 32.40 63.15 19.27
CA MET C 1326 32.62 64.07 20.38
C MET C 1326 33.60 63.47 21.40
N GLU C 1327 33.33 62.25 21.83
CA GLU C 1327 34.20 61.54 22.77
C GLU C 1327 35.60 61.35 22.20
N VAL C 1328 35.67 60.91 20.95
CA VAL C 1328 36.95 60.64 20.30
C VAL C 1328 37.76 61.91 20.17
N ALA C 1329 37.11 63.07 20.04
CA ALA C 1329 37.86 64.32 20.06
C ALA C 1329 38.65 64.46 21.37
N SER C 1330 37.97 64.30 22.50
CA SER C 1330 38.63 64.36 23.80
C SER C 1330 39.72 63.31 23.96
N ALA C 1331 39.39 62.07 23.62
CA ALA C 1331 40.38 60.99 23.70
C ALA C 1331 41.59 61.26 22.81
N PHE C 1332 41.32 61.77 21.61
CA PHE C 1332 42.35 62.08 20.62
C PHE C 1332 43.24 63.19 21.18
N MET C 1333 42.61 64.21 21.77
CA MET C 1333 43.34 65.31 22.39
C MET C 1333 44.23 64.79 23.53
N LYS C 1334 43.66 63.95 24.39
CA LYS C 1334 44.43 63.38 25.50
C LYS C 1334 45.61 62.58 24.95
N PHE C 1335 45.38 61.82 23.89
CA PHE C 1335 46.45 61.07 23.23
C PHE C 1335 47.53 62.01 22.71
N SER C 1336 47.13 63.03 21.96
CA SER C 1336 48.08 63.92 21.30
C SER C 1336 48.89 64.75 22.29
N LYS C 1337 48.24 65.29 23.31
CA LYS C 1337 48.92 66.18 24.26
C LYS C 1337 49.94 65.48 25.15
N ALA C 1338 50.20 64.20 24.87
CA ALA C 1338 51.17 63.41 25.63
C ALA C 1338 52.16 62.66 24.73
N ILE C 1339 52.27 63.08 23.46
CA ILE C 1339 53.13 62.39 22.51
C ILE C 1339 53.91 63.34 21.59
N GLU C 1340 54.59 62.75 20.60
CA GLU C 1340 55.48 63.49 19.71
C GLU C 1340 54.75 64.42 18.74
N TRP C 1341 53.91 63.86 17.86
CA TRP C 1341 53.11 64.66 16.95
C TRP C 1341 51.86 65.20 17.65
N ASP C 1342 51.73 66.52 17.76
CA ASP C 1342 50.66 67.09 18.57
C ASP C 1342 50.32 68.54 18.21
N MET C 1343 50.80 69.03 17.08
CA MET C 1343 50.65 70.44 16.74
C MET C 1343 49.24 70.74 16.25
N LEU C 1344 48.89 72.03 16.22
CA LEU C 1344 47.61 72.47 15.66
C LEU C 1344 47.55 72.27 14.15
N ASN C 1345 48.72 72.26 13.52
CA ASN C 1345 48.89 72.29 12.06
C ASN C 1345 48.73 73.72 11.52
N VAL C 1346 48.64 74.68 12.42
CA VAL C 1346 48.49 76.08 12.03
C VAL C 1346 49.02 76.99 13.15
N GLU C 1347 49.12 78.28 12.88
CA GLU C 1347 49.55 79.26 13.87
C GLU C 1347 48.67 79.15 15.11
N GLU C 1348 49.25 79.46 16.28
CA GLU C 1348 48.52 79.36 17.53
C GLU C 1348 47.64 80.57 17.79
N GLU C 1349 47.88 81.65 17.04
CA GLU C 1349 47.13 82.89 17.20
C GLU C 1349 46.00 83.00 16.18
N GLN C 1350 46.33 82.75 14.92
CA GLN C 1350 45.41 83.02 13.80
C GLN C 1350 44.07 82.28 13.94
N ILE C 1351 44.06 81.17 14.68
CA ILE C 1351 42.82 80.41 14.85
C ILE C 1351 42.00 80.94 16.02
N VAL C 1352 42.59 81.82 16.82
CA VAL C 1352 41.93 82.31 18.02
C VAL C 1352 40.66 83.08 17.67
N PRO C 1353 40.74 84.00 16.68
CA PRO C 1353 39.53 84.70 16.26
C PRO C 1353 38.37 83.76 15.96
N TYR C 1354 38.69 82.63 15.31
CA TYR C 1354 37.68 81.68 14.89
C TYR C 1354 36.97 81.04 16.07
N ILE C 1355 37.54 81.16 17.27
CA ILE C 1355 36.89 80.64 18.47
C ILE C 1355 35.74 81.55 18.89
N GLU C 1356 35.70 82.77 18.35
CA GLU C 1356 34.62 83.70 18.68
C GLU C 1356 33.37 83.38 17.86
N LYS C 1357 33.45 82.29 17.09
CA LYS C 1357 32.35 81.84 16.25
C LYS C 1357 31.62 80.68 16.91
N LEU C 1358 31.52 80.68 18.24
CA LEU C 1358 30.87 79.60 18.95
C LEU C 1358 29.38 79.56 18.61
N THR C 1359 29.07 79.10 17.41
CA THR C 1359 27.71 78.81 17.02
C THR C 1359 27.34 77.40 17.50
N ASP C 1360 28.35 76.72 18.04
CA ASP C 1360 28.15 75.45 18.75
C ASP C 1360 29.28 75.32 19.76
N GLY C 1361 28.97 75.57 21.04
CA GLY C 1361 29.97 75.59 22.08
C GLY C 1361 30.82 74.34 22.17
N HIS C 1362 30.20 73.19 21.90
CA HIS C 1362 30.88 71.90 21.96
C HIS C 1362 32.18 71.89 21.18
N LEU C 1363 32.22 72.69 20.11
CA LEU C 1363 33.35 72.71 19.20
C LEU C 1363 34.45 73.66 19.64
N ARG C 1364 34.32 74.22 20.84
CA ARG C 1364 35.34 75.14 21.35
C ARG C 1364 36.68 74.41 21.55
N ALA C 1365 36.75 73.60 22.61
CA ALA C 1365 38.01 73.00 23.03
C ALA C 1365 38.57 71.95 22.05
N PRO C 1366 37.70 71.26 21.30
CA PRO C 1366 38.28 70.34 20.31
C PRO C 1366 39.08 71.08 19.23
N LEU C 1367 38.41 71.96 18.48
CA LEU C 1367 39.05 72.72 17.42
C LEU C 1367 40.22 73.54 17.97
N LYS C 1368 40.10 73.90 19.25
CA LYS C 1368 41.13 74.64 19.96
C LYS C 1368 42.48 73.91 19.95
N HIS C 1369 42.45 72.58 19.87
CA HIS C 1369 43.67 71.79 19.94
C HIS C 1369 44.04 71.16 18.59
N GLY C 1370 43.25 71.43 17.56
CA GLY C 1370 43.58 71.01 16.21
C GLY C 1370 42.84 69.75 15.79
N VAL C 1371 41.54 69.71 16.08
CA VAL C 1371 40.69 68.60 15.65
C VAL C 1371 39.31 69.08 15.22
N GLY C 1372 38.98 68.86 13.95
CA GLY C 1372 37.70 69.24 13.39
C GLY C 1372 36.67 68.13 13.47
N ILE C 1373 35.41 68.51 13.68
CA ILE C 1373 34.31 67.56 13.79
C ILE C 1373 33.20 67.91 12.81
N LEU C 1374 32.49 66.88 12.34
CA LEU C 1374 31.36 67.05 11.43
C LEU C 1374 30.25 66.07 11.78
N TYR C 1375 29.03 66.57 11.92
CA TYR C 1375 27.88 65.75 12.26
C TYR C 1375 26.61 66.26 11.58
N LYS C 1376 25.59 65.41 11.55
CA LYS C 1376 24.33 65.73 10.89
C LYS C 1376 23.52 66.76 11.69
N GLY C 1377 23.04 67.79 11.00
CA GLY C 1377 22.30 68.87 11.63
C GLY C 1377 23.18 70.08 11.92
N MET C 1378 24.44 69.99 11.52
CA MET C 1378 25.40 71.07 11.75
C MET C 1378 24.98 72.37 11.08
N ALA C 1379 25.20 73.47 11.79
CA ALA C 1379 24.90 74.81 11.29
C ALA C 1379 25.82 75.18 10.13
N SER C 1380 25.31 76.01 9.23
CA SER C 1380 26.07 76.42 8.06
C SER C 1380 27.40 77.05 8.47
N ASN C 1381 27.35 77.91 9.48
CA ASN C 1381 28.54 78.55 10.01
C ASN C 1381 29.56 77.52 10.51
N ASP C 1382 29.07 76.54 11.28
CA ASP C 1382 29.94 75.50 11.81
C ASP C 1382 30.67 74.74 10.70
N GLU C 1383 29.92 74.22 9.74
CA GLU C 1383 30.50 73.43 8.66
C GLU C 1383 31.41 74.31 7.80
N ARG C 1384 30.98 75.55 7.56
CA ARG C 1384 31.82 76.52 6.86
C ARG C 1384 33.18 76.63 7.55
N ILE C 1385 33.16 77.02 8.82
CA ILE C 1385 34.37 77.19 9.63
C ILE C 1385 35.25 75.94 9.57
N VAL C 1386 34.69 74.81 10.00
CA VAL C 1386 35.45 73.57 10.10
C VAL C 1386 36.00 73.13 8.75
N LYS C 1387 35.15 73.13 7.72
CA LYS C 1387 35.56 72.68 6.40
C LYS C 1387 36.63 73.59 5.82
N ARG C 1388 36.46 74.90 5.96
CA ARG C 1388 37.46 75.81 5.44
C ARG C 1388 38.77 75.65 6.22
N LEU C 1389 38.67 75.44 7.53
CA LEU C 1389 39.86 75.18 8.32
C LEU C 1389 40.56 73.92 7.83
N TYR C 1390 39.79 72.89 7.51
CA TYR C 1390 40.35 71.67 6.95
C TYR C 1390 41.02 71.94 5.59
N GLU C 1391 40.31 72.63 4.71
CA GLU C 1391 40.81 72.95 3.37
C GLU C 1391 42.02 73.89 3.39
N TYR C 1392 42.03 74.81 4.34
CA TYR C 1392 43.12 75.77 4.46
C TYR C 1392 44.43 75.09 4.85
N GLY C 1393 44.32 73.86 5.35
CA GLY C 1393 45.46 73.12 5.84
C GLY C 1393 45.73 73.52 7.28
N ALA C 1394 44.75 74.19 7.89
CA ALA C 1394 44.87 74.66 9.26
C ALA C 1394 44.73 73.52 10.26
N VAL C 1395 44.26 72.37 9.79
CA VAL C 1395 44.07 71.20 10.64
C VAL C 1395 44.06 69.92 9.82
N SER C 1396 44.87 68.95 10.26
CA SER C 1396 45.03 67.69 9.54
C SER C 1396 44.13 66.58 10.08
N VAL C 1397 43.52 66.81 11.23
CA VAL C 1397 42.71 65.81 11.91
C VAL C 1397 41.22 66.06 11.70
N LEU C 1398 40.60 65.35 10.75
CA LEU C 1398 39.15 65.50 10.54
C LEU C 1398 38.37 64.33 11.12
N LEU C 1399 37.32 64.65 11.88
CA LEU C 1399 36.42 63.64 12.45
C LEU C 1399 35.01 63.77 11.87
N ILE C 1400 34.52 62.68 11.27
CA ILE C 1400 33.24 62.69 10.56
C ILE C 1400 32.27 61.62 11.06
N SER C 1401 31.03 62.04 11.26
CA SER C 1401 29.94 61.10 11.55
C SER C 1401 29.50 60.39 10.28
N LYS C 1402 29.30 59.08 10.37
CA LYS C 1402 28.91 58.24 9.23
C LYS C 1402 27.80 58.86 8.37
N ASP C 1403 26.80 59.42 9.03
CA ASP C 1403 25.67 60.05 8.35
C ASP C 1403 26.06 61.06 7.27
N CYS C 1404 27.20 61.70 7.45
CA CYS C 1404 27.62 62.82 6.60
C CYS C 1404 28.57 62.40 5.46
N SER C 1405 28.48 61.15 5.03
CA SER C 1405 29.24 60.66 3.89
C SER C 1405 29.02 61.50 2.62
N ALA C 1406 27.84 62.11 2.51
CA ALA C 1406 27.50 62.97 1.39
C ALA C 1406 28.51 64.10 1.19
N PHE C 1407 29.01 64.62 2.31
CA PHE C 1407 30.01 65.70 2.28
C PHE C 1407 31.38 65.17 1.88
N ALA C 1408 31.61 65.11 0.56
CA ALA C 1408 32.80 64.48 0.01
C ALA C 1408 34.07 65.29 0.28
N CYS C 1409 34.57 65.19 1.51
CA CYS C 1409 35.83 65.81 1.91
C CYS C 1409 37.03 64.91 1.57
N LYS C 1410 37.55 65.05 0.35
CA LYS C 1410 38.71 64.26 -0.08
C LYS C 1410 39.90 64.46 0.85
N THR C 1411 40.74 63.44 0.96
CA THR C 1411 41.89 63.50 1.85
C THR C 1411 43.06 62.69 1.31
N ASP C 1412 44.17 62.71 2.04
CA ASP C 1412 45.35 61.94 1.67
C ASP C 1412 45.22 60.54 2.25
N GLU C 1413 44.57 60.46 3.41
CA GLU C 1413 44.35 59.18 4.09
C GLU C 1413 43.02 59.19 4.84
N VAL C 1414 42.27 58.11 4.65
CA VAL C 1414 40.95 57.98 5.26
C VAL C 1414 40.94 56.78 6.21
N ILE C 1415 40.25 56.95 7.32
CA ILE C 1415 40.19 55.93 8.37
C ILE C 1415 38.73 55.67 8.70
N ILE C 1416 38.39 54.41 8.92
CA ILE C 1416 37.03 54.02 9.27
C ILE C 1416 37.07 53.26 10.59
N LEU C 1417 36.63 53.93 11.65
CA LEU C 1417 36.73 53.40 13.00
C LEU C 1417 35.41 52.76 13.42
N GLY C 1418 35.35 51.43 13.30
CA GLY C 1418 34.15 50.69 13.60
C GLY C 1418 33.27 50.61 12.38
N THR C 1419 32.54 49.51 12.26
CA THR C 1419 31.65 49.28 11.13
C THR C 1419 30.25 48.92 11.59
N ASN C 1420 30.00 49.05 12.89
CA ASN C 1420 28.70 48.70 13.48
C ASN C 1420 27.94 49.93 13.96
N LEU C 1421 26.63 49.92 13.73
CA LEU C 1421 25.76 50.98 14.23
C LEU C 1421 24.45 50.38 14.74
N TYR C 1422 24.10 50.74 15.97
CA TYR C 1422 22.91 50.20 16.62
C TYR C 1422 21.62 50.80 16.11
N ASP C 1423 20.57 49.97 15.99
CA ASP C 1423 19.24 50.48 15.68
C ASP C 1423 18.19 49.73 16.49
N GLY C 1424 17.21 50.47 16.99
CA GLY C 1424 16.16 49.90 17.82
C GLY C 1424 15.12 49.11 17.05
N ALA C 1425 15.22 49.10 15.73
CA ALA C 1425 14.27 48.36 14.89
C ALA C 1425 14.47 46.86 15.11
N GLU C 1426 15.70 46.40 14.91
CA GLU C 1426 16.05 45.00 15.16
C GLU C 1426 16.56 44.83 16.59
N HIS C 1427 16.66 45.94 17.32
CA HIS C 1427 17.08 45.91 18.72
C HIS C 1427 18.52 45.41 18.83
N LYS C 1428 19.32 45.69 17.81
CA LYS C 1428 20.72 45.26 17.81
C LYS C 1428 21.63 46.15 16.96
N TYR C 1429 22.89 45.71 16.85
CA TYR C 1429 23.89 46.35 15.99
C TYR C 1429 23.82 45.84 14.56
N MET C 1430 23.90 46.76 13.61
CA MET C 1430 23.95 46.40 12.19
C MET C 1430 25.27 46.87 11.59
N PRO C 1431 25.86 46.07 10.69
CA PRO C 1431 27.17 46.43 10.14
C PRO C 1431 27.07 47.29 8.89
N TYR C 1432 28.11 48.06 8.61
CA TYR C 1432 28.19 48.83 7.36
C TYR C 1432 28.10 47.88 6.18
N THR C 1433 27.60 48.37 5.05
CA THR C 1433 27.53 47.59 3.82
C THR C 1433 28.47 48.19 2.77
N ILE C 1434 28.63 47.48 1.66
CA ILE C 1434 29.59 47.84 0.63
C ILE C 1434 29.37 49.25 0.06
N ASN C 1435 28.11 49.63 -0.16
CA ASN C 1435 27.82 50.92 -0.76
C ASN C 1435 28.23 52.07 0.17
N GLU C 1436 27.81 52.00 1.41
CA GLU C 1436 28.18 52.98 2.43
C GLU C 1436 29.71 53.03 2.56
N LEU C 1437 30.28 51.86 2.77
CA LEU C 1437 31.72 51.71 2.96
C LEU C 1437 32.49 52.31 1.80
N LEU C 1438 32.09 51.94 0.58
CA LEU C 1438 32.74 52.45 -0.63
C LEU C 1438 32.56 53.96 -0.74
N GLU C 1439 31.35 54.44 -0.48
CA GLU C 1439 31.07 55.87 -0.56
C GLU C 1439 31.99 56.63 0.38
N MET C 1440 32.24 56.07 1.56
CA MET C 1440 33.26 56.63 2.45
C MET C 1440 34.65 56.48 1.82
N VAL C 1441 34.97 55.29 1.30
CA VAL C 1441 36.28 55.02 0.72
C VAL C 1441 36.58 55.94 -0.45
N GLY C 1442 35.56 56.24 -1.24
CA GLY C 1442 35.71 57.08 -2.42
C GLY C 1442 36.44 58.38 -2.12
N LEU C 1443 36.36 58.82 -0.87
CA LEU C 1443 37.05 60.02 -0.44
C LEU C 1443 38.50 59.72 -0.14
N ALA C 1444 39.23 59.37 -1.19
CA ALA C 1444 40.65 59.05 -1.10
C ALA C 1444 41.35 59.62 -2.31
N SER C 1445 42.26 60.56 -2.07
CA SER C 1445 43.04 61.15 -3.15
C SER C 1445 44.34 61.72 -2.62
N GLY C 1446 45.40 60.91 -2.63
CA GLY C 1446 46.71 61.40 -2.26
C GLY C 1446 47.07 62.47 -3.26
N ASN C 1447 47.72 63.54 -2.81
CA ASN C 1447 48.04 64.65 -3.68
C ASN C 1447 48.85 64.21 -4.90
N ASP C 1448 48.16 64.09 -6.03
CA ASP C 1448 48.74 63.67 -7.30
C ASP C 1448 49.39 62.28 -7.21
N SER C 1449 50.72 62.23 -7.15
CA SER C 1449 51.45 60.97 -7.23
C SER C 1449 51.36 60.16 -5.92
N MET C 1450 51.07 60.84 -4.82
CA MET C 1450 50.99 60.18 -3.52
C MET C 1450 49.81 59.21 -3.52
N ALA C 1451 50.02 58.03 -2.92
CA ALA C 1451 48.97 57.04 -2.85
C ALA C 1451 47.93 57.38 -1.79
N GLY C 1452 46.66 57.30 -2.19
CA GLY C 1452 45.57 57.43 -1.24
C GLY C 1452 45.48 56.16 -0.42
N LYS C 1453 45.42 56.30 0.89
CA LYS C 1453 45.37 55.14 1.79
C LYS C 1453 44.10 55.14 2.62
N VAL C 1454 43.50 53.97 2.75
CA VAL C 1454 42.27 53.81 3.51
C VAL C 1454 42.47 52.70 4.53
N LEU C 1455 42.11 53.01 5.77
CA LEU C 1455 42.25 52.07 6.87
C LEU C 1455 40.87 51.72 7.41
N ILE C 1456 40.49 50.45 7.25
CA ILE C 1456 39.17 49.98 7.67
C ILE C 1456 39.29 49.09 8.90
N LEU C 1457 38.74 49.54 10.03
CA LEU C 1457 38.78 48.76 11.25
C LEU C 1457 37.44 48.09 11.53
N THR C 1458 37.46 46.76 11.66
CA THR C 1458 36.23 46.00 11.83
C THR C 1458 36.45 44.70 12.64
N SER C 1459 35.45 43.82 12.58
CA SER C 1459 35.49 42.55 13.31
C SER C 1459 35.86 41.40 12.39
N HIS C 1460 36.04 40.21 12.96
CA HIS C 1460 36.39 39.02 12.19
C HIS C 1460 35.29 38.62 11.23
N ASN C 1461 34.04 38.73 11.65
CA ASN C 1461 32.91 38.30 10.85
C ASN C 1461 32.66 39.13 9.61
N MET C 1462 33.33 40.28 9.51
CA MET C 1462 33.06 41.23 8.42
C MET C 1462 34.26 41.40 7.48
N LYS C 1463 35.47 41.18 7.99
CA LYS C 1463 36.67 41.35 7.18
C LYS C 1463 36.58 40.54 5.89
N ALA C 1464 36.18 39.28 6.02
CA ALA C 1464 36.03 38.39 4.88
C ALA C 1464 35.11 39.01 3.82
N TYR C 1465 33.92 39.40 4.25
CA TYR C 1465 32.93 39.99 3.38
C TYR C 1465 33.47 41.24 2.68
N TYR C 1466 34.04 42.15 3.46
CA TYR C 1466 34.58 43.39 2.93
C TYR C 1466 35.73 43.16 1.96
N LYS C 1467 36.76 42.45 2.40
CA LYS C 1467 37.94 42.22 1.58
C LYS C 1467 37.57 41.42 0.33
N LYS C 1468 36.58 40.53 0.46
CA LYS C 1468 36.12 39.78 -0.70
C LYS C 1468 35.42 40.69 -1.71
N PHE C 1469 34.41 41.44 -1.25
CA PHE C 1469 33.53 42.18 -2.16
C PHE C 1469 33.99 43.59 -2.58
N LEU C 1470 35.01 44.14 -1.93
CA LEU C 1470 35.50 45.47 -2.32
C LEU C 1470 36.30 45.44 -3.62
N ILE C 1471 36.94 44.30 -3.91
CA ILE C 1471 37.69 44.13 -5.14
C ILE C 1471 36.83 43.47 -6.22
N GLU C 1472 35.95 42.56 -5.78
CA GLU C 1472 35.02 41.88 -6.68
C GLU C 1472 33.57 42.29 -6.37
N PRO C 1473 33.02 43.26 -7.13
CA PRO C 1473 31.72 43.87 -6.82
C PRO C 1473 30.58 42.88 -6.60
N LEU C 1474 29.71 43.22 -5.64
CA LEU C 1474 28.61 42.37 -5.23
C LEU C 1474 27.44 42.43 -6.23
N PRO C 1475 26.80 41.29 -6.52
CA PRO C 1475 25.68 41.26 -7.48
C PRO C 1475 24.50 42.16 -7.14
N THR C 1476 24.03 42.92 -8.11
CA THR C 1476 22.88 43.81 -7.91
C THR C 1476 21.56 43.07 -8.16
N GLU C 1477 20.86 42.73 -7.07
CA GLU C 1477 19.58 42.04 -7.15
C GLU C 1477 18.41 43.02 -6.95
N SER C 1478 17.20 42.54 -7.23
CA SER C 1478 16.01 43.38 -7.20
C SER C 1478 15.20 43.23 -5.91
N TYR C 1479 14.92 44.37 -5.28
CA TYR C 1479 14.07 44.42 -4.08
C TYR C 1479 12.59 44.46 -4.48
N LEU C 1480 12.33 44.61 -5.78
CA LEU C 1480 10.99 44.78 -6.33
C LEU C 1480 9.95 43.81 -5.79
N GLN C 1481 10.39 42.61 -5.45
CA GLN C 1481 9.48 41.56 -4.99
C GLN C 1481 8.71 41.92 -3.73
N TYR C 1482 9.19 42.96 -3.02
CA TYR C 1482 8.60 43.34 -1.74
C TYR C 1482 7.53 44.43 -1.87
N ILE C 1483 7.59 45.22 -2.94
CA ILE C 1483 6.68 46.34 -3.13
C ILE C 1483 5.66 46.06 -4.23
N ILE C 1484 5.31 44.80 -4.41
CA ILE C 1484 4.43 44.39 -5.50
C ILE C 1484 3.04 45.00 -5.35
N HIS C 1485 2.51 44.99 -4.14
CA HIS C 1485 1.17 45.52 -3.88
C HIS C 1485 1.04 46.97 -4.37
N ASP C 1486 2.00 47.80 -4.00
CA ASP C 1486 1.97 49.22 -4.34
C ASP C 1486 2.01 49.45 -5.85
N THR C 1487 3.04 48.90 -6.50
CA THR C 1487 3.22 49.10 -7.93
C THR C 1487 2.08 48.48 -8.73
N LEU C 1488 1.66 47.29 -8.32
CA LEU C 1488 0.56 46.61 -8.99
C LEU C 1488 -0.74 47.41 -8.86
N ASN C 1489 -1.06 47.80 -7.63
CA ASN C 1489 -2.25 48.61 -7.39
C ASN C 1489 -2.21 49.92 -8.16
N ASN C 1490 -1.06 50.58 -8.13
CA ASN C 1490 -0.88 51.84 -8.84
C ASN C 1490 -1.07 51.66 -10.35
N GLU C 1491 -0.45 50.63 -10.90
CA GLU C 1491 -0.60 50.34 -12.33
C GLU C 1491 -2.04 49.95 -12.65
N ILE C 1492 -2.71 49.31 -11.72
CA ILE C 1492 -4.13 49.02 -11.87
C ILE C 1492 -4.95 50.31 -11.84
N ALA C 1493 -4.56 51.23 -10.95
CA ALA C 1493 -5.28 52.48 -10.79
C ALA C 1493 -5.31 53.31 -12.07
N ASN C 1494 -4.15 53.41 -12.73
CA ASN C 1494 -4.03 54.18 -13.96
C ASN C 1494 -4.49 53.41 -15.19
N SER C 1495 -5.12 52.25 -14.97
CA SER C 1495 -5.63 51.40 -16.04
C SER C 1495 -4.54 51.02 -17.06
N ILE C 1496 -3.32 50.87 -16.59
CA ILE C 1496 -2.24 50.33 -17.41
C ILE C 1496 -2.39 48.81 -17.39
N ILE C 1497 -2.57 48.28 -16.18
CA ILE C 1497 -2.89 46.87 -16.00
C ILE C 1497 -4.39 46.77 -15.77
N GLN C 1498 -5.09 46.13 -16.70
CA GLN C 1498 -6.54 46.06 -16.66
C GLN C 1498 -7.02 44.62 -16.50
N SER C 1499 -6.29 43.69 -17.10
CA SER C 1499 -6.61 42.27 -17.03
C SER C 1499 -5.52 41.50 -16.28
N LYS C 1500 -5.85 40.29 -15.85
CA LYS C 1500 -4.92 39.42 -15.15
C LYS C 1500 -3.61 39.22 -15.92
N GLN C 1501 -3.74 38.97 -17.22
CA GLN C 1501 -2.61 38.74 -18.10
C GLN C 1501 -1.62 39.91 -18.08
N ASP C 1502 -2.16 41.12 -18.09
CA ASP C 1502 -1.36 42.34 -18.15
C ASP C 1502 -0.41 42.48 -16.96
N CYS C 1503 -0.78 41.84 -15.84
CA CYS C 1503 0.05 41.88 -14.65
C CYS C 1503 1.41 41.24 -14.92
N VAL C 1504 1.40 39.99 -15.35
CA VAL C 1504 2.63 39.31 -15.72
C VAL C 1504 3.27 39.98 -16.92
N ASP C 1505 2.45 40.38 -17.89
CA ASP C 1505 2.97 41.11 -19.06
C ASP C 1505 3.81 42.32 -18.68
N TRP C 1506 3.34 43.08 -17.69
CA TRP C 1506 4.03 44.27 -17.24
C TRP C 1506 5.49 43.99 -16.83
N PHE C 1507 5.70 42.89 -16.13
CA PHE C 1507 7.02 42.53 -15.62
C PHE C 1507 8.09 42.41 -16.71
N THR C 1508 7.68 42.18 -17.95
CA THR C 1508 8.64 41.97 -19.03
C THR C 1508 9.55 43.19 -19.23
N TYR C 1509 9.13 44.33 -18.68
CA TYR C 1509 9.89 45.57 -18.79
C TYR C 1509 10.78 45.81 -17.57
N SER C 1510 10.71 44.91 -16.60
CA SER C 1510 11.41 45.10 -15.32
C SER C 1510 12.76 44.39 -15.26
N TYR C 1511 13.62 44.87 -14.37
CA TYR C 1511 14.89 44.23 -14.08
C TYR C 1511 14.67 42.90 -13.36
N PHE C 1512 13.70 42.91 -12.45
CA PHE C 1512 13.29 41.72 -11.71
C PHE C 1512 13.06 40.53 -12.63
N TYR C 1513 12.30 40.76 -13.70
CA TYR C 1513 11.98 39.71 -14.66
C TYR C 1513 13.22 39.21 -15.37
N ARG C 1514 14.11 40.14 -15.73
CA ARG C 1514 15.35 39.78 -16.40
C ARG C 1514 16.36 39.17 -15.43
N ARG C 1515 16.20 39.46 -14.15
CA ARG C 1515 17.14 39.00 -13.13
C ARG C 1515 16.69 37.73 -12.43
N ILE C 1516 15.39 37.45 -12.43
CA ILE C 1516 14.88 36.25 -11.78
C ILE C 1516 15.22 35.00 -12.61
N HIS C 1517 15.50 35.19 -13.89
CA HIS C 1517 15.85 34.08 -14.76
C HIS C 1517 17.29 33.62 -14.56
N VAL C 1518 18.16 34.57 -14.22
CA VAL C 1518 19.59 34.28 -14.08
C VAL C 1518 19.93 33.91 -12.64
N ASN C 1519 18.95 33.97 -11.76
CA ASN C 1519 19.14 33.61 -10.36
C ASN C 1519 17.79 33.43 -9.67
N PRO C 1520 16.97 32.50 -10.19
CA PRO C 1520 15.65 32.21 -9.61
C PRO C 1520 15.79 31.70 -8.18
N SER C 1521 17.01 31.28 -7.86
CA SER C 1521 17.36 30.79 -6.54
C SER C 1521 17.25 31.90 -5.50
N TYR C 1522 17.80 33.06 -5.82
CA TYR C 1522 17.84 34.21 -4.91
C TYR C 1522 16.45 34.62 -4.46
N TYR C 1523 15.48 34.52 -5.38
CA TYR C 1523 14.14 35.02 -5.13
C TYR C 1523 13.23 33.89 -4.63
N GLY C 1524 13.86 32.77 -4.29
CA GLY C 1524 13.19 31.66 -3.64
C GLY C 1524 12.40 30.74 -4.55
N VAL C 1525 12.62 30.83 -5.86
CA VAL C 1525 11.93 29.93 -6.78
C VAL C 1525 12.54 28.54 -6.66
N ARG C 1526 11.76 27.59 -6.14
CA ARG C 1526 12.25 26.23 -5.90
C ARG C 1526 12.41 25.41 -7.18
N ASP C 1527 11.49 25.58 -8.13
CA ASP C 1527 11.50 24.77 -9.36
C ASP C 1527 12.65 25.12 -10.31
N THR C 1528 12.93 26.41 -10.44
CA THR C 1528 14.04 26.92 -11.27
C THR C 1528 13.75 26.88 -12.78
N SER C 1529 12.89 25.97 -13.22
CA SER C 1529 12.59 25.86 -14.64
C SER C 1529 11.92 27.14 -15.14
N PRO C 1530 12.17 27.52 -16.42
CA PRO C 1530 11.51 28.70 -16.99
C PRO C 1530 9.99 28.62 -16.82
N HIS C 1531 9.46 27.43 -17.07
CA HIS C 1531 8.06 27.12 -16.77
C HIS C 1531 7.80 27.47 -15.31
N GLY C 1532 8.66 26.96 -14.43
CA GLY C 1532 8.59 27.25 -13.01
C GLY C 1532 8.58 28.73 -12.70
N ILE C 1533 9.32 29.51 -13.50
CA ILE C 1533 9.38 30.96 -13.30
C ILE C 1533 8.06 31.59 -13.72
N SER C 1534 7.51 31.17 -14.86
CA SER C 1534 6.19 31.63 -15.27
C SER C 1534 5.15 31.28 -14.19
N VAL C 1535 5.26 30.06 -13.66
CA VAL C 1535 4.41 29.63 -12.56
C VAL C 1535 4.59 30.54 -11.36
N PHE C 1536 5.85 30.82 -11.01
CA PHE C 1536 6.17 31.70 -9.89
C PHE C 1536 5.52 33.07 -10.05
N LEU C 1537 5.67 33.66 -11.22
CA LEU C 1537 5.05 34.95 -11.51
C LEU C 1537 3.53 34.85 -11.38
N SER C 1538 2.95 33.82 -12.00
CA SER C 1538 1.51 33.62 -11.93
C SER C 1538 1.01 33.54 -10.48
N ASN C 1539 1.59 32.65 -9.70
CA ASN C 1539 1.21 32.49 -8.30
C ASN C 1539 1.44 33.75 -7.48
N LEU C 1540 2.60 34.36 -7.67
CA LEU C 1540 2.94 35.63 -7.03
C LEU C 1540 1.85 36.67 -7.27
N VAL C 1541 1.60 36.96 -8.54
CA VAL C 1541 0.60 37.94 -8.93
C VAL C 1541 -0.78 37.57 -8.38
N GLU C 1542 -1.15 36.30 -8.51
CA GLU C 1542 -2.45 35.84 -8.02
C GLU C 1542 -2.60 36.09 -6.52
N THR C 1543 -1.61 35.67 -5.75
CA THR C 1543 -1.62 35.89 -4.30
C THR C 1543 -1.72 37.38 -3.98
N CYS C 1544 -0.89 38.18 -4.64
CA CYS C 1544 -0.91 39.62 -4.42
C CYS C 1544 -2.31 40.19 -4.69
N LEU C 1545 -2.89 39.79 -5.83
CA LEU C 1545 -4.22 40.25 -6.19
C LEU C 1545 -5.25 39.78 -5.17
N ASN C 1546 -5.11 38.55 -4.69
CA ASN C 1546 -6.00 38.04 -3.65
C ASN C 1546 -5.93 38.92 -2.39
N ASP C 1547 -4.71 39.25 -1.99
CA ASP C 1547 -4.52 40.14 -0.84
C ASP C 1547 -5.10 41.52 -1.12
N LEU C 1548 -4.92 42.02 -2.35
CA LEU C 1548 -5.46 43.32 -2.72
C LEU C 1548 -6.98 43.35 -2.68
N VAL C 1549 -7.62 42.36 -3.29
CA VAL C 1549 -9.08 42.31 -3.35
C VAL C 1549 -9.67 41.99 -1.98
N GLU C 1550 -8.93 41.23 -1.18
CA GLU C 1550 -9.34 40.92 0.19
C GLU C 1550 -9.71 42.17 0.97
N SER C 1551 -8.89 43.21 0.86
CA SER C 1551 -9.09 44.44 1.62
C SER C 1551 -9.75 45.55 0.80
N SER C 1552 -10.42 45.16 -0.29
CA SER C 1552 -11.18 46.08 -1.12
C SER C 1552 -10.35 47.23 -1.67
N PHE C 1553 -9.22 46.89 -2.28
CA PHE C 1553 -8.41 47.85 -3.03
C PHE C 1553 -8.78 47.77 -4.51
N ILE C 1554 -9.20 46.58 -4.93
CA ILE C 1554 -9.60 46.34 -6.31
C ILE C 1554 -10.93 45.60 -6.36
N GLU C 1555 -11.55 45.57 -7.54
CA GLU C 1555 -12.78 44.83 -7.76
C GLU C 1555 -12.67 43.93 -8.97
N ILE C 1556 -13.05 42.65 -8.78
CA ILE C 1556 -12.96 41.64 -9.82
C ILE C 1556 -14.28 41.43 -10.55
N ASP C 1557 -14.38 41.99 -11.76
CA ASP C 1557 -15.52 41.73 -12.62
C ASP C 1557 -15.34 40.35 -13.26
N ASP C 1558 -16.22 39.44 -12.86
CA ASP C 1558 -16.16 38.03 -13.24
C ASP C 1558 -16.48 37.80 -14.72
N THR C 1559 -15.98 36.69 -15.25
CA THR C 1559 -16.25 36.31 -16.63
C THR C 1559 -17.70 35.88 -16.80
N THR C 1575 -11.16 37.21 -21.05
CA THR C 1575 -10.56 37.28 -19.73
C THR C 1575 -11.45 38.06 -18.77
N GLU C 1576 -11.45 37.67 -17.51
CA GLU C 1576 -12.15 38.43 -16.47
C GLU C 1576 -11.46 39.78 -16.36
N ILE C 1577 -12.07 40.75 -15.69
CA ILE C 1577 -11.44 42.06 -15.61
C ILE C 1577 -11.56 42.71 -14.24
N ILE C 1578 -10.46 43.36 -13.83
CA ILE C 1578 -10.35 43.97 -12.52
C ILE C 1578 -10.27 45.49 -12.64
N SER C 1579 -10.87 46.19 -11.68
CA SER C 1579 -10.83 47.65 -11.67
C SER C 1579 -10.57 48.22 -10.27
N THR C 1580 -9.89 49.36 -10.23
CA THR C 1580 -9.50 50.01 -8.98
C THR C 1580 -10.68 50.49 -8.16
N LEU C 1581 -10.47 50.59 -6.85
CA LEU C 1581 -11.46 51.13 -5.92
C LEU C 1581 -10.89 52.32 -5.14
N SER C 1582 -11.69 52.85 -4.21
CA SER C 1582 -11.34 54.05 -3.46
C SER C 1582 -9.95 53.99 -2.81
N ASN C 1583 -9.81 53.12 -1.81
CA ASN C 1583 -8.59 53.01 -1.03
C ASN C 1583 -7.35 52.91 -1.90
N GLY C 1584 -7.40 52.04 -2.90
CA GLY C 1584 -6.27 51.85 -3.79
C GLY C 1584 -5.99 53.09 -4.60
N LEU C 1585 -7.05 53.78 -5.03
CA LEU C 1585 -6.88 55.03 -5.77
C LEU C 1585 -6.20 56.07 -4.89
N ILE C 1586 -6.63 56.16 -3.64
CA ILE C 1586 -5.98 57.04 -2.67
C ILE C 1586 -4.49 56.71 -2.58
N ALA C 1587 -4.22 55.44 -2.27
CA ALA C 1587 -2.86 54.93 -2.13
C ALA C 1587 -2.00 55.29 -3.34
N SER C 1588 -2.51 55.01 -4.53
CA SER C 1588 -1.79 55.28 -5.76
C SER C 1588 -1.68 56.79 -6.02
N HIS C 1589 -2.73 57.53 -5.65
CA HIS C 1589 -2.77 58.97 -5.88
C HIS C 1589 -1.68 59.68 -5.08
N TYR C 1590 -1.62 59.41 -3.78
CA TYR C 1590 -0.68 60.10 -2.91
C TYR C 1590 0.66 59.37 -2.81
N GLY C 1591 0.67 58.09 -3.14
CA GLY C 1591 1.90 57.31 -3.10
C GLY C 1591 2.21 56.83 -1.70
N VAL C 1592 1.25 56.13 -1.10
CA VAL C 1592 1.41 55.56 0.24
C VAL C 1592 1.29 54.04 0.17
N SER C 1593 2.08 53.37 1.00
CA SER C 1593 2.16 51.91 0.97
C SER C 1593 0.84 51.24 1.36
N PHE C 1594 0.55 50.12 0.69
CA PHE C 1594 -0.62 49.31 0.97
C PHE C 1594 -0.81 49.03 2.46
N PHE C 1595 0.30 48.73 3.13
CA PHE C 1595 0.24 48.28 4.52
C PHE C 1595 -0.12 49.43 5.47
N THR C 1596 0.34 50.63 5.12
CA THR C 1596 -0.02 51.82 5.88
C THR C 1596 -1.53 52.07 5.75
N ILE C 1597 -2.02 52.00 4.53
CA ILE C 1597 -3.45 52.14 4.25
C ILE C 1597 -4.21 51.09 5.05
N GLN C 1598 -3.75 49.84 4.94
CA GLN C 1598 -4.35 48.73 5.68
C GLN C 1598 -4.42 49.04 7.16
N SER C 1599 -3.31 49.54 7.71
CA SER C 1599 -3.25 49.89 9.12
C SER C 1599 -4.28 50.98 9.44
N PHE C 1600 -4.33 52.01 8.59
CA PHE C 1600 -5.28 53.11 8.79
C PHE C 1600 -6.73 52.65 8.74
N VAL C 1601 -7.07 51.85 7.74
CA VAL C 1601 -8.45 51.40 7.53
C VAL C 1601 -8.98 50.60 8.72
N SER C 1602 -8.16 49.69 9.23
CA SER C 1602 -8.59 48.78 10.29
C SER C 1602 -8.45 49.39 11.68
N SER C 1603 -8.13 50.69 11.74
CA SER C 1603 -7.93 51.38 13.02
C SER C 1603 -8.82 52.60 13.18
N LEU C 1604 -9.03 53.32 12.08
CA LEU C 1604 -9.83 54.56 12.11
C LEU C 1604 -11.33 54.29 12.20
N SER C 1605 -12.01 55.19 12.90
CA SER C 1605 -13.46 55.10 13.09
C SER C 1605 -14.06 56.51 13.11
N ASN C 1606 -15.37 56.62 12.94
CA ASN C 1606 -16.04 57.91 12.95
C ASN C 1606 -16.03 58.56 14.33
N THR C 1607 -15.69 57.78 15.35
CA THR C 1607 -15.61 58.29 16.72
C THR C 1607 -14.17 58.63 17.09
N SER C 1608 -13.25 58.45 16.14
CA SER C 1608 -11.84 58.72 16.37
C SER C 1608 -11.60 60.22 16.46
N THR C 1609 -10.69 60.62 17.33
CA THR C 1609 -10.39 62.03 17.54
C THR C 1609 -8.98 62.40 17.10
N LEU C 1610 -8.58 63.63 17.41
CA LEU C 1610 -7.29 64.17 17.00
C LEU C 1610 -6.12 63.33 17.51
N LYS C 1611 -6.11 63.07 18.82
CA LYS C 1611 -5.07 62.24 19.42
C LYS C 1611 -4.97 60.91 18.68
N ASN C 1612 -6.10 60.24 18.55
CA ASN C 1612 -6.15 58.96 17.88
C ASN C 1612 -5.64 59.05 16.45
N MET C 1613 -5.92 60.15 15.78
CA MET C 1613 -5.45 60.36 14.42
C MET C 1613 -3.94 60.54 14.38
N LEU C 1614 -3.40 61.30 15.34
CA LEU C 1614 -1.95 61.43 15.44
C LEU C 1614 -1.30 60.08 15.69
N TYR C 1615 -1.80 59.34 16.66
CA TYR C 1615 -1.28 58.01 16.97
C TYR C 1615 -1.35 57.10 15.75
N VAL C 1616 -2.51 57.05 15.11
CA VAL C 1616 -2.68 56.25 13.90
C VAL C 1616 -1.67 56.67 12.84
N LEU C 1617 -1.50 57.98 12.69
CA LEU C 1617 -0.53 58.52 11.75
C LEU C 1617 0.87 57.97 12.05
N SER C 1618 1.26 58.03 13.33
CA SER C 1618 2.59 57.59 13.74
C SER C 1618 2.90 56.13 13.41
N THR C 1619 1.89 55.33 13.07
CA THR C 1619 2.09 53.90 12.82
C THR C 1619 2.47 53.59 11.37
N ALA C 1620 2.53 54.61 10.53
CA ALA C 1620 2.82 54.42 9.11
C ALA C 1620 4.16 53.72 8.90
N VAL C 1621 4.20 52.84 7.91
CA VAL C 1621 5.42 52.11 7.59
C VAL C 1621 6.53 53.06 7.19
N GLU C 1622 6.15 54.18 6.58
CA GLU C 1622 7.11 55.14 6.05
C GLU C 1622 8.02 55.73 7.13
N PHE C 1623 7.64 55.55 8.39
CA PHE C 1623 8.42 56.09 9.50
C PHE C 1623 9.39 55.08 10.11
N GLU C 1624 9.39 53.85 9.57
CA GLU C 1624 10.30 52.82 10.07
C GLU C 1624 11.74 53.15 9.71
N SER C 1625 11.93 53.98 8.68
CA SER C 1625 13.26 54.40 8.25
C SER C 1625 13.84 55.46 9.17
N VAL C 1626 13.06 55.89 10.16
CA VAL C 1626 13.51 56.90 11.11
C VAL C 1626 14.46 56.27 12.14
N PRO C 1627 15.58 56.94 12.44
CA PRO C 1627 16.56 56.41 13.40
C PRO C 1627 15.99 56.04 14.77
N LEU C 1628 16.67 55.12 15.44
CA LEU C 1628 16.33 54.74 16.82
C LEU C 1628 17.63 54.48 17.57
N ARG C 1629 18.29 55.55 17.99
CA ARG C 1629 19.62 55.48 18.57
C ARG C 1629 19.67 54.71 19.88
N LYS C 1630 20.85 54.20 20.21
CA LYS C 1630 21.06 53.42 21.43
C LYS C 1630 20.81 54.24 22.69
N GLY C 1631 19.71 53.95 23.37
CA GLY C 1631 19.42 54.56 24.66
C GLY C 1631 18.74 55.91 24.55
N ASP C 1632 18.38 56.31 23.34
CA ASP C 1632 17.71 57.59 23.13
C ASP C 1632 16.34 57.59 23.82
N ARG C 1633 15.81 56.39 24.04
CA ARG C 1633 14.52 56.20 24.71
C ARG C 1633 14.39 57.03 25.97
N ALA C 1634 15.46 57.12 26.73
CA ALA C 1634 15.46 57.89 27.97
C ALA C 1634 15.07 59.34 27.71
N LEU C 1635 15.49 59.87 26.57
CA LEU C 1635 15.18 61.26 26.23
C LEU C 1635 13.72 61.39 25.81
N LEU C 1636 13.22 60.41 25.07
CA LEU C 1636 11.83 60.43 24.61
C LEU C 1636 10.87 60.30 25.78
N VAL C 1637 11.24 59.50 26.78
CA VAL C 1637 10.44 59.37 27.98
C VAL C 1637 10.42 60.69 28.76
N LYS C 1638 11.56 61.39 28.76
CA LYS C 1638 11.65 62.70 29.41
C LYS C 1638 10.73 63.70 28.70
N LEU C 1639 10.61 63.57 27.38
CA LEU C 1639 9.75 64.45 26.60
C LEU C 1639 8.28 64.15 26.86
N SER C 1640 7.96 62.87 27.07
CA SER C 1640 6.57 62.45 27.26
C SER C 1640 5.92 63.13 28.45
N LYS C 1641 6.74 63.68 29.35
CA LYS C 1641 6.24 64.39 30.52
C LYS C 1641 6.06 65.88 30.27
N ARG C 1642 6.57 66.35 29.14
CA ARG C 1642 6.40 67.74 28.73
C ARG C 1642 5.22 67.88 27.78
N LEU C 1643 4.71 66.73 27.32
CA LEU C 1643 3.64 66.69 26.33
C LEU C 1643 2.36 66.09 26.91
N PRO C 1644 1.19 66.69 26.60
CA PRO C 1644 -0.08 66.30 27.21
C PRO C 1644 -0.59 64.94 26.75
N LEU C 1645 -0.63 64.73 25.43
CA LEU C 1645 -1.16 63.49 24.87
C LEU C 1645 -0.30 62.30 25.27
N ARG C 1646 -0.96 61.20 25.64
CA ARG C 1646 -0.26 60.01 26.10
C ARG C 1646 -0.28 58.89 25.09
N PHE C 1647 0.90 58.40 24.74
CA PHE C 1647 1.04 57.25 23.88
C PHE C 1647 0.27 56.08 24.49
N PRO C 1648 -0.59 55.41 23.70
CA PRO C 1648 -1.38 54.30 24.24
C PRO C 1648 -0.53 53.26 24.96
N GLU C 1649 -0.95 52.88 26.16
CA GLU C 1649 -0.15 52.02 27.03
C GLU C 1649 -0.15 50.55 26.57
N HIS C 1650 -1.09 50.20 25.69
CA HIS C 1650 -1.21 48.82 25.22
C HIS C 1650 -0.48 48.62 23.90
N THR C 1651 0.78 49.07 23.85
CA THR C 1651 1.64 48.87 22.71
C THR C 1651 3.07 49.25 23.09
N SER C 1652 4.05 48.59 22.47
CA SER C 1652 5.43 48.78 22.84
C SER C 1652 5.91 50.19 22.54
N SER C 1653 6.56 50.81 23.51
CA SER C 1653 7.11 52.14 23.35
C SER C 1653 8.55 52.07 22.86
N GLY C 1654 8.99 50.85 22.54
CA GLY C 1654 10.29 50.64 21.91
C GLY C 1654 10.16 50.71 20.40
N SER C 1655 8.98 51.11 19.94
CA SER C 1655 8.70 51.26 18.52
C SER C 1655 8.94 52.70 18.07
N VAL C 1656 9.16 52.90 16.78
CA VAL C 1656 9.44 54.22 16.24
C VAL C 1656 8.19 55.12 16.28
N SER C 1657 7.02 54.48 16.25
CA SER C 1657 5.76 55.20 16.30
C SER C 1657 5.68 56.08 17.54
N PHE C 1658 6.30 55.61 18.61
CA PHE C 1658 6.40 56.37 19.86
C PHE C 1658 7.19 57.67 19.62
N LYS C 1659 8.37 57.52 19.04
CA LYS C 1659 9.24 58.65 18.73
C LYS C 1659 8.53 59.67 17.83
N VAL C 1660 7.92 59.17 16.76
CA VAL C 1660 7.16 60.02 15.86
C VAL C 1660 6.04 60.74 16.62
N PHE C 1661 5.24 59.95 17.33
CA PHE C 1661 4.10 60.46 18.07
C PHE C 1661 4.49 61.59 19.01
N LEU C 1662 5.59 61.41 19.73
CA LEU C 1662 6.07 62.46 20.62
C LEU C 1662 6.68 63.66 19.90
N LEU C 1663 7.52 63.40 18.89
CA LEU C 1663 8.21 64.49 18.23
C LEU C 1663 7.26 65.39 17.43
N LEU C 1664 6.18 64.83 16.90
CA LEU C 1664 5.18 65.66 16.24
C LEU C 1664 4.51 66.60 17.25
N GLN C 1665 4.30 66.11 18.46
CA GLN C 1665 3.77 66.95 19.54
C GLN C 1665 4.78 68.03 19.90
N ALA C 1666 6.03 67.63 20.08
CA ALA C 1666 7.12 68.57 20.35
C ALA C 1666 7.16 69.63 19.26
N TYR C 1667 6.90 69.20 18.02
CA TYR C 1667 6.81 70.12 16.90
C TYR C 1667 5.61 71.06 17.05
N PHE C 1668 4.46 70.50 17.44
CA PHE C 1668 3.26 71.30 17.69
C PHE C 1668 3.43 72.30 18.83
N SER C 1669 4.17 71.90 19.87
CA SER C 1669 4.35 72.75 21.03
C SER C 1669 5.51 73.73 20.85
N ARG C 1670 6.16 73.64 19.69
CA ARG C 1670 7.35 74.43 19.39
C ARG C 1670 8.37 74.28 20.52
N LEU C 1671 8.52 73.04 20.97
CA LEU C 1671 9.43 72.70 22.06
C LEU C 1671 10.85 72.58 21.52
N GLU C 1672 11.80 73.24 22.19
CA GLU C 1672 13.20 73.16 21.80
C GLU C 1672 13.73 71.75 22.02
N LEU C 1673 14.38 71.19 21.01
CA LEU C 1673 14.84 69.80 21.06
C LEU C 1673 16.36 69.69 20.92
N PRO C 1674 16.92 68.56 21.37
CA PRO C 1674 18.35 68.26 21.19
C PRO C 1674 18.79 68.23 19.73
N VAL C 1675 20.11 68.22 19.51
CA VAL C 1675 20.69 68.28 18.17
C VAL C 1675 20.35 67.05 17.31
N ASP C 1676 20.15 65.90 17.96
CA ASP C 1676 19.82 64.68 17.22
C ASP C 1676 18.37 64.68 16.75
N PHE C 1677 17.46 64.95 17.69
CA PHE C 1677 16.02 64.86 17.43
C PHE C 1677 15.51 65.81 16.34
N GLN C 1678 16.16 66.96 16.15
CA GLN C 1678 15.70 67.94 15.17
C GLN C 1678 15.82 67.40 13.74
N ASN C 1679 16.86 66.62 13.50
CA ASN C 1679 17.06 65.99 12.20
C ASN C 1679 16.02 64.89 12.01
N ASP C 1680 15.82 64.10 13.05
CA ASP C 1680 14.74 63.12 13.07
C ASP C 1680 13.41 63.80 12.79
N LEU C 1681 13.22 64.99 13.37
CA LEU C 1681 11.99 65.72 13.18
C LEU C 1681 11.83 66.12 11.72
N LYS C 1682 12.85 66.73 11.14
CA LYS C 1682 12.81 67.05 9.71
C LYS C 1682 12.49 65.81 8.87
N ASP C 1683 13.22 64.73 9.12
CA ASP C 1683 12.99 63.46 8.42
C ASP C 1683 11.55 63.01 8.55
N ILE C 1684 11.00 63.10 9.75
CA ILE C 1684 9.60 62.76 9.99
C ILE C 1684 8.67 63.67 9.19
N LEU C 1685 8.87 64.98 9.32
CA LEU C 1685 8.01 65.97 8.69
C LEU C 1685 7.98 65.84 7.18
N GLU C 1686 9.13 65.52 6.59
CA GLU C 1686 9.23 65.32 5.14
C GLU C 1686 8.12 64.44 4.56
N LYS C 1687 7.67 63.44 5.33
CA LYS C 1687 6.74 62.44 4.82
C LYS C 1687 5.35 62.49 5.45
N VAL C 1688 4.95 63.65 5.97
CA VAL C 1688 3.65 63.77 6.64
C VAL C 1688 2.59 64.36 5.72
N VAL C 1689 2.96 65.35 4.92
CA VAL C 1689 2.00 66.12 4.13
C VAL C 1689 1.12 65.24 3.24
N PRO C 1690 1.74 64.37 2.41
CA PRO C 1690 0.90 63.49 1.58
C PRO C 1690 0.40 62.26 2.33
N LEU C 1691 0.51 62.28 3.66
CA LEU C 1691 0.08 61.16 4.50
C LEU C 1691 -1.22 61.48 5.20
N ILE C 1692 -1.32 62.69 5.76
CA ILE C 1692 -2.54 63.16 6.41
C ILE C 1692 -3.67 63.30 5.38
N ASN C 1693 -3.30 63.66 4.15
CA ASN C 1693 -4.25 63.76 3.06
C ASN C 1693 -4.96 62.42 2.85
N VAL C 1694 -4.21 61.34 3.03
CA VAL C 1694 -4.77 60.00 2.94
C VAL C 1694 -5.79 59.79 4.04
N VAL C 1695 -5.44 60.19 5.26
CA VAL C 1695 -6.37 60.13 6.39
C VAL C 1695 -7.68 60.83 6.04
N VAL C 1696 -7.58 62.12 5.72
CA VAL C 1696 -8.77 62.91 5.45
C VAL C 1696 -9.56 62.36 4.26
N ASP C 1697 -8.87 61.89 3.23
CA ASP C 1697 -9.56 61.33 2.07
C ASP C 1697 -10.22 59.99 2.40
N ILE C 1698 -9.60 59.19 3.27
CA ILE C 1698 -10.21 57.96 3.73
C ILE C 1698 -11.48 58.26 4.50
N LEU C 1699 -11.37 59.15 5.47
CA LEU C 1699 -12.50 59.51 6.32
C LEU C 1699 -13.67 60.06 5.51
N SER C 1700 -13.38 60.89 4.51
CA SER C 1700 -14.42 61.57 3.74
C SER C 1700 -15.11 60.65 2.76
N ALA C 1701 -14.61 59.42 2.62
CA ALA C 1701 -15.22 58.45 1.72
C ALA C 1701 -16.38 57.74 2.41
N ASN C 1702 -16.19 57.43 3.69
CA ASN C 1702 -17.22 56.77 4.48
C ASN C 1702 -18.33 57.73 4.92
N GLY C 1703 -18.15 59.01 4.60
CA GLY C 1703 -19.10 60.03 5.01
C GLY C 1703 -18.93 60.45 6.46
N TYR C 1704 -17.75 60.14 7.02
CA TYR C 1704 -17.43 60.50 8.40
C TYR C 1704 -16.99 61.95 8.47
N LEU C 1705 -17.81 62.79 9.12
CA LEU C 1705 -17.53 64.22 9.19
C LEU C 1705 -16.29 64.55 10.01
N ASN C 1706 -15.90 63.65 10.90
CA ASN C 1706 -14.70 63.84 11.72
C ASN C 1706 -13.46 64.10 10.86
N ALA C 1707 -13.56 63.80 9.57
CA ALA C 1707 -12.53 64.14 8.60
C ALA C 1707 -12.09 65.59 8.74
N THR C 1708 -13.03 66.47 9.09
CA THR C 1708 -12.73 67.90 9.22
C THR C 1708 -11.73 68.15 10.34
N THR C 1709 -11.60 67.19 11.25
CA THR C 1709 -10.59 67.27 12.31
C THR C 1709 -9.21 67.05 11.68
N ALA C 1710 -9.07 65.90 11.00
CA ALA C 1710 -7.81 65.54 10.35
C ALA C 1710 -7.29 66.68 9.48
N MET C 1711 -8.21 67.50 8.98
CA MET C 1711 -7.81 68.71 8.26
C MET C 1711 -7.16 69.67 9.24
N ASP C 1712 -7.81 69.90 10.39
CA ASP C 1712 -7.31 70.85 11.37
C ASP C 1712 -5.94 70.39 11.85
N LEU C 1713 -5.71 69.08 11.82
CA LEU C 1713 -4.38 68.55 12.08
C LEU C 1713 -3.42 69.00 11.00
N ALA C 1714 -3.87 68.95 9.75
CA ALA C 1714 -3.00 69.26 8.61
C ALA C 1714 -2.50 70.68 8.75
N GLN C 1715 -3.36 71.52 9.30
CA GLN C 1715 -3.00 72.90 9.60
C GLN C 1715 -1.87 72.93 10.63
N MET C 1716 -1.99 72.11 11.67
CA MET C 1716 -1.01 72.13 12.75
C MET C 1716 0.37 71.74 12.23
N LEU C 1717 0.36 70.80 11.29
CA LEU C 1717 1.58 70.23 10.74
C LEU C 1717 2.37 71.21 9.88
N ILE C 1718 1.67 72.15 9.24
CA ILE C 1718 2.32 73.06 8.31
C ILE C 1718 2.81 74.34 8.98
N GLN C 1719 2.08 74.82 9.98
CA GLN C 1719 2.43 76.06 10.66
C GLN C 1719 3.11 75.81 12.00
N GLY C 1720 3.13 74.55 12.43
CA GLY C 1720 3.85 74.16 13.63
C GLY C 1720 3.30 74.77 14.91
N VAL C 1721 2.00 74.56 15.15
CA VAL C 1721 1.37 75.06 16.35
C VAL C 1721 -0.01 74.42 16.50
N TRP C 1722 -0.44 74.21 17.73
CA TRP C 1722 -1.80 73.74 17.98
C TRP C 1722 -2.77 74.81 17.47
N ASP C 1723 -3.84 74.38 16.78
CA ASP C 1723 -4.76 75.32 16.17
C ASP C 1723 -5.73 75.97 17.15
N VAL C 1724 -5.44 75.80 18.44
CA VAL C 1724 -6.31 76.29 19.50
C VAL C 1724 -5.73 77.55 20.15
N ASP C 1725 -4.48 77.86 19.82
CA ASP C 1725 -3.76 78.97 20.43
C ASP C 1725 -4.07 80.29 19.72
N ASN C 1726 -3.48 81.38 20.22
CA ASN C 1726 -3.59 82.68 19.60
C ASN C 1726 -3.27 82.64 18.11
N PRO C 1727 -4.21 83.06 17.25
CA PRO C 1727 -4.02 83.07 15.79
C PRO C 1727 -2.76 83.77 15.28
N LEU C 1728 -2.05 84.51 16.14
CA LEU C 1728 -0.87 85.24 15.71
C LEU C 1728 0.42 84.43 15.82
N ARG C 1729 0.37 83.30 16.51
CA ARG C 1729 1.57 82.50 16.71
C ARG C 1729 2.08 81.87 15.41
N GLN C 1730 1.16 81.61 14.48
CA GLN C 1730 1.55 81.03 13.20
C GLN C 1730 2.34 82.04 12.36
N ILE C 1731 2.28 83.31 12.75
CA ILE C 1731 3.07 84.34 12.09
C ILE C 1731 4.54 84.16 12.49
N PRO C 1732 5.46 84.28 11.52
CA PRO C 1732 6.90 84.15 11.83
C PRO C 1732 7.39 85.06 12.95
N HIS C 1733 8.10 84.47 13.91
CA HIS C 1733 8.86 85.23 14.90
C HIS C 1733 8.03 86.04 15.88
N PHE C 1734 6.73 85.79 15.95
CA PHE C 1734 5.89 86.47 16.94
C PHE C 1734 6.08 85.86 18.32
N ASN C 1735 7.10 86.33 19.03
CA ASN C 1735 7.37 85.91 20.40
C ASN C 1735 6.29 86.39 21.36
N ASN C 1736 6.38 85.98 22.62
CA ASN C 1736 5.36 86.30 23.61
C ASN C 1736 5.15 87.80 23.78
N LYS C 1737 6.23 88.56 23.67
CA LYS C 1737 6.19 90.01 23.81
C LYS C 1737 5.31 90.65 22.75
N ILE C 1738 5.55 90.33 21.48
CA ILE C 1738 4.73 90.84 20.39
C ILE C 1738 3.27 90.43 20.58
N LEU C 1739 3.04 89.16 20.88
CA LEU C 1739 1.69 88.65 21.11
C LEU C 1739 0.99 89.42 22.24
N GLU C 1740 1.77 89.70 23.28
CA GLU C 1740 1.27 90.43 24.44
C GLU C 1740 0.88 91.84 24.04
N LYS C 1741 1.78 92.50 23.32
CA LYS C 1741 1.52 93.82 22.78
C LYS C 1741 0.27 93.78 21.90
N CYS C 1742 0.14 92.71 21.13
CA CYS C 1742 -1.03 92.53 20.27
C CYS C 1742 -2.29 92.31 21.07
N LYS C 1743 -2.16 91.66 22.22
CA LYS C 1743 -3.29 91.51 23.14
C LYS C 1743 -3.72 92.88 23.65
N GLU C 1744 -2.76 93.69 24.06
CA GLU C 1744 -3.07 95.00 24.62
C GLU C 1744 -3.84 95.94 23.67
N ILE C 1745 -3.61 95.85 22.35
CA ILE C 1745 -4.34 96.69 21.39
C ILE C 1745 -5.53 95.99 20.75
N ASN C 1746 -6.00 94.91 21.37
CA ASN C 1746 -7.16 94.18 20.86
C ASN C 1746 -6.95 93.70 19.43
N VAL C 1747 -5.76 93.14 19.19
CA VAL C 1747 -5.42 92.57 17.89
C VAL C 1747 -5.32 91.07 18.09
N GLU C 1748 -6.12 90.33 17.34
CA GLU C 1748 -6.20 88.88 17.50
C GLU C 1748 -5.95 88.13 16.20
N THR C 1749 -6.69 88.50 15.15
CA THR C 1749 -6.57 87.83 13.86
C THR C 1749 -5.41 88.40 13.06
N VAL C 1750 -4.91 87.62 12.11
CA VAL C 1750 -3.82 88.06 11.25
C VAL C 1750 -4.26 89.31 10.48
N TYR C 1751 -5.53 89.35 10.08
CA TYR C 1751 -6.08 90.47 9.34
C TYR C 1751 -5.86 91.79 10.06
N ASP C 1752 -5.81 91.74 11.39
CA ASP C 1752 -5.61 92.94 12.18
C ASP C 1752 -4.17 93.46 12.06
N ILE C 1753 -3.24 92.56 11.74
CA ILE C 1753 -1.83 92.95 11.64
C ILE C 1753 -1.56 93.70 10.35
N MET C 1754 -2.15 93.23 9.26
CA MET C 1754 -2.00 93.90 7.97
C MET C 1754 -2.75 95.23 7.97
N ALA C 1755 -3.71 95.35 8.88
CA ALA C 1755 -4.49 96.58 9.00
C ALA C 1755 -3.84 97.61 9.93
N LEU C 1756 -2.71 97.23 10.55
CA LEU C 1756 -2.01 98.14 11.44
C LEU C 1756 -1.36 99.30 10.69
N GLU C 1757 -1.51 100.51 11.21
CA GLU C 1757 -0.80 101.66 10.68
C GLU C 1757 0.67 101.52 11.03
N ASP C 1758 1.54 102.11 10.21
CA ASP C 1758 2.98 101.99 10.41
C ASP C 1758 3.41 102.49 11.79
N GLU C 1759 2.85 103.62 12.21
CA GLU C 1759 3.23 104.22 13.49
C GLU C 1759 2.80 103.35 14.66
N GLU C 1760 1.97 102.34 14.39
CA GLU C 1760 1.59 101.36 15.40
C GLU C 1760 2.48 100.13 15.30
N ARG C 1761 2.83 99.76 14.07
CA ARG C 1761 3.73 98.62 13.84
C ARG C 1761 5.08 98.89 14.48
N ASP C 1762 5.57 100.12 14.31
CA ASP C 1762 6.85 100.52 14.86
C ASP C 1762 6.93 100.23 16.35
N GLU C 1763 5.77 100.17 17.00
CA GLU C 1763 5.69 99.98 18.44
C GLU C 1763 5.41 98.53 18.83
N ILE C 1764 5.35 97.64 17.85
CA ILE C 1764 5.09 96.22 18.11
C ILE C 1764 6.18 95.33 17.51
N LEU C 1765 6.45 95.52 16.22
CA LEU C 1765 7.42 94.71 15.50
C LEU C 1765 8.85 95.15 15.76
N THR C 1766 9.43 94.66 16.86
CA THR C 1766 10.82 94.97 17.20
C THR C 1766 11.79 94.10 16.41
N LEU C 1767 11.27 93.28 15.51
CA LEU C 1767 12.07 92.34 14.77
C LEU C 1767 13.02 93.04 13.79
N THR C 1768 14.09 92.35 13.41
CA THR C 1768 15.06 92.87 12.45
C THR C 1768 14.52 92.73 11.03
N ASP C 1769 15.14 93.46 10.10
CA ASP C 1769 14.70 93.50 8.71
C ASP C 1769 14.48 92.09 8.14
N SER C 1770 15.40 91.18 8.47
CA SER C 1770 15.30 89.80 7.99
C SER C 1770 13.99 89.18 8.43
N GLN C 1771 13.68 89.26 9.71
CA GLN C 1771 12.41 88.75 10.23
C GLN C 1771 11.22 89.52 9.65
N LEU C 1772 11.36 90.84 9.55
CA LEU C 1772 10.29 91.67 9.00
C LEU C 1772 9.90 91.24 7.59
N ALA C 1773 10.91 90.94 6.77
CA ALA C 1773 10.66 90.44 5.42
C ALA C 1773 9.82 89.17 5.45
N GLN C 1774 10.19 88.25 6.33
CA GLN C 1774 9.45 86.99 6.50
C GLN C 1774 8.01 87.26 6.97
N VAL C 1775 7.88 88.14 7.95
CA VAL C 1775 6.58 88.53 8.45
C VAL C 1775 5.73 89.09 7.31
N ALA C 1776 6.34 89.94 6.48
CA ALA C 1776 5.66 90.48 5.32
C ALA C 1776 5.30 89.35 4.36
N ALA C 1777 6.21 88.39 4.20
CA ALA C 1777 5.97 87.26 3.31
C ALA C 1777 4.78 86.42 3.77
N PHE C 1778 4.65 86.24 5.08
CA PHE C 1778 3.52 85.50 5.62
C PHE C 1778 2.22 86.31 5.57
N VAL C 1779 2.26 87.52 6.14
CA VAL C 1779 1.05 88.33 6.32
C VAL C 1779 0.44 88.78 5.00
N ASN C 1780 1.27 89.28 4.08
CA ASN C 1780 0.76 89.85 2.84
C ASN C 1780 0.39 88.77 1.81
N ASN C 1781 0.48 87.51 2.22
CA ASN C 1781 0.05 86.39 1.38
C ASN C 1781 -1.05 85.58 2.08
N TYR C 1782 -1.26 85.88 3.36
CA TYR C 1782 -2.33 85.26 4.13
C TYR C 1782 -3.67 85.51 3.44
N PRO C 1783 -4.34 84.44 2.99
CA PRO C 1783 -5.50 84.60 2.10
C PRO C 1783 -6.77 85.08 2.80
N ASN C 1784 -7.60 85.80 2.06
CA ASN C 1784 -8.93 86.18 2.50
C ASN C 1784 -9.95 85.84 1.42
N VAL C 1785 -10.89 84.96 1.76
CA VAL C 1785 -11.82 84.42 0.79
C VAL C 1785 -13.27 84.73 1.16
N GLU C 1786 -14.14 84.70 0.14
CA GLU C 1786 -15.56 84.85 0.35
C GLU C 1786 -16.29 83.69 -0.33
N LEU C 1787 -17.20 83.08 0.44
CA LEU C 1787 -17.87 81.85 0.06
C LEU C 1787 -19.32 82.11 -0.34
N THR C 1788 -19.69 81.63 -1.52
CA THR C 1788 -21.02 81.84 -2.08
C THR C 1788 -21.69 80.53 -2.48
N TYR C 1789 -22.62 80.06 -1.65
CA TYR C 1789 -23.40 78.87 -1.98
C TYR C 1789 -24.45 79.22 -3.02
N SER C 1790 -24.66 78.30 -3.96
CA SER C 1790 -25.70 78.47 -4.97
C SER C 1790 -26.36 77.13 -5.26
N LEU C 1791 -27.35 76.79 -4.44
CA LEU C 1791 -28.11 75.57 -4.60
C LEU C 1791 -29.26 75.76 -5.59
N ASN C 1792 -29.31 74.91 -6.62
CA ASN C 1792 -30.33 75.03 -7.66
C ASN C 1792 -31.76 75.01 -7.13
N ASN C 1793 -31.97 74.32 -6.00
CA ASN C 1793 -33.28 74.30 -5.36
C ASN C 1793 -33.19 73.85 -3.90
N SER C 1794 -33.54 74.74 -2.99
CA SER C 1794 -33.33 74.53 -1.56
C SER C 1794 -34.50 73.85 -0.84
N ASP C 1795 -35.50 73.40 -1.58
CA ASP C 1795 -36.70 72.82 -0.96
C ASP C 1795 -37.23 71.58 -1.69
N SER C 1796 -37.29 71.63 -3.01
CA SER C 1796 -37.91 70.57 -3.79
C SER C 1796 -36.90 69.45 -4.09
N LEU C 1797 -36.79 68.50 -3.16
CA LEU C 1797 -35.85 67.38 -3.32
C LEU C 1797 -36.52 66.03 -3.12
N ILE C 1798 -36.21 65.10 -4.02
CA ILE C 1798 -36.66 63.72 -3.92
C ILE C 1798 -35.65 62.87 -3.15
N SER C 1799 -36.16 61.86 -2.45
CA SER C 1799 -35.31 60.97 -1.67
C SER C 1799 -34.38 60.18 -2.59
N GLY C 1800 -33.08 60.29 -2.33
CA GLY C 1800 -32.08 59.56 -3.09
C GLY C 1800 -31.65 60.19 -4.40
N VAL C 1801 -32.15 61.39 -4.72
CA VAL C 1801 -31.69 62.07 -5.93
C VAL C 1801 -30.34 62.74 -5.67
N LYS C 1802 -29.47 62.74 -6.68
CA LYS C 1802 -28.17 63.40 -6.56
C LYS C 1802 -28.31 64.88 -6.86
N GLN C 1803 -28.74 65.64 -5.86
CA GLN C 1803 -28.91 67.07 -6.02
C GLN C 1803 -27.56 67.73 -6.23
N LYS C 1804 -27.50 68.67 -7.18
CA LYS C 1804 -26.29 69.41 -7.49
C LYS C 1804 -26.30 70.80 -6.87
N ILE C 1805 -25.16 71.19 -6.29
CA ILE C 1805 -25.00 72.52 -5.71
C ILE C 1805 -23.76 73.20 -6.29
N THR C 1806 -23.89 74.49 -6.59
CA THR C 1806 -22.77 75.26 -7.11
C THR C 1806 -22.15 76.11 -6.00
N ILE C 1807 -20.83 76.01 -5.85
CA ILE C 1807 -20.12 76.75 -4.82
C ILE C 1807 -19.14 77.71 -5.47
N GLN C 1808 -19.38 79.01 -5.27
CA GLN C 1808 -18.51 80.05 -5.82
C GLN C 1808 -17.65 80.67 -4.74
N LEU C 1809 -16.33 80.65 -4.98
CA LEU C 1809 -15.35 81.25 -4.09
C LEU C 1809 -14.69 82.46 -4.74
N THR C 1810 -14.67 83.57 -4.01
CA THR C 1810 -14.04 84.79 -4.51
C THR C 1810 -12.91 85.22 -3.58
N ARG C 1811 -11.91 85.87 -4.18
CA ARG C 1811 -10.69 86.27 -3.48
C ARG C 1811 -10.48 87.77 -3.65
N ASP C 1812 -9.99 88.43 -2.58
CA ASP C 1812 -9.79 89.87 -2.61
C ASP C 1812 -8.80 90.30 -3.69
N VAL C 1813 -7.76 89.50 -3.89
CA VAL C 1813 -6.71 89.83 -4.84
C VAL C 1813 -6.28 88.62 -5.66
N GLU C 1814 -5.56 88.86 -6.75
CA GLU C 1814 -4.98 87.79 -7.55
C GLU C 1814 -3.60 87.41 -6.99
N PRO C 1815 -3.41 86.12 -6.64
CA PRO C 1815 -2.14 85.67 -6.05
C PRO C 1815 -1.04 85.44 -7.09
N GLU C 1816 0.11 86.07 -6.88
CA GLU C 1816 1.24 85.92 -7.77
C GLU C 1816 1.81 84.51 -7.68
N ASN C 1817 1.85 83.98 -6.45
CA ASN C 1817 2.41 82.67 -6.19
C ASN C 1817 1.72 82.02 -5.00
N LEU C 1818 1.21 80.80 -5.21
CA LEU C 1818 0.51 80.07 -4.16
C LEU C 1818 1.50 79.33 -3.24
N GLN C 1819 2.78 79.62 -3.38
CA GLN C 1819 3.81 79.02 -2.54
C GLN C 1819 3.63 79.48 -1.09
N VAL C 1820 3.33 78.52 -0.22
CA VAL C 1820 3.03 78.80 1.19
C VAL C 1820 4.28 79.12 2.02
N THR C 1821 4.09 80.03 2.98
CA THR C 1821 5.16 80.47 3.87
C THR C 1821 4.95 79.92 5.29
N SER C 1822 6.03 79.46 5.90
CA SER C 1822 6.00 78.99 7.29
C SER C 1822 7.42 78.80 7.81
N GLU C 1823 7.72 79.40 8.96
CA GLU C 1823 9.06 79.37 9.52
C GLU C 1823 9.42 78.04 10.18
N LYS C 1824 8.44 77.16 10.35
CA LYS C 1824 8.65 75.91 11.07
C LYS C 1824 8.61 74.69 10.15
N TYR C 1825 7.81 74.76 9.09
CA TYR C 1825 7.76 73.69 8.10
C TYR C 1825 8.84 73.96 7.05
N PRO C 1826 9.93 73.17 7.08
CA PRO C 1826 11.11 73.52 6.29
C PRO C 1826 11.07 72.98 4.86
N PHE C 1827 9.91 73.09 4.21
CA PHE C 1827 9.77 72.67 2.83
C PHE C 1827 8.81 73.59 2.08
N ASP C 1828 8.57 73.27 0.81
CA ASP C 1828 7.64 74.02 -0.02
C ASP C 1828 6.25 73.40 0.06
N LYS C 1829 5.23 74.21 -0.23
CA LYS C 1829 3.85 73.75 -0.16
C LYS C 1829 2.93 74.75 -0.86
N LEU C 1830 1.96 74.25 -1.61
CA LEU C 1830 0.98 75.10 -2.28
C LEU C 1830 -0.24 75.34 -1.39
N GLU C 1831 -0.89 76.47 -1.59
CA GLU C 1831 -2.13 76.79 -0.89
C GLU C 1831 -3.33 76.09 -1.51
N SER C 1832 -3.68 74.92 -0.96
CA SER C 1832 -4.81 74.14 -1.43
C SER C 1832 -5.96 74.24 -0.44
N TRP C 1833 -7.19 74.11 -0.93
CA TRP C 1833 -8.38 74.25 -0.10
C TRP C 1833 -9.32 73.05 -0.18
N TRP C 1834 -9.99 72.77 0.93
CA TRP C 1834 -11.04 71.76 0.97
C TRP C 1834 -12.41 72.42 0.96
N LEU C 1835 -13.21 72.10 -0.05
CA LEU C 1835 -14.63 72.39 -0.05
C LEU C 1835 -15.34 71.22 0.59
N VAL C 1836 -16.15 71.49 1.60
CA VAL C 1836 -16.84 70.43 2.34
C VAL C 1836 -18.32 70.77 2.51
N LEU C 1837 -19.18 69.79 2.25
CA LEU C 1837 -20.62 69.94 2.48
C LEU C 1837 -21.11 68.81 3.36
N GLY C 1838 -21.66 69.15 4.52
CA GLY C 1838 -22.15 68.13 5.43
C GLY C 1838 -23.21 68.59 6.42
N GLU C 1839 -23.92 67.61 6.97
CA GLU C 1839 -24.93 67.85 8.01
C GLU C 1839 -24.31 67.68 9.39
N VAL C 1840 -24.27 68.78 10.14
CA VAL C 1840 -23.64 68.77 11.46
C VAL C 1840 -24.45 67.95 12.46
N SER C 1841 -25.77 68.00 12.33
CA SER C 1841 -26.66 67.36 13.29
C SER C 1841 -26.44 65.85 13.37
N LYS C 1842 -26.03 65.24 12.26
CA LYS C 1842 -25.85 63.79 12.21
C LYS C 1842 -24.37 63.40 12.12
N LYS C 1843 -23.48 64.39 12.17
CA LYS C 1843 -22.04 64.17 12.03
C LYS C 1843 -21.76 63.42 10.72
N GLU C 1844 -22.50 63.78 9.67
CA GLU C 1844 -22.43 63.09 8.40
C GLU C 1844 -21.92 64.01 7.28
N LEU C 1845 -20.93 63.54 6.54
CA LEU C 1845 -20.33 64.31 5.45
C LEU C 1845 -20.93 63.94 4.10
N TYR C 1846 -21.62 64.90 3.49
CA TYR C 1846 -22.31 64.66 2.23
C TYR C 1846 -21.39 64.73 1.01
N ALA C 1847 -20.57 65.76 0.93
CA ALA C 1847 -19.69 65.93 -0.24
C ALA C 1847 -18.38 66.65 0.11
N ILE C 1848 -17.37 66.48 -0.74
CA ILE C 1848 -16.07 67.11 -0.54
C ILE C 1848 -15.33 67.30 -1.87
N LYS C 1849 -14.54 68.35 -1.97
CA LYS C 1849 -13.71 68.60 -3.15
C LYS C 1849 -12.44 69.38 -2.82
N LYS C 1850 -11.29 68.81 -3.20
CA LYS C 1850 -10.01 69.48 -3.02
C LYS C 1850 -9.73 70.37 -4.22
N VAL C 1851 -9.41 71.63 -3.96
CA VAL C 1851 -9.21 72.61 -5.03
C VAL C 1851 -7.97 73.46 -4.81
N THR C 1852 -7.53 74.10 -5.89
CA THR C 1852 -6.46 75.08 -5.83
C THR C 1852 -7.11 76.43 -6.07
N LEU C 1853 -7.14 77.24 -5.02
CA LEU C 1853 -7.88 78.50 -5.05
C LEU C 1853 -6.99 79.57 -5.66
N ASN C 1854 -6.78 79.48 -6.97
CA ASN C 1854 -5.81 80.33 -7.66
C ASN C 1854 -6.30 81.67 -8.20
N LYS C 1855 -7.39 81.68 -8.96
CA LYS C 1855 -7.85 82.92 -9.59
C LYS C 1855 -8.75 83.70 -8.63
N GLU C 1856 -8.75 85.03 -8.78
CA GLU C 1856 -9.41 85.90 -7.82
C GLU C 1856 -10.91 85.65 -7.70
N THR C 1857 -11.46 84.88 -8.62
CA THR C 1857 -12.86 84.47 -8.55
C THR C 1857 -13.04 83.15 -9.29
N GLN C 1858 -13.72 82.20 -8.67
CA GLN C 1858 -13.94 80.91 -9.30
C GLN C 1858 -15.09 80.15 -8.64
N GLN C 1859 -15.62 79.15 -9.34
CA GLN C 1859 -16.71 78.33 -8.80
C GLN C 1859 -16.59 76.87 -9.20
N TYR C 1860 -17.07 75.99 -8.34
CA TYR C 1860 -17.04 74.54 -8.58
C TYR C 1860 -18.43 73.94 -8.38
N GLU C 1861 -18.72 72.88 -9.13
CA GLU C 1861 -19.98 72.15 -8.98
C GLU C 1861 -19.78 70.89 -8.13
N LEU C 1862 -20.64 70.73 -7.13
CA LEU C 1862 -20.65 69.53 -6.29
C LEU C 1862 -22.02 68.86 -6.36
N GLU C 1863 -22.08 67.58 -6.01
CA GLU C 1863 -23.34 66.84 -5.99
C GLU C 1863 -23.42 65.94 -4.77
N PHE C 1864 -24.62 65.79 -4.21
CA PHE C 1864 -24.79 65.03 -2.97
C PHE C 1864 -26.08 64.20 -2.93
N ASP C 1865 -26.06 63.16 -2.10
CA ASP C 1865 -27.22 62.28 -1.91
C ASP C 1865 -28.25 62.94 -0.98
N THR C 1866 -29.47 63.10 -1.48
CA THR C 1866 -30.55 63.68 -0.68
C THR C 1866 -30.87 62.83 0.55
N PRO C 1867 -30.78 63.42 1.76
CA PRO C 1867 -31.00 62.66 3.00
C PRO C 1867 -32.46 62.30 3.25
N THR C 1868 -32.77 61.92 4.49
CA THR C 1868 -34.12 61.50 4.87
C THR C 1868 -35.14 62.63 4.75
N SER C 1869 -36.42 62.24 4.68
CA SER C 1869 -37.52 63.20 4.67
C SER C 1869 -37.50 64.08 5.91
N GLY C 1870 -37.75 65.38 5.70
CA GLY C 1870 -37.79 66.34 6.79
C GLY C 1870 -37.01 67.61 6.50
N LYS C 1871 -36.26 68.08 7.49
CA LYS C 1871 -35.46 69.30 7.38
C LYS C 1871 -34.08 69.10 7.98
N HIS C 1872 -33.08 69.68 7.33
CA HIS C 1872 -31.70 69.51 7.75
C HIS C 1872 -30.96 70.85 7.79
N ASN C 1873 -29.90 70.88 8.61
CA ASN C 1873 -29.06 72.06 8.76
C ASN C 1873 -27.75 71.83 8.03
N LEU C 1874 -27.71 72.20 6.76
CA LEU C 1874 -26.56 71.88 5.93
C LEU C 1874 -25.47 72.91 6.14
N THR C 1875 -24.23 72.45 6.24
CA THR C 1875 -23.10 73.35 6.41
C THR C 1875 -22.05 73.10 5.35
N ILE C 1876 -21.61 74.20 4.75
CA ILE C 1876 -20.55 74.19 3.76
C ILE C 1876 -19.30 74.83 4.35
N TRP C 1877 -18.22 74.07 4.41
CA TRP C 1877 -16.94 74.60 4.87
C TRP C 1877 -15.98 74.82 3.71
N CYS C 1878 -15.13 75.83 3.89
CA CYS C 1878 -14.02 76.10 2.99
C CYS C 1878 -12.79 76.24 3.86
N VAL C 1879 -11.96 75.20 3.84
CA VAL C 1879 -10.84 75.09 4.77
C VAL C 1879 -9.50 75.08 4.05
N CYS C 1880 -8.48 75.63 4.69
CA CYS C 1880 -7.13 75.69 4.14
C CYS C 1880 -6.25 74.63 4.80
N ASP C 1881 -5.49 73.90 3.99
CA ASP C 1881 -4.66 72.81 4.49
C ASP C 1881 -3.26 73.27 4.87
N SER C 1882 -3.02 74.58 4.81
CA SER C 1882 -1.69 75.15 5.00
C SER C 1882 -1.65 76.29 6.02
N TYR C 1883 -2.81 76.93 6.24
CA TYR C 1883 -2.90 78.02 7.20
C TYR C 1883 -4.00 77.80 8.24
N LEU C 1884 -3.98 78.64 9.27
CA LEU C 1884 -4.98 78.58 10.34
C LEU C 1884 -5.85 79.84 10.34
N ASP C 1885 -7.09 79.69 10.78
CA ASP C 1885 -7.98 80.82 11.05
C ASP C 1885 -8.33 81.61 9.80
N ALA C 1886 -7.96 81.08 8.63
CA ALA C 1886 -8.40 81.63 7.36
C ALA C 1886 -9.52 80.77 6.80
N ASP C 1887 -9.99 79.83 7.62
CA ASP C 1887 -11.05 78.94 7.20
C ASP C 1887 -12.35 79.72 7.24
N LYS C 1888 -13.20 79.50 6.25
CA LYS C 1888 -14.48 80.19 6.19
C LYS C 1888 -15.58 79.18 5.96
N GLU C 1889 -16.70 79.39 6.63
CA GLU C 1889 -17.81 78.46 6.55
C GLU C 1889 -19.12 79.21 6.36
N LEU C 1890 -20.07 78.50 5.77
CA LEU C 1890 -21.38 79.05 5.49
C LEU C 1890 -22.37 77.94 5.80
N SER C 1891 -23.56 78.29 6.24
CA SER C 1891 -24.55 77.28 6.60
C SER C 1891 -25.95 77.71 6.19
N PHE C 1892 -26.81 76.72 5.99
CA PHE C 1892 -28.20 76.99 5.66
C PHE C 1892 -29.09 75.79 5.91
N GLU C 1893 -30.39 76.04 5.87
CA GLU C 1893 -31.41 75.03 6.13
C GLU C 1893 -31.88 74.47 4.80
N ILE C 1894 -32.12 73.17 4.75
CA ILE C 1894 -32.67 72.55 3.55
C ILE C 1894 -33.84 71.65 3.92
N ASN C 1895 -34.81 71.58 3.02
CA ASN C 1895 -36.00 70.77 3.21
C ASN C 1895 -36.07 69.62 2.21
N VAL C 1896 -36.33 68.42 2.71
CA VAL C 1896 -36.47 67.25 1.85
C VAL C 1896 -37.88 66.70 2.03
N LYS C 1897 -38.58 66.53 0.91
CA LYS C 1897 -39.95 66.02 0.93
C LYS C 1897 -40.02 64.67 1.62
N SER D 5 28.58 -11.47 31.79
CA SER D 5 28.52 -10.19 32.48
C SER D 5 27.11 -9.61 32.47
N LYS D 6 26.72 -9.00 33.58
CA LYS D 6 25.41 -8.40 33.73
C LYS D 6 25.44 -6.97 33.20
N ASN D 7 26.62 -6.36 33.25
CA ASN D 7 26.82 -5.02 32.71
C ASN D 7 27.28 -5.11 31.26
N GLU D 8 26.41 -5.70 30.43
CA GLU D 8 26.63 -5.87 29.00
C GLU D 8 26.87 -4.53 28.30
N TRP D 9 26.06 -3.55 28.68
CA TRP D 9 26.10 -2.22 28.08
C TRP D 9 27.52 -1.65 28.10
N ARG D 10 28.27 -1.97 29.14
CA ARG D 10 29.63 -1.48 29.27
C ARG D 10 30.49 -2.03 28.13
N LYS D 11 30.56 -3.35 28.06
CA LYS D 11 31.32 -4.04 27.03
C LYS D 11 30.93 -3.57 25.64
N SER D 12 29.63 -3.59 25.35
CA SER D 12 29.16 -3.20 24.02
C SER D 12 29.45 -1.73 23.71
N ALA D 13 29.17 -0.86 24.67
CA ALA D 13 29.36 0.58 24.48
C ALA D 13 30.84 0.92 24.30
N ILE D 14 31.71 0.23 25.03
CA ILE D 14 33.14 0.39 24.84
C ILE D 14 33.51 -0.11 23.44
N ALA D 15 33.01 -1.29 23.08
CA ALA D 15 33.33 -1.90 21.80
C ALA D 15 32.98 -1.00 20.63
N ASN D 16 31.72 -0.57 20.56
CA ASN D 16 31.24 0.18 19.40
C ASN D 16 31.76 1.62 19.29
N THR D 17 32.70 2.00 20.13
CA THR D 17 33.34 3.31 20.03
C THR D 17 34.10 3.48 18.72
N LEU D 18 34.79 2.43 18.31
CA LEU D 18 35.71 2.49 17.17
C LEU D 18 35.10 2.00 15.86
N LEU D 19 33.78 2.09 15.74
CA LEU D 19 33.09 1.64 14.53
C LEU D 19 33.48 2.46 13.30
N TYR D 20 34.01 3.66 13.52
CA TYR D 20 34.44 4.51 12.41
C TYR D 20 35.68 3.93 11.73
N LEU D 21 36.34 2.99 12.39
CA LEU D 21 37.51 2.33 11.83
C LEU D 21 37.14 1.31 10.76
N ARG D 22 36.00 0.67 10.94
CA ARG D 22 35.56 -0.36 10.01
C ARG D 22 35.18 0.24 8.66
N LEU D 23 35.16 1.57 8.60
CA LEU D 23 34.80 2.28 7.38
C LEU D 23 36.02 2.73 6.59
N LYS D 24 37.21 2.39 7.09
CA LYS D 24 38.44 2.61 6.33
C LYS D 24 38.67 1.39 5.45
N ASN D 25 37.79 0.40 5.60
CA ASN D 25 37.81 -0.80 4.78
C ASN D 25 36.41 -1.39 4.62
N ILE D 26 35.78 -1.09 3.49
CA ILE D 26 34.45 -1.59 3.19
C ILE D 26 34.47 -2.34 1.87
N TYR D 27 33.71 -3.44 1.80
CA TYR D 27 33.60 -4.20 0.56
C TYR D 27 32.20 -4.09 0.00
N VAL D 28 32.09 -3.51 -1.19
CA VAL D 28 30.82 -3.44 -1.89
C VAL D 28 30.63 -4.76 -2.62
N SER D 29 30.07 -5.75 -1.92
CA SER D 29 29.92 -7.08 -2.49
C SER D 29 28.90 -7.05 -3.61
N ALA D 30 29.36 -6.62 -4.78
CA ALA D 30 28.53 -6.50 -5.97
C ALA D 30 29.06 -7.42 -7.06
N ASP D 31 28.14 -8.12 -7.71
CA ASP D 31 28.47 -9.09 -8.76
C ASP D 31 28.37 -8.46 -10.14
N ASP D 32 28.44 -9.31 -11.16
CA ASP D 32 28.42 -8.90 -12.57
C ASP D 32 27.39 -7.83 -12.90
N PHE D 33 27.86 -6.74 -13.50
CA PHE D 33 27.01 -5.62 -13.89
C PHE D 33 26.15 -5.93 -15.11
N VAL D 34 24.84 -5.68 -14.96
CA VAL D 34 23.88 -5.85 -16.04
C VAL D 34 23.22 -4.51 -16.36
N GLU D 35 23.28 -4.13 -17.64
CA GLU D 35 22.73 -2.85 -18.08
C GLU D 35 21.20 -2.81 -18.00
N GLU D 36 20.56 -3.92 -18.33
CA GLU D 36 19.10 -4.00 -18.39
C GLU D 36 18.44 -3.78 -17.03
N GLN D 37 19.00 -4.40 -15.99
CA GLN D 37 18.41 -4.33 -14.65
C GLN D 37 18.55 -2.94 -14.04
N ASN D 38 17.62 -2.59 -13.16
CA ASN D 38 17.71 -1.35 -12.40
C ASN D 38 18.88 -1.44 -11.42
N VAL D 39 19.37 -0.29 -10.98
CA VAL D 39 20.53 -0.24 -10.08
C VAL D 39 20.32 0.81 -9.00
N TYR D 40 20.78 0.48 -7.79
CA TYR D 40 20.62 1.35 -6.64
C TYR D 40 21.94 2.01 -6.27
N VAL D 41 21.88 3.31 -5.95
CA VAL D 41 23.06 4.07 -5.54
C VAL D 41 22.96 4.47 -4.08
N LEU D 42 24.03 4.26 -3.32
CA LEU D 42 24.08 4.61 -1.90
C LEU D 42 25.10 5.71 -1.60
N PRO D 43 24.65 6.82 -1.00
CA PRO D 43 25.59 7.85 -0.53
C PRO D 43 26.53 7.37 0.58
N LYS D 44 27.80 7.74 0.48
CA LYS D 44 28.82 7.39 1.46
C LYS D 44 28.55 7.97 2.84
N ASN D 45 28.13 9.24 2.85
CA ASN D 45 27.88 9.97 4.08
C ASN D 45 26.80 9.31 4.93
N LEU D 46 25.86 8.65 4.27
CA LEU D 46 24.81 7.92 4.98
C LEU D 46 25.38 6.68 5.64
N LEU D 47 26.26 5.99 4.93
CA LEU D 47 26.90 4.79 5.47
C LEU D 47 27.76 5.14 6.67
N LYS D 48 28.55 6.20 6.53
CA LYS D 48 29.39 6.68 7.63
C LYS D 48 28.59 6.72 8.95
N LYS D 49 27.57 7.58 8.98
CA LYS D 49 26.79 7.77 10.19
C LYS D 49 25.94 6.56 10.54
N PHE D 50 25.33 5.93 9.54
CA PHE D 50 24.50 4.76 9.82
C PHE D 50 25.31 3.66 10.50
N ILE D 51 26.57 3.51 10.10
CA ILE D 51 27.43 2.51 10.71
C ILE D 51 27.95 2.97 12.08
N GLU D 52 28.53 4.16 12.14
CA GLU D 52 29.18 4.58 13.39
C GLU D 52 28.20 4.84 14.54
N ILE D 53 26.90 4.68 14.29
CA ILE D 53 25.90 4.75 15.35
C ILE D 53 25.39 3.36 15.73
N SER D 54 25.72 2.37 14.90
CA SER D 54 25.21 1.02 15.11
C SER D 54 25.92 0.35 16.28
N ASP D 55 25.82 -0.98 16.35
CA ASP D 55 26.41 -1.74 17.46
C ASP D 55 27.12 -3.00 16.94
N VAL D 56 28.15 -3.41 17.67
CA VAL D 56 28.93 -4.58 17.31
C VAL D 56 28.13 -5.87 17.47
N LYS D 57 27.16 -5.85 18.37
CA LYS D 57 26.40 -7.05 18.73
C LYS D 57 24.99 -7.06 18.16
N ILE D 58 24.22 -6.03 18.50
CA ILE D 58 22.81 -5.96 18.15
C ILE D 58 22.56 -5.36 16.76
N GLN D 59 21.57 -5.93 16.07
CA GLN D 59 21.17 -5.45 14.75
C GLN D 59 20.41 -4.12 14.80
N VAL D 60 20.55 -3.34 13.75
CA VAL D 60 19.83 -2.08 13.61
C VAL D 60 19.40 -1.93 12.15
N ALA D 61 18.22 -1.38 11.93
CA ALA D 61 17.67 -1.27 10.59
C ALA D 61 17.08 0.12 10.33
N ALA D 62 16.88 0.43 9.05
CA ALA D 62 16.30 1.69 8.64
C ALA D 62 15.65 1.54 7.27
N PHE D 63 14.70 2.42 6.96
CA PHE D 63 14.04 2.41 5.66
C PHE D 63 14.79 3.33 4.70
N ILE D 64 14.73 3.03 3.41
CA ILE D 64 15.40 3.86 2.41
C ILE D 64 14.44 4.43 1.36
N TYR D 65 14.57 5.73 1.13
CA TYR D 65 13.76 6.45 0.16
C TYR D 65 14.65 7.14 -0.86
N GLY D 66 14.24 7.09 -2.12
CA GLY D 66 15.00 7.69 -3.20
C GLY D 66 14.13 7.96 -4.42
N MET D 67 14.76 8.23 -5.56
CA MET D 67 14.01 8.53 -6.77
C MET D 67 14.88 8.38 -8.01
N SER D 68 14.23 8.31 -9.17
CA SER D 68 14.90 8.07 -10.43
C SER D 68 15.82 9.21 -10.89
N ALA D 69 16.95 8.83 -11.48
CA ALA D 69 17.86 9.79 -12.11
C ALA D 69 17.30 10.19 -13.48
N LYS D 70 17.80 11.30 -14.02
CA LYS D 70 17.31 11.77 -15.32
C LYS D 70 17.93 11.01 -16.50
N ASP D 71 19.23 10.76 -16.45
CA ASP D 71 19.93 10.17 -17.59
C ASP D 71 19.49 8.73 -17.82
N HIS D 72 19.00 8.07 -16.78
CA HIS D 72 18.44 6.73 -16.91
C HIS D 72 17.59 6.44 -15.67
N PRO D 73 16.27 6.66 -15.77
CA PRO D 73 15.34 6.49 -14.64
C PRO D 73 15.46 5.15 -13.91
N LYS D 74 16.08 4.16 -14.54
CA LYS D 74 16.24 2.85 -13.94
C LYS D 74 17.27 2.89 -12.81
N VAL D 75 18.03 3.99 -12.75
CA VAL D 75 18.98 4.20 -11.65
C VAL D 75 18.24 4.82 -10.48
N LYS D 76 18.10 4.05 -9.40
CA LYS D 76 17.39 4.51 -8.21
C LYS D 76 18.37 5.11 -7.21
N GLU D 77 18.42 6.44 -7.18
CA GLU D 77 19.31 7.14 -6.27
C GLU D 77 18.69 7.25 -4.88
N ILE D 78 19.26 6.55 -3.92
CA ILE D 78 18.81 6.66 -2.53
C ILE D 78 19.12 8.07 -2.04
N LYS D 79 18.08 8.80 -1.66
CA LYS D 79 18.23 10.19 -1.26
C LYS D 79 18.21 10.34 0.25
N THR D 80 17.43 9.50 0.93
CA THR D 80 17.37 9.57 2.38
C THR D 80 17.05 8.24 3.02
N VAL D 81 17.28 8.16 4.33
CA VAL D 81 16.99 6.98 5.12
C VAL D 81 16.08 7.38 6.27
N VAL D 82 15.40 6.40 6.87
CA VAL D 82 14.57 6.67 8.03
C VAL D 82 14.86 5.65 9.13
N LEU D 83 15.31 6.17 10.27
CA LEU D 83 15.48 5.39 11.49
C LEU D 83 14.19 5.38 12.26
N VAL D 84 13.46 4.27 12.20
CA VAL D 84 12.20 4.13 12.91
C VAL D 84 12.46 3.65 14.33
N PRO D 85 11.49 3.88 15.24
CA PRO D 85 11.61 3.27 16.57
C PRO D 85 11.74 1.77 16.46
N GLN D 86 12.73 1.18 17.14
CA GLN D 86 13.00 -0.24 17.00
C GLN D 86 13.67 -0.85 18.22
N LEU D 87 13.72 -2.17 18.25
CA LEU D 87 14.40 -2.92 19.30
C LEU D 87 15.11 -4.11 18.66
N GLY D 88 16.43 -4.00 18.54
CA GLY D 88 17.20 -5.01 17.83
C GLY D 88 17.60 -6.20 18.68
N HIS D 89 17.88 -7.30 18.01
CA HIS D 89 18.42 -8.50 18.65
C HIS D 89 19.64 -8.97 17.87
N VAL D 90 20.18 -10.12 18.26
CA VAL D 90 21.27 -10.73 17.52
C VAL D 90 20.70 -11.58 16.40
N GLY D 91 20.89 -11.13 15.16
CA GLY D 91 20.38 -11.83 14.00
C GLY D 91 18.97 -11.43 13.61
N SER D 92 18.18 -11.00 14.58
CA SER D 92 16.80 -10.57 14.34
C SER D 92 16.60 -9.13 14.82
N VAL D 93 15.47 -8.53 14.46
CA VAL D 93 15.21 -7.13 14.77
C VAL D 93 13.71 -6.81 14.79
N GLN D 94 13.33 -5.93 15.70
CA GLN D 94 11.95 -5.42 15.77
C GLN D 94 11.85 -4.01 15.22
N ILE D 95 11.47 -3.87 13.95
CA ILE D 95 11.26 -2.56 13.36
C ILE D 95 9.78 -2.23 13.31
N SER D 96 9.46 -0.94 13.19
CA SER D 96 8.07 -0.49 13.20
C SER D 96 7.53 -0.28 11.78
N ASN D 97 6.33 0.29 11.68
CA ASN D 97 5.66 0.48 10.40
C ASN D 97 6.40 1.42 9.47
N ILE D 98 5.94 1.49 8.22
CA ILE D 98 6.51 2.43 7.25
C ILE D 98 6.34 3.85 7.76
N PRO D 99 7.41 4.67 7.67
CA PRO D 99 7.33 6.06 8.16
C PRO D 99 6.16 6.85 7.58
N ASP D 100 5.55 7.69 8.40
CA ASP D 100 4.50 8.59 7.94
C ASP D 100 5.10 9.94 7.56
N ILE D 101 5.82 9.95 6.43
CA ILE D 101 6.52 11.15 5.99
C ILE D 101 5.79 11.86 4.86
N GLY D 102 4.46 11.79 4.86
CA GLY D 102 3.67 12.60 3.96
C GLY D 102 3.65 14.02 4.49
N ASP D 103 3.79 14.12 5.81
CA ASP D 103 3.80 15.40 6.50
C ASP D 103 5.03 16.24 6.17
N LEU D 104 6.19 15.57 6.10
CA LEU D 104 7.47 16.28 6.01
C LEU D 104 7.68 16.99 4.67
N PRO D 105 8.60 17.97 4.65
CA PRO D 105 8.97 18.70 3.43
C PRO D 105 9.94 17.94 2.54
N ASP D 106 9.97 18.31 1.26
CA ASP D 106 10.90 17.73 0.28
C ASP D 106 10.69 16.22 0.12
N THR D 107 9.49 15.75 0.46
CA THR D 107 9.14 14.34 0.33
C THR D 107 8.41 14.10 -0.98
N GLU D 108 8.31 15.14 -1.80
CA GLU D 108 7.72 15.02 -3.13
C GLU D 108 8.65 14.26 -4.06
N GLY D 109 8.25 13.03 -4.38
CA GLY D 109 9.02 12.18 -5.28
C GLY D 109 9.79 11.07 -4.58
N LEU D 110 9.72 11.03 -3.25
CA LEU D 110 10.43 10.01 -2.48
C LEU D 110 9.81 8.63 -2.58
N GLU D 111 10.37 7.83 -3.48
CA GLU D 111 9.95 6.44 -3.67
C GLU D 111 10.62 5.54 -2.63
N LEU D 112 9.79 4.76 -1.93
CA LEU D 112 10.27 3.76 -0.97
C LEU D 112 10.98 2.62 -1.68
N LEU D 113 12.28 2.49 -1.43
CA LEU D 113 13.09 1.52 -2.18
C LEU D 113 13.32 0.21 -1.44
N GLY D 114 13.18 0.22 -0.11
CA GLY D 114 13.33 -0.98 0.68
C GLY D 114 13.84 -0.71 2.08
N TRP D 115 14.81 -1.50 2.53
CA TRP D 115 15.43 -1.27 3.83
C TRP D 115 16.89 -1.72 3.88
N ILE D 116 17.58 -1.33 4.94
CA ILE D 116 19.01 -1.52 5.08
C ILE D 116 19.32 -1.89 6.54
N HIS D 117 20.21 -2.85 6.74
CA HIS D 117 20.53 -3.26 8.11
C HIS D 117 21.89 -3.91 8.28
N THR D 118 22.38 -3.88 9.52
CA THR D 118 23.62 -4.56 9.89
C THR D 118 23.38 -6.06 9.92
N GLN D 119 24.46 -6.83 9.78
CA GLN D 119 24.37 -8.29 9.78
C GLN D 119 25.36 -8.87 10.79
N THR D 120 24.82 -9.47 11.85
CA THR D 120 25.64 -10.06 12.90
C THR D 120 26.33 -11.34 12.43
N GLU D 121 25.73 -12.02 11.45
CA GLU D 121 26.29 -13.24 10.90
C GLU D 121 27.11 -12.92 9.65
N GLU D 122 27.36 -13.94 8.83
CA GLU D 122 28.16 -13.75 7.62
C GLU D 122 27.76 -14.72 6.52
N LEU D 123 26.63 -14.40 5.87
CA LEU D 123 26.10 -15.22 4.78
C LEU D 123 26.30 -14.49 3.45
N LYS D 124 25.78 -15.07 2.37
CA LYS D 124 25.66 -14.36 1.11
C LYS D 124 24.33 -14.72 0.46
N PHE D 125 23.28 -14.65 1.27
CA PHE D 125 21.91 -14.93 0.85
C PHE D 125 20.97 -14.59 1.99
N MET D 126 19.70 -14.35 1.68
CA MET D 126 18.74 -13.94 2.70
C MET D 126 18.36 -15.06 3.66
N ALA D 127 18.33 -14.71 4.95
CA ALA D 127 18.01 -15.64 6.02
C ALA D 127 16.53 -15.57 6.36
N ALA D 128 16.03 -16.61 7.00
CA ALA D 128 14.60 -16.73 7.30
C ALA D 128 14.06 -15.58 8.17
N SER D 129 14.85 -15.12 9.13
CA SER D 129 14.42 -14.02 10.00
C SER D 129 14.35 -12.70 9.23
N GLU D 130 15.37 -12.44 8.42
CA GLU D 130 15.39 -11.24 7.59
C GLU D 130 14.26 -11.32 6.56
N VAL D 131 14.14 -12.46 5.92
CA VAL D 131 13.07 -12.69 4.95
C VAL D 131 11.71 -12.58 5.62
N ALA D 132 11.62 -13.01 6.88
CA ALA D 132 10.38 -12.89 7.64
C ALA D 132 10.02 -11.43 7.84
N THR D 133 10.89 -10.70 8.54
CA THR D 133 10.62 -9.30 8.87
C THR D 133 10.48 -8.44 7.62
N HIS D 134 11.14 -8.85 6.54
CA HIS D 134 11.00 -8.19 5.24
C HIS D 134 9.65 -8.49 4.57
N SER D 135 9.32 -9.77 4.48
CA SER D 135 8.10 -10.20 3.82
C SER D 135 6.86 -9.68 4.54
N LYS D 136 6.89 -9.67 5.87
CA LYS D 136 5.79 -9.11 6.65
C LYS D 136 5.71 -7.59 6.58
N LEU D 137 5.76 -7.05 5.37
CA LEU D 137 5.58 -5.64 5.11
C LEU D 137 5.74 -5.34 3.63
N PHE D 138 6.85 -5.79 3.05
CA PHE D 138 7.13 -5.45 1.66
C PHE D 138 6.36 -6.32 0.67
N ALA D 139 6.01 -7.53 1.09
CA ALA D 139 5.37 -8.50 0.21
C ALA D 139 4.07 -7.99 -0.43
N ASP D 140 3.16 -7.46 0.37
CA ASP D 140 1.85 -7.06 -0.10
C ASP D 140 1.73 -5.56 -0.40
N LYS D 141 2.88 -4.89 -0.54
CA LYS D 141 2.92 -3.47 -0.86
C LYS D 141 3.83 -3.18 -2.04
N LYS D 142 5.00 -3.80 -2.04
CA LYS D 142 5.97 -3.64 -3.12
C LYS D 142 7.04 -4.71 -3.07
N ARG D 143 6.94 -5.69 -3.95
CA ARG D 143 7.92 -6.78 -4.02
C ARG D 143 9.20 -6.31 -4.71
N ASP D 144 9.18 -5.08 -5.22
CA ASP D 144 10.35 -4.50 -5.88
C ASP D 144 11.28 -3.83 -4.87
N CYS D 145 10.91 -3.92 -3.59
CA CYS D 145 11.72 -3.34 -2.53
C CYS D 145 12.92 -4.22 -2.20
N ILE D 146 14.04 -3.58 -1.84
CA ILE D 146 15.28 -4.31 -1.61
C ILE D 146 15.70 -4.39 -0.14
N ASP D 147 16.64 -5.30 0.10
CA ASP D 147 17.21 -5.55 1.42
C ASP D 147 18.71 -5.37 1.32
N ILE D 148 19.22 -4.31 1.95
CA ILE D 148 20.65 -4.05 1.98
C ILE D 148 21.25 -4.67 3.23
N SER D 149 22.02 -5.74 3.03
CA SER D 149 22.64 -6.47 4.13
C SER D 149 24.08 -6.03 4.32
N ILE D 150 24.36 -5.42 5.47
CA ILE D 150 25.71 -4.97 5.78
C ILE D 150 26.33 -5.85 6.84
N PHE D 151 27.32 -6.63 6.44
CA PHE D 151 28.11 -7.43 7.35
C PHE D 151 29.00 -6.54 8.19
N SER D 152 28.75 -6.56 9.50
CA SER D 152 29.39 -5.68 10.46
C SER D 152 30.50 -6.36 11.25
N THR D 153 30.96 -7.51 10.77
CA THR D 153 31.98 -8.30 11.46
C THR D 153 33.18 -7.43 11.85
N PRO D 154 33.83 -7.75 12.98
CA PRO D 154 34.95 -6.92 13.45
C PRO D 154 36.04 -6.68 12.40
N GLY D 155 36.70 -5.54 12.51
CA GLY D 155 37.84 -5.22 11.65
C GLY D 155 37.44 -4.56 10.34
N SER D 156 36.44 -5.10 9.68
CA SER D 156 36.01 -4.57 8.38
C SER D 156 34.60 -5.01 8.08
N VAL D 157 33.89 -4.20 7.32
CA VAL D 157 32.49 -4.45 7.02
C VAL D 157 32.31 -4.73 5.54
N SER D 158 31.19 -5.34 5.20
CA SER D 158 30.90 -5.64 3.80
C SER D 158 29.44 -5.37 3.49
N LEU D 159 29.21 -4.74 2.33
CA LEU D 159 27.86 -4.41 1.90
C LEU D 159 27.44 -5.35 0.79
N SER D 160 26.30 -5.99 0.98
CA SER D 160 25.73 -6.85 -0.05
C SER D 160 24.25 -6.56 -0.17
N ALA D 161 23.83 -6.16 -1.37
CA ALA D 161 22.46 -5.78 -1.63
C ALA D 161 21.71 -6.92 -2.29
N TYR D 162 20.53 -7.23 -1.76
CA TYR D 162 19.70 -8.29 -2.30
C TYR D 162 18.28 -7.80 -2.57
N ASN D 163 17.66 -8.41 -3.58
CA ASN D 163 16.28 -8.14 -3.93
C ASN D 163 15.50 -9.44 -3.79
N LEU D 164 14.71 -9.53 -2.73
CA LEU D 164 13.95 -10.75 -2.45
C LEU D 164 12.91 -10.93 -3.55
N THR D 165 12.79 -12.16 -4.06
CA THR D 165 11.85 -12.45 -5.13
C THR D 165 10.58 -13.09 -4.56
N ASP D 166 9.66 -13.49 -5.44
CA ASP D 166 8.35 -13.96 -5.04
C ASP D 166 8.39 -15.15 -4.08
N GLU D 167 9.32 -16.06 -4.33
CA GLU D 167 9.45 -17.28 -3.54
C GLU D 167 9.68 -16.96 -2.06
N GLY D 168 10.54 -15.99 -1.81
CA GLY D 168 10.89 -15.60 -0.46
C GLY D 168 9.76 -14.83 0.21
N TYR D 169 9.00 -14.09 -0.60
CA TYR D 169 7.85 -13.36 -0.08
C TYR D 169 6.74 -14.33 0.34
N GLN D 170 6.45 -15.31 -0.52
CA GLN D 170 5.41 -16.29 -0.19
C GLN D 170 5.88 -17.18 0.97
N TRP D 171 7.10 -17.70 0.88
CA TRP D 171 7.63 -18.51 1.98
C TRP D 171 7.65 -17.68 3.26
N GLY D 172 8.05 -16.42 3.12
CA GLY D 172 8.08 -15.50 4.24
C GLY D 172 6.69 -15.28 4.79
N GLU D 173 5.71 -15.22 3.89
CA GLU D 173 4.31 -15.06 4.30
C GLU D 173 3.86 -16.27 5.08
N GLU D 174 4.21 -17.47 4.61
CA GLU D 174 3.87 -18.70 5.32
C GLU D 174 4.44 -18.74 6.74
N ASN D 175 5.66 -18.24 6.90
CA ASN D 175 6.35 -18.21 8.19
C ASN D 175 6.03 -16.97 9.04
N LYS D 176 4.86 -16.94 9.65
CA LYS D 176 4.49 -15.79 10.47
C LYS D 176 5.42 -15.64 11.67
N ASP D 177 6.07 -16.73 12.05
CA ASP D 177 7.11 -16.69 13.07
C ASP D 177 8.09 -17.84 12.83
N ILE D 178 9.37 -17.51 12.72
CA ILE D 178 10.42 -18.51 12.48
C ILE D 178 10.75 -19.31 13.74
N MET D 179 10.04 -20.40 13.96
CA MET D 179 10.31 -21.29 15.07
C MET D 179 11.74 -21.84 14.92
N ASN D 180 12.49 -21.83 16.01
CA ASN D 180 13.88 -22.28 15.99
C ASN D 180 14.01 -23.78 15.73
N VAL D 181 12.90 -24.51 15.84
CA VAL D 181 12.90 -25.94 15.58
C VAL D 181 12.56 -26.20 14.11
N LEU D 182 12.29 -25.13 13.38
CA LEU D 182 12.01 -25.19 11.95
C LEU D 182 13.30 -24.91 11.17
N SER D 183 13.54 -23.64 10.86
CA SER D 183 14.73 -23.22 10.11
C SER D 183 14.88 -24.00 8.80
N GLU D 184 13.76 -24.50 8.29
CA GLU D 184 13.72 -25.27 7.05
C GLU D 184 12.74 -24.66 6.06
N GLY D 185 12.95 -24.97 4.79
CA GLY D 185 12.09 -24.49 3.73
C GLY D 185 12.67 -23.29 3.01
N PHE D 186 13.39 -22.44 3.76
CA PHE D 186 14.06 -21.31 3.17
C PHE D 186 15.35 -21.79 2.51
N GLU D 187 15.75 -21.13 1.43
CA GLU D 187 16.94 -21.52 0.69
C GLU D 187 17.58 -20.31 0.00
N PRO D 188 18.89 -20.39 -0.28
CA PRO D 188 19.65 -19.31 -0.93
C PRO D 188 19.05 -18.82 -2.26
N THR D 189 18.11 -19.55 -2.83
CA THR D 189 17.52 -19.18 -4.11
C THR D 189 16.42 -18.13 -3.94
N PHE D 190 16.13 -17.79 -2.69
CA PHE D 190 15.08 -16.81 -2.38
C PHE D 190 15.42 -15.39 -2.83
N SER D 191 16.71 -15.10 -2.95
CA SER D 191 17.16 -13.72 -3.19
C SER D 191 17.81 -13.52 -4.56
N THR D 192 17.46 -12.40 -5.20
CA THR D 192 18.08 -12.00 -6.46
C THR D 192 19.19 -11.00 -6.14
N HIS D 193 20.38 -11.19 -6.69
CA HIS D 193 21.46 -10.24 -6.46
C HIS D 193 21.18 -8.91 -7.15
N ALA D 194 21.00 -7.85 -6.36
CA ALA D 194 20.74 -6.52 -6.89
C ALA D 194 22.00 -5.66 -6.91
N GLN D 195 22.31 -5.10 -8.07
CA GLN D 195 23.48 -4.24 -8.22
C GLN D 195 23.38 -3.01 -7.32
N LEU D 196 24.37 -2.83 -6.45
CA LEU D 196 24.44 -1.68 -5.55
C LEU D 196 25.74 -0.91 -5.74
N LEU D 197 25.62 0.36 -6.11
CA LEU D 197 26.81 1.20 -6.28
C LEU D 197 26.90 2.21 -5.14
N LEU D 198 28.02 2.18 -4.42
CA LEU D 198 28.24 3.14 -3.35
C LEU D 198 28.96 4.33 -3.96
N SER D 199 28.41 5.52 -3.76
CA SER D 199 28.95 6.72 -4.40
C SER D 199 29.21 7.84 -3.40
N ASP D 200 30.35 8.50 -3.58
CA ASP D 200 30.74 9.63 -2.75
C ASP D 200 30.47 10.95 -3.48
N ARG D 201 29.88 10.83 -4.68
CA ARG D 201 29.48 12.01 -5.44
C ARG D 201 28.13 12.49 -4.93
N ILE D 202 27.16 11.58 -4.92
CA ILE D 202 25.86 11.85 -4.33
C ILE D 202 25.99 12.05 -2.83
N THR D 203 25.12 12.87 -2.27
CA THR D 203 25.08 13.11 -0.83
C THR D 203 23.64 12.93 -0.37
N GLY D 204 23.47 12.33 0.81
CA GLY D 204 22.15 12.05 1.36
C GLY D 204 21.99 12.55 2.78
N ASN D 205 20.79 12.41 3.33
CA ASN D 205 20.49 12.90 4.67
C ASN D 205 19.63 11.92 5.46
N PHE D 206 19.31 12.29 6.70
CA PHE D 206 18.60 11.40 7.62
C PHE D 206 17.23 11.93 8.02
N ILE D 207 16.27 11.03 8.18
CA ILE D 207 14.98 11.34 8.77
C ILE D 207 14.82 10.56 10.08
N ILE D 208 14.83 11.28 11.20
CA ILE D 208 14.77 10.66 12.52
C ILE D 208 13.40 10.82 13.16
N PRO D 209 13.12 10.03 14.22
CA PRO D 209 11.84 10.15 14.93
C PRO D 209 11.66 11.51 15.60
N SER D 210 10.41 11.94 15.76
CA SER D 210 10.10 13.24 16.36
C SER D 210 10.69 13.33 17.77
N GLY D 211 10.65 12.23 18.51
CA GLY D 211 11.18 12.19 19.86
C GLY D 211 12.66 11.84 19.90
N ASN D 212 13.33 12.03 18.77
CA ASN D 212 14.77 11.78 18.64
C ASN D 212 15.14 10.29 18.78
N VAL D 213 14.82 9.72 19.93
CA VAL D 213 15.22 8.33 20.24
C VAL D 213 14.62 7.34 19.24
N TRP D 214 15.40 6.30 18.91
CA TRP D 214 14.97 5.25 17.99
C TRP D 214 15.23 3.85 18.54
N ASN D 215 16.13 3.74 19.52
CA ASN D 215 16.46 2.46 20.12
C ASN D 215 15.75 2.27 21.47
N TYR D 216 14.93 1.23 21.55
CA TYR D 216 14.08 0.98 22.72
C TYR D 216 14.48 -0.30 23.46
N THR D 217 15.77 -0.52 23.65
CA THR D 217 16.23 -1.67 24.41
C THR D 217 16.16 -1.41 25.92
N PHE D 218 16.09 -0.14 26.30
CA PHE D 218 15.91 0.25 27.70
C PHE D 218 14.54 0.85 27.94
N MET D 219 13.88 1.25 26.86
CA MET D 219 12.54 1.84 26.91
C MET D 219 11.51 0.95 26.19
N GLY D 220 11.87 -0.32 26.00
CA GLY D 220 11.05 -1.26 25.24
C GLY D 220 9.64 -1.42 25.78
N THR D 221 9.45 -1.13 27.07
CA THR D 221 8.16 -1.27 27.72
C THR D 221 7.10 -0.36 27.07
N ALA D 222 7.55 0.69 26.41
CA ALA D 222 6.66 1.64 25.75
C ALA D 222 6.75 1.56 24.23
N PHE D 223 7.51 0.58 23.73
CA PHE D 223 7.71 0.43 22.29
C PHE D 223 6.44 -0.09 21.62
N ASN D 224 5.95 0.67 20.64
CA ASN D 224 4.80 0.26 19.84
C ASN D 224 5.25 -0.08 18.43
N GLN D 225 5.50 -1.36 18.19
CA GLN D 225 5.97 -1.82 16.89
C GLN D 225 4.95 -1.49 15.81
N GLU D 226 3.67 -1.67 16.14
CA GLU D 226 2.59 -1.43 15.20
C GLU D 226 1.87 -0.13 15.54
N GLY D 227 2.46 0.99 15.17
CA GLY D 227 1.88 2.29 15.44
C GLY D 227 2.35 3.36 14.46
N ASP D 228 1.68 4.50 14.48
CA ASP D 228 2.04 5.63 13.63
C ASP D 228 2.88 6.64 14.40
N TYR D 229 3.99 7.05 13.80
CA TYR D 229 4.88 8.04 14.39
C TYR D 229 5.10 9.24 13.48
N ASN D 230 5.30 10.40 14.10
CA ASN D 230 5.71 11.59 13.37
C ASN D 230 7.24 11.63 13.35
N PHE D 231 7.80 12.04 12.21
CA PHE D 231 9.25 12.03 12.02
C PHE D 231 9.74 13.44 11.71
N LYS D 232 11.04 13.57 11.50
CA LYS D 232 11.64 14.86 11.15
C LYS D 232 13.02 14.65 10.55
N TYR D 233 13.50 15.64 9.82
CA TYR D 233 14.89 15.65 9.39
C TYR D 233 15.74 15.93 10.62
N GLY D 234 16.94 15.36 10.67
CA GLY D 234 17.80 15.54 11.81
C GLY D 234 19.05 14.69 11.74
N ILE D 235 19.73 14.56 12.86
CA ILE D 235 20.95 13.77 12.95
C ILE D 235 20.76 12.64 13.98
N PRO D 236 21.08 11.39 13.61
CA PRO D 236 20.78 10.27 14.50
C PRO D 236 21.55 10.29 15.81
N LEU D 237 21.13 9.45 16.75
CA LEU D 237 21.81 9.27 18.03
C LEU D 237 22.56 7.95 18.03
N GLU D 238 23.58 7.83 18.87
CA GLU D 238 24.30 6.57 19.01
C GLU D 238 23.37 5.52 19.60
N PHE D 239 23.67 4.25 19.33
CA PHE D 239 22.88 3.14 19.84
C PHE D 239 22.82 3.22 21.36
N TYR D 240 23.97 3.53 21.97
CA TYR D 240 24.09 3.64 23.42
C TYR D 240 24.21 5.10 23.87
N ASN D 241 23.52 5.99 23.18
CA ASN D 241 23.48 7.40 23.57
C ASN D 241 22.86 7.53 24.97
N GLU D 242 23.28 8.55 25.72
CA GLU D 242 22.85 8.72 27.10
C GLU D 242 21.33 8.81 27.25
N MET D 243 20.65 9.27 26.20
CA MET D 243 19.20 9.42 26.24
C MET D 243 18.52 8.08 25.98
N HIS D 244 19.20 7.20 25.26
CA HIS D 244 18.70 5.85 25.06
C HIS D 244 18.84 5.01 26.33
N ARG D 245 19.69 5.47 27.24
CA ARG D 245 19.97 4.76 28.49
C ARG D 245 19.58 5.57 29.71
N PRO D 246 18.27 5.90 29.83
CA PRO D 246 17.80 6.63 31.00
C PRO D 246 17.99 5.83 32.29
N VAL D 247 17.79 4.52 32.18
CA VAL D 247 17.88 3.62 33.33
C VAL D 247 19.19 3.82 34.10
N HIS D 248 20.31 3.80 33.39
CA HIS D 248 21.62 3.83 34.03
C HIS D 248 21.89 5.11 34.79
N PHE D 249 21.42 6.24 34.26
CA PHE D 249 21.67 7.54 34.88
C PHE D 249 20.81 7.77 36.12
N LEU D 250 19.57 7.30 36.10
CA LEU D 250 18.67 7.49 37.23
C LEU D 250 18.88 6.44 38.31
N GLN D 251 19.87 5.56 38.10
CA GLN D 251 20.20 4.53 39.08
C GLN D 251 21.32 5.02 40.00
N PHE D 252 21.06 6.12 40.69
CA PHE D 252 22.02 6.68 41.65
C PHE D 252 21.30 7.36 42.82
#